data_3J40
#
_entry.id   3J40
#
_cell.length_a   1
_cell.length_b   1
_cell.length_c   1
_cell.angle_alpha   90
_cell.angle_beta   90
_cell.angle_gamma   90
#
_symmetry.space_group_name_H-M   'P 1'
#
loop_
_entity.id
_entity.type
_entity.pdbx_description
1 polymer gp10
2 polymer gp7
#
loop_
_entity_poly.entity_id
_entity_poly.type
_entity_poly.pdbx_seq_one_letter_code
_entity_poly.pdbx_strand_id
1 'polypeptide(L)'
;MKTVNMKTGTDSFVGEDGKPETKDQYPWGLRITLDNESLQRLGLNAKSLPAVGDSVSVMAMANVCSVSTRTTDHGEDNYV
ELQITDIGLAPQKRDDAKELKDAFYPDGEDD
;
N,M,H,K,I,J,L
2 'polypeptide(L)'
;MALIGQTLPSLLDIYNRTDKNGRIARIVEQLAKTNDILTDAIYVPCNDGSKHKTTIRAGIPEPVWRRYNQGVQPTKTQTV
PVTDTTGMLYDLGFVDKALADRSNNAAAFRVSENMGKLQGFNNKVARYSIYGNTDAEPEAFMGLAPRFNTLSTSKAASAE
NVFSAGGSGSTNTSIWFMSWGENTAHMIYPEGMVAGFQHEDLGDDLVSDGNGGQFRAYRDEFKWDIGLSVRDWRSISRIC
NIDVTTLTKDASTGADLISMMVDAYYARDVAMLGDGKEVIYANKTIHAWLHKQAMNAKNVNLTIEEYGGKKIVSFLGIPI
RRVDAILNTESAVTA
;
A,F,B,G,D,C,E
#
# COMPACT_ATOMS: atom_id res chain seq x y z
N MET A 1 -47.17 -32.40 -29.67
CA MET A 1 -46.36 -31.58 -28.80
C MET A 1 -45.01 -31.20 -29.43
N LYS A 2 -44.71 -29.91 -29.45
CA LYS A 2 -45.61 -28.88 -28.93
C LYS A 2 -45.48 -27.62 -29.78
N THR A 3 -46.37 -26.65 -29.56
CA THR A 3 -46.19 -25.35 -30.18
C THR A 3 -44.98 -24.67 -29.55
N VAL A 4 -44.28 -23.86 -30.35
CA VAL A 4 -43.01 -23.27 -29.97
C VAL A 4 -42.10 -24.28 -29.24
N ASN A 5 -41.32 -25.04 -30.01
CA ASN A 5 -41.04 -24.71 -31.41
C ASN A 5 -41.74 -25.51 -32.52
N MET A 6 -40.94 -26.01 -33.45
CA MET A 6 -41.31 -26.29 -34.84
C MET A 6 -42.64 -26.99 -35.10
N LYS A 7 -43.15 -26.78 -36.31
CA LYS A 7 -44.39 -27.38 -36.76
C LYS A 7 -44.27 -27.72 -38.24
N THR A 8 -45.00 -28.75 -38.65
CA THR A 8 -45.06 -29.17 -40.05
C THR A 8 -46.32 -28.58 -40.70
N GLY A 9 -46.29 -28.29 -42.00
CA GLY A 9 -45.13 -28.56 -42.84
C GLY A 9 -44.46 -27.36 -43.48
N THR A 10 -43.57 -27.64 -44.42
CA THR A 10 -42.75 -26.62 -45.07
C THR A 10 -43.05 -26.28 -46.55
N ASP A 11 -43.14 -27.25 -47.47
CA ASP A 11 -43.15 -28.69 -47.18
C ASP A 11 -41.98 -29.45 -47.81
N SER A 12 -40.85 -28.78 -47.96
CA SER A 12 -39.69 -29.33 -48.64
C SER A 12 -40.07 -29.77 -50.06
N PHE A 13 -39.98 -28.84 -51.00
CA PHE A 13 -40.48 -28.99 -52.36
C PHE A 13 -39.36 -29.58 -53.21
N VAL A 14 -39.44 -29.40 -54.54
CA VAL A 14 -38.39 -29.83 -55.45
C VAL A 14 -37.40 -28.69 -55.64
N GLY A 15 -36.20 -28.85 -55.08
CA GLY A 15 -35.07 -28.00 -55.43
C GLY A 15 -34.64 -26.99 -54.39
N GLU A 16 -35.37 -26.85 -53.28
CA GLU A 16 -35.06 -25.83 -52.29
C GLU A 16 -34.78 -26.48 -50.94
N ASP A 17 -34.31 -25.66 -50.01
CA ASP A 17 -34.09 -26.09 -48.64
C ASP A 17 -35.26 -25.63 -47.77
N GLY A 18 -35.11 -25.80 -46.45
CA GLY A 18 -36.16 -25.44 -45.52
C GLY A 18 -35.63 -24.76 -44.28
N LYS A 19 -34.56 -23.99 -44.45
CA LYS A 19 -34.08 -23.12 -43.38
C LYS A 19 -35.18 -22.32 -42.70
N PRO A 20 -36.17 -21.74 -43.41
CA PRO A 20 -37.36 -21.11 -42.80
C PRO A 20 -38.00 -21.98 -41.71
N GLU A 21 -38.74 -21.37 -40.77
CA GLU A 21 -38.95 -19.92 -40.71
C GLU A 21 -38.60 -19.39 -39.32
N THR A 22 -38.61 -20.29 -38.34
CA THR A 22 -38.67 -19.95 -36.91
C THR A 22 -37.82 -18.75 -36.51
N LYS A 23 -38.49 -17.64 -36.20
CA LYS A 23 -37.81 -16.44 -35.70
C LYS A 23 -38.57 -15.88 -34.50
N ASP A 24 -38.05 -16.12 -33.30
CA ASP A 24 -36.75 -16.72 -33.12
C ASP A 24 -36.79 -17.88 -32.14
N GLN A 25 -35.82 -18.76 -32.20
CA GLN A 25 -35.70 -19.75 -31.14
C GLN A 25 -34.99 -19.18 -29.93
N TYR A 26 -34.72 -17.87 -29.95
CA TYR A 26 -34.09 -16.95 -29.00
C TYR A 26 -32.57 -16.90 -29.16
N PRO A 27 -31.91 -15.82 -28.71
CA PRO A 27 -30.46 -15.75 -28.84
C PRO A 27 -29.69 -15.60 -27.54
N TRP A 28 -29.86 -16.52 -26.60
CA TRP A 28 -28.84 -16.77 -25.57
C TRP A 28 -29.05 -18.14 -24.95
N GLY A 29 -28.03 -18.99 -25.01
CA GLY A 29 -28.06 -20.26 -24.30
C GLY A 29 -26.98 -21.20 -24.79
N LEU A 30 -26.96 -22.38 -24.17
CA LEU A 30 -26.17 -23.53 -24.61
C LEU A 30 -26.97 -24.78 -24.28
N ARG A 31 -26.53 -25.93 -24.78
CA ARG A 31 -27.38 -27.12 -24.80
C ARG A 31 -26.56 -28.40 -24.71
N ILE A 32 -26.73 -29.15 -23.62
CA ILE A 32 -26.17 -30.51 -23.50
C ILE A 32 -26.87 -31.34 -22.43
N THR A 33 -27.96 -32.04 -22.79
CA THR A 33 -28.51 -33.15 -21.99
C THR A 33 -29.66 -33.86 -22.71
N LEU A 34 -30.77 -33.18 -22.90
CA LEU A 34 -32.04 -33.83 -23.24
C LEU A 34 -32.18 -34.02 -24.75
N ASP A 35 -33.41 -34.24 -25.22
CA ASP A 35 -33.72 -34.85 -26.50
C ASP A 35 -34.35 -33.88 -27.48
N ASN A 36 -34.54 -34.37 -28.71
CA ASN A 36 -35.24 -33.69 -29.79
C ASN A 36 -35.87 -34.77 -30.67
N GLU A 37 -36.27 -34.42 -31.89
CA GLU A 37 -36.94 -35.37 -32.77
C GLU A 37 -37.10 -34.75 -34.16
N SER A 38 -37.44 -35.60 -35.13
CA SER A 38 -37.72 -35.20 -36.51
C SER A 38 -38.11 -36.40 -37.36
N LEU A 39 -39.20 -36.28 -38.12
CA LEU A 39 -39.65 -37.31 -39.07
C LEU A 39 -40.92 -36.82 -39.75
N GLN A 40 -41.21 -37.39 -40.91
CA GLN A 40 -42.51 -37.23 -41.56
C GLN A 40 -42.81 -38.48 -42.40
N ARG A 41 -43.84 -38.38 -43.24
CA ARG A 41 -44.46 -39.55 -43.83
C ARG A 41 -44.05 -39.81 -45.27
N LEU A 42 -44.88 -39.38 -46.23
CA LEU A 42 -44.68 -39.71 -47.62
C LEU A 42 -43.53 -38.90 -48.22
N GLY A 43 -42.62 -39.60 -48.90
CA GLY A 43 -41.62 -38.99 -49.73
C GLY A 43 -41.85 -39.31 -51.19
N LEU A 44 -40.78 -39.15 -51.98
CA LEU A 44 -40.87 -39.49 -53.39
C LEU A 44 -39.63 -40.23 -53.87
N ASN A 45 -38.49 -39.55 -53.91
CA ASN A 45 -37.32 -40.12 -54.60
C ASN A 45 -36.03 -39.67 -53.95
N ALA A 46 -35.27 -40.64 -53.44
CA ALA A 46 -33.82 -40.55 -53.24
C ALA A 46 -33.34 -39.71 -52.07
N LYS A 47 -32.17 -39.09 -52.27
CA LYS A 47 -31.32 -38.66 -51.16
C LYS A 47 -31.76 -37.33 -50.56
N SER A 48 -31.91 -37.32 -49.23
CA SER A 48 -32.24 -36.12 -48.48
C SER A 48 -31.37 -36.06 -47.22
N LEU A 49 -31.11 -34.83 -46.77
CA LEU A 49 -30.31 -34.68 -45.57
C LEU A 49 -30.66 -33.37 -44.86
N PRO A 50 -30.89 -33.40 -43.54
CA PRO A 50 -31.13 -32.16 -42.81
C PRO A 50 -29.84 -31.57 -42.27
N ALA A 51 -29.95 -30.52 -41.46
CA ALA A 51 -28.79 -29.84 -40.89
C ALA A 51 -29.29 -28.87 -39.83
N VAL A 52 -28.36 -28.06 -39.30
CA VAL A 52 -28.70 -27.01 -38.35
C VAL A 52 -27.57 -26.01 -38.38
N GLY A 53 -27.85 -24.79 -37.94
CA GLY A 53 -26.85 -23.76 -37.78
C GLY A 53 -27.37 -22.75 -36.79
N ASP A 54 -26.53 -21.79 -36.45
CA ASP A 54 -26.95 -20.76 -35.51
C ASP A 54 -25.96 -19.61 -35.56
N SER A 55 -26.38 -18.48 -35.01
CA SER A 55 -25.54 -17.28 -34.94
C SER A 55 -26.16 -16.34 -33.90
N VAL A 56 -26.05 -15.03 -34.15
CA VAL A 56 -26.78 -14.06 -33.35
C VAL A 56 -27.86 -13.45 -34.23
N SER A 57 -29.07 -14.02 -34.14
CA SER A 57 -30.30 -13.47 -34.71
C SER A 57 -30.52 -13.73 -36.20
N VAL A 58 -29.47 -14.04 -36.96
CA VAL A 58 -29.64 -14.16 -38.41
C VAL A 58 -28.82 -15.31 -39.01
N MET A 59 -27.57 -15.04 -39.40
CA MET A 59 -26.73 -16.00 -40.11
C MET A 59 -25.34 -15.39 -40.30
N ALA A 60 -24.29 -16.20 -40.48
CA ALA A 60 -24.33 -17.66 -40.45
C ALA A 60 -23.05 -18.17 -39.82
N MET A 61 -23.14 -19.29 -39.09
CA MET A 61 -21.96 -19.87 -38.44
C MET A 61 -21.90 -21.38 -38.58
N ALA A 62 -21.45 -22.07 -37.53
CA ALA A 62 -21.15 -23.49 -37.58
C ALA A 62 -22.42 -24.32 -37.72
N ASN A 63 -22.24 -25.64 -37.81
CA ASN A 63 -23.34 -26.55 -38.12
C ASN A 63 -23.09 -27.88 -37.42
N VAL A 64 -23.93 -28.87 -37.74
CA VAL A 64 -23.80 -30.23 -37.23
C VAL A 64 -24.16 -31.20 -38.36
N CYS A 65 -25.42 -31.12 -38.82
CA CYS A 65 -25.87 -31.82 -40.03
C CYS A 65 -25.93 -33.33 -39.91
N SER A 66 -26.47 -33.99 -40.93
CA SER A 66 -26.64 -35.44 -40.98
C SER A 66 -26.92 -35.83 -42.43
N VAL A 67 -27.01 -37.13 -42.66
CA VAL A 67 -27.21 -37.68 -44.00
C VAL A 67 -28.15 -38.89 -43.91
N SER A 68 -29.06 -38.99 -44.87
CA SER A 68 -29.93 -40.15 -44.99
C SER A 68 -30.25 -40.36 -46.46
N THR A 69 -30.87 -41.51 -46.75
CA THR A 69 -31.32 -41.83 -48.10
C THR A 69 -32.84 -42.05 -48.10
N ARG A 70 -33.32 -42.56 -49.23
CA ARG A 70 -34.77 -42.66 -49.45
C ARG A 70 -35.37 -43.74 -48.57
N THR A 71 -36.43 -43.37 -47.84
CA THR A 71 -37.35 -44.27 -47.14
C THR A 71 -38.43 -43.39 -46.54
N THR A 72 -39.47 -44.02 -46.03
CA THR A 72 -40.60 -43.33 -45.42
C THR A 72 -40.61 -43.65 -43.93
N ASP A 73 -40.48 -42.60 -43.11
CA ASP A 73 -40.42 -42.64 -41.64
C ASP A 73 -39.01 -42.93 -41.14
N HIS A 74 -38.51 -42.11 -40.22
CA HIS A 74 -37.16 -42.26 -39.68
C HIS A 74 -36.99 -41.54 -38.36
N GLY A 75 -35.82 -40.91 -38.19
CA GLY A 75 -35.49 -40.22 -36.96
C GLY A 75 -34.09 -40.54 -36.48
N GLU A 76 -33.33 -39.52 -36.11
CA GLU A 76 -31.99 -39.73 -35.57
C GLU A 76 -31.96 -39.29 -34.11
N ASP A 77 -31.13 -38.30 -33.77
CA ASP A 77 -31.09 -37.85 -32.39
C ASP A 77 -30.61 -36.40 -32.19
N ASN A 78 -29.78 -36.19 -31.18
CA ASN A 78 -29.63 -34.89 -30.55
C ASN A 78 -28.51 -34.03 -31.14
N TYR A 79 -27.99 -33.14 -30.31
CA TYR A 79 -27.11 -32.06 -30.71
C TYR A 79 -26.04 -31.89 -29.65
N VAL A 80 -24.92 -31.29 -30.06
CA VAL A 80 -23.84 -30.96 -29.14
C VAL A 80 -23.85 -29.45 -28.92
N GLU A 81 -22.72 -28.89 -28.47
CA GLU A 81 -22.67 -27.48 -28.13
C GLU A 81 -23.07 -26.61 -29.32
N LEU A 82 -23.76 -25.52 -29.01
CA LEU A 82 -24.17 -24.53 -29.99
C LEU A 82 -24.29 -23.22 -29.24
N GLN A 83 -24.13 -22.11 -29.97
CA GLN A 83 -24.50 -20.85 -29.34
C GLN A 83 -26.01 -20.87 -29.18
N ILE A 84 -26.73 -20.19 -30.07
CA ILE A 84 -28.19 -20.20 -30.00
C ILE A 84 -28.83 -19.38 -31.13
N THR A 85 -29.66 -20.04 -31.93
CA THR A 85 -30.49 -19.45 -32.98
C THR A 85 -31.20 -20.60 -33.66
N ASP A 86 -30.44 -21.70 -33.84
CA ASP A 86 -30.89 -22.92 -34.49
C ASP A 86 -31.86 -22.69 -35.64
N ILE A 87 -31.34 -22.22 -36.77
CA ILE A 87 -32.16 -22.02 -37.97
C ILE A 87 -32.63 -23.33 -38.57
N GLY A 88 -32.12 -24.46 -38.09
CA GLY A 88 -32.50 -25.77 -38.58
C GLY A 88 -34.00 -25.99 -38.58
N LEU A 89 -34.48 -26.90 -39.43
CA LEU A 89 -33.62 -27.71 -40.28
C LEU A 89 -33.21 -27.00 -41.57
N ALA A 90 -32.31 -27.62 -42.32
CA ALA A 90 -31.86 -27.10 -43.63
C ALA A 90 -31.74 -28.29 -44.57
N PRO A 91 -32.85 -28.80 -45.08
CA PRO A 91 -32.83 -30.04 -45.85
C PRO A 91 -32.45 -29.81 -47.31
N GLN A 92 -32.20 -30.92 -47.98
CA GLN A 92 -31.72 -30.97 -49.36
C GLN A 92 -32.14 -32.36 -49.85
N LYS A 93 -32.06 -32.68 -51.15
CA LYS A 93 -31.55 -31.82 -52.23
C LYS A 93 -32.30 -32.00 -53.55
N ARG A 94 -31.96 -33.05 -54.28
CA ARG A 94 -32.32 -33.19 -55.69
C ARG A 94 -33.49 -34.17 -55.86
N ASP A 95 -33.60 -34.76 -57.06
CA ASP A 95 -34.75 -35.54 -57.48
C ASP A 95 -36.00 -34.68 -57.49
N ASP A 96 -37.17 -35.30 -57.48
CA ASP A 96 -38.45 -34.59 -57.58
C ASP A 96 -39.38 -35.08 -56.49
N ALA A 97 -39.48 -34.31 -55.39
CA ALA A 97 -40.31 -34.64 -54.25
C ALA A 97 -40.97 -33.36 -53.75
N LYS A 98 -42.21 -33.48 -53.28
CA LYS A 98 -42.98 -32.29 -52.91
C LYS A 98 -43.96 -32.64 -51.79
N GLU A 99 -43.43 -32.88 -50.58
CA GLU A 99 -44.26 -33.20 -49.43
C GLU A 99 -43.51 -33.35 -48.12
N LEU A 100 -43.91 -32.57 -47.12
CA LEU A 100 -43.80 -32.89 -45.69
C LEU A 100 -42.39 -33.09 -45.14
N LYS A 101 -42.10 -32.44 -44.00
CA LYS A 101 -40.76 -32.37 -43.47
C LYS A 101 -40.61 -33.09 -42.12
N ASP A 102 -40.93 -32.38 -41.03
CA ASP A 102 -40.75 -32.91 -39.67
C ASP A 102 -41.14 -31.89 -38.62
N ALA A 103 -40.71 -32.14 -37.38
CA ALA A 103 -40.87 -31.27 -36.22
C ALA A 103 -40.05 -31.89 -35.10
N PHE A 104 -39.79 -31.10 -34.06
CA PHE A 104 -38.99 -31.60 -32.94
C PHE A 104 -39.68 -31.45 -31.61
N TYR A 105 -39.57 -32.52 -30.78
CA TYR A 105 -39.71 -32.64 -29.33
C TYR A 105 -40.34 -33.96 -28.88
N PRO A 106 -40.50 -34.23 -27.53
CA PRO A 106 -40.16 -35.56 -27.00
C PRO A 106 -40.76 -36.78 -27.68
N ASP A 107 -40.11 -37.93 -27.43
CA ASP A 107 -40.47 -39.26 -27.94
C ASP A 107 -41.97 -39.54 -28.04
N GLY A 108 -42.38 -40.41 -28.97
CA GLY A 108 -41.49 -41.08 -29.91
C GLY A 108 -41.43 -42.58 -29.69
N GLU A 109 -40.35 -43.21 -30.16
CA GLU A 109 -40.11 -44.64 -30.00
C GLU A 109 -41.11 -45.50 -30.78
N ASP A 110 -41.26 -46.77 -30.42
CA ASP A 110 -41.98 -47.72 -31.25
C ASP A 110 -42.64 -48.79 -30.38
N ASP A 111 -43.72 -49.38 -30.92
CA ASP A 111 -44.39 -50.48 -30.25
C ASP A 111 -45.07 -51.40 -31.26
N MET B 1 -13.22 -43.87 -17.42
CA MET B 1 -14.28 -44.86 -17.29
C MET B 1 -14.98 -45.15 -18.62
N LYS B 2 -14.82 -46.38 -19.13
CA LYS B 2 -14.04 -47.43 -18.49
C LYS B 2 -13.45 -48.38 -19.53
N THR B 3 -12.87 -49.48 -19.06
CA THR B 3 -12.46 -50.57 -19.95
C THR B 3 -13.66 -51.44 -20.27
N VAL B 4 -13.74 -51.89 -21.52
CA VAL B 4 -14.94 -52.44 -22.15
C VAL B 4 -15.89 -51.29 -22.50
N ASN B 5 -15.56 -50.59 -23.58
CA ASN B 5 -14.48 -51.02 -24.45
C ASN B 5 -13.41 -49.98 -24.82
N MET B 6 -12.43 -50.46 -25.58
CA MET B 6 -11.45 -49.65 -26.29
C MET B 6 -10.56 -48.80 -25.40
N LYS B 7 -9.63 -48.09 -26.03
CA LYS B 7 -8.56 -47.35 -25.41
C LYS B 7 -7.74 -46.74 -26.54
N THR B 8 -6.97 -45.72 -26.19
CA THR B 8 -5.95 -45.18 -27.07
C THR B 8 -4.62 -45.84 -26.69
N GLY B 9 -3.77 -46.17 -27.66
CA GLY B 9 -3.90 -45.72 -29.03
C GLY B 9 -4.74 -46.53 -29.99
N THR B 10 -5.40 -45.82 -30.90
CA THR B 10 -6.13 -46.45 -32.00
C THR B 10 -5.25 -46.81 -33.24
N ASP B 11 -4.51 -45.86 -33.82
CA ASP B 11 -4.45 -44.46 -33.44
C ASP B 11 -4.60 -43.61 -34.68
N SER B 12 -5.11 -44.23 -35.75
CA SER B 12 -5.19 -43.63 -37.08
C SER B 12 -3.80 -43.46 -37.70
N PHE B 13 -2.77 -43.42 -36.86
CA PHE B 13 -1.37 -43.42 -37.29
C PHE B 13 -1.13 -42.20 -38.18
N VAL B 14 -0.44 -42.36 -39.31
CA VAL B 14 -0.25 -41.31 -40.30
C VAL B 14 -1.64 -40.92 -40.83
N GLY B 15 -2.14 -41.68 -41.79
CA GLY B 15 -3.48 -41.49 -42.30
C GLY B 15 -4.00 -42.81 -42.79
N GLU B 16 -4.80 -43.49 -41.97
CA GLU B 16 -5.08 -44.91 -42.16
C GLU B 16 -6.58 -45.16 -42.27
N ASP B 17 -6.96 -46.43 -42.07
CA ASP B 17 -8.36 -46.84 -42.16
C ASP B 17 -9.12 -46.46 -40.91
N GLY B 18 -8.60 -46.81 -39.73
CA GLY B 18 -9.26 -46.54 -38.48
C GLY B 18 -10.10 -47.68 -37.94
N LYS B 19 -10.16 -48.80 -38.64
CA LYS B 19 -10.91 -49.97 -38.16
C LYS B 19 -10.68 -50.36 -36.71
N PRO B 20 -9.44 -50.31 -36.15
CA PRO B 20 -9.16 -50.60 -34.74
C PRO B 20 -10.25 -50.25 -33.71
N GLU B 21 -10.34 -51.04 -32.65
CA GLU B 21 -9.43 -52.17 -32.43
C GLU B 21 -10.22 -53.48 -32.31
N THR B 22 -9.84 -54.33 -31.36
CA THR B 22 -10.47 -55.60 -31.09
C THR B 22 -11.14 -55.53 -29.73
N LYS B 23 -11.88 -56.60 -29.39
CA LYS B 23 -12.38 -56.87 -28.04
C LYS B 23 -12.82 -55.68 -27.16
N ASP B 24 -14.12 -55.41 -27.06
CA ASP B 24 -15.23 -56.05 -27.78
C ASP B 24 -16.49 -55.23 -27.54
N GLN B 25 -17.42 -55.30 -28.49
CA GLN B 25 -18.72 -54.65 -28.32
C GLN B 25 -19.90 -55.55 -28.67
N TYR B 26 -19.67 -56.76 -29.18
CA TYR B 26 -20.60 -57.88 -29.28
C TYR B 26 -21.79 -57.65 -30.21
N PRO B 27 -22.22 -58.69 -30.95
CA PRO B 27 -23.28 -58.49 -31.95
C PRO B 27 -24.60 -59.20 -31.71
N TRP B 28 -25.35 -58.82 -30.67
CA TRP B 28 -26.81 -59.00 -30.67
C TRP B 28 -27.47 -58.04 -29.69
N GLY B 29 -28.31 -57.15 -30.21
CA GLY B 29 -29.11 -56.30 -29.36
C GLY B 29 -29.79 -55.22 -30.19
N LEU B 30 -30.29 -54.21 -29.47
CA LEU B 30 -30.86 -53.01 -30.05
C LEU B 30 -30.79 -51.92 -28.99
N ARG B 31 -30.70 -50.66 -29.44
CA ARG B 31 -30.51 -49.55 -28.50
C ARG B 31 -31.14 -48.27 -29.02
N ILE B 32 -31.94 -47.62 -28.16
CA ILE B 32 -32.36 -46.23 -28.36
C ILE B 32 -32.72 -45.59 -27.01
N THR B 33 -31.75 -44.95 -26.36
CA THR B 33 -32.02 -44.07 -25.21
C THR B 33 -30.79 -43.30 -24.74
N LEU B 34 -29.74 -44.00 -24.33
CA LEU B 34 -28.70 -43.37 -23.53
C LEU B 34 -27.49 -42.88 -24.33
N ASP B 35 -26.33 -42.83 -23.68
CA ASP B 35 -25.22 -41.95 -24.06
C ASP B 35 -24.06 -42.70 -24.69
N ASN B 36 -23.08 -41.92 -25.13
CA ASN B 36 -21.85 -42.38 -25.78
C ASN B 36 -20.79 -41.34 -25.48
N GLU B 37 -19.67 -41.39 -26.21
CA GLU B 37 -18.56 -40.47 -26.00
C GLU B 37 -17.53 -40.64 -27.10
N SER B 38 -16.80 -39.57 -27.37
CA SER B 38 -15.65 -39.55 -28.29
C SER B 38 -14.99 -38.18 -28.24
N LEU B 39 -13.66 -38.14 -28.18
CA LEU B 39 -12.94 -36.88 -28.10
C LEU B 39 -11.45 -37.13 -28.29
N GLN B 40 -10.72 -36.03 -28.49
CA GLN B 40 -9.30 -35.99 -28.17
C GLN B 40 -8.68 -34.60 -28.20
N ARG B 41 -7.44 -34.51 -28.66
CA ARG B 41 -6.57 -33.39 -28.29
C ARG B 41 -5.43 -33.23 -29.29
N LEU B 42 -4.29 -33.88 -29.05
CA LEU B 42 -3.07 -33.58 -29.78
C LEU B 42 -3.18 -34.06 -31.22
N GLY B 43 -3.35 -33.13 -32.16
CA GLY B 43 -3.32 -33.43 -33.57
C GLY B 43 -2.29 -32.58 -34.30
N LEU B 44 -2.26 -32.67 -35.63
CA LEU B 44 -1.33 -31.85 -36.39
C LEU B 44 -1.99 -31.26 -37.64
N ASN B 45 -2.47 -32.10 -38.54
CA ASN B 45 -2.77 -31.67 -39.89
C ASN B 45 -4.13 -32.15 -40.39
N ALA B 46 -4.84 -31.23 -41.04
CA ALA B 46 -5.84 -31.53 -42.06
C ALA B 46 -7.20 -32.02 -41.58
N LYS B 47 -7.90 -32.69 -42.49
CA LYS B 47 -9.33 -32.94 -42.38
C LYS B 47 -9.60 -34.35 -41.83
N SER B 48 -10.59 -34.44 -40.95
CA SER B 48 -10.95 -35.70 -40.30
C SER B 48 -12.45 -35.93 -40.43
N LEU B 49 -12.83 -37.19 -40.26
CA LEU B 49 -14.24 -37.61 -40.19
C LEU B 49 -14.36 -39.05 -39.71
N PRO B 50 -15.12 -39.31 -38.65
CA PRO B 50 -15.31 -40.69 -38.20
C PRO B 50 -16.62 -41.30 -38.72
N ALA B 51 -16.95 -42.49 -38.24
CA ALA B 51 -18.14 -43.22 -38.67
C ALA B 51 -18.36 -44.39 -37.72
N VAL B 52 -19.41 -45.16 -37.98
CA VAL B 52 -19.68 -46.40 -37.26
C VAL B 52 -20.06 -47.46 -38.29
N GLY B 53 -20.63 -48.55 -37.84
CA GLY B 53 -21.06 -49.60 -38.75
C GLY B 53 -21.36 -50.87 -37.99
N ASP B 54 -21.91 -51.85 -38.70
CA ASP B 54 -22.26 -53.14 -38.12
C ASP B 54 -22.85 -54.11 -39.14
N SER B 55 -23.16 -55.32 -38.66
CA SER B 55 -23.96 -56.34 -39.32
C SER B 55 -23.86 -57.64 -38.55
N VAL B 56 -23.18 -58.64 -39.12
CA VAL B 56 -22.92 -59.88 -38.40
C VAL B 56 -21.42 -60.06 -38.28
N SER B 57 -20.84 -59.41 -37.28
CA SER B 57 -19.43 -59.61 -36.87
C SER B 57 -18.41 -59.06 -37.86
N VAL B 58 -18.82 -58.77 -39.10
CA VAL B 58 -17.84 -58.37 -40.11
C VAL B 58 -18.35 -57.28 -41.05
N MET B 59 -19.29 -57.62 -41.94
CA MET B 59 -19.59 -56.76 -43.07
C MET B 59 -21.09 -56.60 -43.33
N ALA B 60 -21.53 -55.41 -43.76
CA ALA B 60 -20.67 -54.24 -43.99
C ALA B 60 -21.53 -52.99 -43.88
N MET B 61 -22.63 -53.07 -43.14
CA MET B 61 -23.75 -52.16 -43.36
C MET B 61 -23.88 -51.11 -42.28
N ALA B 62 -24.57 -50.02 -42.66
CA ALA B 62 -25.08 -48.99 -41.76
C ALA B 62 -24.01 -48.02 -41.25
N ASN B 63 -24.44 -46.82 -40.88
CA ASN B 63 -23.58 -45.78 -40.33
C ASN B 63 -24.47 -44.81 -39.57
N VAL B 64 -23.86 -43.73 -39.08
CA VAL B 64 -24.58 -42.51 -38.75
C VAL B 64 -23.92 -41.39 -39.53
N CYS B 65 -23.00 -40.66 -38.88
CA CYS B 65 -22.04 -39.74 -39.50
C CYS B 65 -21.31 -38.94 -38.44
N SER B 66 -20.33 -38.14 -38.87
CA SER B 66 -19.65 -37.14 -38.06
C SER B 66 -18.52 -36.52 -38.89
N VAL B 67 -18.15 -35.30 -38.55
CA VAL B 67 -17.11 -34.54 -39.24
C VAL B 67 -16.52 -33.53 -38.25
N SER B 68 -15.20 -33.35 -38.33
CA SER B 68 -14.49 -32.38 -37.49
C SER B 68 -13.56 -31.53 -38.34
N THR B 69 -13.03 -30.48 -37.73
CA THR B 69 -12.11 -29.55 -38.37
C THR B 69 -10.80 -29.49 -37.60
N ARG B 70 -9.91 -28.58 -38.01
CA ARG B 70 -8.58 -28.48 -37.42
C ARG B 70 -8.67 -27.79 -36.07
N THR B 71 -8.41 -28.54 -35.01
CA THR B 71 -8.21 -28.00 -33.68
C THR B 71 -7.44 -29.05 -32.88
N THR B 72 -7.15 -28.72 -31.63
CA THR B 72 -6.60 -29.69 -30.67
C THR B 72 -7.51 -29.68 -29.44
N ASP B 73 -8.59 -30.47 -29.53
CA ASP B 73 -9.63 -30.73 -28.53
C ASP B 73 -11.03 -30.60 -29.15
N HIS B 74 -11.85 -31.63 -29.00
CA HIS B 74 -13.15 -31.65 -29.67
C HIS B 74 -14.06 -32.68 -29.00
N GLY B 75 -15.13 -33.06 -29.70
CA GLY B 75 -16.13 -33.99 -29.22
C GLY B 75 -17.52 -33.58 -29.64
N GLU B 76 -18.35 -34.55 -30.06
CA GLU B 76 -19.73 -34.26 -30.44
C GLU B 76 -20.67 -35.06 -29.57
N ASP B 77 -21.41 -36.01 -30.15
CA ASP B 77 -22.27 -36.85 -29.33
C ASP B 77 -22.63 -38.20 -29.95
N ASN B 78 -23.91 -38.55 -29.86
CA ASN B 78 -24.35 -39.94 -29.77
C ASN B 78 -24.77 -40.53 -31.11
N TYR B 79 -25.42 -41.68 -31.02
CA TYR B 79 -26.02 -42.44 -32.10
C TYR B 79 -27.54 -42.44 -31.93
N VAL B 80 -28.22 -43.28 -32.71
CA VAL B 80 -29.65 -43.49 -32.50
C VAL B 80 -29.97 -44.98 -32.60
N GLU B 81 -30.18 -45.47 -33.81
CA GLU B 81 -30.55 -46.87 -34.04
C GLU B 81 -29.37 -47.59 -34.69
N LEU B 82 -29.22 -48.85 -34.33
CA LEU B 82 -28.11 -49.66 -34.82
C LEU B 82 -28.64 -51.06 -35.08
N GLN B 83 -27.97 -51.77 -36.00
CA GLN B 83 -28.21 -53.20 -36.11
C GLN B 83 -27.73 -53.82 -34.81
N ILE B 84 -26.51 -54.36 -34.80
CA ILE B 84 -25.77 -54.68 -33.57
C ILE B 84 -24.44 -55.38 -33.87
N THR B 85 -23.34 -54.67 -33.65
CA THR B 85 -21.98 -55.20 -33.67
C THR B 85 -21.10 -54.01 -33.37
N ASP B 86 -21.40 -52.90 -34.04
CA ASP B 86 -20.75 -51.60 -33.85
C ASP B 86 -19.23 -51.71 -33.88
N ILE B 87 -18.71 -51.93 -35.09
CA ILE B 87 -17.32 -51.62 -35.36
C ILE B 87 -17.22 -50.10 -35.38
N GLY B 88 -16.08 -49.57 -35.77
CA GLY B 88 -15.89 -48.14 -35.68
C GLY B 88 -15.39 -47.77 -34.30
N LEU B 89 -14.79 -46.59 -34.12
CA LEU B 89 -14.67 -45.52 -35.13
C LEU B 89 -13.98 -45.91 -36.45
N ALA B 90 -14.30 -45.16 -37.50
CA ALA B 90 -13.69 -45.34 -38.82
C ALA B 90 -13.20 -43.98 -39.33
N PRO B 91 -12.18 -43.42 -38.69
CA PRO B 91 -11.72 -42.08 -39.06
C PRO B 91 -10.93 -42.10 -40.35
N GLN B 92 -10.64 -40.89 -40.83
CA GLN B 92 -9.95 -40.66 -42.10
C GLN B 92 -9.80 -39.13 -42.19
N LYS B 93 -8.89 -38.59 -43.01
CA LYS B 93 -8.14 -39.32 -44.03
C LYS B 93 -6.72 -38.79 -44.31
N ARG B 94 -6.64 -37.60 -44.88
CA ARG B 94 -5.46 -37.12 -45.58
C ARG B 94 -4.52 -36.35 -44.64
N ASP B 95 -3.25 -36.27 -45.06
CA ASP B 95 -2.11 -35.77 -44.31
C ASP B 95 -1.66 -36.81 -43.31
N ASP B 96 -0.94 -36.41 -42.27
CA ASP B 96 -0.36 -37.41 -41.38
C ASP B 96 -0.64 -37.13 -39.91
N ALA B 97 0.17 -36.27 -39.31
CA ALA B 97 0.34 -36.28 -37.85
C ALA B 97 0.85 -37.67 -37.46
N LYS B 98 0.53 -38.07 -36.23
CA LYS B 98 0.79 -39.35 -35.60
C LYS B 98 0.40 -39.08 -34.16
N GLU B 99 0.34 -40.13 -33.35
CA GLU B 99 0.08 -39.94 -31.93
C GLU B 99 -1.31 -39.34 -31.72
N LEU B 100 -2.00 -39.00 -32.82
CA LEU B 100 -3.37 -38.50 -32.79
C LEU B 100 -4.26 -39.49 -32.07
N LYS B 101 -4.72 -39.12 -30.88
CA LYS B 101 -5.42 -40.06 -30.03
C LYS B 101 -6.94 -39.99 -30.27
N ASP B 102 -7.67 -40.88 -29.59
CA ASP B 102 -9.12 -40.96 -29.65
C ASP B 102 -9.67 -41.53 -28.35
N ALA B 103 -10.66 -42.43 -28.44
CA ALA B 103 -11.06 -43.46 -27.43
C ALA B 103 -12.51 -43.58 -26.96
N PHE B 104 -13.45 -43.36 -27.86
CA PHE B 104 -14.58 -44.29 -28.03
C PHE B 104 -15.30 -44.87 -26.80
N TYR B 105 -16.25 -44.11 -26.24
CA TYR B 105 -17.30 -44.61 -25.33
C TYR B 105 -16.92 -45.39 -24.05
N PRO B 106 -17.83 -45.43 -23.05
CA PRO B 106 -19.01 -44.59 -22.91
C PRO B 106 -18.96 -43.82 -21.60
N ASP B 107 -20.09 -43.26 -21.17
CA ASP B 107 -20.13 -42.32 -20.06
C ASP B 107 -19.22 -41.15 -20.37
N GLY B 108 -19.00 -40.26 -19.40
CA GLY B 108 -18.06 -39.18 -19.59
C GLY B 108 -18.73 -37.91 -20.07
N GLU B 109 -18.48 -36.80 -19.39
CA GLU B 109 -19.01 -35.50 -19.75
C GLU B 109 -17.91 -34.46 -19.55
N ASP B 110 -18.29 -33.18 -19.63
CA ASP B 110 -17.36 -32.08 -19.44
C ASP B 110 -18.08 -30.96 -18.71
N ASP B 111 -17.35 -29.85 -18.49
CA ASP B 111 -17.88 -28.65 -17.84
C ASP B 111 -18.12 -28.82 -16.34
N MET C 1 -43.00 -22.71 -39.56
CA MET C 1 -42.57 -23.73 -38.62
C MET C 1 -42.05 -23.12 -37.32
N ALA C 2 -42.98 -22.61 -36.51
CA ALA C 2 -42.81 -22.11 -35.14
C ALA C 2 -42.78 -20.59 -35.03
N LEU C 3 -42.09 -19.92 -35.96
CA LEU C 3 -42.35 -18.51 -36.26
C LEU C 3 -41.90 -17.47 -35.23
N ILE C 4 -41.85 -17.79 -33.93
CA ILE C 4 -41.86 -16.75 -32.92
C ILE C 4 -40.75 -16.93 -31.88
N GLY C 5 -40.35 -15.81 -31.26
CA GLY C 5 -39.28 -15.74 -30.29
C GLY C 5 -39.61 -16.19 -28.89
N GLN C 6 -40.54 -17.13 -28.78
CA GLN C 6 -40.96 -17.77 -27.53
C GLN C 6 -41.25 -16.82 -26.37
N THR C 7 -42.49 -16.37 -26.28
CA THR C 7 -43.06 -15.96 -25.00
C THR C 7 -43.68 -17.22 -24.40
N LEU C 8 -43.72 -17.26 -23.06
CA LEU C 8 -44.21 -18.36 -22.24
C LEU C 8 -43.12 -19.41 -22.02
N PRO C 9 -43.21 -20.22 -20.94
CA PRO C 9 -42.17 -21.22 -20.68
C PRO C 9 -42.31 -22.46 -21.54
N SER C 10 -41.58 -22.51 -22.66
CA SER C 10 -41.48 -23.76 -23.39
C SER C 10 -40.86 -24.84 -22.50
N LEU C 11 -41.10 -26.09 -22.87
CA LEU C 11 -40.62 -27.23 -22.10
C LEU C 11 -39.11 -27.18 -21.83
N LEU C 12 -38.36 -26.43 -22.64
CA LEU C 12 -36.92 -26.29 -22.40
C LEU C 12 -36.63 -25.84 -20.98
N ASP C 13 -37.41 -24.89 -20.46
CA ASP C 13 -37.24 -24.45 -19.08
C ASP C 13 -37.49 -25.59 -18.09
N ILE C 14 -38.70 -26.18 -18.14
CA ILE C 14 -39.06 -27.24 -17.20
C ILE C 14 -38.11 -28.43 -17.29
N TYR C 15 -37.41 -28.59 -18.41
CA TYR C 15 -36.43 -29.66 -18.53
C TYR C 15 -35.02 -29.25 -18.14
N ASN C 16 -34.75 -27.93 -18.07
CA ASN C 16 -33.46 -27.47 -17.55
C ASN C 16 -33.48 -27.33 -16.03
N ARG C 17 -34.48 -26.60 -15.50
CA ARG C 17 -34.75 -26.65 -14.06
C ARG C 17 -34.96 -28.08 -13.60
N THR C 18 -35.75 -28.85 -14.35
CA THR C 18 -35.89 -30.30 -14.24
C THR C 18 -36.16 -30.84 -12.84
N ASP C 19 -36.11 -32.17 -12.72
CA ASP C 19 -36.19 -32.87 -11.45
C ASP C 19 -35.63 -34.26 -11.69
N LYS C 20 -34.57 -34.61 -10.98
CA LYS C 20 -33.96 -35.93 -11.09
C LYS C 20 -33.64 -36.43 -9.68
N ASN C 21 -33.66 -37.74 -9.51
CA ASN C 21 -33.70 -38.35 -8.18
C ASN C 21 -34.84 -37.73 -7.37
N GLY C 22 -36.04 -37.95 -7.87
CA GLY C 22 -37.17 -37.11 -7.53
C GLY C 22 -37.15 -35.97 -8.52
N ARG C 23 -37.31 -34.73 -8.04
CA ARG C 23 -37.57 -34.46 -6.64
C ARG C 23 -38.44 -33.22 -6.60
N ILE C 24 -38.27 -32.41 -5.56
CA ILE C 24 -39.06 -31.20 -5.40
C ILE C 24 -38.36 -30.03 -6.08
N ALA C 25 -37.46 -29.38 -5.36
CA ALA C 25 -36.79 -28.18 -5.85
C ALA C 25 -35.35 -28.47 -6.23
N ARG C 26 -34.65 -27.41 -6.62
CA ARG C 26 -33.22 -27.48 -6.85
C ARG C 26 -32.54 -27.23 -5.51
N ILE C 27 -31.48 -27.98 -5.22
CA ILE C 27 -30.77 -27.89 -3.95
C ILE C 27 -30.51 -26.42 -3.64
N VAL C 28 -31.32 -25.87 -2.74
CA VAL C 28 -31.51 -24.43 -2.55
C VAL C 28 -30.38 -23.49 -2.98
N GLU C 29 -30.45 -23.02 -4.22
CA GLU C 29 -31.50 -23.42 -5.15
C GLU C 29 -30.82 -23.64 -6.49
N GLN C 30 -30.97 -22.64 -7.34
CA GLN C 30 -30.02 -22.33 -8.40
C GLN C 30 -29.41 -20.98 -8.05
N LEU C 31 -28.20 -20.73 -8.51
CA LEU C 31 -27.54 -19.50 -8.09
C LEU C 31 -27.06 -18.69 -9.28
N ALA C 32 -26.27 -17.67 -8.98
CA ALA C 32 -25.37 -17.00 -9.91
C ALA C 32 -25.91 -15.77 -10.63
N LYS C 33 -25.55 -15.65 -11.91
CA LYS C 33 -25.19 -14.38 -12.54
C LYS C 33 -26.26 -13.30 -12.61
N THR C 34 -26.35 -12.52 -11.54
CA THR C 34 -27.01 -11.22 -11.53
C THR C 34 -26.21 -10.36 -10.57
N ASN C 35 -25.90 -9.14 -10.99
CA ASN C 35 -25.15 -8.24 -10.11
C ASN C 35 -26.02 -7.80 -8.93
N ASP C 36 -25.38 -7.16 -7.96
CA ASP C 36 -26.05 -6.71 -6.75
C ASP C 36 -25.96 -5.20 -6.65
N ILE C 37 -26.94 -4.62 -5.96
CA ILE C 37 -27.06 -3.18 -5.79
C ILE C 37 -27.64 -2.90 -4.41
N LEU C 38 -27.53 -1.65 -3.98
CA LEU C 38 -28.14 -1.19 -2.75
C LEU C 38 -29.41 -0.38 -3.10
N THR C 39 -29.81 0.52 -2.20
CA THR C 39 -31.07 1.24 -2.31
C THR C 39 -32.25 0.27 -2.34
N ASP C 40 -32.77 -0.18 -1.18
CA ASP C 40 -32.37 0.20 0.19
C ASP C 40 -32.37 1.69 0.47
N ALA C 41 -33.57 2.26 0.38
CA ALA C 41 -33.76 3.70 0.39
C ALA C 41 -34.72 4.10 1.50
N ILE C 42 -35.18 5.34 1.44
CA ILE C 42 -36.28 5.82 2.26
C ILE C 42 -37.43 6.18 1.31
N TYR C 43 -38.65 5.87 1.72
CA TYR C 43 -39.82 6.07 0.89
C TYR C 43 -40.81 7.00 1.59
N VAL C 44 -41.58 7.73 0.80
CA VAL C 44 -42.63 8.57 1.37
C VAL C 44 -43.81 8.65 0.41
N PRO C 45 -45.03 8.71 0.94
CA PRO C 45 -46.16 9.16 0.14
C PRO C 45 -46.21 10.68 0.14
N CYS C 46 -46.70 11.23 -0.95
CA CYS C 46 -46.61 12.66 -1.18
C CYS C 46 -47.99 13.23 -1.42
N ASN C 47 -48.34 14.25 -0.66
CA ASN C 47 -49.44 15.13 -1.03
C ASN C 47 -49.07 15.69 -2.39
N ASP C 48 -50.00 15.71 -3.35
CA ASP C 48 -51.39 15.38 -3.10
C ASP C 48 -51.72 13.96 -3.57
N GLY C 49 -52.22 13.85 -4.79
CA GLY C 49 -52.35 12.58 -5.47
C GLY C 49 -51.22 12.33 -6.44
N SER C 50 -50.31 13.29 -6.55
CA SER C 50 -49.14 13.24 -7.41
C SER C 50 -48.26 14.43 -7.06
N LYS C 51 -47.35 14.82 -7.96
CA LYS C 51 -46.57 16.04 -7.81
C LYS C 51 -45.87 15.97 -6.46
N HIS C 52 -45.83 17.06 -5.69
CA HIS C 52 -45.51 17.17 -4.27
C HIS C 52 -45.22 18.62 -3.96
N LYS C 53 -45.31 19.46 -4.99
CA LYS C 53 -45.09 20.90 -4.89
C LYS C 53 -43.76 21.25 -4.25
N THR C 54 -43.79 21.79 -3.03
CA THR C 54 -42.64 22.49 -2.44
C THR C 54 -42.29 23.70 -3.29
N THR C 55 -41.26 24.44 -2.92
CA THR C 55 -41.11 25.75 -3.54
C THR C 55 -39.69 26.18 -3.86
N ILE C 56 -38.79 26.16 -2.88
CA ILE C 56 -37.52 26.89 -2.92
C ILE C 56 -37.74 28.33 -3.38
N ARG C 57 -36.67 29.10 -3.56
CA ARG C 57 -36.82 30.47 -4.03
C ARG C 57 -35.69 30.80 -5.00
N ALA C 58 -35.89 31.87 -5.75
CA ALA C 58 -34.98 32.29 -6.81
C ALA C 58 -34.45 33.68 -6.48
N GLY C 59 -33.40 33.72 -5.67
CA GLY C 59 -32.78 34.98 -5.31
C GLY C 59 -33.61 35.83 -4.37
N ILE C 60 -32.95 36.54 -3.47
CA ILE C 60 -33.62 37.47 -2.57
C ILE C 60 -32.92 38.82 -2.63
N PRO C 61 -33.02 39.56 -3.75
CA PRO C 61 -32.43 40.89 -3.82
C PRO C 61 -33.49 41.98 -3.74
N GLU C 62 -33.14 43.20 -3.35
CA GLU C 62 -31.84 43.56 -2.77
C GLU C 62 -32.08 44.85 -2.02
N PRO C 63 -31.48 44.99 -0.83
CA PRO C 63 -31.50 46.29 -0.16
C PRO C 63 -30.49 47.24 -0.78
N VAL C 64 -30.81 48.54 -0.68
CA VAL C 64 -29.95 49.59 -1.19
C VAL C 64 -29.67 50.58 -0.07
N TRP C 65 -28.57 51.32 -0.23
CA TRP C 65 -28.15 52.28 0.79
C TRP C 65 -29.04 53.51 0.77
N ARG C 66 -29.73 53.76 1.87
CA ARG C 66 -30.54 54.96 1.98
C ARG C 66 -29.63 56.17 2.17
N ARG C 67 -29.95 57.24 1.43
CA ARG C 67 -29.12 58.43 1.33
C ARG C 67 -29.67 59.59 2.15
N TYR C 68 -30.35 59.27 3.25
CA TYR C 68 -30.90 60.18 4.25
C TYR C 68 -32.36 60.57 4.04
N ASN C 69 -32.84 60.57 2.79
CA ASN C 69 -34.26 60.88 2.58
C ASN C 69 -34.97 59.95 1.60
N GLN C 70 -34.47 59.82 0.38
CA GLN C 70 -35.32 59.39 -0.73
C GLN C 70 -35.45 57.88 -0.95
N GLY C 71 -34.45 57.23 -1.53
CA GLY C 71 -34.65 55.94 -2.16
C GLY C 71 -35.05 54.85 -1.17
N VAL C 72 -36.20 54.22 -1.38
CA VAL C 72 -36.54 52.98 -0.68
C VAL C 72 -37.30 52.03 -1.60
N GLN C 73 -38.58 52.30 -1.84
CA GLN C 73 -39.48 51.48 -2.64
C GLN C 73 -39.74 50.13 -1.95
N PRO C 74 -40.95 49.59 -2.02
CA PRO C 74 -41.19 48.26 -1.46
C PRO C 74 -40.34 47.19 -2.14
N THR C 75 -40.03 46.14 -1.39
CA THR C 75 -39.23 45.02 -1.86
C THR C 75 -40.02 43.73 -1.68
N LYS C 76 -39.72 42.74 -2.52
CA LYS C 76 -40.60 41.59 -2.69
C LYS C 76 -39.78 40.35 -2.98
N THR C 77 -39.92 39.35 -2.13
CA THR C 77 -39.30 38.05 -2.35
C THR C 77 -40.28 37.14 -3.06
N GLN C 78 -39.75 36.31 -3.94
CA GLN C 78 -40.56 35.46 -4.80
C GLN C 78 -40.17 34.00 -4.61
N THR C 79 -40.97 33.12 -5.22
CA THR C 79 -40.78 31.69 -5.14
C THR C 79 -41.32 31.07 -6.42
N VAL C 80 -41.51 29.76 -6.40
CA VAL C 80 -41.90 28.99 -7.58
C VAL C 80 -42.22 27.55 -7.16
N PRO C 81 -43.29 26.94 -7.66
CA PRO C 81 -43.53 25.51 -7.35
C PRO C 81 -42.56 24.60 -8.09
N VAL C 82 -42.63 23.28 -7.86
CA VAL C 82 -41.64 22.39 -8.45
C VAL C 82 -42.15 20.98 -8.74
N THR C 83 -42.38 20.17 -7.70
CA THR C 83 -42.28 18.70 -7.78
C THR C 83 -42.88 18.00 -9.00
N ASP C 84 -42.37 16.80 -9.27
CA ASP C 84 -42.48 16.07 -10.53
C ASP C 84 -43.43 14.87 -10.40
N THR C 85 -43.29 13.91 -11.32
CA THR C 85 -44.22 12.81 -11.53
C THR C 85 -43.60 11.47 -11.15
N THR C 86 -44.13 10.40 -11.73
CA THR C 86 -43.68 9.03 -11.51
C THR C 86 -44.48 8.11 -12.44
N GLY C 87 -44.32 6.81 -12.26
CA GLY C 87 -45.07 5.86 -13.06
C GLY C 87 -44.91 4.46 -12.51
N MET C 88 -45.80 3.58 -12.97
CA MET C 88 -45.79 2.18 -12.61
C MET C 88 -45.07 1.36 -13.69
N LEU C 89 -44.67 0.15 -13.29
CA LEU C 89 -44.14 -0.83 -14.23
C LEU C 89 -44.31 -2.21 -13.64
N TYR C 90 -44.53 -3.18 -14.52
CA TYR C 90 -44.75 -4.54 -14.06
C TYR C 90 -44.71 -5.50 -15.23
N ASP C 91 -44.62 -6.79 -14.89
CA ASP C 91 -44.69 -7.89 -15.84
C ASP C 91 -45.86 -8.78 -15.45
N LEU C 92 -45.83 -10.03 -15.93
CA LEU C 92 -46.62 -11.15 -15.42
C LEU C 92 -46.13 -12.42 -16.08
N GLY C 93 -46.27 -13.51 -15.37
CA GLY C 93 -45.88 -14.80 -15.90
C GLY C 93 -47.08 -15.65 -16.21
N PHE C 94 -46.88 -16.64 -17.07
CA PHE C 94 -47.87 -17.65 -17.38
C PHE C 94 -47.19 -19.01 -17.35
N VAL C 95 -47.96 -20.01 -16.97
CA VAL C 95 -47.60 -21.40 -17.19
C VAL C 95 -48.78 -22.09 -17.86
N ASP C 96 -48.62 -23.36 -18.18
CA ASP C 96 -49.73 -24.21 -18.58
C ASP C 96 -49.96 -25.19 -17.44
N LYS C 97 -51.15 -25.12 -16.83
CA LYS C 97 -51.53 -25.98 -15.71
C LYS C 97 -51.13 -27.43 -15.93
N ALA C 98 -51.16 -27.89 -17.19
CA ALA C 98 -50.74 -29.25 -17.51
C ALA C 98 -49.23 -29.44 -17.35
N LEU C 99 -48.43 -28.68 -18.10
CA LEU C 99 -46.99 -28.92 -18.14
C LEU C 99 -46.33 -28.72 -16.78
N ALA C 100 -46.77 -27.70 -16.03
CA ALA C 100 -46.24 -27.49 -14.67
C ALA C 100 -46.56 -28.66 -13.75
N ASP C 101 -47.55 -29.48 -14.10
CA ASP C 101 -47.86 -30.69 -13.35
C ASP C 101 -47.24 -31.94 -13.97
N ARG C 102 -46.45 -31.80 -15.03
CA ARG C 102 -45.73 -32.92 -15.62
C ARG C 102 -44.25 -32.53 -15.79
N SER C 103 -43.41 -32.82 -14.80
CA SER C 103 -43.78 -33.61 -13.64
C SER C 103 -44.50 -32.86 -12.51
N ASN C 104 -44.79 -33.59 -11.43
CA ASN C 104 -45.75 -33.18 -10.43
C ASN C 104 -45.32 -31.91 -9.71
N ASN C 105 -46.28 -31.35 -8.98
CA ASN C 105 -46.08 -30.29 -8.00
C ASN C 105 -45.42 -29.04 -8.58
N ALA C 106 -46.23 -28.01 -8.83
CA ALA C 106 -45.75 -26.78 -9.42
C ALA C 106 -45.26 -25.77 -8.38
N ALA C 107 -45.53 -26.00 -7.09
CA ALA C 107 -45.21 -25.01 -6.06
C ALA C 107 -43.75 -24.54 -6.14
N ALA C 108 -42.81 -25.49 -6.16
CA ALA C 108 -41.40 -25.15 -6.30
C ALA C 108 -41.14 -24.37 -7.58
N PHE C 109 -41.75 -24.82 -8.70
CA PHE C 109 -41.62 -24.14 -9.98
C PHE C 109 -41.96 -22.66 -9.87
N ARG C 110 -43.18 -22.36 -9.45
CA ARG C 110 -43.61 -20.97 -9.35
C ARG C 110 -42.75 -20.17 -8.38
N VAL C 111 -42.35 -20.79 -7.25
CA VAL C 111 -41.46 -20.09 -6.31
C VAL C 111 -40.17 -19.67 -7.01
N SER C 112 -39.57 -20.59 -7.76
CA SER C 112 -38.39 -20.24 -8.57
C SER C 112 -38.68 -19.07 -9.49
N GLU C 113 -39.86 -19.08 -10.12
CA GLU C 113 -40.20 -18.00 -11.04
C GLU C 113 -40.23 -16.65 -10.33
N ASN C 114 -40.91 -16.57 -9.18
CA ASN C 114 -41.02 -15.28 -8.50
C ASN C 114 -39.67 -14.79 -7.98
N MET C 115 -38.81 -15.70 -7.49
CA MET C 115 -37.49 -15.25 -7.03
C MET C 115 -36.67 -14.69 -8.20
N GLY C 116 -36.60 -15.43 -9.32
CA GLY C 116 -35.86 -14.91 -10.47
C GLY C 116 -36.40 -13.58 -10.97
N LYS C 117 -37.72 -13.52 -11.19
CA LYS C 117 -38.37 -12.26 -11.56
C LYS C 117 -37.99 -11.14 -10.60
N LEU C 118 -37.90 -11.44 -9.31
CA LEU C 118 -37.52 -10.43 -8.33
C LEU C 118 -36.12 -9.89 -8.62
N GLN C 119 -35.13 -10.77 -8.77
CA GLN C 119 -33.76 -10.28 -8.99
C GLN C 119 -33.66 -9.46 -10.27
N GLY C 120 -34.26 -9.93 -11.36
CA GLY C 120 -34.26 -9.12 -12.58
C GLY C 120 -34.95 -7.79 -12.39
N PHE C 121 -36.03 -7.77 -11.62
CA PHE C 121 -36.78 -6.55 -11.37
C PHE C 121 -35.90 -5.49 -10.71
N ASN C 122 -35.33 -5.82 -9.55
CA ASN C 122 -34.43 -4.87 -8.88
C ASN C 122 -33.30 -4.44 -9.80
N ASN C 123 -32.72 -5.38 -10.55
CA ASN C 123 -31.70 -5.01 -11.53
C ASN C 123 -32.17 -3.89 -12.44
N LYS C 124 -33.37 -4.02 -13.00
CA LYS C 124 -33.87 -2.98 -13.91
C LYS C 124 -34.13 -1.67 -13.18
N VAL C 125 -34.71 -1.72 -11.98
CA VAL C 125 -35.05 -0.48 -11.26
C VAL C 125 -33.80 0.32 -10.95
N ALA C 126 -32.72 -0.32 -10.50
CA ALA C 126 -31.47 0.39 -10.31
C ALA C 126 -30.88 0.81 -11.66
N ARG C 127 -31.10 0.01 -12.69
CA ARG C 127 -30.60 0.34 -14.02
C ARG C 127 -31.15 1.67 -14.52
N TYR C 128 -32.43 1.95 -14.25
CA TYR C 128 -33.04 3.20 -14.69
C TYR C 128 -33.10 4.28 -13.63
N SER C 129 -32.66 3.97 -12.40
CA SER C 129 -32.63 4.99 -11.36
C SER C 129 -31.64 6.12 -11.69
N ILE C 130 -30.63 5.85 -12.52
CA ILE C 130 -29.58 6.81 -12.80
C ILE C 130 -29.66 7.41 -14.21
N TYR C 131 -30.26 6.72 -15.17
CA TYR C 131 -30.24 7.14 -16.57
C TYR C 131 -31.67 7.36 -17.07
N GLY C 132 -31.76 7.76 -18.33
CA GLY C 132 -33.05 7.88 -19.00
C GLY C 132 -33.57 9.29 -19.12
N ASN C 133 -34.89 9.44 -19.04
CA ASN C 133 -35.58 10.73 -19.06
C ASN C 133 -35.46 11.46 -20.40
N THR C 134 -36.16 10.96 -21.41
CA THR C 134 -36.38 11.61 -22.70
C THR C 134 -37.30 10.68 -23.50
N ASP C 135 -37.89 9.72 -22.80
CA ASP C 135 -38.76 8.73 -23.42
C ASP C 135 -40.16 8.78 -22.81
N ALA C 136 -40.93 7.71 -23.02
CA ALA C 136 -42.33 7.67 -22.60
C ALA C 136 -42.50 7.61 -21.09
N GLU C 137 -41.84 8.51 -20.38
CA GLU C 137 -41.98 8.72 -18.93
C GLU C 137 -41.25 7.67 -18.04
N PRO C 138 -41.76 7.38 -16.82
CA PRO C 138 -40.90 7.28 -15.61
C PRO C 138 -39.43 6.89 -15.83
N GLU C 139 -38.51 7.72 -15.35
CA GLU C 139 -38.82 8.95 -14.65
C GLU C 139 -37.82 10.04 -15.01
N ALA C 140 -36.93 10.38 -14.07
CA ALA C 140 -35.91 11.38 -14.33
C ALA C 140 -34.85 11.32 -13.24
N PHE C 141 -33.58 11.42 -13.66
CA PHE C 141 -32.49 11.69 -12.73
C PHE C 141 -31.47 12.58 -13.44
N MET C 142 -30.65 11.96 -14.31
CA MET C 142 -29.46 12.53 -14.94
C MET C 142 -29.34 14.06 -14.92
N GLY C 143 -30.47 14.77 -14.89
CA GLY C 143 -30.53 16.21 -14.85
C GLY C 143 -29.60 16.92 -13.88
N LEU C 144 -28.32 16.56 -13.96
CA LEU C 144 -27.21 17.38 -13.51
C LEU C 144 -26.20 17.54 -14.63
N ALA C 145 -26.47 16.97 -15.80
CA ALA C 145 -25.57 16.71 -16.92
C ALA C 145 -24.65 17.87 -17.28
N PRO C 146 -25.14 19.07 -17.60
CA PRO C 146 -24.27 20.10 -18.16
C PRO C 146 -23.05 20.37 -17.29
N ARG C 147 -21.95 20.74 -17.96
CA ARG C 147 -20.64 20.74 -17.34
C ARG C 147 -20.43 21.96 -16.45
N PHE C 148 -20.62 23.15 -17.00
CA PHE C 148 -20.41 24.40 -16.29
C PHE C 148 -21.76 25.03 -15.94
N ASN C 149 -21.70 26.14 -15.21
CA ASN C 149 -22.90 26.78 -14.69
C ASN C 149 -23.38 27.85 -15.67
N THR C 150 -24.24 28.76 -15.19
CA THR C 150 -24.80 29.86 -15.97
C THR C 150 -25.71 29.39 -17.10
N LEU C 151 -25.42 28.23 -17.70
CA LEU C 151 -26.38 27.56 -18.58
C LEU C 151 -27.35 26.70 -17.80
N SER C 152 -27.08 26.46 -16.52
CA SER C 152 -27.97 25.74 -15.62
C SER C 152 -27.58 26.12 -14.19
N THR C 153 -27.87 25.25 -13.24
CA THR C 153 -27.46 25.43 -11.86
C THR C 153 -26.24 24.60 -11.49
N SER C 154 -26.09 23.43 -12.14
CA SER C 154 -25.03 22.44 -11.97
C SER C 154 -23.92 22.84 -11.01
N LYS C 155 -22.74 23.14 -11.55
CA LYS C 155 -21.62 23.71 -10.81
C LYS C 155 -21.31 23.01 -9.50
N ALA C 156 -21.63 23.68 -8.38
CA ALA C 156 -21.16 23.28 -7.05
C ALA C 156 -21.52 21.83 -6.72
N ALA C 157 -22.69 21.36 -7.14
CA ALA C 157 -23.08 19.97 -6.88
C ALA C 157 -22.34 18.97 -7.75
N SER C 158 -21.51 19.43 -8.70
CA SER C 158 -20.90 18.54 -9.67
C SER C 158 -19.42 18.25 -9.43
N ALA C 159 -18.69 19.09 -8.69
CA ALA C 159 -17.31 18.82 -8.29
C ALA C 159 -16.39 18.49 -9.46
N GLU C 160 -16.69 17.37 -10.13
CA GLU C 160 -16.23 17.10 -11.50
C GLU C 160 -14.78 16.66 -11.62
N ASN C 161 -14.31 16.53 -12.85
CA ASN C 161 -12.95 16.11 -13.17
C ASN C 161 -12.62 16.63 -14.57
N VAL C 162 -11.59 16.07 -15.20
CA VAL C 162 -11.13 16.51 -16.51
C VAL C 162 -10.99 15.30 -17.44
N PHE C 163 -10.31 15.50 -18.56
CA PHE C 163 -9.94 14.46 -19.52
C PHE C 163 -11.12 13.98 -20.37
N SER C 164 -11.23 12.68 -20.58
CA SER C 164 -12.12 12.08 -21.58
C SER C 164 -11.78 12.68 -22.95
N ALA C 165 -12.78 12.80 -23.83
CA ALA C 165 -12.55 13.37 -25.15
C ALA C 165 -13.87 13.97 -25.65
N GLY C 166 -13.75 14.96 -26.55
CA GLY C 166 -14.90 15.62 -27.10
C GLY C 166 -15.40 14.95 -28.36
N GLY C 167 -14.58 14.09 -28.96
CA GLY C 167 -14.97 13.41 -30.17
C GLY C 167 -14.98 11.90 -30.02
N SER C 168 -14.76 11.42 -28.80
CA SER C 168 -14.75 9.99 -28.50
C SER C 168 -15.36 9.79 -27.13
N GLY C 169 -16.53 9.13 -27.08
CA GLY C 169 -17.26 8.96 -25.84
C GLY C 169 -16.77 7.81 -24.99
N SER C 170 -15.54 7.36 -25.23
CA SER C 170 -14.96 6.26 -24.49
C SER C 170 -13.92 6.77 -23.50
N THR C 171 -14.03 6.37 -22.23
CA THR C 171 -15.13 5.58 -21.69
C THR C 171 -15.52 6.19 -20.35
N ASN C 172 -14.53 6.17 -19.44
CA ASN C 172 -14.57 6.65 -18.05
C ASN C 172 -15.92 6.65 -17.34
N THR C 173 -16.00 5.87 -16.26
CA THR C 173 -17.21 5.76 -15.45
C THR C 173 -17.47 7.03 -14.65
N SER C 174 -18.16 6.90 -13.52
CA SER C 174 -18.50 8.04 -12.69
C SER C 174 -18.93 7.56 -11.31
N ILE C 175 -18.79 8.45 -10.33
CA ILE C 175 -19.10 8.17 -8.93
C ILE C 175 -20.11 9.19 -8.45
N TRP C 176 -21.03 8.75 -7.58
CA TRP C 176 -22.02 9.62 -6.97
C TRP C 176 -21.93 9.50 -5.45
N PHE C 177 -22.37 10.57 -4.78
CA PHE C 177 -22.81 10.42 -3.40
C PHE C 177 -23.68 11.59 -2.97
N MET C 178 -24.73 11.26 -2.24
CA MET C 178 -25.72 12.21 -1.78
C MET C 178 -26.37 11.64 -0.53
N SER C 179 -27.29 12.41 0.05
CA SER C 179 -27.89 12.08 1.33
C SER C 179 -29.35 11.69 1.13
N TRP C 180 -29.79 10.71 1.91
CA TRP C 180 -31.19 10.30 1.94
C TRP C 180 -31.97 11.10 2.98
N GLY C 181 -33.28 11.19 2.76
CA GLY C 181 -34.12 12.21 3.31
C GLY C 181 -34.62 13.19 2.25
N GLU C 182 -33.86 13.31 1.16
CA GLU C 182 -34.38 13.83 -0.11
C GLU C 182 -34.94 12.59 -0.78
N ASN C 183 -36.22 12.34 -0.53
CA ASN C 183 -36.80 11.01 -0.48
C ASN C 183 -37.06 10.43 -1.87
N THR C 184 -37.79 9.31 -1.88
CA THR C 184 -38.36 8.72 -3.07
C THR C 184 -39.86 8.59 -2.82
N ALA C 185 -40.65 9.18 -3.72
CA ALA C 185 -42.10 9.28 -3.54
C ALA C 185 -42.81 8.12 -4.22
N HIS C 186 -43.92 7.69 -3.60
CA HIS C 186 -44.73 6.63 -4.16
C HIS C 186 -46.21 6.98 -3.99
N MET C 187 -47.03 6.52 -4.93
CA MET C 187 -48.46 6.70 -4.82
C MET C 187 -49.03 5.77 -3.75
N ILE C 188 -50.26 6.08 -3.32
CA ILE C 188 -50.80 5.53 -2.08
C ILE C 188 -51.09 4.03 -2.24
N TYR C 189 -50.05 3.22 -2.10
CA TYR C 189 -50.10 1.78 -1.84
C TYR C 189 -48.72 1.40 -1.29
N PRO C 190 -48.50 0.13 -0.86
CA PRO C 190 -47.19 -0.22 -0.28
C PRO C 190 -45.97 0.01 -1.17
N GLU C 191 -44.80 -0.36 -0.67
CA GLU C 191 -43.53 0.03 -1.25
C GLU C 191 -42.89 -1.16 -1.96
N GLY C 192 -42.78 -1.08 -3.28
CA GLY C 192 -41.96 -1.99 -4.05
C GLY C 192 -42.43 -3.43 -4.11
N MET C 193 -42.32 -4.03 -5.30
CA MET C 193 -42.53 -5.46 -5.49
C MET C 193 -43.96 -5.88 -5.12
N VAL C 194 -44.21 -6.03 -3.81
CA VAL C 194 -45.50 -6.42 -3.24
C VAL C 194 -46.26 -7.43 -4.09
N ALA C 195 -45.63 -8.58 -4.36
CA ALA C 195 -46.26 -9.50 -5.30
C ALA C 195 -45.81 -10.96 -5.26
N GLY C 196 -46.56 -11.78 -4.53
CA GLY C 196 -47.60 -11.27 -3.65
C GLY C 196 -49.08 -11.33 -4.05
N PHE C 197 -49.42 -12.07 -5.10
CA PHE C 197 -50.82 -12.40 -5.37
C PHE C 197 -50.89 -13.71 -6.16
N GLN C 198 -52.12 -14.16 -6.41
CA GLN C 198 -52.37 -15.52 -6.90
C GLN C 198 -53.58 -15.53 -7.82
N HIS C 199 -53.45 -16.20 -8.98
CA HIS C 199 -54.61 -16.38 -9.84
C HIS C 199 -54.52 -17.70 -10.61
N GLU C 200 -55.67 -18.35 -10.81
CA GLU C 200 -55.76 -19.60 -11.56
C GLU C 200 -57.06 -19.58 -12.37
N ASP C 201 -56.95 -19.34 -13.67
CA ASP C 201 -58.10 -19.23 -14.57
C ASP C 201 -57.76 -19.77 -15.95
N LEU C 202 -58.23 -19.10 -16.99
CA LEU C 202 -58.10 -19.59 -18.36
C LEU C 202 -57.58 -18.49 -19.28
N GLY C 203 -56.84 -18.90 -20.31
CA GLY C 203 -56.25 -17.99 -21.30
C GLY C 203 -57.25 -17.01 -21.91
N ASP C 204 -56.83 -15.85 -22.41
CA ASP C 204 -55.45 -15.36 -22.64
C ASP C 204 -54.47 -16.26 -23.44
N ASP C 205 -54.66 -16.26 -24.77
CA ASP C 205 -53.87 -17.13 -25.66
C ASP C 205 -53.90 -16.54 -27.06
N LEU C 206 -53.37 -17.31 -28.02
CA LEU C 206 -53.15 -17.00 -29.43
C LEU C 206 -53.57 -15.61 -29.90
N VAL C 207 -52.59 -14.82 -30.37
CA VAL C 207 -52.81 -13.42 -30.67
C VAL C 207 -53.19 -13.24 -32.14
N SER C 208 -53.73 -12.06 -32.44
CA SER C 208 -54.01 -11.62 -33.82
C SER C 208 -54.87 -12.56 -34.67
N ASP C 209 -56.15 -12.70 -34.35
CA ASP C 209 -56.74 -12.09 -33.15
C ASP C 209 -57.48 -13.00 -32.13
N GLY C 210 -57.16 -14.29 -31.99
CA GLY C 210 -56.13 -15.02 -32.73
C GLY C 210 -56.67 -16.33 -33.26
N ASN C 211 -57.75 -16.24 -34.05
CA ASN C 211 -58.47 -17.43 -34.52
C ASN C 211 -58.78 -18.38 -33.38
N GLY C 212 -59.20 -17.83 -32.25
CA GLY C 212 -59.48 -18.59 -31.06
C GLY C 212 -58.42 -18.39 -29.98
N GLY C 213 -58.45 -19.31 -29.01
CA GLY C 213 -57.49 -19.31 -27.93
C GLY C 213 -57.84 -20.36 -26.91
N GLN C 214 -58.29 -19.93 -25.72
CA GLN C 214 -58.87 -20.83 -24.73
C GLN C 214 -57.97 -21.97 -24.27
N PHE C 215 -57.30 -21.78 -23.13
CA PHE C 215 -56.76 -22.88 -22.35
C PHE C 215 -56.57 -22.37 -20.93
N ARG C 216 -56.59 -23.30 -19.98
CA ARG C 216 -56.44 -22.92 -18.59
C ARG C 216 -54.96 -22.82 -18.21
N ALA C 217 -54.69 -22.01 -17.19
CA ALA C 217 -53.33 -21.69 -16.81
C ALA C 217 -53.29 -21.44 -15.31
N TYR C 218 -52.13 -20.99 -14.83
CA TYR C 218 -51.88 -20.77 -13.41
C TYR C 218 -50.87 -19.64 -13.35
N ARG C 219 -51.31 -18.44 -12.97
CA ARG C 219 -50.48 -17.28 -13.24
C ARG C 219 -50.66 -16.18 -12.21
N ASP C 220 -49.76 -15.19 -12.34
CA ASP C 220 -49.79 -13.94 -11.59
C ASP C 220 -48.70 -12.97 -12.02
N GLU C 221 -48.55 -11.87 -11.28
CA GLU C 221 -47.72 -10.76 -11.73
C GLU C 221 -47.10 -10.04 -10.53
N PHE C 222 -46.21 -9.08 -10.84
CA PHE C 222 -45.55 -8.26 -9.83
C PHE C 222 -45.45 -6.83 -10.35
N LYS C 223 -46.06 -5.89 -9.63
CA LYS C 223 -46.04 -4.48 -9.99
C LYS C 223 -45.13 -3.69 -9.07
N TRP C 224 -44.76 -2.49 -9.53
CA TRP C 224 -43.96 -1.60 -8.72
C TRP C 224 -44.18 -0.17 -9.20
N ASP C 225 -44.35 0.74 -8.24
CA ASP C 225 -44.40 2.17 -8.50
C ASP C 225 -43.43 2.87 -7.58
N ILE C 226 -42.66 3.81 -8.13
CA ILE C 226 -41.74 4.63 -7.37
C ILE C 226 -41.50 5.93 -8.12
N GLY C 227 -40.83 6.87 -7.46
CA GLY C 227 -40.48 8.14 -8.05
C GLY C 227 -39.60 8.92 -7.10
N LEU C 228 -38.36 9.20 -7.51
CA LEU C 228 -37.45 9.91 -6.64
C LEU C 228 -37.88 11.35 -6.48
N SER C 229 -37.34 11.99 -5.46
CA SER C 229 -37.48 13.43 -5.27
C SER C 229 -36.11 14.08 -5.48
N VAL C 230 -36.15 15.37 -5.79
CA VAL C 230 -34.97 16.22 -5.71
C VAL C 230 -34.99 17.07 -4.45
N ARG C 231 -36.14 17.66 -4.12
CA ARG C 231 -36.36 18.41 -2.88
C ARG C 231 -35.39 19.58 -2.72
N ASP C 232 -34.14 19.37 -3.15
CA ASP C 232 -33.12 20.40 -3.13
C ASP C 232 -32.03 19.98 -4.10
N TRP C 233 -31.55 20.92 -4.90
CA TRP C 233 -30.37 20.69 -5.73
C TRP C 233 -29.15 21.10 -4.91
N ARG C 234 -28.53 20.10 -4.27
CA ARG C 234 -27.35 20.19 -3.42
C ARG C 234 -27.33 18.92 -2.59
N SER C 235 -26.35 18.79 -1.70
CA SER C 235 -26.14 17.55 -0.96
C SER C 235 -26.00 16.35 -1.91
N ILE C 236 -25.59 16.63 -3.14
CA ILE C 236 -25.37 15.62 -4.16
C ILE C 236 -24.01 15.91 -4.79
N SER C 237 -23.43 14.88 -5.39
CA SER C 237 -22.07 14.97 -5.89
C SER C 237 -21.94 14.09 -7.12
N ARG C 238 -21.29 14.64 -8.15
CA ARG C 238 -20.99 13.92 -9.38
C ARG C 238 -19.49 13.98 -9.64
N ILE C 239 -19.02 13.07 -10.49
CA ILE C 239 -17.62 13.04 -10.94
C ILE C 239 -17.59 12.58 -12.39
N CYS C 240 -16.44 12.79 -13.02
CA CYS C 240 -16.14 12.28 -14.36
C CYS C 240 -15.03 11.24 -14.33
N ASN C 241 -13.94 11.56 -13.63
CA ASN C 241 -12.81 10.68 -13.36
C ASN C 241 -12.04 10.17 -14.59
N ILE C 242 -11.62 8.91 -14.52
CA ILE C 242 -10.30 8.47 -14.97
C ILE C 242 -9.65 8.99 -16.32
N ASP C 243 -9.51 8.24 -17.42
CA ASP C 243 -10.01 6.89 -17.70
C ASP C 243 -8.96 5.80 -17.37
N VAL C 244 -9.18 4.59 -17.92
CA VAL C 244 -8.42 3.41 -17.52
C VAL C 244 -6.93 3.55 -17.81
N THR C 245 -6.54 4.40 -18.76
CA THR C 245 -5.13 4.75 -18.93
C THR C 245 -4.57 5.29 -17.61
N THR C 246 -5.09 6.43 -17.17
CA THR C 246 -4.68 7.02 -15.90
C THR C 246 -5.12 6.17 -14.72
N LEU C 247 -6.29 5.53 -14.81
CA LEU C 247 -6.75 4.64 -13.76
C LEU C 247 -5.73 3.56 -13.46
N THR C 248 -5.02 3.07 -14.48
CA THR C 248 -3.91 2.15 -14.24
C THR C 248 -2.66 2.89 -13.83
N LYS C 249 -2.41 4.07 -14.41
CA LYS C 249 -1.24 4.85 -14.04
C LYS C 249 -1.25 5.24 -12.56
N ASP C 250 -2.42 5.31 -11.93
CA ASP C 250 -2.56 5.81 -10.57
C ASP C 250 -2.21 4.76 -9.50
N ALA C 251 -1.50 3.68 -9.84
CA ALA C 251 -1.17 2.63 -8.88
C ALA C 251 -0.78 3.22 -7.53
N SER C 252 0.24 4.07 -7.53
CA SER C 252 0.50 5.00 -6.44
C SER C 252 0.84 6.39 -6.97
N THR C 253 0.88 6.56 -8.29
CA THR C 253 1.37 7.77 -8.93
C THR C 253 0.33 8.88 -8.86
N GLY C 254 0.75 10.07 -9.27
CA GLY C 254 -0.10 11.24 -9.19
C GLY C 254 -0.06 12.13 -10.42
N ALA C 255 -0.80 11.76 -11.46
CA ALA C 255 -1.08 12.64 -12.58
C ALA C 255 -2.57 12.93 -12.70
N ASP C 256 -3.40 11.89 -12.79
CA ASP C 256 -4.85 12.01 -12.83
C ASP C 256 -5.38 11.10 -11.73
N LEU C 257 -5.81 11.69 -10.63
CA LEU C 257 -5.85 11.02 -9.34
C LEU C 257 -7.27 10.91 -8.80
N ILE C 258 -7.36 10.56 -7.52
CA ILE C 258 -8.63 10.34 -6.82
C ILE C 258 -8.98 11.51 -5.91
N SER C 259 -8.30 12.64 -6.06
CA SER C 259 -8.38 13.71 -5.06
C SER C 259 -9.82 14.19 -4.83
N MET C 260 -10.64 14.23 -5.89
CA MET C 260 -12.02 14.72 -5.78
C MET C 260 -12.78 14.06 -4.64
N MET C 261 -12.37 12.85 -4.23
CA MET C 261 -13.00 12.15 -3.11
C MET C 261 -13.24 13.06 -1.91
N VAL C 262 -12.37 14.04 -1.69
CA VAL C 262 -12.57 14.97 -0.58
C VAL C 262 -13.38 16.19 -1.00
N ASP C 263 -13.07 16.76 -2.18
CA ASP C 263 -13.72 17.99 -2.63
C ASP C 263 -15.23 17.88 -2.53
N ALA C 264 -15.80 16.84 -3.14
CA ALA C 264 -17.25 16.64 -3.13
C ALA C 264 -17.81 16.68 -1.71
N TYR C 265 -17.17 15.95 -0.79
CA TYR C 265 -17.63 15.93 0.60
C TYR C 265 -17.74 17.35 1.15
N TYR C 266 -16.76 18.19 0.88
CA TYR C 266 -16.70 19.53 1.44
C TYR C 266 -17.59 20.52 0.70
N ALA C 267 -18.22 20.11 -0.40
CA ALA C 267 -19.07 21.00 -1.18
C ALA C 267 -20.51 21.04 -0.64
N ARG C 268 -20.70 20.89 0.66
CA ARG C 268 -22.04 20.75 1.22
C ARG C 268 -22.12 21.34 2.61
N ASP C 269 -23.18 22.12 2.84
CA ASP C 269 -23.66 22.74 4.08
C ASP C 269 -24.02 24.19 3.80
N VAL C 270 -25.19 24.62 4.26
CA VAL C 270 -25.61 26.00 4.05
C VAL C 270 -26.08 26.76 5.31
N ALA C 271 -27.14 26.33 6.01
CA ALA C 271 -27.93 25.14 5.73
C ALA C 271 -29.41 25.50 6.00
N MET C 272 -30.41 24.88 5.37
CA MET C 272 -30.39 23.66 4.55
C MET C 272 -30.06 22.38 5.31
N LEU C 273 -30.13 22.46 6.63
CA LEU C 273 -29.80 21.32 7.47
C LEU C 273 -30.80 20.20 7.23
N GLY C 274 -30.29 19.05 6.81
CA GLY C 274 -31.16 17.93 6.50
C GLY C 274 -30.46 16.72 5.90
N ASP C 275 -30.66 15.56 6.53
CA ASP C 275 -31.39 15.48 7.79
C ASP C 275 -30.74 14.54 8.80
N GLY C 276 -30.40 13.33 8.36
CA GLY C 276 -29.89 12.35 9.29
C GLY C 276 -28.81 11.42 8.78
N LYS C 277 -28.78 11.15 7.47
CA LYS C 277 -27.88 10.14 6.94
C LYS C 277 -27.30 10.58 5.60
N GLU C 278 -26.14 10.00 5.29
CA GLU C 278 -25.43 10.25 4.04
C GLU C 278 -24.67 8.97 3.71
N VAL C 279 -24.33 8.82 2.44
CA VAL C 279 -23.72 7.58 1.96
C VAL C 279 -23.08 7.84 0.60
N ILE C 280 -21.95 7.16 0.34
CA ILE C 280 -21.18 7.28 -0.89
C ILE C 280 -21.40 6.03 -1.74
N TYR C 281 -21.50 6.22 -3.06
CA TYR C 281 -21.77 5.14 -3.99
C TYR C 281 -20.60 4.92 -4.93
N ALA C 282 -20.35 3.65 -5.24
CA ALA C 282 -19.31 3.23 -6.17
C ALA C 282 -19.91 2.19 -7.11
N ASN C 283 -19.14 1.87 -8.15
CA ASN C 283 -19.56 0.94 -9.20
C ASN C 283 -18.71 -0.32 -9.21
N LYS C 284 -18.36 -0.82 -8.02
CA LYS C 284 -17.32 -1.85 -7.87
C LYS C 284 -16.04 -1.28 -8.47
N THR C 285 -15.40 -1.94 -9.44
CA THR C 285 -14.11 -1.56 -10.06
C THR C 285 -13.39 -0.38 -9.42
N ILE C 286 -14.00 0.80 -9.42
CA ILE C 286 -13.45 1.96 -8.72
C ILE C 286 -13.35 1.71 -7.22
N HIS C 287 -14.23 0.88 -6.67
CA HIS C 287 -14.18 0.51 -5.26
C HIS C 287 -12.82 -0.09 -4.90
N ALA C 288 -12.57 -1.29 -5.43
CA ALA C 288 -11.31 -1.98 -5.18
C ALA C 288 -10.12 -1.11 -5.56
N TRP C 289 -10.20 -0.46 -6.72
CA TRP C 289 -9.12 0.41 -7.17
C TRP C 289 -8.80 1.49 -6.14
N LEU C 290 -9.85 2.11 -5.59
CA LEU C 290 -9.69 3.11 -4.55
C LEU C 290 -9.00 2.52 -3.32
N HIS C 291 -9.41 1.32 -2.90
CA HIS C 291 -8.73 0.64 -1.81
C HIS C 291 -7.23 0.48 -2.09
N LYS C 292 -6.91 -0.18 -3.21
CA LYS C 292 -5.52 -0.50 -3.55
C LYS C 292 -4.66 0.75 -3.67
N GLN C 293 -5.19 1.82 -4.28
CA GLN C 293 -4.42 3.05 -4.40
C GLN C 293 -4.30 3.79 -3.07
N ALA C 294 -5.35 3.77 -2.24
CA ALA C 294 -5.32 4.46 -0.96
C ALA C 294 -4.38 3.82 0.04
N MET C 295 -4.07 2.52 -0.10
CA MET C 295 -3.12 1.89 0.81
C MET C 295 -1.75 2.55 0.78
N ASN C 296 -1.31 3.04 -0.39
CA ASN C 296 0.07 3.43 -0.62
C ASN C 296 0.32 4.94 -0.46
N ALA C 297 -0.48 5.61 0.35
CA ALA C 297 -0.29 7.05 0.52
C ALA C 297 0.96 7.32 1.34
N LYS C 298 1.91 8.06 0.77
CA LYS C 298 3.17 8.39 1.44
C LYS C 298 2.95 9.10 2.77
N ASN C 299 1.71 9.46 3.07
CA ASN C 299 1.36 10.23 4.25
C ASN C 299 0.52 9.36 5.19
N VAL C 300 -0.64 9.85 5.66
CA VAL C 300 -1.38 9.25 6.77
C VAL C 300 -1.69 7.76 6.57
N ASN C 301 -1.06 6.90 7.39
CA ASN C 301 -1.26 5.46 7.36
C ASN C 301 -0.35 4.76 8.37
N LEU C 302 0.70 4.10 7.86
CA LEU C 302 1.70 3.38 8.64
C LEU C 302 1.19 2.11 9.31
N THR C 303 -0.14 1.96 9.39
CA THR C 303 -0.82 0.79 9.94
C THR C 303 -0.15 0.16 11.16
N ILE C 304 -0.38 -1.14 11.33
CA ILE C 304 0.31 -1.99 12.28
C ILE C 304 0.59 -3.29 11.53
N GLU C 305 0.53 -4.43 12.21
CA GLU C 305 0.56 -5.71 11.52
C GLU C 305 -0.84 -6.32 11.43
N GLU C 306 -1.41 -6.37 10.22
CA GLU C 306 -0.76 -5.86 9.02
C GLU C 306 -1.78 -5.31 8.03
N TYR C 307 -1.34 -5.03 6.80
CA TYR C 307 -2.22 -4.62 5.70
C TYR C 307 -3.32 -5.69 5.44
N GLY C 308 -4.33 -5.44 4.60
CA GLY C 308 -4.39 -4.35 3.64
C GLY C 308 -5.44 -3.27 3.82
N GLY C 309 -5.93 -3.07 5.04
CA GLY C 309 -6.76 -1.92 5.34
C GLY C 309 -8.23 -2.17 5.57
N LYS C 310 -8.66 -3.43 5.72
CA LYS C 310 -10.02 -3.79 6.15
C LYS C 310 -11.12 -3.00 5.43
N LYS C 311 -11.17 -3.18 4.12
CA LYS C 311 -12.21 -2.56 3.28
C LYS C 311 -12.08 -1.03 3.38
N ILE C 312 -13.19 -0.31 3.20
CA ILE C 312 -13.17 1.15 3.16
C ILE C 312 -14.24 1.80 4.04
N VAL C 313 -15.29 1.08 4.43
CA VAL C 313 -16.56 1.55 5.02
C VAL C 313 -16.55 2.85 5.82
N SER C 314 -15.45 3.58 5.83
CA SER C 314 -15.36 4.82 6.58
C SER C 314 -15.15 5.99 5.63
N PHE C 315 -14.56 7.06 6.14
CA PHE C 315 -14.26 8.26 5.35
C PHE C 315 -15.51 9.06 4.93
N LEU C 316 -15.87 10.08 5.72
CA LEU C 316 -15.27 10.33 7.04
C LEU C 316 -16.32 10.80 8.07
N GLY C 317 -17.02 9.85 8.69
CA GLY C 317 -16.94 8.45 8.32
C GLY C 317 -17.91 8.16 7.19
N ILE C 318 -19.12 8.68 7.32
CA ILE C 318 -20.22 8.54 6.35
C ILE C 318 -20.14 7.23 5.58
N PRO C 319 -20.75 6.16 6.07
CA PRO C 319 -20.51 4.83 5.49
C PRO C 319 -20.85 4.79 4.01
N ILE C 320 -20.03 4.06 3.27
CA ILE C 320 -20.16 3.92 1.82
C ILE C 320 -20.65 2.50 1.54
N ARG C 321 -21.54 2.38 0.57
CA ARG C 321 -22.00 1.10 0.05
C ARG C 321 -21.73 1.05 -1.44
N ARG C 322 -22.00 -0.10 -2.05
CA ARG C 322 -21.72 -0.32 -3.45
C ARG C 322 -23.01 -0.53 -4.24
N VAL C 323 -23.06 0.05 -5.43
CA VAL C 323 -24.17 -0.10 -6.36
C VAL C 323 -23.59 -0.57 -7.70
N ASP C 324 -24.41 -0.61 -8.74
CA ASP C 324 -23.95 -0.93 -10.09
C ASP C 324 -24.18 0.29 -10.98
N ALA C 325 -23.13 1.06 -11.23
CA ALA C 325 -23.13 2.00 -12.33
C ALA C 325 -22.58 1.29 -13.57
N ILE C 326 -21.96 2.03 -14.47
CA ILE C 326 -21.40 1.48 -15.70
C ILE C 326 -20.06 2.16 -15.99
N LEU C 327 -19.31 1.56 -16.90
CA LEU C 327 -17.94 1.97 -17.21
C LEU C 327 -17.83 2.91 -18.41
N ASN C 328 -18.96 3.34 -18.99
CA ASN C 328 -18.92 4.17 -20.19
C ASN C 328 -20.11 5.11 -20.20
N THR C 329 -19.85 6.41 -20.28
CA THR C 329 -20.93 7.39 -20.36
C THR C 329 -20.61 8.52 -21.34
N GLU C 330 -20.06 9.61 -20.84
CA GLU C 330 -19.82 10.83 -21.60
C GLU C 330 -19.05 11.78 -20.69
N SER C 331 -18.48 12.83 -21.29
CA SER C 331 -17.78 13.87 -20.54
C SER C 331 -18.74 14.70 -19.71
N ALA C 332 -18.74 16.02 -19.94
CA ALA C 332 -19.56 17.00 -19.23
C ALA C 332 -19.11 17.18 -17.77
N VAL C 333 -18.10 18.01 -17.55
CA VAL C 333 -17.62 18.32 -16.20
C VAL C 333 -16.94 19.69 -16.14
N THR C 334 -16.44 20.03 -14.95
CA THR C 334 -15.95 21.35 -14.53
C THR C 334 -16.24 22.47 -15.53
N ALA C 335 -15.59 22.42 -16.68
CA ALA C 335 -15.80 23.41 -17.74
C ALA C 335 -15.47 22.79 -19.09
N MET D 1 -48.20 7.28 -18.88
CA MET D 1 -49.54 7.84 -18.99
C MET D 1 -49.72 8.63 -20.29
N LYS D 2 -50.65 8.20 -21.15
CA LYS D 2 -51.55 7.08 -20.89
C LYS D 2 -52.08 6.54 -22.22
N THR D 3 -52.56 5.31 -22.24
CA THR D 3 -53.39 4.82 -23.34
C THR D 3 -54.80 5.37 -23.16
N VAL D 4 -55.49 5.58 -24.28
CA VAL D 4 -56.70 6.41 -24.34
C VAL D 4 -56.53 7.64 -23.45
N ASN D 5 -55.85 8.66 -23.96
CA ASN D 5 -55.73 8.87 -25.40
C ASN D 5 -54.46 8.39 -26.16
N MET D 6 -54.15 9.13 -27.23
CA MET D 6 -53.30 8.71 -28.33
C MET D 6 -51.81 8.65 -27.94
N LYS D 7 -51.04 7.94 -28.76
CA LYS D 7 -49.61 7.75 -28.61
C LYS D 7 -48.92 8.16 -29.91
N THR D 8 -47.59 8.27 -29.84
CA THR D 8 -46.74 8.38 -31.03
C THR D 8 -46.47 6.95 -31.52
N GLY D 9 -46.30 6.73 -32.82
CA GLY D 9 -46.15 7.79 -33.80
C GLY D 9 -47.37 8.26 -34.56
N THR D 10 -47.15 9.27 -35.40
CA THR D 10 -48.20 9.82 -36.25
C THR D 10 -47.92 9.76 -37.77
N ASP D 11 -46.78 10.25 -38.27
CA ASP D 11 -45.68 10.83 -37.50
C ASP D 11 -45.28 12.17 -38.08
N SER D 12 -44.14 12.17 -38.77
CA SER D 12 -43.66 13.35 -39.49
C SER D 12 -42.73 12.86 -40.59
N PHE D 13 -43.17 13.03 -41.82
CA PHE D 13 -42.38 12.72 -43.01
C PHE D 13 -41.86 14.04 -43.58
N VAL D 14 -41.22 13.97 -44.75
CA VAL D 14 -40.74 15.19 -45.40
C VAL D 14 -41.89 16.16 -45.66
N GLY D 15 -43.11 15.66 -45.76
CA GLY D 15 -44.30 16.49 -45.82
C GLY D 15 -45.48 15.73 -45.28
N GLU D 16 -46.27 16.35 -44.42
CA GLU D 16 -47.34 15.64 -43.73
C GLU D 16 -48.56 16.53 -43.56
N ASP D 17 -49.70 15.88 -43.31
CA ASP D 17 -50.94 16.57 -43.00
C ASP D 17 -50.97 16.92 -41.52
N GLY D 18 -51.68 16.13 -40.72
CA GLY D 18 -51.72 16.35 -39.29
C GLY D 18 -53.06 16.08 -38.65
N LYS D 19 -54.12 16.11 -39.46
CA LYS D 19 -55.45 15.80 -38.94
C LYS D 19 -55.51 14.48 -38.16
N PRO D 20 -54.89 13.38 -38.59
CA PRO D 20 -54.78 12.17 -37.75
C PRO D 20 -54.17 12.46 -36.37
N GLU D 21 -54.44 11.61 -35.38
CA GLU D 21 -55.28 10.43 -35.52
C GLU D 21 -56.03 10.13 -34.23
N THR D 22 -56.50 8.88 -34.12
CA THR D 22 -57.04 8.32 -32.88
C THR D 22 -58.31 8.99 -32.40
N LYS D 23 -59.45 8.41 -32.75
CA LYS D 23 -60.68 8.55 -31.98
C LYS D 23 -60.91 7.10 -31.55
N ASP D 24 -61.25 6.83 -30.28
CA ASP D 24 -61.91 7.76 -29.36
C ASP D 24 -61.12 8.90 -28.73
N GLN D 25 -61.73 10.08 -28.81
CA GLN D 25 -61.49 11.16 -27.88
C GLN D 25 -62.78 11.66 -27.26
N TYR D 26 -63.95 11.24 -27.78
CA TYR D 26 -65.30 11.27 -27.22
C TYR D 26 -66.08 12.56 -27.49
N PRO D 27 -67.39 12.45 -27.79
CA PRO D 27 -68.18 13.65 -28.07
C PRO D 27 -69.29 13.95 -27.07
N TRP D 28 -68.95 14.16 -25.80
CA TRP D 28 -69.75 15.03 -24.92
C TRP D 28 -68.92 15.47 -23.73
N GLY D 29 -68.95 16.77 -23.44
CA GLY D 29 -68.38 17.25 -22.20
C GLY D 29 -68.05 18.73 -22.25
N LEU D 30 -67.76 19.26 -21.07
CA LEU D 30 -67.14 20.57 -20.84
C LEU D 30 -66.02 20.38 -19.81
N ARG D 31 -65.29 21.47 -19.51
CA ARG D 31 -64.14 21.31 -18.63
C ARG D 31 -63.64 22.66 -18.14
N ILE D 32 -63.23 22.71 -16.87
CA ILE D 32 -62.54 23.87 -16.30
C ILE D 32 -61.70 23.46 -15.10
N THR D 33 -60.49 22.93 -15.34
CA THR D 33 -59.47 22.80 -14.29
C THR D 33 -58.09 22.40 -14.81
N LEU D 34 -57.87 21.11 -15.07
CA LEU D 34 -56.49 20.61 -15.07
C LEU D 34 -55.95 20.06 -16.39
N ASP D 35 -54.86 19.31 -16.29
CA ASP D 35 -53.70 19.37 -17.18
C ASP D 35 -53.76 18.49 -18.44
N ASN D 36 -52.70 18.61 -19.23
CA ASN D 36 -52.45 17.93 -20.49
C ASN D 36 -50.94 18.02 -20.74
N GLU D 37 -50.48 17.57 -21.91
CA GLU D 37 -49.05 17.53 -22.18
C GLU D 37 -48.82 17.19 -23.66
N SER D 38 -47.59 17.43 -24.12
CA SER D 38 -47.14 17.06 -25.47
C SER D 38 -45.66 17.33 -25.70
N LEU D 39 -44.88 16.29 -26.02
CA LEU D 39 -43.47 16.46 -26.39
C LEU D 39 -43.01 15.27 -27.22
N GLN D 40 -41.78 15.39 -27.74
CA GLN D 40 -41.03 14.25 -28.29
C GLN D 40 -39.60 14.67 -28.61
N ARG D 41 -38.91 13.85 -29.40
CA ARG D 41 -37.45 13.84 -29.45
C ARG D 41 -36.83 14.86 -30.42
N LEU D 42 -36.44 14.42 -31.61
CA LEU D 42 -35.44 15.11 -32.43
C LEU D 42 -36.09 15.85 -33.59
N GLY D 43 -36.31 17.15 -33.41
CA GLY D 43 -36.78 17.99 -34.50
C GLY D 43 -35.73 18.15 -35.60
N LEU D 44 -36.05 18.98 -36.59
CA LEU D 44 -35.06 19.31 -37.61
C LEU D 44 -34.98 20.81 -37.87
N ASN D 45 -35.96 21.39 -38.57
CA ASN D 45 -35.90 22.82 -38.89
C ASN D 45 -37.28 23.47 -38.87
N ALA D 46 -37.42 24.50 -38.04
CA ALA D 46 -38.37 25.58 -38.23
C ALA D 46 -39.84 25.21 -38.09
N LYS D 47 -40.61 25.49 -39.14
CA LYS D 47 -42.06 25.63 -39.06
C LYS D 47 -42.73 24.38 -38.51
N SER D 48 -43.58 24.58 -37.51
CA SER D 48 -44.44 23.55 -36.95
C SER D 48 -45.54 24.22 -36.15
N LEU D 49 -46.64 23.51 -35.99
CA LEU D 49 -47.77 24.03 -35.22
C LEU D 49 -48.75 22.92 -34.89
N PRO D 50 -49.16 22.78 -33.63
CA PRO D 50 -50.28 21.90 -33.31
C PRO D 50 -51.58 22.68 -33.33
N ALA D 51 -52.68 22.03 -32.97
CA ALA D 51 -53.99 22.66 -32.93
C ALA D 51 -54.97 21.71 -32.26
N VAL D 52 -56.24 22.10 -32.24
CA VAL D 52 -57.32 21.27 -31.72
C VAL D 52 -58.52 21.41 -32.63
N GLY D 53 -59.67 20.98 -32.15
CA GLY D 53 -60.91 21.05 -32.90
C GLY D 53 -61.98 20.36 -32.09
N ASP D 54 -63.20 20.36 -32.64
CA ASP D 54 -64.31 19.68 -31.98
C ASP D 54 -65.55 19.72 -32.85
N SER D 55 -66.36 18.66 -32.73
CA SER D 55 -67.63 18.49 -33.41
C SER D 55 -68.20 17.15 -32.97
N VAL D 56 -68.79 16.41 -33.91
CA VAL D 56 -69.08 15.00 -33.69
C VAL D 56 -68.65 14.25 -34.93
N SER D 57 -67.52 13.54 -34.83
CA SER D 57 -66.97 12.65 -35.86
C SER D 57 -66.10 13.36 -36.89
N VAL D 58 -66.52 14.51 -37.41
CA VAL D 58 -65.82 15.12 -38.55
C VAL D 58 -65.51 16.60 -38.36
N MET D 59 -66.42 17.47 -38.78
CA MET D 59 -66.10 18.84 -39.18
C MET D 59 -66.79 19.91 -38.34
N ALA D 60 -66.22 21.13 -38.24
CA ALA D 60 -64.94 21.54 -38.82
C ALA D 60 -64.40 22.73 -38.04
N MET D 61 -64.92 22.93 -36.83
CA MET D 61 -64.92 24.24 -36.19
C MET D 61 -63.92 24.35 -35.04
N ALA D 62 -63.68 25.59 -34.64
CA ALA D 62 -62.96 25.96 -33.42
C ALA D 62 -61.47 25.62 -33.43
N ASN D 63 -60.72 26.19 -32.50
CA ASN D 63 -59.28 26.05 -32.41
C ASN D 63 -58.81 26.53 -31.05
N VAL D 64 -57.53 26.32 -30.77
CA VAL D 64 -56.82 26.92 -29.64
C VAL D 64 -55.40 27.21 -30.11
N CYS D 65 -54.74 26.19 -30.66
CA CYS D 65 -53.49 26.30 -31.41
C CYS D 65 -52.25 26.53 -30.55
N SER D 66 -51.09 26.60 -31.21
CA SER D 66 -49.78 26.85 -30.64
C SER D 66 -48.79 26.86 -31.82
N VAL D 67 -47.56 27.25 -31.53
CA VAL D 67 -46.51 27.31 -32.56
C VAL D 67 -45.15 27.16 -31.89
N SER D 68 -44.26 26.45 -32.58
CA SER D 68 -42.91 26.23 -32.08
C SER D 68 -41.93 26.25 -33.25
N THR D 69 -40.66 26.42 -32.91
CA THR D 69 -39.55 26.27 -33.84
C THR D 69 -38.75 25.03 -33.46
N ARG D 70 -37.66 24.78 -34.20
CA ARG D 70 -36.93 23.53 -34.04
C ARG D 70 -36.18 23.50 -32.72
N THR D 71 -36.29 22.38 -32.02
CA THR D 71 -35.53 22.02 -30.83
C THR D 71 -35.84 20.57 -30.54
N THR D 72 -35.10 19.98 -29.61
CA THR D 72 -35.31 18.59 -29.19
C THR D 72 -35.91 18.59 -27.78
N ASP D 73 -37.21 18.29 -27.70
CA ASP D 73 -38.05 18.28 -26.49
C ASP D 73 -38.67 19.64 -26.23
N HIS D 74 -39.97 19.65 -25.93
CA HIS D 74 -40.69 20.92 -25.78
C HIS D 74 -41.97 20.67 -24.97
N GLY D 75 -42.99 21.47 -25.21
CA GLY D 75 -44.26 21.34 -24.54
C GLY D 75 -44.92 22.69 -24.37
N GLU D 76 -46.26 22.69 -24.30
CA GLU D 76 -47.02 23.88 -23.97
C GLU D 76 -47.80 23.58 -22.70
N ASP D 77 -49.10 23.27 -22.79
CA ASP D 77 -49.88 22.93 -21.60
C ASP D 77 -51.26 22.36 -21.92
N ASN D 78 -52.26 22.82 -21.17
CA ASN D 78 -53.59 22.23 -21.13
C ASN D 78 -54.55 22.98 -22.05
N TYR D 79 -55.74 22.41 -22.20
CA TYR D 79 -56.80 22.88 -23.07
C TYR D 79 -57.76 23.82 -22.33
N VAL D 80 -58.71 24.36 -23.07
CA VAL D 80 -59.78 25.17 -22.52
C VAL D 80 -61.12 24.50 -22.81
N GLU D 81 -62.21 25.21 -22.60
CA GLU D 81 -63.52 24.71 -22.95
C GLU D 81 -63.57 24.33 -24.43
N LEU D 82 -64.55 23.49 -24.77
CA LEU D 82 -64.55 22.83 -26.06
C LEU D 82 -65.98 22.47 -26.43
N GLN D 83 -66.23 22.34 -27.74
CA GLN D 83 -67.49 21.76 -28.19
C GLN D 83 -67.55 20.36 -27.62
N ILE D 84 -66.99 19.38 -28.35
CA ILE D 84 -66.51 18.11 -27.81
C ILE D 84 -66.15 17.07 -28.87
N THR D 85 -64.84 16.89 -29.11
CA THR D 85 -64.33 15.78 -29.90
C THR D 85 -62.81 15.78 -29.85
N ASP D 86 -62.22 16.98 -29.93
CA ASP D 86 -60.77 17.16 -30.03
C ASP D 86 -60.10 16.19 -30.98
N ILE D 87 -60.23 16.44 -32.29
CA ILE D 87 -59.40 15.75 -33.26
C ILE D 87 -57.93 16.05 -33.00
N GLY D 88 -57.65 17.17 -32.35
CA GLY D 88 -56.31 17.55 -31.94
C GLY D 88 -55.49 16.42 -31.36
N LEU D 89 -54.19 16.44 -31.62
CA LEU D 89 -53.53 17.54 -32.33
C LEU D 89 -53.71 17.49 -33.85
N ALA D 90 -53.36 18.61 -34.49
CA ALA D 90 -53.44 18.73 -35.95
C ALA D 90 -52.16 19.42 -36.42
N PRO D 91 -51.04 18.69 -36.44
CA PRO D 91 -49.75 19.31 -36.79
C PRO D 91 -49.64 19.78 -38.23
N GLN D 92 -48.46 20.29 -38.58
CA GLN D 92 -48.13 20.91 -39.87
C GLN D 92 -46.72 21.45 -39.58
N LYS D 93 -45.90 21.74 -40.59
CA LYS D 93 -46.23 21.72 -42.01
C LYS D 93 -45.11 21.15 -42.88
N ARG D 94 -44.00 21.87 -42.95
CA ARG D 94 -42.92 21.58 -43.90
C ARG D 94 -41.79 20.80 -43.23
N ASP D 95 -40.54 21.23 -43.45
CA ASP D 95 -39.34 20.54 -43.00
C ASP D 95 -39.18 19.20 -43.72
N ASP D 96 -38.31 18.34 -43.19
CA ASP D 96 -38.24 16.95 -43.63
C ASP D 96 -38.48 16.05 -42.42
N ALA D 97 -37.41 15.61 -41.76
CA ALA D 97 -37.46 15.13 -40.38
C ALA D 97 -38.44 13.99 -40.14
N LYS D 98 -37.96 12.76 -40.25
CA LYS D 98 -38.67 11.61 -39.71
C LYS D 98 -38.19 11.44 -38.27
N GLU D 99 -39.07 11.76 -37.31
CA GLU D 99 -38.61 12.06 -35.96
C GLU D 99 -39.53 11.56 -34.86
N LEU D 100 -40.47 10.66 -35.17
CA LEU D 100 -41.58 10.36 -34.26
C LEU D 100 -42.38 11.62 -34.00
N LYS D 101 -43.32 11.59 -33.06
CA LYS D 101 -44.26 12.70 -32.99
C LYS D 101 -44.51 13.26 -31.60
N ASP D 102 -45.43 12.64 -30.85
CA ASP D 102 -45.91 13.21 -29.60
C ASP D 102 -46.99 12.35 -28.95
N ALA D 103 -47.57 12.87 -27.86
CA ALA D 103 -48.65 12.24 -27.13
C ALA D 103 -49.27 13.31 -26.22
N PHE D 104 -50.06 12.87 -25.24
CA PHE D 104 -50.63 13.79 -24.25
C PHE D 104 -50.88 13.06 -22.94
N TYR D 105 -51.32 13.83 -21.93
CA TYR D 105 -51.87 13.43 -20.64
C TYR D 105 -50.87 13.53 -19.48
N PRO D 106 -51.24 13.22 -18.23
CA PRO D 106 -50.80 14.04 -17.10
C PRO D 106 -49.29 14.17 -16.97
N ASP D 107 -48.89 15.26 -16.31
CA ASP D 107 -47.49 15.64 -16.16
C ASP D 107 -47.28 16.25 -14.78
N GLY D 108 -46.03 16.31 -14.30
CA GLY D 108 -44.86 15.78 -14.98
C GLY D 108 -44.01 16.81 -15.69
N GLU D 109 -43.33 17.67 -14.91
CA GLU D 109 -42.48 18.71 -15.45
C GLU D 109 -41.01 18.40 -15.14
N ASP D 110 -40.12 19.31 -15.54
CA ASP D 110 -38.69 19.11 -15.34
C ASP D 110 -38.30 19.41 -13.90
N ASP D 111 -37.77 18.40 -13.20
CA ASP D 111 -37.29 18.48 -11.81
C ASP D 111 -37.82 19.62 -10.95
N MET E 1 20.08 -61.52 -16.00
CA MET E 1 19.18 -60.46 -16.42
C MET E 1 18.29 -60.89 -17.57
N ALA E 2 17.51 -61.94 -17.37
CA ALA E 2 16.66 -62.43 -18.46
C ALA E 2 15.30 -61.74 -18.50
N LEU E 3 14.61 -61.62 -17.36
CA LEU E 3 13.31 -60.95 -17.31
C LEU E 3 12.85 -60.84 -15.87
N ILE E 4 11.72 -60.14 -15.68
CA ILE E 4 10.84 -60.07 -14.50
C ILE E 4 10.92 -58.73 -13.77
N GLY E 5 9.77 -58.08 -13.61
CA GLY E 5 9.64 -56.85 -12.84
C GLY E 5 8.77 -57.07 -11.62
N GLN E 6 9.39 -57.25 -10.47
CA GLN E 6 8.75 -57.88 -9.32
C GLN E 6 8.18 -56.84 -8.35
N THR E 7 7.16 -57.28 -7.60
CA THR E 7 6.59 -56.52 -6.50
C THR E 7 6.33 -57.45 -5.30
N LEU E 8 5.31 -57.12 -4.51
CA LEU E 8 4.86 -57.89 -3.34
C LEU E 8 5.83 -57.75 -2.17
N PRO E 9 5.40 -58.03 -0.94
CA PRO E 9 6.33 -57.95 0.20
C PRO E 9 7.33 -59.09 0.17
N SER E 10 8.61 -58.75 0.29
CA SER E 10 9.66 -59.74 0.34
C SER E 10 10.40 -59.64 1.67
N LEU E 11 10.96 -60.78 2.09
CA LEU E 11 11.76 -60.85 3.33
C LEU E 11 12.79 -59.72 3.41
N LEU E 12 13.30 -59.28 2.27
CA LEU E 12 14.23 -58.15 2.22
C LEU E 12 13.67 -56.95 2.99
N ASP E 13 12.48 -56.48 2.62
CA ASP E 13 11.87 -55.34 3.29
C ASP E 13 11.72 -55.58 4.79
N ILE E 14 10.95 -56.62 5.17
CA ILE E 14 10.70 -56.91 6.59
C ILE E 14 11.99 -57.01 7.39
N TYR E 15 13.09 -57.40 6.74
CA TYR E 15 14.38 -57.38 7.42
C TYR E 15 14.99 -55.98 7.47
N ASN E 16 14.59 -55.08 6.57
CA ASN E 16 15.09 -53.71 6.65
C ASN E 16 14.42 -52.92 7.78
N ARG E 17 13.09 -53.04 7.93
CA ARG E 17 12.38 -52.28 8.94
C ARG E 17 12.43 -52.91 10.33
N THR E 18 13.09 -54.05 10.50
CA THR E 18 13.17 -54.67 11.81
C THR E 18 14.27 -54.03 12.63
N ASP E 19 14.46 -54.51 13.85
CA ASP E 19 15.50 -54.04 14.75
C ASP E 19 16.33 -55.23 15.21
N LYS E 20 17.53 -54.91 15.71
CA LYS E 20 18.31 -55.83 16.52
C LYS E 20 18.09 -55.48 17.98
N ASN E 21 18.55 -56.37 18.86
CA ASN E 21 18.25 -56.27 20.29
C ASN E 21 16.74 -56.14 20.49
N GLY E 22 16.06 -57.23 20.20
CA GLY E 22 14.64 -57.16 19.92
C GLY E 22 14.52 -56.64 18.50
N ARG E 23 13.68 -55.64 18.30
CA ARG E 23 12.83 -55.11 19.36
C ARG E 23 11.40 -55.49 19.03
N ILE E 24 10.46 -55.02 19.85
CA ILE E 24 9.05 -55.29 19.58
C ILE E 24 8.64 -54.53 18.32
N ALA E 25 8.28 -53.26 18.47
CA ALA E 25 7.83 -52.45 17.34
C ALA E 25 9.02 -52.00 16.52
N ARG E 26 8.76 -51.17 15.51
CA ARG E 26 9.80 -50.59 14.69
C ARG E 26 10.19 -49.26 15.29
N ILE E 27 11.50 -49.07 15.52
CA ILE E 27 12.04 -47.94 16.29
C ILE E 27 11.31 -46.65 15.96
N VAL E 28 10.31 -46.32 16.78
CA VAL E 28 9.29 -45.30 16.49
C VAL E 28 9.77 -44.04 15.78
N GLU E 29 9.56 -44.01 14.47
CA GLU E 29 9.00 -45.13 13.72
C GLU E 29 9.80 -45.26 12.44
N GLN E 30 9.28 -44.61 11.40
CA GLN E 30 10.04 -44.30 10.20
C GLN E 30 9.63 -42.91 9.77
N LEU E 31 10.61 -42.11 9.39
CA LEU E 31 10.39 -40.68 9.24
C LEU E 31 10.37 -40.26 7.79
N ALA E 32 9.86 -39.04 7.58
CA ALA E 32 10.40 -38.13 6.58
C ALA E 32 9.94 -38.29 5.14
N LYS E 33 10.91 -38.14 4.23
CA LYS E 33 10.77 -37.58 2.88
C LYS E 33 9.46 -37.81 2.13
N THR E 34 8.49 -36.92 2.36
CA THR E 34 7.36 -36.68 1.48
C THR E 34 6.61 -35.47 2.00
N ASN E 35 6.12 -34.65 1.07
CA ASN E 35 5.37 -33.46 1.43
C ASN E 35 4.04 -33.82 2.07
N ASP E 36 3.49 -32.86 2.81
CA ASP E 36 2.20 -33.01 3.45
C ASP E 36 1.31 -31.83 3.06
N ILE E 37 0.01 -32.10 3.03
CA ILE E 37 -0.93 -31.23 2.33
C ILE E 37 -2.15 -31.01 3.20
N LEU E 38 -2.95 -30.01 2.81
CA LEU E 38 -4.22 -29.77 3.45
C LEU E 38 -5.35 -30.17 2.50
N THR E 39 -6.54 -29.64 2.73
CA THR E 39 -7.77 -30.16 2.11
C THR E 39 -7.90 -31.64 2.48
N ASP E 40 -8.52 -31.99 3.62
CA ASP E 40 -9.22 -31.10 4.58
C ASP E 40 -10.33 -30.26 3.98
N ALA E 41 -11.38 -30.94 3.53
CA ALA E 41 -12.49 -30.31 2.83
C ALA E 41 -13.78 -30.90 3.37
N ILE E 42 -14.85 -30.72 2.62
CA ILE E 42 -16.14 -31.33 2.92
C ILE E 42 -16.52 -32.24 1.75
N TYR E 43 -17.19 -33.33 2.08
CA TYR E 43 -17.73 -34.25 1.09
C TYR E 43 -19.19 -33.91 0.80
N VAL E 44 -19.78 -34.66 -0.12
CA VAL E 44 -21.22 -34.60 -0.37
C VAL E 44 -21.67 -35.86 -1.10
N PRO E 45 -22.76 -36.46 -0.68
CA PRO E 45 -23.36 -37.55 -1.46
C PRO E 45 -24.34 -36.99 -2.48
N CYS E 46 -25.48 -37.67 -2.62
CA CYS E 46 -26.66 -37.09 -3.24
C CYS E 46 -26.55 -36.80 -4.73
N ASN E 47 -27.38 -37.46 -5.54
CA ASN E 47 -27.69 -36.99 -6.90
C ASN E 47 -26.55 -37.03 -7.91
N ASP E 48 -26.71 -37.80 -8.99
CA ASP E 48 -27.93 -38.55 -9.31
C ASP E 48 -27.70 -40.04 -9.06
N GLY E 49 -26.45 -40.40 -8.79
CA GLY E 49 -25.91 -41.69 -9.16
C GLY E 49 -24.79 -41.53 -10.16
N SER E 50 -24.66 -40.34 -10.73
CA SER E 50 -23.54 -39.88 -11.55
C SER E 50 -23.75 -38.37 -11.70
N LYS E 51 -22.84 -37.72 -12.41
CA LYS E 51 -22.92 -36.28 -12.67
C LYS E 51 -23.17 -35.54 -11.36
N HIS E 52 -23.92 -34.43 -11.43
CA HIS E 52 -24.42 -33.73 -10.25
C HIS E 52 -25.47 -32.71 -10.68
N LYS E 53 -25.75 -32.66 -11.98
CA LYS E 53 -26.78 -31.78 -12.54
C LYS E 53 -26.53 -30.31 -12.25
N THR E 54 -27.14 -29.80 -11.17
CA THR E 54 -27.19 -28.37 -10.84
C THR E 54 -27.66 -27.49 -11.99
N THR E 55 -27.68 -26.18 -11.79
CA THR E 55 -28.48 -25.34 -12.68
C THR E 55 -27.87 -23.99 -13.03
N ILE E 56 -27.63 -23.13 -12.04
CA ILE E 56 -27.51 -21.69 -12.24
C ILE E 56 -28.64 -21.13 -13.11
N ARG E 57 -28.54 -19.86 -13.51
CA ARG E 57 -29.61 -19.21 -14.24
C ARG E 57 -29.03 -18.44 -15.41
N ALA E 58 -29.79 -18.41 -16.52
CA ALA E 58 -29.37 -17.78 -17.76
C ALA E 58 -30.28 -16.58 -18.05
N GLY E 59 -29.76 -15.38 -17.80
CA GLY E 59 -30.47 -14.15 -18.10
C GLY E 59 -31.71 -13.93 -17.25
N ILE E 60 -32.11 -12.66 -17.11
CA ILE E 60 -33.30 -12.34 -16.33
C ILE E 60 -33.98 -11.07 -16.85
N PRO E 61 -34.25 -10.95 -18.17
CA PRO E 61 -34.97 -9.76 -18.61
C PRO E 61 -36.45 -10.09 -18.85
N GLU E 62 -37.35 -9.10 -18.96
CA GLU E 62 -37.14 -7.70 -18.63
C GLU E 62 -38.55 -7.16 -18.36
N PRO E 63 -38.67 -6.19 -17.45
CA PRO E 63 -39.95 -5.49 -17.28
C PRO E 63 -40.08 -4.28 -18.20
N VAL E 64 -41.32 -3.81 -18.31
CA VAL E 64 -41.64 -2.63 -19.10
C VAL E 64 -42.76 -1.86 -18.42
N TRP E 65 -42.73 -0.54 -18.59
CA TRP E 65 -43.65 0.33 -17.86
C TRP E 65 -45.07 0.23 -18.41
N ARG E 66 -46.03 0.33 -17.50
CA ARG E 66 -47.44 0.34 -17.85
C ARG E 66 -47.93 1.78 -17.97
N ARG E 67 -48.87 1.98 -18.91
CA ARG E 67 -49.45 3.29 -19.18
C ARG E 67 -50.93 3.30 -18.86
N TYR E 68 -51.30 2.65 -17.75
CA TYR E 68 -52.63 2.52 -17.18
C TYR E 68 -53.52 1.57 -17.98
N ASN E 69 -53.07 1.07 -19.13
CA ASN E 69 -53.81 0.07 -19.88
C ASN E 69 -52.86 -0.80 -20.69
N GLN E 70 -51.79 -0.17 -21.20
CA GLN E 70 -51.03 -0.66 -22.35
C GLN E 70 -50.45 -2.07 -22.17
N GLY E 71 -50.52 -2.64 -20.97
CA GLY E 71 -49.97 -3.97 -20.74
C GLY E 71 -50.27 -4.96 -21.85
N VAL E 72 -49.28 -5.74 -22.28
CA VAL E 72 -49.45 -6.61 -23.44
C VAL E 72 -48.83 -7.99 -23.24
N GLN E 73 -47.50 -8.04 -23.07
CA GLN E 73 -46.78 -9.31 -23.20
C GLN E 73 -46.26 -9.82 -21.86
N PRO E 74 -46.46 -11.10 -21.55
CA PRO E 74 -45.80 -11.70 -20.39
C PRO E 74 -44.37 -12.10 -20.72
N THR E 75 -43.60 -12.30 -19.66
CA THR E 75 -42.19 -12.69 -19.76
C THR E 75 -41.92 -13.84 -18.81
N LYS E 76 -40.76 -14.47 -19.02
CA LYS E 76 -40.40 -15.70 -18.32
C LYS E 76 -38.93 -15.66 -17.94
N THR E 77 -38.49 -16.74 -17.28
CA THR E 77 -37.12 -16.93 -16.85
C THR E 77 -36.68 -18.33 -17.25
N GLN E 78 -35.41 -18.47 -17.61
CA GLN E 78 -34.87 -19.73 -18.10
C GLN E 78 -33.60 -20.09 -17.33
N THR E 79 -33.11 -21.31 -17.60
CA THR E 79 -31.92 -21.84 -16.96
C THR E 79 -31.31 -22.90 -17.89
N VAL E 80 -30.32 -23.63 -17.37
CA VAL E 80 -29.56 -24.62 -18.13
C VAL E 80 -28.66 -25.41 -17.19
N PRO E 81 -28.68 -26.74 -17.24
CA PRO E 81 -27.77 -27.54 -16.38
C PRO E 81 -26.37 -27.61 -16.97
N VAL E 82 -25.45 -28.25 -16.23
CA VAL E 82 -24.04 -28.28 -16.61
C VAL E 82 -23.36 -29.59 -16.22
N THR E 83 -23.04 -29.75 -14.93
CA THR E 83 -22.47 -30.95 -14.30
C THR E 83 -21.19 -31.52 -14.92
N ASP E 84 -20.60 -32.49 -14.22
CA ASP E 84 -19.49 -33.31 -14.72
C ASP E 84 -19.39 -34.54 -13.81
N THR E 85 -18.41 -35.40 -14.09
CA THR E 85 -18.33 -36.71 -13.49
C THR E 85 -17.31 -36.76 -12.36
N THR E 86 -16.93 -37.98 -11.96
CA THR E 86 -16.04 -38.21 -10.84
C THR E 86 -15.03 -39.28 -11.26
N GLY E 87 -14.37 -39.88 -10.27
CA GLY E 87 -13.51 -41.02 -10.54
C GLY E 87 -12.98 -41.60 -9.26
N MET E 88 -12.46 -42.82 -9.38
CA MET E 88 -12.03 -43.61 -8.23
C MET E 88 -10.61 -44.11 -8.46
N LEU E 89 -9.95 -44.47 -7.37
CA LEU E 89 -8.64 -45.09 -7.43
C LEU E 89 -8.47 -46.07 -6.28
N TYR E 90 -7.80 -47.20 -6.57
CA TYR E 90 -7.35 -48.13 -5.55
C TYR E 90 -6.55 -49.29 -6.11
N ASP E 91 -5.40 -49.57 -5.49
CA ASP E 91 -4.59 -50.74 -5.81
C ASP E 91 -5.02 -51.89 -4.91
N LEU E 92 -4.10 -52.39 -4.08
CA LEU E 92 -4.40 -53.35 -3.01
C LEU E 92 -3.10 -53.66 -2.26
N GLY E 93 -3.26 -54.31 -1.12
CA GLY E 93 -2.13 -54.68 -0.27
C GLY E 93 -2.02 -56.17 -0.10
N PHE E 94 -0.80 -56.63 0.15
CA PHE E 94 -0.51 -58.03 0.37
C PHE E 94 0.55 -58.16 1.46
N VAL E 95 0.47 -59.24 2.22
CA VAL E 95 1.58 -59.72 3.04
C VAL E 95 1.65 -61.24 2.88
N ASP E 96 2.72 -61.82 3.41
CA ASP E 96 2.86 -63.26 3.51
C ASP E 96 2.51 -63.62 4.95
N LYS E 97 1.29 -64.13 5.16
CA LYS E 97 0.72 -64.39 6.49
C LYS E 97 1.73 -64.93 7.48
N ALA E 98 2.61 -65.82 7.01
CA ALA E 98 3.67 -66.35 7.86
C ALA E 98 4.67 -65.26 8.28
N LEU E 99 5.24 -64.55 7.30
CA LEU E 99 6.28 -63.57 7.62
C LEU E 99 5.76 -62.44 8.50
N ALA E 100 4.47 -62.13 8.43
CA ALA E 100 3.89 -61.13 9.33
C ALA E 100 4.07 -61.51 10.79
N ASP E 101 4.22 -62.80 11.10
CA ASP E 101 4.46 -63.29 12.45
C ASP E 101 5.93 -63.57 12.73
N ARG E 102 6.83 -63.17 11.83
CA ARG E 102 8.26 -63.42 12.00
C ARG E 102 9.10 -62.15 11.84
N SER E 103 9.45 -61.51 12.94
CA SER E 103 9.03 -61.92 14.28
C SER E 103 7.58 -61.53 14.54
N ASN E 104 7.11 -61.78 15.75
CA ASN E 104 5.69 -61.66 16.05
C ASN E 104 5.22 -60.22 15.93
N ASN E 105 3.93 -60.01 16.23
CA ASN E 105 3.32 -58.69 16.24
C ASN E 105 3.28 -58.10 14.84
N ALA E 106 2.28 -58.51 14.04
CA ALA E 106 2.06 -57.99 12.70
C ALA E 106 1.20 -56.75 12.67
N ALA E 107 0.39 -56.52 13.71
CA ALA E 107 -0.50 -55.36 13.73
C ALA E 107 0.26 -54.04 13.53
N ALA E 108 1.41 -53.90 14.21
CA ALA E 108 2.25 -52.72 14.01
C ALA E 108 2.72 -52.60 12.57
N PHE E 109 3.16 -53.72 11.98
CA PHE E 109 3.52 -53.79 10.57
C PHE E 109 2.43 -53.19 9.69
N ARG E 110 1.25 -53.82 9.69
CA ARG E 110 0.15 -53.34 8.87
C ARG E 110 -0.24 -51.90 9.23
N VAL E 111 0.07 -51.44 10.44
CA VAL E 111 -0.15 -50.03 10.79
C VAL E 111 0.83 -49.13 10.04
N SER E 112 2.11 -49.52 9.99
CA SER E 112 3.10 -48.79 9.21
C SER E 112 2.66 -48.69 7.75
N GLU E 113 2.32 -49.84 7.15
CA GLU E 113 1.77 -49.82 5.81
C GLU E 113 0.58 -48.88 5.72
N ASN E 114 -0.30 -48.90 6.72
CA ASN E 114 -1.47 -48.02 6.74
C ASN E 114 -1.07 -46.56 6.60
N MET E 115 -0.32 -46.04 7.58
CA MET E 115 0.00 -44.61 7.58
C MET E 115 0.80 -44.21 6.34
N GLY E 116 1.79 -45.00 5.95
CA GLY E 116 2.58 -44.66 4.77
C GLY E 116 1.77 -44.61 3.50
N LYS E 117 1.12 -45.73 3.18
CA LYS E 117 0.28 -45.79 1.97
C LYS E 117 -0.76 -44.68 1.96
N LEU E 118 -1.40 -44.43 3.10
CA LEU E 118 -2.28 -43.27 3.24
C LEU E 118 -1.58 -41.99 2.79
N GLN E 119 -0.35 -41.77 3.27
CA GLN E 119 0.39 -40.58 2.89
C GLN E 119 0.54 -40.47 1.37
N GLY E 120 1.05 -41.54 0.73
CA GLY E 120 1.20 -41.51 -0.71
C GLY E 120 -0.10 -41.25 -1.44
N PHE E 121 -1.18 -41.92 -1.00
CA PHE E 121 -2.50 -41.76 -1.59
C PHE E 121 -2.96 -40.30 -1.59
N ASN E 122 -3.16 -39.74 -0.40
CA ASN E 122 -3.63 -38.35 -0.31
C ASN E 122 -2.68 -37.39 -1.03
N ASN E 123 -1.38 -37.70 -1.02
CA ASN E 123 -0.44 -36.95 -1.87
C ASN E 123 -0.91 -36.92 -3.31
N LYS E 124 -1.20 -38.09 -3.87
CA LYS E 124 -1.70 -38.16 -5.25
C LYS E 124 -2.98 -37.36 -5.41
N VAL E 125 -3.93 -37.53 -4.47
CA VAL E 125 -5.23 -36.84 -4.59
C VAL E 125 -5.04 -35.33 -4.65
N ALA E 126 -4.15 -34.78 -3.81
CA ALA E 126 -3.89 -33.35 -3.85
C ALA E 126 -3.16 -32.94 -5.13
N ARG E 127 -2.33 -33.84 -5.66
CA ARG E 127 -1.57 -33.51 -6.86
C ARG E 127 -2.48 -33.37 -8.08
N TYR E 128 -3.39 -34.33 -8.30
CA TYR E 128 -4.24 -34.29 -9.49
C TYR E 128 -5.55 -33.55 -9.30
N SER E 129 -6.01 -33.33 -8.06
CA SER E 129 -7.26 -32.61 -7.85
C SER E 129 -7.22 -31.19 -8.38
N ILE E 130 -6.04 -30.55 -8.32
CA ILE E 130 -5.89 -29.13 -8.66
C ILE E 130 -5.46 -28.91 -10.11
N TYR E 131 -5.23 -29.98 -10.87
CA TYR E 131 -4.93 -29.89 -12.30
C TYR E 131 -5.83 -30.86 -13.05
N GLY E 132 -6.63 -30.32 -13.98
CA GLY E 132 -7.71 -31.06 -14.62
C GLY E 132 -7.32 -32.24 -15.46
N ASN E 133 -7.84 -32.34 -16.68
CA ASN E 133 -7.57 -33.54 -17.45
C ASN E 133 -7.79 -33.32 -18.94
N THR E 134 -7.04 -34.08 -19.72
CA THR E 134 -7.41 -34.48 -21.06
C THR E 134 -6.97 -35.96 -21.14
N ASP E 135 -7.57 -36.76 -20.28
CA ASP E 135 -7.01 -38.08 -19.94
C ASP E 135 -8.11 -39.08 -19.64
N ALA E 136 -7.81 -40.07 -18.80
CA ALA E 136 -8.74 -41.13 -18.44
C ALA E 136 -9.67 -40.74 -17.28
N GLU E 137 -10.01 -39.45 -17.18
CA GLU E 137 -11.03 -38.84 -16.34
C GLU E 137 -10.49 -38.27 -15.02
N PRO E 138 -11.18 -38.43 -13.87
CA PRO E 138 -11.30 -37.35 -12.87
C PRO E 138 -10.10 -36.42 -12.67
N GLU E 139 -10.34 -35.12 -12.67
CA GLU E 139 -11.68 -34.57 -12.89
C GLU E 139 -11.62 -33.39 -13.84
N ALA E 140 -11.49 -32.19 -13.27
CA ALA E 140 -11.34 -30.96 -14.03
C ALA E 140 -11.15 -29.79 -13.08
N PHE E 141 -10.16 -28.95 -13.35
CA PHE E 141 -9.99 -27.76 -12.51
C PHE E 141 -9.31 -26.62 -13.26
N MET E 142 -8.14 -26.89 -13.85
CA MET E 142 -7.47 -25.88 -14.64
C MET E 142 -8.30 -25.43 -15.83
N GLY E 143 -9.27 -26.23 -16.26
CA GLY E 143 -10.12 -25.90 -17.38
C GLY E 143 -10.77 -24.53 -17.29
N LEU E 144 -10.80 -23.97 -16.09
CA LEU E 144 -11.32 -22.64 -15.83
C LEU E 144 -10.25 -21.55 -15.89
N ALA E 145 -9.07 -21.86 -16.46
CA ALA E 145 -7.92 -20.95 -16.42
C ALA E 145 -7.83 -19.94 -17.55
N PRO E 146 -7.90 -20.35 -18.83
CA PRO E 146 -7.54 -19.43 -19.94
C PRO E 146 -8.24 -18.08 -19.84
N ARG E 147 -7.52 -17.04 -20.26
CA ARG E 147 -7.82 -15.67 -19.87
C ARG E 147 -8.78 -15.01 -20.86
N PHE E 148 -8.85 -13.68 -20.80
CA PHE E 148 -9.92 -12.85 -21.37
C PHE E 148 -11.29 -13.49 -21.23
N ASN E 149 -12.26 -13.12 -22.05
CA ASN E 149 -13.62 -13.64 -21.87
C ASN E 149 -14.20 -13.95 -23.24
N THR E 150 -15.53 -14.13 -23.26
CA THR E 150 -16.30 -14.41 -24.48
C THR E 150 -16.02 -15.77 -25.08
N LEU E 151 -14.78 -16.26 -24.96
CA LEU E 151 -14.49 -17.66 -25.25
C LEU E 151 -14.82 -18.56 -24.06
N SER E 152 -14.94 -17.98 -22.88
CA SER E 152 -15.33 -18.68 -21.65
C SER E 152 -15.70 -17.61 -20.63
N THR E 153 -15.82 -18.02 -19.38
CA THR E 153 -16.15 -17.11 -18.28
C THR E 153 -14.95 -17.08 -17.33
N SER E 154 -13.95 -16.28 -17.69
CA SER E 154 -12.79 -16.12 -16.81
C SER E 154 -13.01 -14.91 -15.90
N LYS E 155 -12.44 -13.77 -16.27
CA LYS E 155 -12.60 -12.52 -15.55
C LYS E 155 -12.41 -12.67 -14.04
N ALA E 156 -13.52 -12.83 -13.32
CA ALA E 156 -13.48 -12.99 -11.87
C ALA E 156 -12.56 -14.13 -11.43
N ALA E 157 -12.16 -15.00 -12.35
CA ALA E 157 -11.14 -16.02 -12.12
C ALA E 157 -9.76 -15.61 -12.62
N SER E 158 -9.70 -14.92 -13.76
CA SER E 158 -8.42 -14.61 -14.39
C SER E 158 -8.05 -13.14 -14.28
N ALA E 159 -8.09 -12.59 -13.06
CA ALA E 159 -7.53 -11.27 -12.82
C ALA E 159 -6.07 -11.32 -13.26
N GLU E 160 -5.22 -11.95 -12.45
CA GLU E 160 -3.94 -12.51 -12.89
C GLU E 160 -2.93 -11.46 -13.34
N ASN E 161 -1.67 -11.87 -13.48
CA ASN E 161 -0.63 -11.10 -14.13
C ASN E 161 -0.05 -11.91 -15.27
N VAL E 162 0.71 -11.24 -16.14
CA VAL E 162 1.26 -11.89 -17.33
C VAL E 162 2.75 -12.13 -17.18
N PHE E 163 3.45 -12.14 -18.33
CA PHE E 163 4.91 -12.27 -18.46
C PHE E 163 5.39 -13.71 -18.63
N SER E 164 6.64 -13.96 -18.30
CA SER E 164 7.32 -15.23 -18.57
C SER E 164 7.38 -15.45 -20.08
N ALA E 165 7.37 -16.71 -20.52
CA ALA E 165 7.39 -17.05 -21.93
C ALA E 165 6.52 -18.27 -22.16
N GLY E 166 5.92 -18.35 -23.35
CA GLY E 166 5.01 -19.43 -23.67
C GLY E 166 5.64 -20.53 -24.51
N GLY E 167 6.88 -20.34 -24.92
CA GLY E 167 7.54 -21.30 -25.79
C GLY E 167 8.63 -22.10 -25.12
N SER E 168 8.93 -21.80 -23.86
CA SER E 168 9.96 -22.49 -23.12
C SER E 168 9.46 -22.78 -21.72
N GLY E 169 9.82 -23.94 -21.18
CA GLY E 169 9.33 -24.38 -19.90
C GLY E 169 10.03 -23.78 -18.70
N SER E 170 9.46 -22.71 -18.15
CA SER E 170 9.96 -22.00 -16.98
C SER E 170 9.13 -20.74 -16.76
N THR E 171 8.74 -20.47 -15.52
CA THR E 171 8.77 -21.39 -14.39
C THR E 171 7.40 -21.16 -13.77
N ASN E 172 7.19 -19.91 -13.38
CA ASN E 172 5.90 -19.30 -13.09
C ASN E 172 4.75 -20.23 -12.72
N THR E 173 4.43 -20.29 -11.43
CA THR E 173 3.30 -21.07 -10.96
C THR E 173 2.06 -20.20 -10.88
N SER E 174 1.24 -20.42 -9.85
CA SER E 174 0.02 -19.65 -9.67
C SER E 174 -0.41 -19.78 -8.22
N ILE E 175 -1.23 -18.83 -7.78
CA ILE E 175 -1.83 -18.88 -6.46
C ILE E 175 -3.34 -18.89 -6.63
N TRP E 176 -4.01 -19.61 -5.72
CA TRP E 176 -5.43 -19.87 -5.82
C TRP E 176 -6.13 -19.47 -4.53
N PHE E 177 -7.37 -19.04 -4.66
CA PHE E 177 -8.27 -19.01 -3.51
C PHE E 177 -9.73 -19.11 -3.94
N MET E 178 -10.42 -20.11 -3.40
CA MET E 178 -11.81 -20.39 -3.71
C MET E 178 -12.49 -20.87 -2.44
N SER E 179 -13.73 -20.45 -2.25
CA SER E 179 -14.46 -20.81 -1.05
C SER E 179 -14.92 -22.26 -1.10
N TRP E 180 -15.24 -22.79 0.08
CA TRP E 180 -15.84 -24.10 0.22
C TRP E 180 -17.34 -23.96 0.33
N GLY E 181 -18.00 -25.04 0.76
CA GLY E 181 -19.43 -25.16 0.61
C GLY E 181 -19.77 -25.56 -0.80
N GLU E 182 -18.89 -25.19 -1.73
CA GLU E 182 -18.89 -25.73 -3.09
C GLU E 182 -18.11 -27.01 -3.01
N ASN E 183 -18.83 -28.11 -2.88
CA ASN E 183 -18.39 -29.35 -2.27
C ASN E 183 -17.45 -30.13 -3.19
N THR E 184 -17.18 -31.38 -2.83
CA THR E 184 -16.67 -32.39 -3.73
C THR E 184 -17.57 -33.60 -3.59
N ALA E 185 -17.94 -34.19 -4.74
CA ALA E 185 -18.96 -35.21 -4.78
C ALA E 185 -18.36 -36.60 -4.71
N HIS E 186 -19.15 -37.55 -4.24
CA HIS E 186 -18.80 -38.97 -4.26
C HIS E 186 -20.05 -39.75 -4.58
N MET E 187 -19.89 -40.83 -5.38
CA MET E 187 -21.01 -41.68 -5.73
C MET E 187 -21.60 -42.33 -4.48
N ILE E 188 -22.91 -42.58 -4.52
CA ILE E 188 -23.67 -42.95 -3.33
C ILE E 188 -23.26 -44.32 -2.83
N TYR E 189 -22.22 -44.35 -2.03
CA TYR E 189 -21.73 -45.48 -1.24
C TYR E 189 -20.61 -44.86 -0.41
N PRO E 190 -19.91 -45.60 0.50
CA PRO E 190 -18.96 -44.93 1.40
C PRO E 190 -17.94 -43.99 0.76
N GLU E 191 -17.27 -43.24 1.62
CA GLU E 191 -16.51 -42.06 1.23
C GLU E 191 -15.05 -42.44 0.98
N GLY E 192 -14.19 -41.44 0.87
CA GLY E 192 -12.80 -41.69 0.55
C GLY E 192 -12.09 -42.47 1.64
N MET E 193 -11.10 -43.25 1.22
CA MET E 193 -10.20 -44.01 2.10
C MET E 193 -10.91 -45.24 2.67
N VAL E 194 -11.47 -45.08 3.86
CA VAL E 194 -12.20 -46.13 4.60
C VAL E 194 -11.60 -47.52 4.42
N ALA E 195 -10.42 -47.73 5.00
CA ALA E 195 -9.80 -49.06 5.01
C ALA E 195 -8.59 -49.14 5.92
N GLY E 196 -8.64 -50.06 6.88
CA GLY E 196 -9.86 -50.81 7.14
C GLY E 196 -10.02 -52.18 6.49
N PHE E 197 -10.90 -52.97 7.10
CA PHE E 197 -11.22 -54.35 6.73
C PHE E 197 -10.01 -55.24 6.45
N GLN E 198 -10.27 -56.40 5.87
CA GLN E 198 -9.27 -57.45 5.71
C GLN E 198 -9.90 -58.63 4.99
N HIS E 199 -9.09 -59.41 4.26
CA HIS E 199 -9.49 -60.69 3.71
C HIS E 199 -8.26 -61.58 3.66
N GLU E 200 -8.46 -62.88 3.85
CA GLU E 200 -7.35 -63.83 3.92
C GLU E 200 -7.66 -65.07 3.09
N ASP E 201 -7.25 -65.03 1.82
CA ASP E 201 -7.42 -66.18 0.94
C ASP E 201 -6.08 -66.59 0.34
N LEU E 202 -6.11 -67.15 -0.87
CA LEU E 202 -4.93 -67.76 -1.45
C LEU E 202 -4.57 -67.08 -2.78
N GLY E 203 -3.30 -67.24 -3.16
CA GLY E 203 -2.80 -66.71 -4.41
C GLY E 203 -3.14 -67.62 -5.58
N ASP E 204 -3.10 -67.13 -6.83
CA ASP E 204 -2.61 -65.81 -7.26
C ASP E 204 -1.15 -65.48 -6.92
N ASP E 205 -0.25 -65.81 -7.84
CA ASP E 205 1.18 -65.59 -7.65
C ASP E 205 1.69 -64.56 -8.65
N LEU E 206 3.02 -64.48 -8.76
CA LEU E 206 3.68 -63.49 -9.60
C LEU E 206 3.60 -63.87 -11.08
N VAL E 207 4.70 -63.70 -11.80
CA VAL E 207 4.71 -63.89 -13.25
C VAL E 207 5.05 -65.34 -13.58
N SER E 208 4.20 -65.96 -14.39
CA SER E 208 4.44 -67.29 -14.96
C SER E 208 4.91 -68.38 -14.00
N ASP E 209 4.06 -68.81 -13.07
CA ASP E 209 2.77 -68.19 -12.79
C ASP E 209 2.47 -67.70 -11.36
N GLY E 210 3.24 -68.02 -10.31
CA GLY E 210 4.49 -68.76 -10.32
C GLY E 210 4.38 -70.24 -9.99
N ASN E 211 4.48 -71.06 -11.05
CA ASN E 211 4.56 -72.52 -10.93
C ASN E 211 3.42 -73.14 -10.14
N GLY E 212 2.30 -72.41 -9.99
CA GLY E 212 1.16 -72.93 -9.25
C GLY E 212 0.32 -71.86 -8.59
N GLY E 213 0.30 -71.85 -7.26
CA GLY E 213 -0.52 -70.90 -6.51
C GLY E 213 -0.81 -71.45 -5.12
N GLN E 214 -2.01 -71.12 -4.62
CA GLN E 214 -2.52 -71.66 -3.37
C GLN E 214 -1.64 -71.37 -2.16
N PHE E 215 -1.97 -70.32 -1.40
CA PHE E 215 -1.31 -70.09 -0.12
C PHE E 215 -2.03 -68.96 0.62
N ARG E 216 -2.30 -69.16 1.91
CA ARG E 216 -3.02 -68.17 2.70
C ARG E 216 -2.11 -67.00 3.07
N ALA E 217 -2.72 -65.82 3.12
CA ALA E 217 -2.00 -64.58 3.39
C ALA E 217 -3.01 -63.55 3.90
N TYR E 218 -2.50 -62.37 4.25
CA TYR E 218 -3.35 -61.23 4.55
C TYR E 218 -3.42 -60.34 3.32
N ARG E 219 -4.63 -59.93 2.95
CA ARG E 219 -4.78 -59.05 1.81
C ARG E 219 -5.96 -58.11 2.05
N ASP E 220 -5.82 -56.88 1.59
CA ASP E 220 -6.82 -55.84 1.77
C ASP E 220 -6.39 -54.64 0.95
N GLU E 221 -7.21 -53.59 0.96
CA GLU E 221 -6.95 -52.42 0.14
C GLU E 221 -7.70 -51.23 0.72
N PHE E 222 -7.28 -50.03 0.33
CA PHE E 222 -7.97 -48.78 0.60
C PHE E 222 -8.48 -48.21 -0.72
N LYS E 223 -9.78 -47.97 -0.81
CA LYS E 223 -10.39 -47.36 -1.98
C LYS E 223 -10.76 -45.92 -1.70
N TRP E 224 -10.87 -45.14 -2.76
CA TRP E 224 -11.14 -43.72 -2.64
C TRP E 224 -11.62 -43.22 -3.99
N ASP E 225 -12.63 -42.35 -3.96
CA ASP E 225 -13.14 -41.73 -5.17
C ASP E 225 -13.57 -40.31 -4.84
N ILE E 226 -13.44 -39.41 -5.80
CA ILE E 226 -13.78 -38.00 -5.60
C ILE E 226 -14.18 -37.36 -6.93
N GLY E 227 -14.62 -36.12 -6.84
CA GLY E 227 -15.02 -35.29 -7.96
C GLY E 227 -15.42 -33.94 -7.41
N LEU E 228 -14.70 -32.88 -7.81
CA LEU E 228 -15.00 -31.56 -7.31
C LEU E 228 -16.38 -31.11 -7.80
N SER E 229 -16.88 -30.03 -7.20
CA SER E 229 -18.18 -29.48 -7.55
C SER E 229 -18.04 -28.00 -7.80
N VAL E 230 -18.45 -27.55 -8.98
CA VAL E 230 -18.58 -26.12 -9.23
C VAL E 230 -19.71 -25.56 -8.37
N ARG E 231 -20.83 -26.30 -8.26
CA ARG E 231 -22.06 -25.79 -7.67
C ARG E 231 -22.36 -24.40 -8.25
N ASP E 232 -21.79 -23.37 -7.62
CA ASP E 232 -21.81 -22.02 -8.13
C ASP E 232 -20.38 -21.55 -8.28
N TRP E 233 -20.02 -21.03 -9.45
CA TRP E 233 -18.71 -20.43 -9.65
C TRP E 233 -18.82 -18.94 -9.38
N ARG E 234 -17.97 -18.46 -8.47
CA ARG E 234 -17.63 -17.05 -8.23
C ARG E 234 -16.72 -17.03 -7.01
N SER E 235 -16.71 -18.16 -6.30
CA SER E 235 -15.80 -18.34 -5.17
C SER E 235 -14.35 -18.44 -5.63
N ILE E 236 -14.13 -18.91 -6.85
CA ILE E 236 -12.76 -19.13 -7.34
C ILE E 236 -12.13 -17.81 -7.75
N SER E 237 -10.82 -17.73 -7.55
CA SER E 237 -10.04 -16.56 -7.90
C SER E 237 -8.60 -17.03 -8.12
N ARG E 238 -8.09 -16.78 -9.32
CA ARG E 238 -6.83 -17.32 -9.79
C ARG E 238 -5.94 -16.20 -10.31
N ILE E 239 -4.64 -16.47 -10.32
CA ILE E 239 -3.63 -15.48 -10.68
C ILE E 239 -2.50 -16.17 -11.44
N CYS E 240 -2.13 -15.61 -12.58
CA CYS E 240 -0.92 -16.02 -13.27
C CYS E 240 0.19 -15.01 -13.01
N ASN E 241 1.42 -15.43 -13.30
CA ASN E 241 2.61 -14.83 -12.70
C ASN E 241 3.76 -15.66 -13.24
N ILE E 242 5.01 -15.55 -12.76
CA ILE E 242 5.65 -14.31 -12.27
C ILE E 242 6.79 -13.94 -13.27
N ASP E 243 7.89 -14.71 -13.41
CA ASP E 243 8.22 -15.99 -12.73
C ASP E 243 9.34 -15.82 -11.69
N VAL E 244 8.97 -15.60 -10.42
CA VAL E 244 9.87 -15.37 -9.29
C VAL E 244 10.89 -14.25 -9.53
N THR E 245 11.25 -14.02 -10.79
CA THR E 245 12.23 -13.00 -11.13
C THR E 245 11.63 -11.60 -11.06
N THR E 246 10.42 -11.41 -11.61
CA THR E 246 9.71 -10.16 -11.40
C THR E 246 9.47 -9.90 -9.92
N LEU E 247 9.29 -10.96 -9.13
CA LEU E 247 9.21 -10.82 -7.68
C LEU E 247 10.57 -10.64 -7.03
N THR E 248 11.67 -10.81 -7.78
CA THR E 248 12.97 -10.43 -7.24
C THR E 248 13.17 -8.92 -7.30
N LYS E 249 12.69 -8.28 -8.37
CA LYS E 249 12.78 -6.83 -8.46
C LYS E 249 12.00 -6.13 -7.34
N ASP E 250 10.88 -6.73 -6.90
CA ASP E 250 10.11 -6.18 -5.80
C ASP E 250 10.54 -6.70 -4.44
N ALA E 251 11.74 -7.29 -4.35
CA ALA E 251 12.29 -7.85 -3.11
C ALA E 251 11.85 -7.04 -1.90
N SER E 252 12.02 -5.73 -2.00
CA SER E 252 11.31 -4.77 -1.18
C SER E 252 10.64 -3.68 -2.00
N THR E 253 10.91 -3.60 -3.30
CA THR E 253 10.52 -2.45 -4.10
C THR E 253 9.05 -2.55 -4.51
N GLY E 254 8.54 -1.47 -5.10
CA GLY E 254 7.14 -1.38 -5.45
C GLY E 254 6.87 -1.01 -6.89
N ALA E 255 7.18 -1.91 -7.81
CA ALA E 255 6.80 -1.73 -9.21
C ALA E 255 5.81 -2.83 -9.55
N ASP E 256 6.26 -4.01 -9.97
CA ASP E 256 5.36 -5.16 -10.12
C ASP E 256 5.54 -6.03 -8.87
N LEU E 257 4.66 -5.82 -7.90
CA LEU E 257 4.67 -6.65 -6.70
C LEU E 257 3.54 -7.67 -6.76
N ILE E 258 3.06 -8.11 -5.59
CA ILE E 258 2.00 -9.10 -5.50
C ILE E 258 0.68 -8.51 -5.04
N SER E 259 0.63 -7.19 -4.79
CA SER E 259 -0.56 -6.56 -4.21
C SER E 259 -1.82 -6.73 -5.06
N MET E 260 -1.71 -7.25 -6.29
CA MET E 260 -2.89 -7.62 -7.05
C MET E 260 -3.74 -8.66 -6.31
N MET E 261 -3.16 -9.32 -5.29
CA MET E 261 -3.95 -10.10 -4.35
C MET E 261 -5.22 -9.36 -3.95
N VAL E 262 -5.07 -8.10 -3.52
CA VAL E 262 -6.23 -7.27 -3.15
C VAL E 262 -7.27 -7.29 -4.26
N ASP E 263 -6.85 -7.01 -5.49
CA ASP E 263 -7.76 -7.08 -6.64
C ASP E 263 -8.55 -8.39 -6.60
N ALA E 264 -7.84 -9.51 -6.56
CA ALA E 264 -8.51 -10.81 -6.57
C ALA E 264 -9.54 -10.90 -5.46
N TYR E 265 -9.15 -10.46 -4.25
CA TYR E 265 -10.08 -10.48 -3.12
C TYR E 265 -11.36 -9.72 -3.46
N TYR E 266 -11.22 -8.49 -3.99
CA TYR E 266 -12.40 -7.68 -4.27
C TYR E 266 -13.10 -8.06 -5.57
N ALA E 267 -12.74 -9.20 -6.16
CA ALA E 267 -13.44 -9.70 -7.33
C ALA E 267 -14.47 -10.78 -6.98
N ARG E 268 -14.68 -11.05 -5.69
CA ARG E 268 -15.64 -12.06 -5.28
C ARG E 268 -16.52 -11.54 -4.14
N ASP E 269 -17.84 -11.67 -4.34
CA ASP E 269 -18.93 -11.42 -3.40
C ASP E 269 -20.12 -10.87 -4.17
N VAL E 270 -21.32 -11.40 -3.94
CA VAL E 270 -22.50 -10.88 -4.65
C VAL E 270 -23.70 -10.47 -3.75
N ALA E 271 -24.35 -11.39 -3.02
CA ALA E 271 -23.97 -12.78 -2.86
C ALA E 271 -25.23 -13.64 -3.10
N MET E 272 -25.17 -14.95 -3.43
CA MET E 272 -24.02 -15.87 -3.40
C MET E 272 -23.61 -16.13 -1.95
N LEU E 273 -24.55 -15.90 -1.03
CA LEU E 273 -24.25 -15.90 0.39
C LEU E 273 -23.83 -17.29 0.87
N GLY E 274 -22.74 -17.31 1.62
CA GLY E 274 -22.19 -18.56 2.12
C GLY E 274 -20.70 -18.64 1.88
N ASP E 275 -20.11 -19.78 2.19
CA ASP E 275 -20.84 -20.88 2.80
C ASP E 275 -20.48 -20.95 4.27
N GLY E 276 -19.49 -20.15 4.67
CA GLY E 276 -19.05 -20.09 6.04
C GLY E 276 -17.64 -19.57 6.22
N LYS E 277 -16.74 -19.93 5.30
CA LYS E 277 -15.35 -19.55 5.45
C LYS E 277 -14.68 -19.55 4.07
N GLU E 278 -13.44 -19.06 4.06
CA GLU E 278 -12.61 -19.10 2.86
C GLU E 278 -11.17 -19.37 3.28
N VAL E 279 -10.33 -19.60 2.27
CA VAL E 279 -8.93 -19.99 2.48
C VAL E 279 -8.19 -19.78 1.16
N ILE E 280 -6.90 -19.48 1.26
CA ILE E 280 -6.07 -19.16 0.11
C ILE E 280 -4.84 -20.07 0.13
N TYR E 281 -4.42 -20.51 -1.06
CA TYR E 281 -3.46 -21.59 -1.22
C TYR E 281 -2.14 -21.05 -1.74
N ALA E 282 -1.05 -21.67 -1.29
CA ALA E 282 0.29 -21.36 -1.75
C ALA E 282 1.01 -22.67 -2.04
N ASN E 283 2.16 -22.56 -2.71
CA ASN E 283 2.94 -23.69 -3.18
C ASN E 283 4.23 -23.85 -2.39
N LYS E 284 4.22 -23.47 -1.11
CA LYS E 284 5.45 -23.15 -0.38
C LYS E 284 6.10 -21.95 -1.07
N THR E 285 7.34 -22.09 -1.56
CA THR E 285 8.17 -21.02 -2.13
C THR E 285 7.50 -19.67 -2.33
N ILE E 286 6.35 -19.64 -3.02
CA ILE E 286 5.63 -18.40 -3.24
C ILE E 286 5.07 -17.85 -1.92
N HIS E 287 4.78 -18.73 -0.97
CA HIS E 287 4.37 -18.33 0.38
C HIS E 287 5.42 -17.43 1.02
N ALA E 288 6.60 -18.01 1.28
CA ALA E 288 7.70 -17.24 1.88
C ALA E 288 8.08 -16.04 1.02
N TRP E 289 8.13 -16.24 -0.30
CA TRP E 289 8.35 -15.14 -1.23
C TRP E 289 7.41 -13.98 -0.94
N LEU E 290 6.12 -14.28 -0.76
CA LEU E 290 5.13 -13.28 -0.40
C LEU E 290 5.46 -12.64 0.93
N HIS E 291 5.87 -13.43 1.93
CA HIS E 291 6.27 -12.88 3.23
C HIS E 291 7.37 -11.83 3.06
N LYS E 292 8.54 -12.27 2.59
CA LYS E 292 9.70 -11.41 2.46
C LYS E 292 9.39 -10.19 1.60
N GLN E 293 8.60 -10.37 0.54
CA GLN E 293 8.22 -9.22 -0.29
C GLN E 293 7.27 -8.28 0.45
N ALA E 294 6.44 -8.80 1.35
CA ALA E 294 5.39 -8.00 1.97
C ALA E 294 5.93 -7.14 3.11
N MET E 295 6.87 -7.66 3.88
CA MET E 295 7.35 -6.94 5.06
C MET E 295 8.00 -5.59 4.78
N ASN E 296 8.11 -5.20 3.50
CA ASN E 296 8.99 -4.10 3.14
C ASN E 296 8.45 -3.29 1.97
N ALA E 297 7.14 -3.28 1.77
CA ALA E 297 6.57 -2.45 0.71
C ALA E 297 6.77 -0.97 1.07
N LYS E 298 6.97 -0.16 0.02
CA LYS E 298 7.31 1.26 0.18
C LYS E 298 6.22 2.06 0.88
N ASN E 299 5.13 1.39 1.27
CA ASN E 299 3.94 2.09 1.73
C ASN E 299 3.79 2.06 3.25
N VAL E 300 2.75 1.35 3.70
CA VAL E 300 2.16 1.56 5.02
C VAL E 300 3.10 1.09 6.14
N ASN E 301 2.94 -0.14 6.62
CA ASN E 301 3.92 -0.89 7.43
C ASN E 301 4.57 -0.16 8.61
N LEU E 302 4.37 -0.68 9.83
CA LEU E 302 4.90 -0.10 11.06
C LEU E 302 6.06 -0.90 11.64
N THR E 303 5.80 -2.17 12.03
CA THR E 303 6.77 -3.10 12.61
C THR E 303 7.77 -2.44 13.56
N ILE E 304 7.45 -2.42 14.86
CA ILE E 304 8.30 -1.74 15.84
C ILE E 304 9.69 -2.38 15.92
N GLU E 305 9.89 -3.28 16.87
CA GLU E 305 11.16 -3.99 17.01
C GLU E 305 10.97 -5.38 17.62
N GLU E 306 11.17 -6.41 16.81
CA GLU E 306 11.63 -6.23 15.44
C GLU E 306 10.87 -7.06 14.42
N TYR E 307 11.40 -7.09 13.20
CA TYR E 307 10.92 -7.89 12.09
C TYR E 307 11.14 -9.40 12.41
N GLY E 308 10.87 -10.36 11.52
CA GLY E 308 10.47 -10.18 10.12
C GLY E 308 8.98 -10.28 9.87
N GLY E 309 8.19 -9.96 10.89
CA GLY E 309 6.76 -10.05 10.79
C GLY E 309 6.23 -11.33 11.42
N LYS E 310 5.32 -11.17 12.38
CA LYS E 310 4.68 -12.29 13.05
C LYS E 310 4.14 -13.27 12.03
N LYS E 311 4.97 -14.23 11.61
CA LYS E 311 4.64 -15.16 10.55
C LYS E 311 4.04 -14.37 9.39
N ILE E 312 2.95 -14.85 8.82
CA ILE E 312 2.02 -14.01 8.07
C ILE E 312 0.60 -14.44 8.43
N VAL E 313 0.17 -15.58 7.89
CA VAL E 313 -1.08 -16.26 8.22
C VAL E 313 -2.24 -15.28 8.37
N SER E 314 -2.23 -14.22 7.58
CA SER E 314 -3.27 -13.20 7.65
C SER E 314 -3.61 -12.74 6.24
N PHE E 315 -4.11 -11.52 6.14
CA PHE E 315 -4.61 -10.95 4.88
C PHE E 315 -5.83 -11.70 4.32
N LEU E 316 -7.03 -11.33 4.75
CA LEU E 316 -7.24 -10.35 5.83
C LEU E 316 -8.49 -10.68 6.65
N GLY E 317 -8.33 -11.43 7.74
CA GLY E 317 -7.08 -12.09 8.06
C GLY E 317 -7.25 -13.54 7.69
N ILE E 318 -7.85 -13.75 6.53
CA ILE E 318 -8.27 -15.07 6.04
C ILE E 318 -7.07 -15.99 6.01
N PRO E 319 -7.12 -17.13 6.68
CA PRO E 319 -5.93 -17.99 6.80
C PRO E 319 -5.48 -18.51 5.45
N ILE E 320 -4.18 -18.62 5.29
CA ILE E 320 -3.54 -19.17 4.12
C ILE E 320 -3.13 -20.60 4.44
N ARG E 321 -3.18 -21.46 3.44
CA ARG E 321 -2.65 -22.81 3.53
C ARG E 321 -1.62 -23.01 2.42
N ARG E 322 -0.86 -24.09 2.54
CA ARG E 322 0.18 -24.41 1.59
C ARG E 322 -0.16 -25.69 0.84
N VAL E 323 0.10 -25.70 -0.46
CA VAL E 323 -0.22 -26.81 -1.34
C VAL E 323 1.04 -27.29 -2.03
N ASP E 324 0.93 -28.44 -2.68
CA ASP E 324 2.00 -29.00 -3.51
C ASP E 324 1.62 -28.77 -4.97
N ALA E 325 1.70 -27.51 -5.39
CA ALA E 325 1.50 -27.15 -6.78
C ALA E 325 2.82 -27.23 -7.52
N ILE E 326 2.75 -27.60 -8.80
CA ILE E 326 3.95 -27.70 -9.61
C ILE E 326 4.60 -26.32 -9.73
N LEU E 327 5.91 -26.32 -9.92
CA LEU E 327 6.67 -25.09 -10.07
C LEU E 327 6.84 -24.66 -11.53
N ASN E 328 6.08 -25.25 -12.45
CA ASN E 328 6.19 -24.87 -13.86
C ASN E 328 4.89 -25.23 -14.59
N THR E 329 4.05 -24.21 -14.81
CA THR E 329 2.88 -24.30 -15.68
C THR E 329 3.12 -23.57 -17.01
N GLU E 330 4.38 -23.32 -17.36
CA GLU E 330 4.77 -22.33 -18.36
C GLU E 330 3.88 -21.09 -18.25
N SER E 331 3.64 -20.39 -19.36
CA SER E 331 2.67 -19.31 -19.32
C SER E 331 1.27 -19.88 -19.27
N ALA E 332 0.78 -20.37 -20.41
CA ALA E 332 -0.49 -21.09 -20.51
C ALA E 332 -1.68 -20.28 -20.00
N VAL E 333 -1.55 -18.95 -19.93
CA VAL E 333 -2.64 -18.08 -19.53
C VAL E 333 -3.44 -17.71 -20.77
N THR E 334 -2.77 -17.08 -21.74
CA THR E 334 -3.20 -17.10 -23.13
C THR E 334 -2.00 -17.57 -23.96
N ALA E 335 -2.21 -18.62 -24.74
CA ALA E 335 -1.12 -19.30 -25.42
C ALA E 335 -0.20 -18.36 -26.21
N MET F 1 -51.24 46.50 -17.76
CA MET F 1 -50.16 46.50 -18.73
C MET F 1 -49.10 47.45 -18.24
N ALA F 2 -49.55 48.48 -17.52
CA ALA F 2 -48.65 49.35 -16.77
C ALA F 2 -47.61 49.92 -17.74
N LEU F 3 -46.33 49.92 -17.39
CA LEU F 3 -45.23 50.42 -18.21
C LEU F 3 -43.98 50.38 -17.36
N ILE F 4 -44.20 50.11 -16.07
CA ILE F 4 -43.17 50.22 -15.04
C ILE F 4 -42.68 48.84 -14.62
N GLY F 5 -41.79 48.79 -13.63
CA GLY F 5 -41.27 47.53 -13.16
C GLY F 5 -42.14 46.89 -12.10
N GLN F 6 -43.27 46.32 -12.55
CA GLN F 6 -44.28 45.71 -11.68
C GLN F 6 -43.66 44.88 -10.57
N THR F 7 -43.78 45.36 -9.34
CA THR F 7 -43.22 44.69 -8.18
C THR F 7 -44.23 44.74 -7.05
N LEU F 8 -43.76 44.66 -5.79
CA LEU F 8 -44.61 44.48 -4.61
C LEU F 8 -45.25 43.10 -4.62
N PRO F 9 -45.66 42.57 -3.47
CA PRO F 9 -46.33 41.26 -3.46
C PRO F 9 -47.75 41.37 -4.00
N SER F 10 -48.11 40.42 -4.87
CA SER F 10 -49.40 40.43 -5.51
C SER F 10 -49.68 39.05 -6.09
N LEU F 11 -50.79 38.45 -5.68
CA LEU F 11 -51.36 37.26 -6.33
C LEU F 11 -50.32 36.19 -6.64
N LEU F 12 -49.55 36.43 -7.70
CA LEU F 12 -48.52 35.47 -8.13
C LEU F 12 -47.62 35.07 -6.98
N ASP F 13 -47.25 36.05 -6.14
CA ASP F 13 -46.56 35.73 -4.90
C ASP F 13 -47.43 34.86 -4.00
N ILE F 14 -48.71 35.21 -3.86
CA ILE F 14 -49.60 34.48 -2.95
C ILE F 14 -50.03 33.13 -3.52
N TYR F 15 -49.98 32.95 -4.84
CA TYR F 15 -50.22 31.63 -5.42
C TYR F 15 -48.98 30.76 -5.39
N ASN F 16 -47.80 31.36 -5.51
CA ASN F 16 -46.57 30.59 -5.45
C ASN F 16 -46.12 30.37 -4.01
N ARG F 17 -46.35 31.36 -3.13
CA ARG F 17 -46.31 31.09 -1.70
C ARG F 17 -47.35 30.04 -1.32
N THR F 18 -48.37 29.85 -2.15
CA THR F 18 -49.21 28.66 -2.16
C THR F 18 -50.04 28.50 -0.89
N ASP F 19 -50.92 27.50 -0.92
CA ASP F 19 -51.48 26.89 0.28
C ASP F 19 -52.17 25.61 -0.17
N LYS F 20 -51.62 24.46 0.19
CA LYS F 20 -52.07 23.18 -0.33
C LYS F 20 -52.36 22.22 0.81
N ASN F 21 -53.43 21.44 0.66
CA ASN F 21 -53.90 20.52 1.70
C ASN F 21 -54.06 21.26 3.02
N GLY F 22 -54.87 22.32 2.96
CA GLY F 22 -54.84 23.36 3.97
C GLY F 22 -53.90 24.41 3.40
N ARG F 23 -52.91 24.84 4.17
CA ARG F 23 -52.71 24.42 5.55
C ARG F 23 -52.04 25.57 6.29
N ILE F 24 -51.62 25.33 7.53
CA ILE F 24 -50.90 26.34 8.30
C ILE F 24 -49.57 26.63 7.61
N ALA F 25 -49.52 27.75 6.88
CA ALA F 25 -48.33 28.17 6.17
C ALA F 25 -47.87 27.07 5.23
N ARG F 26 -46.58 27.06 4.87
CA ARG F 26 -45.96 25.93 4.21
C ARG F 26 -45.20 25.16 5.28
N ILE F 27 -45.46 23.86 5.39
CA ILE F 27 -44.89 23.04 6.46
C ILE F 27 -43.39 23.33 6.57
N VAL F 28 -43.03 24.05 7.63
CA VAL F 28 -41.79 24.83 7.72
C VAL F 28 -40.52 24.27 7.09
N GLU F 29 -40.19 24.78 5.90
CA GLU F 29 -41.08 25.61 5.08
C GLU F 29 -40.87 25.08 3.69
N GLN F 30 -39.84 25.61 3.04
CA GLN F 30 -39.19 24.95 1.92
C GLN F 30 -37.71 24.87 2.23
N LEU F 31 -36.90 24.53 1.24
CA LEU F 31 -35.45 24.50 1.41
C LEU F 31 -34.82 25.68 0.70
N ALA F 32 -33.50 25.77 0.81
CA ALA F 32 -32.72 26.51 -0.18
C ALA F 32 -32.96 28.05 -0.06
N LYS F 33 -32.25 28.92 -0.80
CA LYS F 33 -31.20 28.62 -1.79
C LYS F 33 -30.22 29.77 -1.90
N THR F 34 -29.29 29.89 -0.96
CA THR F 34 -28.33 30.98 -0.99
C THR F 34 -27.13 30.62 -0.12
N ASN F 35 -26.13 31.50 -0.15
CA ASN F 35 -24.89 31.31 0.58
C ASN F 35 -25.01 31.84 2.00
N ASP F 36 -24.00 31.54 2.81
CA ASP F 36 -24.00 31.94 4.20
C ASP F 36 -22.60 32.36 4.61
N ILE F 37 -22.55 33.24 5.61
CA ILE F 37 -21.32 33.88 6.08
C ILE F 37 -21.47 34.08 7.58
N LEU F 38 -20.34 34.09 8.29
CA LEU F 38 -20.38 34.42 9.70
C LEU F 38 -20.33 35.93 9.90
N THR F 39 -19.53 36.39 10.86
CA THR F 39 -19.50 37.79 11.28
C THR F 39 -20.89 38.23 11.73
N ASP F 40 -21.24 38.11 13.02
CA ASP F 40 -20.41 37.58 14.13
C ASP F 40 -19.10 38.33 14.39
N ALA F 41 -19.22 39.54 14.90
CA ALA F 41 -18.07 40.38 15.18
C ALA F 41 -18.32 41.15 16.48
N ILE F 42 -17.61 42.27 16.64
CA ILE F 42 -17.74 43.13 17.80
C ILE F 42 -18.17 44.51 17.32
N TYR F 43 -19.08 45.12 18.06
CA TYR F 43 -19.59 46.45 17.76
C TYR F 43 -19.09 47.45 18.79
N VAL F 44 -19.16 48.72 18.42
CA VAL F 44 -18.80 49.81 19.32
C VAL F 44 -19.56 51.07 18.92
N PRO F 45 -20.05 51.85 19.88
CA PRO F 45 -20.42 53.23 19.58
C PRO F 45 -19.18 54.06 19.36
N CYS F 46 -19.37 55.23 18.77
CA CYS F 46 -18.23 56.02 18.37
C CYS F 46 -18.54 57.50 18.38
N ASN F 47 -17.55 58.28 18.80
CA ASN F 47 -17.59 59.73 18.78
C ASN F 47 -17.05 60.26 17.47
N ASP F 48 -17.68 61.29 16.92
CA ASP F 48 -18.84 61.92 17.52
C ASP F 48 -20.12 61.44 16.86
N GLY F 49 -20.51 62.12 15.78
CA GLY F 49 -21.61 61.70 14.94
C GLY F 49 -21.23 60.68 13.90
N SER F 50 -19.95 60.31 13.83
CA SER F 50 -19.41 59.34 12.89
C SER F 50 -17.91 59.26 13.11
N LYS F 51 -17.20 58.73 12.12
CA LYS F 51 -15.73 58.81 12.07
C LYS F 51 -15.17 58.07 13.29
N HIS F 52 -14.12 58.61 13.92
CA HIS F 52 -13.60 58.21 15.23
C HIS F 52 -12.27 58.88 15.52
N LYS F 53 -11.75 59.66 14.57
CA LYS F 53 -10.45 60.30 14.67
C LYS F 53 -9.30 59.30 14.77
N THR F 54 -8.96 58.87 15.99
CA THR F 54 -7.82 58.01 16.27
C THR F 54 -6.51 58.71 15.90
N THR F 55 -5.37 58.05 16.07
CA THR F 55 -4.12 58.80 16.11
C THR F 55 -2.92 58.10 15.47
N ILE F 56 -2.57 56.90 15.95
CA ILE F 56 -1.29 56.25 15.67
C ILE F 56 -0.12 57.21 15.79
N ARG F 57 1.04 56.83 15.25
CA ARG F 57 2.22 57.66 15.31
C ARG F 57 3.06 57.43 14.06
N ALA F 58 3.74 58.50 13.61
CA ALA F 58 4.53 58.48 12.38
C ALA F 58 6.02 58.62 12.72
N GLY F 59 6.59 57.56 13.28
CA GLY F 59 8.01 57.54 13.58
C GLY F 59 8.40 58.36 14.79
N ILE F 60 9.53 58.00 15.40
CA ILE F 60 10.08 58.75 16.52
C ILE F 60 11.60 58.74 16.42
N PRO F 61 12.20 59.44 15.45
CA PRO F 61 13.66 59.49 15.38
C PRO F 61 14.21 60.90 15.69
N GLU F 62 15.44 61.02 16.19
CA GLU F 62 16.27 59.96 16.75
C GLU F 62 17.31 60.67 17.59
N PRO F 63 17.78 60.04 18.66
CA PRO F 63 18.86 60.63 19.45
C PRO F 63 20.21 60.42 18.77
N VAL F 64 21.16 61.28 19.15
CA VAL F 64 22.54 61.18 18.71
C VAL F 64 23.43 61.33 19.93
N TRP F 65 24.57 60.64 19.92
CA TRP F 65 25.51 60.75 21.02
C TRP F 65 26.19 62.11 21.01
N ARG F 66 26.32 62.70 22.18
CA ARG F 66 27.14 63.89 22.36
C ARG F 66 28.56 63.45 22.68
N ARG F 67 29.52 64.12 22.06
CA ARG F 67 30.93 63.81 22.29
C ARG F 67 31.47 64.54 23.52
N TYR F 68 30.74 64.42 24.63
CA TYR F 68 31.25 64.77 25.96
C TYR F 68 31.13 66.26 26.28
N ASN F 69 31.09 67.13 25.25
CA ASN F 69 30.98 68.56 25.48
C ASN F 69 29.99 69.24 24.53
N GLN F 70 29.10 68.48 23.89
CA GLN F 70 28.25 69.07 22.88
C GLN F 70 26.89 69.50 23.43
N GLY F 71 25.89 68.63 23.28
CA GLY F 71 24.51 69.01 23.50
C GLY F 71 23.94 69.58 22.23
N VAL F 72 22.77 69.10 21.81
CA VAL F 72 22.26 69.32 20.48
C VAL F 72 20.88 69.95 20.53
N GLN F 73 20.32 70.21 19.35
CA GLN F 73 18.96 70.69 19.22
C GLN F 73 17.98 69.64 19.70
N PRO F 74 16.86 70.04 20.29
CA PRO F 74 15.82 69.07 20.66
C PRO F 74 15.16 68.51 19.42
N THR F 75 14.48 67.39 19.61
CA THR F 75 13.66 66.80 18.56
C THR F 75 12.26 66.59 19.10
N LYS F 76 11.34 66.32 18.19
CA LYS F 76 9.92 66.26 18.50
C LYS F 76 9.37 64.87 18.21
N THR F 77 8.07 64.74 18.42
CA THR F 77 7.31 63.55 18.11
C THR F 77 5.98 64.02 17.52
N GLN F 78 5.47 63.27 16.56
CA GLN F 78 4.31 63.70 15.80
C GLN F 78 3.31 62.56 15.67
N THR F 79 2.07 62.93 15.38
CA THR F 79 0.97 62.00 15.19
C THR F 79 0.19 62.47 13.96
N VAL F 80 -1.07 62.08 13.88
CA VAL F 80 -1.94 62.36 12.73
C VAL F 80 -3.33 61.81 13.02
N PRO F 81 -4.39 62.45 12.56
CA PRO F 81 -5.71 61.81 12.60
C PRO F 81 -5.86 60.77 11.49
N VAL F 82 -6.84 59.88 11.67
CA VAL F 82 -7.07 58.79 10.73
C VAL F 82 -8.54 58.79 10.32
N THR F 83 -9.28 57.82 10.84
CA THR F 83 -10.74 57.73 10.77
C THR F 83 -11.33 57.61 9.37
N ASP F 84 -12.61 57.28 9.30
CA ASP F 84 -13.39 57.24 8.07
C ASP F 84 -14.86 57.14 8.47
N THR F 85 -15.74 57.29 7.49
CA THR F 85 -17.17 57.35 7.73
C THR F 85 -17.77 55.96 7.81
N THR F 86 -19.10 55.93 7.97
CA THR F 86 -19.86 54.69 8.04
C THR F 86 -20.95 54.70 6.97
N GLY F 87 -22.07 54.03 7.25
CA GLY F 87 -23.20 54.12 6.35
C GLY F 87 -24.35 53.22 6.74
N MET F 88 -25.57 53.61 6.33
CA MET F 88 -26.77 52.87 6.65
C MET F 88 -27.45 52.38 5.38
N LEU F 89 -28.31 51.39 5.56
CA LEU F 89 -29.24 50.97 4.52
C LEU F 89 -30.50 50.41 5.18
N TYR F 90 -31.63 50.67 4.53
CA TYR F 90 -32.85 49.94 4.83
C TYR F 90 -33.76 49.96 3.60
N ASP F 91 -34.57 48.90 3.49
CA ASP F 91 -35.47 48.73 2.35
C ASP F 91 -36.69 48.00 2.87
N LEU F 92 -37.82 48.70 2.93
CA LEU F 92 -39.03 48.17 3.53
C LEU F 92 -39.98 47.62 2.48
N GLY F 93 -40.97 46.87 2.96
CA GLY F 93 -41.97 46.29 2.10
C GLY F 93 -43.36 46.43 2.69
N PHE F 94 -44.35 46.22 1.82
CA PHE F 94 -45.76 46.30 2.18
C PHE F 94 -46.47 45.08 1.64
N VAL F 95 -47.62 44.77 2.25
CA VAL F 95 -48.56 43.84 1.66
C VAL F 95 -49.96 44.43 1.84
N ASP F 96 -50.90 43.95 1.02
CA ASP F 96 -52.28 44.38 1.16
C ASP F 96 -52.93 43.58 2.28
N LYS F 97 -53.17 44.24 3.41
CA LYS F 97 -53.80 43.65 4.60
C LYS F 97 -54.91 42.67 4.26
N ALA F 98 -55.69 42.96 3.22
CA ALA F 98 -56.72 42.04 2.76
C ALA F 98 -56.11 40.80 2.11
N LEU F 99 -55.11 40.99 1.24
CA LEU F 99 -54.59 39.88 0.43
C LEU F 99 -53.95 38.79 1.29
N ALA F 100 -53.25 39.18 2.36
CA ALA F 100 -52.64 38.22 3.27
C ALA F 100 -53.66 37.38 4.03
N ASP F 101 -54.95 37.72 3.96
CA ASP F 101 -56.02 36.96 4.62
C ASP F 101 -56.71 35.97 3.70
N ARG F 102 -56.10 35.65 2.57
CA ARG F 102 -56.61 34.62 1.66
C ARG F 102 -55.53 33.62 1.24
N SER F 103 -55.37 32.54 2.01
CA SER F 103 -56.15 32.29 3.21
C SER F 103 -55.65 33.13 4.38
N ASN F 104 -56.31 33.01 5.53
CA ASN F 104 -55.95 33.80 6.70
C ASN F 104 -54.59 33.40 7.24
N ASN F 105 -54.37 33.64 8.53
CA ASN F 105 -53.06 33.42 9.15
C ASN F 105 -51.98 34.20 8.40
N ALA F 106 -52.06 35.52 8.51
CA ALA F 106 -51.13 36.40 7.83
C ALA F 106 -49.79 36.50 8.54
N ALA F 107 -49.80 36.46 9.88
CA ALA F 107 -48.56 36.62 10.64
C ALA F 107 -47.52 35.57 10.26
N ALA F 108 -47.96 34.34 10.00
CA ALA F 108 -47.02 33.29 9.58
C ALA F 108 -46.31 33.68 8.29
N PHE F 109 -47.10 33.95 7.23
CA PHE F 109 -46.57 34.44 5.97
C PHE F 109 -45.54 35.55 6.18
N ARG F 110 -45.96 36.62 6.87
CA ARG F 110 -45.08 37.74 7.14
C ARG F 110 -43.78 37.29 7.81
N VAL F 111 -43.85 36.33 8.73
CA VAL F 111 -42.65 35.85 9.41
C VAL F 111 -41.71 35.14 8.43
N SER F 112 -42.25 34.26 7.59
CA SER F 112 -41.42 33.53 6.62
C SER F 112 -40.71 34.50 5.67
N GLU F 113 -41.49 35.32 4.97
CA GLU F 113 -40.90 36.27 4.03
C GLU F 113 -39.90 37.19 4.74
N ASN F 114 -40.26 37.66 5.93
CA ASN F 114 -39.37 38.49 6.74
C ASN F 114 -38.00 37.84 6.89
N MET F 115 -37.96 36.63 7.44
CA MET F 115 -36.67 35.97 7.67
C MET F 115 -35.91 35.77 6.37
N GLY F 116 -36.62 35.49 5.26
CA GLY F 116 -35.93 35.38 3.99
C GLY F 116 -35.20 36.66 3.61
N LYS F 117 -35.92 37.78 3.62
CA LYS F 117 -35.29 39.07 3.32
C LYS F 117 -34.13 39.36 4.26
N LEU F 118 -34.24 38.96 5.53
CA LEU F 118 -33.10 39.04 6.44
C LEU F 118 -31.88 38.31 5.89
N GLN F 119 -32.08 37.06 5.45
CA GLN F 119 -30.97 36.29 4.89
C GLN F 119 -30.28 37.05 3.76
N GLY F 120 -31.05 37.46 2.75
CA GLY F 120 -30.45 38.23 1.66
C GLY F 120 -29.71 39.47 2.14
N PHE F 121 -30.32 40.21 3.06
CA PHE F 121 -29.73 41.37 3.73
C PHE F 121 -28.31 41.10 4.20
N ASN F 122 -28.17 40.18 5.16
CA ASN F 122 -26.84 39.87 5.71
C ASN F 122 -25.88 39.44 4.60
N ASN F 123 -26.37 38.68 3.63
CA ASN F 123 -25.50 38.29 2.51
C ASN F 123 -24.84 39.51 1.86
N LYS F 124 -25.66 40.47 1.43
CA LYS F 124 -25.09 41.67 0.81
C LYS F 124 -24.16 42.40 1.77
N VAL F 125 -24.54 42.50 3.05
CA VAL F 125 -23.70 43.24 4.01
C VAL F 125 -22.30 42.66 4.07
N ALA F 126 -22.17 41.32 4.06
CA ALA F 126 -20.83 40.73 4.02
C ALA F 126 -20.14 41.01 2.69
N ARG F 127 -20.85 40.74 1.58
CA ARG F 127 -20.27 40.91 0.25
C ARG F 127 -19.58 42.27 0.10
N TYR F 128 -20.27 43.34 0.51
CA TYR F 128 -19.63 44.66 0.48
C TYR F 128 -18.68 44.91 1.64
N SER F 129 -18.86 44.23 2.77
CA SER F 129 -17.94 44.41 3.90
C SER F 129 -16.52 43.98 3.53
N ILE F 130 -16.36 43.04 2.61
CA ILE F 130 -14.99 42.68 2.23
C ILE F 130 -14.42 43.63 1.16
N TYR F 131 -15.25 44.13 0.25
CA TYR F 131 -14.79 44.99 -0.84
C TYR F 131 -15.37 46.38 -0.68
N GLY F 132 -14.53 47.32 -0.24
CA GLY F 132 -14.89 48.72 -0.15
C GLY F 132 -14.35 49.50 -1.32
N ASN F 133 -15.12 50.48 -1.76
CA ASN F 133 -14.73 51.30 -2.90
C ASN F 133 -15.56 52.57 -2.90
N THR F 134 -15.59 53.26 -4.05
CA THR F 134 -16.27 54.53 -4.19
C THR F 134 -17.79 54.34 -4.30
N ASP F 135 -18.44 55.24 -5.04
CA ASP F 135 -19.88 55.25 -5.27
C ASP F 135 -20.67 55.78 -4.09
N ALA F 136 -21.81 55.14 -3.80
CA ALA F 136 -22.81 55.65 -2.85
C ALA F 136 -22.44 55.42 -1.38
N GLU F 137 -21.17 55.56 -1.05
CA GLU F 137 -20.64 55.48 0.32
C GLU F 137 -20.63 54.03 0.82
N PRO F 138 -21.09 53.72 2.06
CA PRO F 138 -20.41 52.69 2.86
C PRO F 138 -19.92 51.43 2.12
N GLU F 139 -18.65 51.10 2.30
CA GLU F 139 -17.75 51.82 3.20
C GLU F 139 -16.35 51.81 2.61
N ALA F 140 -15.48 51.02 3.24
CA ALA F 140 -14.15 50.76 2.72
C ALA F 140 -13.58 49.56 3.46
N PHE F 141 -12.51 48.99 2.92
CA PHE F 141 -11.82 47.91 3.60
C PHE F 141 -10.52 47.54 2.89
N MET F 142 -10.58 47.33 1.58
CA MET F 142 -9.48 46.79 0.80
C MET F 142 -8.26 47.71 0.78
N GLY F 143 -8.21 48.68 1.70
CA GLY F 143 -7.10 49.62 1.78
C GLY F 143 -5.72 49.01 1.85
N LEU F 144 -5.65 47.68 1.87
CA LEU F 144 -4.40 46.93 1.83
C LEU F 144 -3.94 46.61 0.42
N ALA F 145 -4.62 47.12 -0.61
CA ALA F 145 -4.43 46.73 -2.01
C ALA F 145 -2.98 46.64 -2.46
N PRO F 146 -2.18 47.69 -2.32
CA PRO F 146 -0.82 47.66 -2.91
C PRO F 146 0.07 46.64 -2.22
N ARG F 147 0.93 46.02 -3.02
CA ARG F 147 1.83 44.96 -2.58
C ARG F 147 3.20 45.45 -2.14
N PHE F 148 3.56 46.69 -2.47
CA PHE F 148 4.85 47.24 -2.15
C PHE F 148 4.69 48.59 -1.47
N ASN F 149 5.70 48.95 -0.69
CA ASN F 149 5.64 50.16 0.13
C ASN F 149 6.14 51.35 -0.65
N THR F 150 6.40 52.46 0.06
CA THR F 150 6.92 53.71 -0.50
C THR F 150 5.92 54.44 -1.39
N LEU F 151 5.15 53.69 -2.19
CA LEU F 151 4.01 54.26 -2.88
C LEU F 151 2.75 54.22 -2.02
N SER F 152 2.76 53.41 -0.96
CA SER F 152 1.68 53.30 0.01
C SER F 152 2.23 52.53 1.20
N THR F 153 1.34 52.11 2.09
CA THR F 153 1.71 51.30 3.24
C THR F 153 1.42 49.83 2.91
N SER F 154 2.37 48.95 3.19
CA SER F 154 2.28 47.58 2.71
C SER F 154 3.18 46.67 3.55
N LYS F 155 3.42 45.46 3.03
CA LYS F 155 4.09 44.38 3.75
C LYS F 155 3.20 43.93 4.91
N ALA F 156 3.81 43.72 6.09
CA ALA F 156 3.11 43.37 7.33
C ALA F 156 1.98 42.36 7.15
N ALA F 157 0.93 42.76 6.41
CA ALA F 157 -0.25 41.96 6.19
C ALA F 157 -0.41 41.49 4.74
N SER F 158 0.51 41.87 3.85
CA SER F 158 0.36 41.66 2.42
C SER F 158 1.30 40.61 1.85
N ALA F 159 1.74 39.66 2.69
CA ALA F 159 2.78 38.70 2.32
C ALA F 159 2.62 38.16 0.91
N GLU F 160 1.62 37.29 0.70
CA GLU F 160 1.12 36.97 -0.64
C GLU F 160 2.11 36.25 -1.55
N ASN F 161 1.63 35.60 -2.60
CA ASN F 161 2.50 35.14 -3.67
C ASN F 161 2.11 35.82 -4.99
N VAL F 162 2.78 35.43 -6.06
CA VAL F 162 2.73 36.17 -7.32
C VAL F 162 1.72 35.55 -8.28
N PHE F 163 1.78 35.98 -9.55
CA PHE F 163 0.99 35.50 -10.68
C PHE F 163 -0.30 36.29 -10.91
N SER F 164 -1.23 35.71 -11.67
CA SER F 164 -2.26 36.44 -12.41
C SER F 164 -1.58 37.36 -13.41
N ALA F 165 -2.31 38.34 -13.93
CA ALA F 165 -1.78 39.28 -14.90
C ALA F 165 -2.84 40.34 -15.15
N GLY F 166 -2.50 41.32 -15.99
CA GLY F 166 -3.45 42.26 -16.52
C GLY F 166 -4.06 41.85 -17.84
N GLY F 167 -3.59 40.75 -18.41
CA GLY F 167 -4.10 40.27 -19.68
C GLY F 167 -4.39 38.78 -19.68
N SER F 168 -4.47 38.19 -18.49
CA SER F 168 -4.83 36.79 -18.33
C SER F 168 -6.05 36.67 -17.44
N GLY F 169 -6.73 35.52 -17.54
CA GLY F 169 -7.98 35.31 -16.84
C GLY F 169 -7.84 34.93 -15.38
N SER F 170 -6.88 35.55 -14.70
CA SER F 170 -6.74 35.39 -13.25
C SER F 170 -6.90 36.78 -12.60
N THR F 171 -7.93 37.01 -11.79
CA THR F 171 -8.92 36.05 -11.25
C THR F 171 -8.31 34.92 -10.43
N ASN F 172 -8.03 35.20 -9.17
CA ASN F 172 -7.21 34.30 -8.38
C ASN F 172 -7.64 34.13 -6.92
N THR F 173 -8.62 34.89 -6.42
CA THR F 173 -9.08 34.84 -5.04
C THR F 173 -8.02 35.29 -4.06
N SER F 174 -8.21 34.98 -2.78
CA SER F 174 -7.35 35.40 -1.68
C SER F 174 -7.95 34.89 -0.38
N ILE F 175 -7.16 34.95 0.69
CA ILE F 175 -7.64 34.67 2.04
C ILE F 175 -7.11 35.74 3.00
N TRP F 176 -7.88 35.97 4.07
CA TRP F 176 -7.64 37.00 5.06
C TRP F 176 -7.68 36.38 6.45
N PHE F 177 -7.04 37.06 7.40
CA PHE F 177 -7.40 36.87 8.80
C PHE F 177 -6.90 38.02 9.65
N MET F 178 -7.79 38.52 10.51
CA MET F 178 -7.54 39.62 11.40
C MET F 178 -8.12 39.25 12.76
N SER F 179 -8.20 40.24 13.65
CA SER F 179 -8.73 40.04 14.99
C SER F 179 -9.85 41.04 15.27
N TRP F 180 -10.81 40.61 16.07
CA TRP F 180 -11.83 41.51 16.58
C TRP F 180 -11.37 42.18 17.88
N GLY F 181 -11.99 43.32 18.17
CA GLY F 181 -11.44 44.35 19.02
C GLY F 181 -11.02 45.57 18.23
N GLU F 182 -10.63 45.37 16.97
CA GLU F 182 -10.60 46.43 15.96
C GLU F 182 -12.03 46.43 15.42
N ASN F 183 -12.89 47.14 16.13
CA ASN F 183 -14.33 46.90 16.16
C ASN F 183 -15.08 47.24 14.87
N THR F 184 -16.39 47.36 15.01
CA THR F 184 -17.27 47.85 13.95
C THR F 184 -18.08 48.99 14.55
N ALA F 185 -17.92 50.19 13.99
CA ALA F 185 -18.54 51.38 14.55
C ALA F 185 -19.98 51.50 14.10
N HIS F 186 -20.85 51.89 15.03
CA HIS F 186 -22.23 52.25 14.72
C HIS F 186 -22.55 53.60 15.36
N MET F 187 -23.44 54.33 14.69
CA MET F 187 -23.72 55.71 15.04
C MET F 187 -24.58 55.75 16.30
N ILE F 188 -23.96 56.16 17.42
CA ILE F 188 -24.54 56.49 18.71
C ILE F 188 -26.01 56.07 18.93
N TYR F 189 -26.41 54.93 18.38
CA TYR F 189 -27.76 54.40 18.57
C TYR F 189 -27.77 52.95 18.06
N PRO F 190 -28.89 52.17 18.17
CA PRO F 190 -28.78 50.70 18.19
C PRO F 190 -28.07 50.03 17.03
N GLU F 191 -27.96 48.71 17.13
CA GLU F 191 -27.00 47.91 16.41
C GLU F 191 -27.69 46.76 15.71
N GLY F 192 -27.25 46.47 14.49
CA GLY F 192 -27.52 45.20 13.84
C GLY F 192 -28.97 44.87 13.55
N MET F 193 -29.37 45.02 12.28
CA MET F 193 -30.55 44.37 11.74
C MET F 193 -31.89 44.86 12.32
N VAL F 194 -31.83 45.44 13.52
CA VAL F 194 -32.97 45.92 14.31
C VAL F 194 -34.23 46.19 13.47
N ALA F 195 -35.33 45.54 13.84
CA ALA F 195 -36.72 45.84 13.41
C ALA F 195 -37.37 44.87 12.42
N GLY F 196 -38.65 44.57 12.68
CA GLY F 196 -39.29 44.92 13.93
C GLY F 196 -39.96 46.27 14.14
N PHE F 197 -40.84 46.67 13.20
CA PHE F 197 -41.86 47.68 13.45
C PHE F 197 -42.92 47.59 12.35
N GLN F 198 -44.17 47.82 12.74
CA GLN F 198 -45.30 47.32 11.96
C GLN F 198 -46.26 48.42 11.50
N HIS F 199 -47.12 48.90 12.38
CA HIS F 199 -48.14 49.89 12.06
C HIS F 199 -49.16 49.32 11.08
N GLU F 200 -49.94 50.18 10.45
CA GLU F 200 -51.00 49.77 9.52
C GLU F 200 -51.69 50.99 8.96
N ASP F 201 -51.62 51.20 7.66
CA ASP F 201 -52.27 52.36 7.06
C ASP F 201 -52.41 52.16 5.55
N LEU F 202 -52.43 53.26 4.81
CA LEU F 202 -52.88 53.28 3.42
C LEU F 202 -51.73 53.42 2.43
N GLY F 203 -52.07 53.27 1.15
CA GLY F 203 -51.21 53.63 0.03
C GLY F 203 -51.40 55.12 -0.24
N ASP F 204 -50.61 55.78 -1.10
CA ASP F 204 -49.57 55.28 -2.03
C ASP F 204 -50.01 54.46 -3.26
N ASP F 205 -49.18 54.49 -4.31
CA ASP F 205 -49.53 53.95 -5.63
C ASP F 205 -48.26 53.64 -6.39
N LEU F 206 -48.38 53.59 -7.72
CA LEU F 206 -47.23 53.48 -8.61
C LEU F 206 -46.65 54.87 -8.87
N VAL F 207 -45.80 55.00 -9.87
CA VAL F 207 -45.01 56.21 -10.09
C VAL F 207 -45.78 57.19 -10.97
N SER F 208 -45.71 58.47 -10.61
CA SER F 208 -46.20 59.58 -11.42
C SER F 208 -47.69 59.55 -11.76
N ASP F 209 -48.56 59.87 -10.78
CA ASP F 209 -48.14 60.14 -9.40
C ASP F 209 -48.59 59.20 -8.24
N GLY F 210 -49.28 58.07 -8.47
CA GLY F 210 -49.73 57.55 -9.75
C GLY F 210 -51.22 57.57 -9.92
N ASN F 211 -51.95 57.27 -8.84
CA ASN F 211 -53.41 57.25 -8.86
C ASN F 211 -53.92 57.80 -7.53
N GLY F 212 -55.18 57.50 -7.21
CA GLY F 212 -55.79 57.96 -5.98
C GLY F 212 -55.11 57.39 -4.75
N GLY F 213 -55.15 56.07 -4.60
CA GLY F 213 -54.44 55.39 -3.53
C GLY F 213 -55.31 55.05 -2.35
N GLN F 214 -54.75 55.12 -1.15
CA GLN F 214 -55.50 54.90 0.08
C GLN F 214 -56.08 53.50 0.15
N PHE F 215 -55.35 52.57 0.76
CA PHE F 215 -55.86 51.23 0.99
C PHE F 215 -55.06 50.62 2.12
N ARG F 216 -55.76 50.12 3.13
CA ARG F 216 -55.08 49.62 4.31
C ARG F 216 -54.16 48.46 3.95
N ALA F 217 -53.10 48.31 4.74
CA ALA F 217 -52.00 47.45 4.36
C ALA F 217 -51.23 47.03 5.61
N TYR F 218 -50.23 46.17 5.41
CA TYR F 218 -49.29 45.75 6.43
C TYR F 218 -47.92 46.26 6.03
N ARG F 219 -47.29 47.01 6.93
CA ARG F 219 -46.04 47.70 6.67
C ARG F 219 -44.99 47.26 7.68
N ASP F 220 -43.74 47.35 7.28
CA ASP F 220 -42.61 46.98 8.13
C ASP F 220 -41.32 47.26 7.40
N GLU F 221 -40.25 47.44 8.17
CA GLU F 221 -38.92 47.76 7.64
C GLU F 221 -37.87 47.18 8.57
N PHE F 222 -36.68 46.96 8.00
CA PHE F 222 -35.50 46.54 8.76
C PHE F 222 -34.33 47.40 8.34
N LYS F 223 -33.68 48.04 9.30
CA LYS F 223 -32.60 48.99 9.07
C LYS F 223 -31.29 48.43 9.57
N TRP F 224 -30.20 49.03 9.09
CA TRP F 224 -28.89 48.63 9.56
C TRP F 224 -27.87 49.74 9.27
N ASP F 225 -26.98 49.96 10.24
CA ASP F 225 -25.88 50.89 10.12
C ASP F 225 -24.59 50.15 10.40
N ILE F 226 -23.54 50.43 9.64
CA ILE F 226 -22.28 49.71 9.77
C ILE F 226 -21.10 50.60 9.40
N GLY F 227 -19.95 50.27 9.98
CA GLY F 227 -18.64 50.83 9.67
C GLY F 227 -17.64 49.96 10.39
N LEU F 228 -16.66 49.40 9.68
CA LEU F 228 -15.72 48.47 10.30
C LEU F 228 -14.74 49.19 11.20
N SER F 229 -13.45 49.19 10.86
CA SER F 229 -12.46 49.92 11.63
C SER F 229 -11.09 49.87 10.97
N VAL F 230 -10.10 50.40 11.67
CA VAL F 230 -8.70 50.21 11.32
C VAL F 230 -7.96 49.81 12.60
N ARG F 231 -7.78 50.76 13.52
CA ARG F 231 -7.06 50.56 14.77
C ARG F 231 -5.80 49.74 14.55
N ASP F 232 -4.74 50.37 14.04
CA ASP F 232 -3.46 49.72 13.81
C ASP F 232 -3.56 48.66 12.72
N TRP F 233 -2.93 48.91 11.57
CA TRP F 233 -2.79 47.88 10.54
C TRP F 233 -1.56 47.04 10.87
N ARG F 234 -1.80 45.80 11.30
CA ARG F 234 -0.75 44.87 11.69
C ARG F 234 -1.41 43.53 12.02
N SER F 235 -2.38 43.58 12.95
CA SER F 235 -3.09 42.39 13.39
C SER F 235 -3.90 41.74 12.28
N ILE F 236 -3.99 42.37 11.11
CA ILE F 236 -4.67 41.80 9.97
C ILE F 236 -3.62 41.14 9.07
N SER F 237 -4.09 40.29 8.16
CA SER F 237 -3.20 39.48 7.34
C SER F 237 -3.96 39.05 6.11
N ARG F 238 -3.30 39.15 4.96
CA ARG F 238 -3.93 38.85 3.69
C ARG F 238 -2.89 38.23 2.78
N ILE F 239 -3.35 37.32 1.91
CA ILE F 239 -2.47 36.75 0.90
C ILE F 239 -3.15 36.83 -0.46
N CYS F 240 -2.33 36.98 -1.50
CA CYS F 240 -2.80 37.04 -2.88
C CYS F 240 -2.19 35.93 -3.69
N ASN F 241 -3.04 35.29 -4.50
CA ASN F 241 -2.76 34.04 -5.19
C ASN F 241 -4.13 33.75 -5.78
N ILE F 242 -4.35 32.71 -6.59
CA ILE F 242 -3.43 31.62 -6.90
C ILE F 242 -3.20 31.38 -8.42
N ASP F 243 -4.18 30.94 -9.23
CA ASP F 243 -5.55 30.59 -8.85
C ASP F 243 -5.73 29.07 -8.85
N VAL F 244 -6.49 28.56 -9.82
CA VAL F 244 -6.80 27.14 -9.85
C VAL F 244 -5.60 26.31 -10.28
N THR F 245 -4.75 26.84 -11.17
CA THR F 245 -3.55 26.13 -11.57
C THR F 245 -2.63 25.90 -10.38
N THR F 246 -2.33 26.95 -9.62
CA THR F 246 -1.51 26.79 -8.43
C THR F 246 -2.26 26.05 -7.31
N LEU F 247 -3.59 26.08 -7.33
CA LEU F 247 -4.35 25.20 -6.46
C LEU F 247 -4.07 23.74 -6.78
N THR F 248 -4.09 23.38 -8.06
CA THR F 248 -3.60 22.06 -8.46
C THR F 248 -2.15 21.87 -8.06
N LYS F 249 -1.38 22.96 -8.00
CA LYS F 249 -0.02 22.91 -7.49
C LYS F 249 0.04 22.79 -5.96
N ASP F 250 -1.09 22.85 -5.27
CA ASP F 250 -1.09 22.67 -3.83
C ASP F 250 -0.98 21.20 -3.42
N ALA F 251 -1.19 20.27 -4.34
CA ALA F 251 -1.09 18.84 -4.04
C ALA F 251 0.33 18.37 -4.28
N SER F 252 1.20 18.70 -3.32
CA SER F 252 2.56 18.17 -3.25
C SER F 252 3.40 18.51 -4.47
N THR F 253 3.23 19.73 -4.99
CA THR F 253 4.03 20.15 -6.14
C THR F 253 5.15 21.08 -5.72
N GLY F 254 5.61 21.93 -6.65
CA GLY F 254 6.79 22.73 -6.37
C GLY F 254 6.81 24.13 -6.94
N ALA F 255 5.65 24.81 -6.96
CA ALA F 255 5.64 26.23 -7.28
C ALA F 255 5.55 27.03 -5.98
N ASP F 256 4.38 27.62 -5.73
CA ASP F 256 4.07 28.27 -4.45
C ASP F 256 2.73 27.71 -4.01
N LEU F 257 2.76 26.54 -3.37
CA LEU F 257 1.52 25.86 -2.97
C LEU F 257 0.74 26.65 -1.92
N ILE F 258 0.84 26.22 -0.66
CA ILE F 258 0.07 26.82 0.42
C ILE F 258 0.92 27.16 1.63
N SER F 259 2.23 26.94 1.57
CA SER F 259 3.10 27.05 2.74
C SER F 259 2.95 28.38 3.48
N MET F 260 2.72 29.47 2.75
CA MET F 260 2.57 30.79 3.35
C MET F 260 1.49 30.84 4.43
N MET F 261 0.62 29.82 4.50
CA MET F 261 -0.31 29.69 5.62
C MET F 261 0.38 29.90 6.96
N VAL F 262 1.64 29.43 7.09
CA VAL F 262 2.39 29.66 8.32
C VAL F 262 2.84 31.12 8.40
N ASP F 263 3.48 31.61 7.33
CA ASP F 263 4.08 32.94 7.31
C ASP F 263 3.16 33.99 7.93
N ALA F 264 1.93 34.08 7.43
CA ALA F 264 0.98 35.07 7.91
C ALA F 264 0.84 35.01 9.44
N TYR F 265 0.52 33.82 9.97
CA TYR F 265 0.36 33.67 11.41
C TYR F 265 1.61 34.14 12.15
N TYR F 266 2.79 33.82 11.61
CA TYR F 266 4.03 34.19 12.29
C TYR F 266 4.54 35.57 11.91
N ALA F 267 3.96 36.19 10.89
CA ALA F 267 4.35 37.54 10.49
C ALA F 267 3.53 38.61 11.18
N ARG F 268 2.99 38.33 12.37
CA ARG F 268 2.02 39.23 13.00
C ARG F 268 2.13 39.06 14.51
N ASP F 269 2.85 39.99 15.15
CA ASP F 269 2.90 40.20 16.60
C ASP F 269 4.07 41.11 16.94
N VAL F 270 3.87 42.05 17.87
CA VAL F 270 4.95 42.97 18.23
C VAL F 270 5.27 43.10 19.75
N ALA F 271 4.36 43.60 20.60
CA ALA F 271 2.99 44.01 20.31
C ALA F 271 2.82 45.37 21.04
N MET F 272 1.70 46.12 21.01
CA MET F 272 0.33 45.85 20.48
C MET F 272 -0.49 44.95 21.42
N LEU F 273 0.11 44.59 22.55
CA LEU F 273 -0.43 43.50 23.37
C LEU F 273 -1.62 43.99 24.19
N GLY F 274 -2.79 43.48 23.85
CA GLY F 274 -4.00 43.60 24.64
C GLY F 274 -4.53 42.19 24.83
N ASP F 275 -5.05 41.59 23.75
CA ASP F 275 -5.22 42.26 22.47
C ASP F 275 -6.59 41.99 21.86
N GLY F 276 -7.00 40.74 21.93
CA GLY F 276 -8.28 40.31 21.37
C GLY F 276 -8.17 38.93 20.76
N LYS F 277 -9.31 38.25 20.69
CA LYS F 277 -9.37 36.94 20.08
C LYS F 277 -9.05 37.04 18.59
N GLU F 278 -8.69 35.89 18.02
CA GLU F 278 -8.28 35.79 16.63
C GLU F 278 -9.27 34.93 15.85
N VAL F 279 -9.21 35.06 14.53
CA VAL F 279 -10.13 34.38 13.64
C VAL F 279 -9.45 34.31 12.28
N ILE F 280 -10.05 33.58 11.34
CA ILE F 280 -9.48 33.43 10.00
C ILE F 280 -10.59 33.10 9.03
N TYR F 281 -10.47 33.61 7.80
CA TYR F 281 -11.49 33.49 6.77
C TYR F 281 -10.98 32.65 5.60
N ALA F 282 -11.92 31.92 5.00
CA ALA F 282 -11.67 31.17 3.79
C ALA F 282 -12.75 31.55 2.78
N ASN F 283 -12.61 31.03 1.56
CA ASN F 283 -13.56 31.30 0.48
C ASN F 283 -14.47 30.12 0.20
N LYS F 284 -14.42 29.08 1.04
CA LYS F 284 -14.87 27.72 0.76
C LYS F 284 -13.79 26.94 0.00
N THR F 285 -13.88 26.88 -1.33
CA THR F 285 -12.99 26.05 -2.16
C THR F 285 -11.56 26.03 -1.65
N ILE F 286 -11.06 27.16 -1.15
CA ILE F 286 -9.73 27.23 -0.56
C ILE F 286 -9.66 26.38 0.71
N HIS F 287 -10.75 26.33 1.50
CA HIS F 287 -10.81 25.48 2.68
C HIS F 287 -10.64 24.01 2.31
N ALA F 288 -11.59 23.48 1.52
CA ALA F 288 -11.52 22.10 1.04
C ALA F 288 -10.17 21.80 0.41
N TRP F 289 -9.69 22.73 -0.44
CA TRP F 289 -8.38 22.55 -1.07
C TRP F 289 -7.27 22.44 -0.04
N LEU F 290 -7.37 23.23 1.04
CA LEU F 290 -6.39 23.19 2.11
C LEU F 290 -6.34 21.81 2.75
N HIS F 291 -7.50 21.29 3.19
CA HIS F 291 -7.56 19.93 3.72
C HIS F 291 -6.97 18.93 2.73
N LYS F 292 -7.53 18.92 1.52
CA LYS F 292 -7.14 18.01 0.45
C LYS F 292 -5.62 17.95 0.30
N GLN F 293 -4.98 19.11 0.23
CA GLN F 293 -3.52 19.15 0.05
C GLN F 293 -2.80 18.76 1.32
N ALA F 294 -3.35 19.10 2.49
CA ALA F 294 -2.69 18.80 3.76
C ALA F 294 -2.55 17.30 3.96
N MET F 295 -3.44 16.50 3.38
CA MET F 295 -3.28 15.06 3.54
C MET F 295 -2.17 14.44 2.69
N ASN F 296 -1.46 15.20 1.85
CA ASN F 296 -0.41 14.62 1.01
C ASN F 296 0.93 15.35 1.11
N ALA F 297 1.20 16.04 2.23
CA ALA F 297 2.48 16.70 2.37
C ALA F 297 3.58 15.68 2.67
N LYS F 298 4.82 16.07 2.36
CA LYS F 298 6.00 15.21 2.50
C LYS F 298 6.42 15.00 3.96
N ASN F 299 5.47 14.76 4.86
CA ASN F 299 5.69 14.89 6.28
C ASN F 299 5.22 13.66 7.05
N VAL F 300 5.45 12.47 6.47
CA VAL F 300 5.19 11.19 7.10
C VAL F 300 3.78 11.11 7.69
N ASN F 301 3.63 11.62 8.92
CA ASN F 301 2.37 11.76 9.63
C ASN F 301 1.36 10.61 9.52
N LEU F 302 1.48 9.60 10.38
CA LEU F 302 0.53 8.50 10.32
C LEU F 302 -0.80 8.89 10.96
N THR F 303 -1.85 8.13 10.58
CA THR F 303 -3.13 8.21 11.27
C THR F 303 -3.71 6.82 11.52
N ILE F 304 -2.95 5.76 11.26
CA ILE F 304 -3.45 4.39 11.25
C ILE F 304 -4.59 4.30 10.25
N GLU F 305 -5.83 4.25 10.76
CA GLU F 305 -6.98 4.07 9.89
C GLU F 305 -8.19 4.91 10.32
N GLU F 306 -8.53 5.92 9.53
CA GLU F 306 -7.80 6.24 8.31
C GLU F 306 -7.83 7.73 8.01
N TYR F 307 -7.45 8.06 6.78
CA TYR F 307 -7.66 9.38 6.19
C TYR F 307 -9.16 9.71 6.21
N GLY F 308 -9.54 10.97 6.04
CA GLY F 308 -8.62 12.07 5.79
C GLY F 308 -8.38 12.96 6.99
N GLY F 309 -7.92 14.17 6.72
CA GLY F 309 -7.54 15.11 7.76
C GLY F 309 -8.66 15.62 8.64
N LYS F 310 -9.83 14.97 8.55
CA LYS F 310 -11.03 15.33 9.32
C LYS F 310 -11.23 16.84 9.41
N LYS F 311 -11.35 17.46 8.24
CA LYS F 311 -11.50 18.91 8.11
C LYS F 311 -10.23 19.54 8.72
N ILE F 312 -10.36 20.57 9.55
CA ILE F 312 -9.25 21.07 10.36
C ILE F 312 -9.83 21.76 11.60
N VAL F 313 -10.53 22.87 11.39
CA VAL F 313 -11.22 23.63 12.43
C VAL F 313 -10.21 24.21 13.41
N SER F 314 -8.92 24.15 13.06
CA SER F 314 -7.89 24.67 13.95
C SER F 314 -6.59 24.80 13.19
N PHE F 315 -5.81 25.82 13.58
CA PHE F 315 -4.36 25.98 13.35
C PHE F 315 -3.91 27.46 13.41
N LEU F 316 -3.07 27.78 14.38
CA LEU F 316 -2.76 26.87 15.49
C LEU F 316 -2.73 27.57 16.86
N GLY F 317 -3.82 27.41 17.60
CA GLY F 317 -4.98 26.67 17.14
C GLY F 317 -6.15 27.58 16.87
N ILE F 318 -5.85 28.78 16.36
CA ILE F 318 -6.85 29.82 16.13
C ILE F 318 -7.92 29.27 15.19
N PRO F 319 -9.17 29.15 15.64
CA PRO F 319 -10.18 28.46 14.83
C PRO F 319 -10.43 29.17 13.52
N ILE F 320 -10.97 28.41 12.57
CA ILE F 320 -11.17 28.85 11.20
C ILE F 320 -12.61 28.52 10.80
N ARG F 321 -13.28 29.48 10.16
CA ARG F 321 -14.62 29.29 9.64
C ARG F 321 -14.65 29.72 8.18
N ARG F 322 -15.77 29.43 7.54
CA ARG F 322 -15.97 29.71 6.13
C ARG F 322 -16.90 30.90 5.96
N VAL F 323 -16.60 31.72 4.96
CA VAL F 323 -17.45 32.84 4.59
C VAL F 323 -17.67 32.78 3.09
N ASP F 324 -18.03 33.91 2.49
CA ASP F 324 -18.16 34.02 1.04
C ASP F 324 -17.33 35.20 0.56
N ALA F 325 -16.17 34.91 -0.03
CA ALA F 325 -15.44 35.92 -0.77
C ALA F 325 -15.89 35.88 -2.22
N ILE F 326 -14.97 36.09 -3.15
CA ILE F 326 -15.24 35.91 -4.56
C ILE F 326 -14.21 34.92 -5.09
N LEU F 327 -14.24 34.66 -6.40
CA LEU F 327 -13.24 33.83 -7.04
C LEU F 327 -12.36 34.59 -8.01
N ASN F 328 -12.60 35.90 -8.22
CA ASN F 328 -11.87 36.66 -9.22
C ASN F 328 -11.52 38.04 -8.67
N THR F 329 -10.26 38.43 -8.82
CA THR F 329 -9.86 39.81 -8.54
C THR F 329 -8.94 40.33 -9.65
N GLU F 330 -7.68 40.56 -9.31
CA GLU F 330 -6.67 40.99 -10.29
C GLU F 330 -5.34 40.37 -9.91
N SER F 331 -4.98 40.53 -8.63
CA SER F 331 -3.81 40.01 -7.92
C SER F 331 -3.24 41.11 -7.01
N ALA F 332 -4.07 42.10 -6.68
CA ALA F 332 -3.65 43.22 -5.85
C ALA F 332 -2.41 43.91 -6.40
N VAL F 333 -2.26 43.88 -7.73
CA VAL F 333 -1.17 44.52 -8.45
C VAL F 333 0.16 43.82 -8.19
N THR F 334 0.17 42.79 -7.32
CA THR F 334 1.42 42.12 -7.00
C THR F 334 2.07 41.48 -8.23
N ALA F 335 1.33 41.35 -9.33
CA ALA F 335 1.88 40.93 -10.60
C ALA F 335 0.94 41.36 -11.72
N MET G 1 -75.68 -23.76 -41.57
CA MET G 1 -74.90 -24.54 -42.53
C MET G 1 -73.68 -23.78 -43.05
N ALA G 2 -73.77 -22.46 -43.09
CA ALA G 2 -72.69 -21.61 -43.57
C ALA G 2 -72.02 -20.82 -42.45
N LEU G 3 -72.79 -20.02 -41.71
CA LEU G 3 -72.21 -19.13 -40.70
C LEU G 3 -71.76 -19.95 -39.50
N ILE G 4 -70.45 -20.10 -39.33
CA ILE G 4 -69.83 -20.71 -38.17
C ILE G 4 -70.34 -22.15 -38.02
N GLY G 5 -69.98 -22.80 -36.91
CA GLY G 5 -70.42 -24.15 -36.64
C GLY G 5 -71.28 -24.24 -35.40
N GLN G 6 -72.09 -23.22 -35.17
CA GLN G 6 -73.01 -23.14 -34.03
C GLN G 6 -72.23 -23.21 -32.71
N THR G 7 -71.53 -22.10 -32.44
CA THR G 7 -70.75 -21.95 -31.21
C THR G 7 -71.68 -21.44 -30.13
N LEU G 8 -72.05 -22.34 -29.19
CA LEU G 8 -72.81 -22.16 -27.95
C LEU G 8 -74.17 -22.84 -27.97
N PRO G 9 -74.54 -23.53 -26.89
CA PRO G 9 -75.88 -24.14 -26.80
C PRO G 9 -76.94 -23.10 -26.48
N SER G 10 -77.60 -22.60 -27.52
CA SER G 10 -78.46 -21.42 -27.43
C SER G 10 -79.92 -21.82 -27.56
N LEU G 11 -80.67 -21.69 -26.45
CA LEU G 11 -82.11 -21.83 -26.45
C LEU G 11 -82.61 -23.20 -26.89
N LEU G 12 -82.23 -23.61 -28.11
CA LEU G 12 -82.63 -24.92 -28.63
C LEU G 12 -82.36 -26.02 -27.63
N ASP G 13 -81.22 -25.96 -26.93
CA ASP G 13 -80.95 -26.93 -25.87
C ASP G 13 -81.97 -26.82 -24.74
N ILE G 14 -82.18 -25.61 -24.21
CA ILE G 14 -83.04 -25.43 -23.05
C ILE G 14 -84.49 -25.83 -23.36
N TYR G 15 -84.90 -25.75 -24.62
CA TYR G 15 -86.21 -26.24 -25.03
C TYR G 15 -86.16 -27.66 -25.58
N ASN G 16 -84.98 -28.29 -25.63
CA ASN G 16 -84.85 -29.69 -25.99
C ASN G 16 -84.13 -30.52 -24.94
N ARG G 17 -83.70 -29.94 -23.83
CA ARG G 17 -82.92 -30.69 -22.83
C ARG G 17 -83.60 -31.89 -22.14
N THR G 18 -84.78 -31.75 -21.50
CA THR G 18 -85.53 -30.52 -21.31
C THR G 18 -86.23 -30.68 -19.99
N ASP G 19 -87.19 -29.79 -19.72
CA ASP G 19 -88.20 -30.10 -18.72
C ASP G 19 -89.46 -30.68 -19.35
N LYS G 20 -89.78 -30.26 -20.58
CA LYS G 20 -90.93 -30.73 -21.35
C LYS G 20 -92.25 -30.54 -20.61
N ASN G 21 -92.25 -29.75 -19.54
CA ASN G 21 -93.32 -29.60 -18.56
C ASN G 21 -93.19 -30.61 -17.43
N GLY G 22 -92.09 -30.56 -16.71
CA GLY G 22 -91.92 -31.32 -15.48
C GLY G 22 -92.78 -30.71 -14.37
N ARG G 23 -92.43 -30.88 -13.09
CA ARG G 23 -91.21 -31.51 -12.55
C ARG G 23 -89.88 -30.81 -12.86
N ILE G 24 -88.79 -31.49 -12.49
CA ILE G 24 -87.45 -30.90 -12.48
C ILE G 24 -86.91 -30.82 -13.90
N ALA G 25 -86.10 -29.78 -14.16
CA ALA G 25 -85.38 -29.68 -15.41
C ALA G 25 -84.58 -30.95 -15.65
N ARG G 26 -84.35 -31.27 -16.93
CA ARG G 26 -83.67 -32.50 -17.32
C ARG G 26 -84.47 -33.70 -16.83
N ILE G 27 -85.37 -34.19 -17.68
CA ILE G 27 -86.11 -35.41 -17.37
C ILE G 27 -85.13 -36.57 -17.55
N VAL G 28 -84.72 -37.18 -16.44
CA VAL G 28 -83.64 -38.18 -16.43
C VAL G 28 -83.91 -39.39 -17.35
N GLU G 29 -83.07 -39.53 -18.37
CA GLU G 29 -82.16 -38.49 -18.81
C GLU G 29 -82.30 -38.41 -20.33
N GLN G 30 -81.41 -39.13 -20.99
CA GLN G 30 -81.44 -39.33 -22.43
C GLN G 30 -80.57 -40.53 -22.75
N LEU G 31 -80.73 -41.06 -23.95
CA LEU G 31 -79.90 -42.16 -24.41
C LEU G 31 -79.01 -41.68 -25.54
N ALA G 32 -77.94 -42.43 -25.79
CA ALA G 32 -76.96 -42.10 -26.81
C ALA G 32 -77.08 -43.10 -27.96
N LYS G 33 -77.38 -42.60 -29.15
CA LYS G 33 -77.37 -43.40 -30.37
C LYS G 33 -75.97 -43.35 -30.99
N THR G 34 -75.05 -44.06 -30.35
CA THR G 34 -73.69 -44.20 -30.81
C THR G 34 -73.21 -45.60 -30.45
N ASN G 35 -72.30 -46.12 -31.26
CA ASN G 35 -71.74 -47.43 -30.95
C ASN G 35 -70.87 -47.36 -29.71
N ASP G 36 -70.77 -48.47 -29.01
CA ASP G 36 -69.94 -48.56 -27.81
C ASP G 36 -69.06 -49.79 -27.89
N ILE G 37 -67.99 -49.76 -27.09
CA ILE G 37 -66.93 -50.75 -27.14
C ILE G 37 -66.33 -50.82 -25.73
N LEU G 38 -65.73 -51.96 -25.40
CA LEU G 38 -65.24 -52.24 -24.05
C LEU G 38 -63.85 -51.67 -23.85
N THR G 39 -63.77 -50.57 -23.10
CA THR G 39 -62.56 -50.08 -22.44
C THR G 39 -63.06 -49.55 -21.10
N ASP G 40 -62.99 -50.30 -19.99
CA ASP G 40 -62.28 -51.59 -19.77
C ASP G 40 -60.75 -51.40 -19.69
N ALA G 41 -60.02 -52.50 -19.82
CA ALA G 41 -58.56 -52.51 -19.65
C ALA G 41 -58.21 -52.13 -18.21
N ILE G 42 -56.99 -51.62 -18.00
CA ILE G 42 -56.53 -51.19 -16.68
C ILE G 42 -55.55 -50.04 -16.85
N TYR G 43 -55.39 -49.27 -15.78
CA TYR G 43 -54.54 -48.07 -15.78
C TYR G 43 -53.44 -48.23 -14.74
N VAL G 44 -52.26 -47.70 -15.03
CA VAL G 44 -51.23 -47.54 -14.01
C VAL G 44 -50.55 -46.19 -14.18
N PRO G 45 -50.03 -45.65 -13.08
CA PRO G 45 -49.08 -44.53 -13.19
C PRO G 45 -47.70 -45.03 -13.59
N CYS G 46 -46.93 -44.14 -14.18
CA CYS G 46 -45.70 -44.52 -14.86
C CYS G 46 -44.58 -43.54 -14.56
N ASN G 47 -43.37 -44.06 -14.50
CA ASN G 47 -42.16 -43.26 -14.31
C ASN G 47 -41.57 -42.87 -15.66
N ASP G 48 -41.12 -41.62 -15.78
CA ASP G 48 -41.22 -40.65 -14.70
C ASP G 48 -42.00 -39.45 -15.20
N GLY G 49 -43.31 -39.47 -14.98
CA GLY G 49 -44.19 -38.46 -15.52
C GLY G 49 -44.31 -38.45 -17.03
N SER G 50 -43.66 -39.38 -17.72
CA SER G 50 -43.71 -39.49 -19.18
C SER G 50 -43.04 -40.79 -19.57
N LYS G 51 -43.24 -41.18 -20.84
CA LYS G 51 -42.71 -42.44 -21.37
C LYS G 51 -43.10 -43.58 -20.43
N HIS G 52 -42.18 -44.52 -20.23
CA HIS G 52 -42.22 -45.41 -19.08
C HIS G 52 -40.90 -46.15 -18.91
N LYS G 53 -40.11 -46.22 -19.99
CA LYS G 53 -38.81 -46.88 -20.01
C LYS G 53 -38.85 -48.31 -19.47
N THR G 54 -38.92 -49.28 -20.38
CA THR G 54 -39.20 -50.66 -19.99
C THR G 54 -37.97 -51.53 -19.88
N THR G 55 -38.11 -52.82 -20.22
CA THR G 55 -37.20 -53.85 -19.74
C THR G 55 -36.84 -54.87 -20.81
N ILE G 56 -37.76 -55.81 -21.07
CA ILE G 56 -37.50 -57.02 -21.85
C ILE G 56 -36.39 -57.84 -21.19
N ARG G 57 -35.72 -58.68 -21.96
CA ARG G 57 -34.65 -59.54 -21.46
C ARG G 57 -33.63 -59.78 -22.57
N ALA G 58 -34.04 -60.51 -23.61
CA ALA G 58 -33.24 -60.70 -24.82
C ALA G 58 -31.97 -61.50 -24.59
N GLY G 59 -32.04 -62.82 -24.72
CA GLY G 59 -30.87 -63.66 -24.75
C GLY G 59 -30.20 -63.91 -23.41
N ILE G 60 -30.43 -65.08 -22.83
CA ILE G 60 -29.83 -65.43 -21.54
C ILE G 60 -29.38 -66.89 -21.54
N PRO G 61 -28.31 -67.26 -22.28
CA PRO G 61 -27.69 -68.58 -22.19
C PRO G 61 -26.43 -68.50 -21.30
N GLU G 62 -25.86 -69.61 -20.83
CA GLU G 62 -26.33 -70.98 -20.98
C GLU G 62 -25.67 -71.81 -19.88
N PRO G 63 -26.45 -72.61 -19.16
CA PRO G 63 -25.85 -73.52 -18.17
C PRO G 63 -25.13 -74.69 -18.83
N VAL G 64 -24.12 -75.20 -18.13
CA VAL G 64 -23.30 -76.29 -18.63
C VAL G 64 -23.36 -77.45 -17.63
N TRP G 65 -23.05 -78.64 -18.13
CA TRP G 65 -23.01 -79.83 -17.31
C TRP G 65 -21.72 -79.88 -16.49
N ARG G 66 -21.81 -80.54 -15.33
CA ARG G 66 -20.68 -80.71 -14.43
C ARG G 66 -20.00 -82.04 -14.74
N ARG G 67 -18.97 -82.00 -15.58
CA ARG G 67 -18.13 -83.16 -15.83
C ARG G 67 -16.85 -83.02 -15.03
N TYR G 68 -16.55 -84.02 -14.21
CA TYR G 68 -15.46 -83.95 -13.22
C TYR G 68 -15.81 -82.85 -12.22
N ASN G 69 -14.82 -82.07 -11.77
CA ASN G 69 -15.05 -80.93 -10.91
C ASN G 69 -14.95 -79.62 -11.67
N GLN G 70 -15.09 -79.68 -12.99
CA GLN G 70 -14.93 -78.50 -13.85
C GLN G 70 -16.23 -77.71 -13.88
N GLY G 71 -16.17 -76.47 -13.42
CA GLY G 71 -17.29 -75.56 -13.51
C GLY G 71 -16.85 -74.25 -14.14
N VAL G 72 -15.86 -74.34 -15.03
CA VAL G 72 -15.17 -73.16 -15.54
C VAL G 72 -16.13 -72.23 -16.27
N GLN G 73 -15.82 -70.94 -16.22
CA GLN G 73 -16.38 -69.88 -17.07
C GLN G 73 -17.70 -69.31 -16.57
N PRO G 74 -17.80 -67.98 -16.46
CA PRO G 74 -19.08 -67.37 -16.07
C PRO G 74 -19.93 -66.99 -17.26
N THR G 75 -21.07 -66.40 -16.99
CA THR G 75 -21.94 -65.83 -18.02
C THR G 75 -22.78 -64.74 -17.37
N LYS G 76 -23.48 -63.98 -18.20
CA LYS G 76 -24.29 -62.87 -17.73
C LYS G 76 -25.43 -62.61 -18.70
N THR G 77 -26.20 -61.56 -18.42
CA THR G 77 -27.42 -61.24 -19.14
C THR G 77 -27.44 -59.76 -19.46
N GLN G 78 -28.08 -59.41 -20.56
CA GLN G 78 -28.24 -58.04 -21.02
C GLN G 78 -29.74 -57.70 -21.06
N THR G 79 -30.03 -56.46 -21.42
CA THR G 79 -31.40 -55.95 -21.47
C THR G 79 -31.42 -54.71 -22.37
N VAL G 80 -32.59 -54.07 -22.45
CA VAL G 80 -32.78 -52.85 -23.24
C VAL G 80 -34.17 -52.24 -22.99
N PRO G 81 -34.24 -50.96 -22.64
CA PRO G 81 -35.56 -50.31 -22.44
C PRO G 81 -36.27 -50.08 -23.78
N VAL G 82 -37.55 -49.67 -23.69
CA VAL G 82 -38.39 -49.51 -24.86
C VAL G 82 -39.32 -48.31 -24.76
N THR G 83 -40.37 -48.44 -23.94
CA THR G 83 -41.71 -47.90 -24.20
C THR G 83 -41.87 -46.44 -24.63
N ASP G 84 -43.10 -46.13 -25.03
CA ASP G 84 -43.52 -44.83 -25.57
C ASP G 84 -44.21 -44.02 -24.45
N THR G 85 -44.73 -42.86 -24.84
CA THR G 85 -45.38 -41.92 -23.95
C THR G 85 -46.88 -41.87 -24.24
N THR G 86 -47.51 -40.75 -23.88
CA THR G 86 -48.94 -40.57 -24.04
C THR G 86 -49.25 -39.41 -24.97
N GLY G 87 -50.47 -38.88 -24.85
CA GLY G 87 -50.88 -37.68 -25.55
C GLY G 87 -52.15 -37.12 -24.96
N MET G 88 -52.23 -35.80 -24.84
CA MET G 88 -53.27 -35.12 -24.09
C MET G 88 -54.39 -34.66 -25.01
N LEU G 89 -55.61 -34.67 -24.47
CA LEU G 89 -56.74 -34.04 -25.14
C LEU G 89 -57.70 -33.51 -24.09
N TYR G 90 -58.20 -32.31 -24.33
CA TYR G 90 -59.14 -31.70 -23.41
C TYR G 90 -59.98 -30.65 -24.13
N ASP G 91 -61.23 -30.53 -23.71
CA ASP G 91 -62.18 -29.61 -24.32
C ASP G 91 -62.98 -28.91 -23.25
N LEU G 92 -63.49 -27.73 -23.60
CA LEU G 92 -64.22 -26.87 -22.68
C LEU G 92 -65.67 -26.75 -23.13
N GLY G 93 -66.54 -26.50 -22.15
CA GLY G 93 -67.95 -26.33 -22.42
C GLY G 93 -68.42 -24.99 -21.89
N PHE G 94 -69.35 -24.37 -22.62
CA PHE G 94 -69.87 -23.05 -22.29
C PHE G 94 -71.40 -23.09 -22.36
N VAL G 95 -72.03 -22.39 -21.43
CA VAL G 95 -73.43 -21.99 -21.52
C VAL G 95 -73.54 -20.56 -20.98
N ASP G 96 -74.75 -20.03 -20.93
CA ASP G 96 -75.01 -18.70 -20.38
C ASP G 96 -75.48 -18.86 -18.94
N LYS G 97 -74.65 -18.41 -17.99
CA LYS G 97 -74.97 -18.55 -16.57
C LYS G 97 -76.35 -18.01 -16.23
N ALA G 98 -76.78 -16.93 -16.89
CA ALA G 98 -78.13 -16.42 -16.64
C ALA G 98 -79.20 -17.43 -17.05
N LEU G 99 -78.96 -18.17 -18.12
CA LEU G 99 -79.88 -19.22 -18.56
C LEU G 99 -79.31 -20.61 -18.22
N ALA G 100 -79.37 -20.90 -16.93
CA ALA G 100 -79.42 -22.27 -16.42
C ALA G 100 -80.54 -22.37 -15.40
N ASP G 101 -81.48 -21.42 -15.45
CA ASP G 101 -82.35 -21.12 -14.32
C ASP G 101 -83.84 -21.26 -14.66
N ARG G 102 -84.17 -21.92 -15.76
CA ARG G 102 -85.58 -22.27 -16.04
C ARG G 102 -85.80 -23.79 -16.19
N SER G 103 -86.22 -24.45 -15.12
CA SER G 103 -86.30 -23.84 -13.79
C SER G 103 -84.90 -23.78 -13.20
N ASN G 104 -84.74 -23.11 -12.06
CA ASN G 104 -83.40 -22.98 -11.48
C ASN G 104 -82.82 -24.34 -11.16
N ASN G 105 -81.65 -24.62 -11.74
CA ASN G 105 -80.92 -25.86 -11.48
C ASN G 105 -79.64 -25.87 -12.29
N ALA G 106 -78.55 -26.35 -11.69
CA ALA G 106 -77.34 -26.66 -12.44
C ALA G 106 -77.22 -28.14 -12.77
N ALA G 107 -77.65 -29.02 -11.85
CA ALA G 107 -77.52 -30.46 -12.03
C ALA G 107 -77.95 -30.92 -13.41
N ALA G 108 -79.02 -30.33 -13.95
CA ALA G 108 -79.43 -30.57 -15.33
C ALA G 108 -78.24 -30.45 -16.27
N PHE G 109 -77.82 -29.21 -16.55
CA PHE G 109 -76.76 -28.98 -17.52
C PHE G 109 -75.45 -29.63 -17.10
N ARG G 110 -75.02 -29.40 -15.85
CA ARG G 110 -73.71 -29.90 -15.42
C ARG G 110 -73.62 -31.41 -15.53
N VAL G 111 -74.54 -32.13 -14.89
CA VAL G 111 -74.44 -33.59 -14.85
C VAL G 111 -74.74 -34.19 -16.22
N SER G 112 -75.79 -33.72 -16.90
CA SER G 112 -76.11 -34.24 -18.23
C SER G 112 -74.95 -34.06 -19.20
N GLU G 113 -74.42 -32.83 -19.28
CA GLU G 113 -73.30 -32.58 -20.17
C GLU G 113 -72.08 -33.41 -19.79
N ASN G 114 -71.82 -33.57 -18.50
CA ASN G 114 -70.72 -34.43 -18.07
C ASN G 114 -70.88 -35.84 -18.61
N MET G 115 -72.06 -36.45 -18.43
CA MET G 115 -72.26 -37.83 -18.85
C MET G 115 -72.22 -37.97 -20.39
N GLY G 116 -73.00 -37.14 -21.09
CA GLY G 116 -73.03 -37.24 -22.54
C GLY G 116 -71.69 -36.96 -23.20
N LYS G 117 -71.11 -35.80 -22.87
CA LYS G 117 -69.78 -35.47 -23.40
C LYS G 117 -68.74 -36.51 -22.99
N LEU G 118 -68.93 -37.18 -21.86
CA LEU G 118 -68.13 -38.37 -21.54
C LEU G 118 -68.32 -39.44 -22.60
N GLN G 119 -69.57 -39.69 -23.01
CA GLN G 119 -69.82 -40.68 -24.06
C GLN G 119 -69.08 -40.33 -25.35
N GLY G 120 -69.21 -39.07 -25.79
CA GLY G 120 -68.50 -38.68 -27.01
C GLY G 120 -66.99 -38.80 -26.89
N PHE G 121 -66.44 -38.26 -25.79
CA PHE G 121 -65.01 -38.39 -25.50
C PHE G 121 -64.55 -39.84 -25.63
N ASN G 122 -65.22 -40.75 -24.92
CA ASN G 122 -64.89 -42.17 -25.00
C ASN G 122 -64.97 -42.68 -26.43
N ASN G 123 -65.98 -42.22 -27.19
CA ASN G 123 -66.08 -42.57 -28.60
C ASN G 123 -64.77 -42.26 -29.33
N LYS G 124 -64.21 -41.08 -29.09
CA LYS G 124 -62.96 -40.73 -29.78
C LYS G 124 -61.77 -41.53 -29.25
N VAL G 125 -61.65 -41.70 -27.93
CA VAL G 125 -60.52 -42.46 -27.40
C VAL G 125 -60.48 -43.87 -27.98
N ALA G 126 -61.66 -44.50 -28.10
CA ALA G 126 -61.72 -45.78 -28.81
C ALA G 126 -61.45 -45.61 -30.30
N ARG G 127 -61.80 -44.44 -30.86
CA ARG G 127 -61.53 -44.19 -32.27
C ARG G 127 -60.04 -44.29 -32.58
N TYR G 128 -59.19 -43.75 -31.70
CA TYR G 128 -57.75 -43.75 -31.95
C TYR G 128 -56.97 -44.80 -31.16
N SER G 129 -57.64 -45.61 -30.33
CA SER G 129 -56.94 -46.71 -29.66
C SER G 129 -56.35 -47.71 -30.65
N ILE G 130 -56.74 -47.66 -31.92
CA ILE G 130 -56.31 -48.64 -32.92
C ILE G 130 -55.36 -48.05 -33.97
N TYR G 131 -55.22 -46.73 -34.04
CA TYR G 131 -54.40 -46.10 -35.08
C TYR G 131 -53.56 -44.98 -34.48
N GLY G 132 -52.79 -44.32 -35.34
CA GLY G 132 -52.06 -43.14 -34.98
C GLY G 132 -50.57 -43.36 -34.79
N ASN G 133 -49.76 -42.66 -35.59
CA ASN G 133 -48.31 -42.66 -35.37
C ASN G 133 -47.69 -41.35 -35.85
N THR G 134 -47.73 -41.09 -37.16
CA THR G 134 -47.19 -39.86 -37.73
C THR G 134 -48.33 -38.85 -37.84
N ASP G 135 -48.55 -38.10 -36.77
CA ASP G 135 -49.59 -37.07 -36.75
C ASP G 135 -49.25 -36.08 -35.63
N ALA G 136 -50.27 -35.37 -35.15
CA ALA G 136 -50.10 -34.45 -34.03
C ALA G 136 -50.03 -35.19 -32.70
N GLU G 137 -49.48 -36.42 -32.74
CA GLU G 137 -49.18 -37.32 -31.64
C GLU G 137 -50.33 -38.30 -31.33
N PRO G 138 -50.73 -38.48 -30.05
CA PRO G 138 -51.09 -39.82 -29.55
C PRO G 138 -51.97 -40.71 -30.45
N GLU G 139 -51.62 -42.00 -30.52
CA GLU G 139 -50.42 -42.52 -29.86
C GLU G 139 -49.70 -43.49 -30.78
N ALA G 140 -49.97 -44.79 -30.61
CA ALA G 140 -49.30 -45.77 -31.44
C ALA G 140 -50.00 -47.12 -31.34
N PHE G 141 -50.13 -47.79 -32.49
CA PHE G 141 -50.46 -49.22 -32.51
C PHE G 141 -50.09 -49.83 -33.87
N MET G 142 -50.19 -49.05 -34.94
CA MET G 142 -49.89 -49.54 -36.28
C MET G 142 -48.52 -50.20 -36.39
N GLY G 143 -47.70 -50.11 -35.33
CA GLY G 143 -46.36 -50.66 -35.32
C GLY G 143 -46.26 -52.16 -35.48
N LEU G 144 -47.35 -52.81 -35.90
CA LEU G 144 -47.34 -54.20 -36.33
C LEU G 144 -47.35 -54.32 -37.85
N ALA G 145 -47.00 -53.23 -38.54
CA ALA G 145 -47.26 -53.12 -39.97
C ALA G 145 -46.53 -54.14 -40.84
N PRO G 146 -45.19 -54.26 -40.78
CA PRO G 146 -44.48 -55.00 -41.83
C PRO G 146 -44.98 -56.42 -42.00
N ARG G 147 -44.97 -56.87 -43.25
CA ARG G 147 -45.57 -58.14 -43.63
C ARG G 147 -44.59 -59.31 -43.55
N PHE G 148 -43.30 -59.03 -43.43
CA PHE G 148 -42.29 -60.05 -43.24
C PHE G 148 -41.39 -59.63 -42.08
N ASN G 149 -40.52 -60.54 -41.66
CA ASN G 149 -39.66 -60.29 -40.51
C ASN G 149 -38.36 -59.62 -40.96
N THR G 150 -37.42 -59.46 -40.02
CA THR G 150 -36.10 -58.86 -40.25
C THR G 150 -36.17 -57.36 -40.56
N LEU G 151 -37.19 -56.92 -41.31
CA LEU G 151 -37.53 -55.50 -41.29
C LEU G 151 -38.13 -55.12 -39.95
N SER G 152 -38.73 -56.10 -39.27
CA SER G 152 -39.08 -56.08 -37.86
C SER G 152 -39.20 -57.54 -37.44
N THR G 153 -39.91 -57.79 -36.35
CA THR G 153 -40.31 -59.15 -35.98
C THR G 153 -41.81 -59.24 -36.22
N SER G 154 -42.20 -60.01 -37.24
CA SER G 154 -43.61 -60.19 -37.55
C SER G 154 -44.09 -61.50 -36.93
N LYS G 155 -44.21 -62.53 -37.77
CA LYS G 155 -44.51 -63.90 -37.36
C LYS G 155 -45.57 -64.01 -36.26
N ALA G 156 -45.12 -63.90 -35.01
CA ALA G 156 -45.94 -64.25 -33.84
C ALA G 156 -47.28 -63.51 -33.79
N ALA G 157 -47.45 -62.43 -34.55
CA ALA G 157 -48.72 -61.71 -34.61
C ALA G 157 -49.19 -61.52 -36.05
N SER G 158 -48.74 -62.39 -36.96
CA SER G 158 -48.83 -62.14 -38.39
C SER G 158 -49.43 -63.34 -39.13
N ALA G 159 -50.52 -63.91 -38.60
CA ALA G 159 -51.08 -65.12 -39.18
C ALA G 159 -51.70 -64.88 -40.55
N GLU G 160 -52.15 -63.66 -40.83
CA GLU G 160 -52.50 -63.18 -42.17
C GLU G 160 -53.64 -63.92 -42.87
N ASN G 161 -54.10 -63.36 -43.99
CA ASN G 161 -54.97 -64.01 -44.97
C ASN G 161 -54.24 -64.07 -46.31
N VAL G 162 -54.94 -64.58 -47.34
CA VAL G 162 -54.31 -64.85 -48.62
C VAL G 162 -54.61 -63.80 -49.70
N PHE G 163 -55.51 -62.86 -49.44
CA PHE G 163 -55.88 -61.90 -50.48
C PHE G 163 -55.76 -60.45 -50.01
N SER G 164 -56.76 -59.97 -49.27
CA SER G 164 -56.83 -58.58 -48.82
C SER G 164 -56.85 -57.61 -50.00
N ALA G 165 -58.05 -57.33 -50.51
CA ALA G 165 -58.18 -56.44 -51.67
C ALA G 165 -57.82 -55.02 -51.27
N GLY G 166 -57.02 -54.36 -52.11
CA GLY G 166 -56.61 -53.00 -51.84
C GLY G 166 -56.55 -52.12 -53.09
N GLY G 167 -57.39 -52.43 -54.07
CA GLY G 167 -57.42 -51.68 -55.31
C GLY G 167 -57.67 -50.20 -55.14
N SER G 168 -58.90 -49.82 -54.78
CA SER G 168 -59.26 -48.43 -54.58
C SER G 168 -60.20 -48.30 -53.40
N GLY G 169 -59.85 -47.41 -52.47
CA GLY G 169 -60.66 -47.12 -51.30
C GLY G 169 -61.11 -48.36 -50.55
N SER G 170 -60.16 -49.21 -50.17
CA SER G 170 -60.50 -50.53 -49.67
C SER G 170 -59.31 -51.22 -48.99
N THR G 171 -59.49 -51.98 -47.91
CA THR G 171 -60.67 -52.08 -47.02
C THR G 171 -60.24 -53.01 -45.88
N ASN G 172 -61.02 -54.08 -45.66
CA ASN G 172 -60.50 -55.37 -45.21
C ASN G 172 -60.69 -55.70 -43.72
N THR G 173 -60.40 -54.74 -42.83
CA THR G 173 -60.42 -54.93 -41.37
C THR G 173 -59.35 -55.90 -40.89
N SER G 174 -59.62 -56.51 -39.73
CA SER G 174 -58.75 -57.40 -39.00
C SER G 174 -59.47 -57.79 -37.72
N ILE G 175 -59.01 -58.89 -37.13
CA ILE G 175 -59.45 -59.30 -35.80
C ILE G 175 -58.22 -59.42 -34.90
N TRP G 176 -58.46 -59.35 -33.60
CA TRP G 176 -57.39 -59.14 -32.64
C TRP G 176 -57.48 -60.11 -31.48
N PHE G 177 -56.30 -60.40 -30.92
CA PHE G 177 -56.14 -61.20 -29.72
C PHE G 177 -55.10 -60.50 -28.85
N MET G 178 -55.46 -60.21 -27.62
CA MET G 178 -54.56 -59.53 -26.70
C MET G 178 -54.83 -60.05 -25.29
N SER G 179 -54.34 -59.33 -24.28
CA SER G 179 -54.36 -59.88 -22.92
C SER G 179 -54.65 -58.86 -21.83
N TRP G 180 -54.25 -57.60 -21.99
CA TRP G 180 -54.10 -56.69 -20.85
C TRP G 180 -53.08 -57.23 -19.86
N GLY G 181 -53.01 -56.61 -18.69
CA GLY G 181 -51.85 -56.80 -17.84
C GLY G 181 -50.74 -55.94 -18.36
N GLU G 182 -50.74 -55.74 -19.68
CA GLU G 182 -49.89 -54.75 -20.34
C GLU G 182 -50.71 -53.46 -20.32
N ASN G 183 -50.44 -52.63 -19.32
CA ASN G 183 -51.35 -51.60 -18.89
C ASN G 183 -51.42 -50.45 -19.90
N THR G 184 -52.20 -49.45 -19.53
CA THR G 184 -52.16 -48.13 -20.14
C THR G 184 -51.59 -47.17 -19.10
N ALA G 185 -50.57 -46.42 -19.50
CA ALA G 185 -49.83 -45.55 -18.59
C ALA G 185 -50.43 -44.16 -18.59
N HIS G 186 -50.65 -43.62 -17.40
CA HIS G 186 -51.04 -42.24 -17.23
C HIS G 186 -50.07 -41.58 -16.27
N MET G 187 -49.68 -40.35 -16.57
CA MET G 187 -48.84 -39.58 -15.69
C MET G 187 -49.48 -39.47 -14.31
N ILE G 188 -48.64 -39.45 -13.27
CA ILE G 188 -49.05 -39.69 -11.88
C ILE G 188 -50.22 -38.81 -11.44
N TYR G 189 -50.77 -38.04 -12.37
CA TYR G 189 -51.84 -37.10 -12.09
C TYR G 189 -53.12 -37.68 -12.67
N PRO G 190 -54.17 -37.85 -11.88
CA PRO G 190 -55.03 -39.04 -11.99
C PRO G 190 -55.63 -39.27 -13.38
N GLU G 191 -56.07 -40.52 -13.57
CA GLU G 191 -56.45 -41.07 -14.87
C GLU G 191 -57.88 -40.76 -15.25
N GLY G 192 -58.77 -40.59 -14.26
CA GLY G 192 -60.18 -40.40 -14.54
C GLY G 192 -60.44 -39.19 -15.43
N MET G 193 -61.66 -39.13 -15.95
CA MET G 193 -62.05 -37.99 -16.77
C MET G 193 -62.05 -36.69 -15.96
N VAL G 194 -61.92 -36.78 -14.64
CA VAL G 194 -62.04 -35.67 -13.71
C VAL G 194 -63.14 -34.74 -14.22
N ALA G 195 -62.87 -33.44 -14.20
CA ALA G 195 -63.65 -32.47 -14.97
C ALA G 195 -65.18 -32.58 -14.95
N GLY G 196 -65.82 -32.66 -13.79
CA GLY G 196 -65.19 -32.75 -12.48
C GLY G 196 -64.69 -31.47 -11.85
N PHE G 197 -64.28 -30.51 -12.69
CA PHE G 197 -63.82 -29.22 -12.22
C PHE G 197 -64.53 -28.10 -12.97
N GLN G 198 -64.75 -27.00 -12.26
CA GLN G 198 -65.45 -25.84 -12.82
C GLN G 198 -64.78 -24.59 -12.24
N HIS G 199 -63.67 -24.18 -12.86
CA HIS G 199 -63.02 -22.91 -12.59
C HIS G 199 -63.85 -21.74 -13.08
N GLU G 200 -65.17 -21.83 -12.93
CA GLU G 200 -66.13 -21.00 -13.66
C GLU G 200 -66.15 -19.55 -13.18
N ASP G 201 -67.06 -19.25 -12.27
CA ASP G 201 -67.39 -17.89 -11.84
C ASP G 201 -67.88 -16.99 -12.96
N LEU G 202 -66.97 -16.39 -13.72
CA LEU G 202 -67.33 -15.30 -14.62
C LEU G 202 -67.13 -15.68 -16.08
N GLY G 203 -67.34 -14.69 -16.95
CA GLY G 203 -67.16 -14.80 -18.38
C GLY G 203 -67.27 -13.42 -18.98
N ASP G 204 -66.53 -13.09 -20.04
CA ASP G 204 -65.40 -13.85 -20.61
C ASP G 204 -65.69 -15.21 -21.31
N ASP G 205 -65.89 -15.24 -22.62
CA ASP G 205 -66.10 -14.09 -23.51
C ASP G 205 -66.74 -14.64 -24.79
N LEU G 206 -66.99 -13.78 -25.78
CA LEU G 206 -67.59 -14.19 -27.04
C LEU G 206 -66.54 -14.18 -28.15
N VAL G 207 -66.95 -13.88 -29.38
CA VAL G 207 -66.11 -14.01 -30.57
C VAL G 207 -65.34 -12.72 -30.80
N SER G 208 -64.89 -12.10 -29.71
CA SER G 208 -64.09 -10.87 -29.77
C SER G 208 -64.73 -9.77 -30.62
N ASP G 209 -65.78 -9.13 -30.10
CA ASP G 209 -66.30 -9.40 -28.77
C ASP G 209 -67.80 -9.81 -28.59
N GLY G 210 -68.69 -9.67 -29.58
CA GLY G 210 -68.50 -9.00 -30.86
C GLY G 210 -68.59 -7.50 -30.69
N ASN G 211 -67.43 -6.87 -30.46
CA ASN G 211 -67.36 -5.47 -30.03
C ASN G 211 -68.19 -5.22 -28.77
N GLY G 212 -68.44 -6.28 -27.99
CA GLY G 212 -69.44 -6.23 -26.95
C GLY G 212 -69.16 -6.93 -25.63
N GLY G 213 -67.92 -7.33 -25.39
CA GLY G 213 -67.49 -7.77 -24.06
C GLY G 213 -68.18 -8.96 -23.43
N GLN G 214 -69.15 -9.56 -24.12
CA GLN G 214 -69.81 -10.79 -23.65
C GLN G 214 -70.50 -10.52 -22.31
N PHE G 215 -70.42 -11.44 -21.35
CA PHE G 215 -71.22 -11.44 -20.14
C PHE G 215 -70.91 -12.68 -19.31
N ARG G 216 -71.58 -12.84 -18.16
CA ARG G 216 -71.42 -14.03 -17.36
C ARG G 216 -71.76 -15.29 -18.15
N ALA G 217 -71.10 -16.39 -17.80
CA ALA G 217 -71.30 -17.65 -18.50
C ALA G 217 -71.06 -18.78 -17.51
N TYR G 218 -71.04 -20.00 -18.03
CA TYR G 218 -70.70 -21.18 -17.25
C TYR G 218 -69.67 -21.99 -18.03
N ARG G 219 -68.48 -22.12 -17.45
CA ARG G 219 -67.37 -22.86 -18.04
C ARG G 219 -67.07 -24.08 -17.17
N ASP G 220 -66.29 -25.00 -17.73
CA ASP G 220 -66.11 -26.29 -17.07
C ASP G 220 -64.78 -26.92 -17.45
N GLU G 221 -64.52 -27.06 -18.76
CA GLU G 221 -63.39 -27.83 -19.27
C GLU G 221 -63.50 -29.31 -18.93
N PHE G 222 -63.07 -30.17 -19.84
CA PHE G 222 -62.85 -31.58 -19.57
C PHE G 222 -61.40 -31.89 -19.87
N LYS G 223 -60.89 -32.98 -19.31
CA LYS G 223 -59.51 -33.35 -19.52
C LYS G 223 -59.37 -34.86 -19.47
N TRP G 224 -58.71 -35.44 -20.48
CA TRP G 224 -58.46 -36.86 -20.49
C TRP G 224 -57.05 -37.13 -21.01
N ASP G 225 -56.45 -38.21 -20.55
CA ASP G 225 -55.05 -38.48 -20.85
C ASP G 225 -54.74 -39.94 -20.54
N ILE G 226 -54.39 -40.72 -21.56
CA ILE G 226 -53.97 -42.10 -21.37
C ILE G 226 -52.86 -42.41 -22.37
N GLY G 227 -52.36 -43.64 -22.32
CA GLY G 227 -51.34 -44.10 -23.24
C GLY G 227 -51.08 -45.57 -23.08
N LEU G 228 -51.28 -46.33 -24.15
CA LEU G 228 -51.10 -47.77 -24.10
C LEU G 228 -49.64 -48.12 -23.83
N SER G 229 -49.43 -49.35 -23.38
CA SER G 229 -48.10 -49.89 -23.15
C SER G 229 -48.05 -51.31 -23.70
N VAL G 230 -46.83 -51.75 -24.00
CA VAL G 230 -46.59 -53.14 -24.36
C VAL G 230 -45.48 -53.65 -23.45
N ARG G 231 -45.85 -54.01 -22.20
CA ARG G 231 -44.87 -54.53 -21.24
C ARG G 231 -44.03 -55.64 -21.86
N ASP G 232 -44.65 -56.47 -22.69
CA ASP G 232 -43.95 -57.34 -23.62
C ASP G 232 -44.55 -57.12 -25.00
N TRP G 233 -44.02 -57.84 -25.98
CA TRP G 233 -44.61 -57.87 -27.32
C TRP G 233 -45.27 -59.20 -27.62
N ARG G 234 -44.69 -60.30 -27.13
CA ARG G 234 -45.20 -61.65 -27.36
C ARG G 234 -46.55 -61.85 -26.67
N SER G 235 -47.60 -61.24 -27.22
CA SER G 235 -48.92 -61.39 -26.64
C SER G 235 -50.01 -61.13 -27.67
N ILE G 236 -49.94 -60.00 -28.35
CA ILE G 236 -50.97 -59.63 -29.31
C ILE G 236 -50.80 -60.44 -30.59
N SER G 237 -51.90 -60.63 -31.30
CA SER G 237 -51.89 -61.35 -32.57
C SER G 237 -53.09 -60.90 -33.38
N ARG G 238 -52.83 -60.45 -34.61
CA ARG G 238 -53.87 -60.00 -35.51
C ARG G 238 -53.68 -60.67 -36.87
N ILE G 239 -54.64 -60.42 -37.76
CA ILE G 239 -54.63 -60.99 -39.10
C ILE G 239 -55.19 -59.94 -40.04
N CYS G 240 -54.58 -59.80 -41.21
CA CYS G 240 -55.21 -59.05 -42.29
C CYS G 240 -56.02 -60.00 -43.15
N ASN G 241 -57.00 -59.43 -43.84
CA ASN G 241 -58.16 -60.16 -44.37
C ASN G 241 -59.17 -59.05 -44.61
N ILE G 242 -60.21 -59.24 -45.42
CA ILE G 242 -60.45 -60.43 -46.25
C ILE G 242 -60.80 -60.17 -47.74
N ASP G 243 -61.88 -59.47 -48.07
CA ASP G 243 -62.81 -58.79 -47.16
C ASP G 243 -64.21 -59.43 -47.13
N VAL G 244 -65.21 -58.65 -47.53
CA VAL G 244 -66.60 -59.10 -47.50
C VAL G 244 -66.93 -60.00 -48.70
N THR G 245 -66.20 -59.86 -49.81
CA THR G 245 -66.49 -60.69 -50.99
C THR G 245 -66.21 -62.16 -50.71
N THR G 246 -64.95 -62.51 -50.47
CA THR G 246 -64.57 -63.91 -50.29
C THR G 246 -65.25 -64.54 -49.08
N LEU G 247 -65.66 -63.75 -48.08
CA LEU G 247 -66.41 -64.29 -46.95
C LEU G 247 -67.88 -64.46 -47.27
N THR G 248 -68.39 -63.73 -48.27
CA THR G 248 -69.71 -64.03 -48.80
C THR G 248 -69.71 -65.36 -49.56
N LYS G 249 -68.55 -65.72 -50.15
CA LYS G 249 -68.46 -66.98 -50.89
C LYS G 249 -68.72 -68.18 -49.99
N ASP G 250 -68.47 -68.04 -48.68
CA ASP G 250 -68.70 -69.11 -47.72
C ASP G 250 -70.05 -68.91 -47.08
N ALA G 251 -71.04 -69.71 -47.49
CA ALA G 251 -72.17 -69.97 -46.60
C ALA G 251 -71.65 -70.64 -45.34
N SER G 252 -70.93 -71.74 -45.52
CA SER G 252 -70.03 -72.26 -44.51
C SER G 252 -68.85 -72.97 -45.15
N THR G 253 -68.77 -73.01 -46.48
CA THR G 253 -67.89 -73.90 -47.22
C THR G 253 -66.56 -73.21 -47.49
N GLY G 254 -65.86 -73.63 -48.54
CA GLY G 254 -64.49 -73.26 -48.75
C GLY G 254 -64.27 -72.12 -49.73
N ALA G 255 -63.68 -71.04 -49.24
CA ALA G 255 -63.09 -70.00 -50.06
C ALA G 255 -62.03 -69.30 -49.22
N ASP G 256 -62.41 -68.89 -48.02
CA ASP G 256 -61.48 -68.41 -47.01
C ASP G 256 -61.73 -69.18 -45.72
N LEU G 257 -60.68 -69.79 -45.18
CA LEU G 257 -60.85 -70.67 -44.04
C LEU G 257 -61.17 -69.90 -42.78
N ILE G 258 -61.84 -70.58 -41.84
CA ILE G 258 -62.04 -70.08 -40.49
C ILE G 258 -61.05 -70.70 -39.52
N SER G 259 -60.11 -71.51 -40.00
CA SER G 259 -59.23 -72.27 -39.12
C SER G 259 -58.29 -71.37 -38.32
N MET G 260 -57.77 -70.31 -38.95
CA MET G 260 -56.69 -69.52 -38.35
C MET G 260 -57.05 -68.90 -37.01
N MET G 261 -58.35 -68.85 -36.66
CA MET G 261 -58.71 -68.38 -35.33
C MET G 261 -57.99 -69.17 -34.24
N VAL G 262 -57.85 -70.49 -34.44
CA VAL G 262 -57.13 -71.32 -33.47
C VAL G 262 -55.67 -70.88 -33.36
N ASP G 263 -55.06 -70.51 -34.49
CA ASP G 263 -53.72 -69.94 -34.48
C ASP G 263 -53.64 -68.79 -33.49
N ALA G 264 -54.67 -67.96 -33.46
CA ALA G 264 -54.66 -66.81 -32.57
C ALA G 264 -54.63 -67.24 -31.10
N TYR G 265 -55.35 -68.30 -30.76
CA TYR G 265 -55.32 -68.81 -29.40
C TYR G 265 -54.06 -69.62 -29.11
N TYR G 266 -53.16 -69.77 -30.09
CA TYR G 266 -51.98 -70.60 -29.94
C TYR G 266 -50.67 -69.88 -30.21
N ALA G 267 -50.65 -68.86 -31.08
CA ALA G 267 -49.47 -68.03 -31.22
C ALA G 267 -49.20 -67.19 -29.98
N ARG G 268 -50.13 -67.18 -29.03
CA ARG G 268 -50.00 -66.41 -27.79
C ARG G 268 -49.40 -67.28 -26.69
N ASP G 269 -49.94 -67.17 -25.48
CA ASP G 269 -49.73 -68.06 -24.35
C ASP G 269 -48.56 -67.67 -23.42
N VAL G 270 -47.47 -67.16 -23.97
CA VAL G 270 -46.24 -66.98 -23.18
C VAL G 270 -46.45 -65.96 -22.07
N ALA G 271 -45.87 -66.26 -20.91
CA ALA G 271 -46.28 -65.76 -19.60
C ALA G 271 -46.46 -64.26 -19.35
N MET G 272 -47.66 -63.78 -19.01
CA MET G 272 -48.99 -64.43 -19.11
C MET G 272 -49.42 -65.67 -18.28
N LEU G 273 -48.48 -66.52 -17.87
CA LEU G 273 -48.84 -67.64 -17.03
C LEU G 273 -49.41 -67.11 -15.72
N GLY G 274 -50.67 -67.42 -15.49
CA GLY G 274 -51.53 -66.67 -14.61
C GLY G 274 -52.80 -66.46 -15.39
N ASP G 275 -53.13 -65.22 -15.73
CA ASP G 275 -52.37 -64.04 -15.31
C ASP G 275 -53.37 -63.03 -14.75
N GLY G 276 -54.45 -62.84 -15.50
CA GLY G 276 -55.47 -61.87 -15.19
C GLY G 276 -56.66 -61.99 -16.12
N LYS G 277 -56.82 -61.04 -17.03
CA LYS G 277 -58.03 -60.96 -17.84
C LYS G 277 -57.90 -61.73 -19.15
N GLU G 278 -57.24 -61.13 -20.14
CA GLU G 278 -57.19 -61.62 -21.52
C GLU G 278 -58.54 -61.43 -22.20
N VAL G 279 -58.54 -61.33 -23.53
CA VAL G 279 -59.74 -60.99 -24.29
C VAL G 279 -59.52 -61.26 -25.77
N ILE G 280 -60.60 -61.20 -26.55
CA ILE G 280 -60.56 -61.33 -28.00
C ILE G 280 -61.42 -60.22 -28.59
N TYR G 281 -60.91 -59.60 -29.67
CA TYR G 281 -61.55 -58.41 -30.23
C TYR G 281 -61.96 -58.65 -31.68
N ALA G 282 -63.25 -58.47 -31.95
CA ALA G 282 -63.82 -58.33 -33.28
C ALA G 282 -64.62 -57.03 -33.30
N ASN G 283 -65.12 -56.66 -34.48
CA ASN G 283 -65.88 -55.41 -34.58
C ASN G 283 -67.38 -55.66 -34.41
N LYS G 284 -68.06 -55.95 -35.51
CA LYS G 284 -69.50 -56.22 -35.48
C LYS G 284 -69.94 -56.99 -36.71
N THR G 285 -69.65 -56.45 -37.90
CA THR G 285 -69.91 -57.19 -39.14
C THR G 285 -69.13 -58.49 -39.21
N ILE G 286 -67.95 -58.53 -38.59
CA ILE G 286 -67.15 -59.75 -38.58
C ILE G 286 -67.75 -60.79 -37.62
N HIS G 287 -68.32 -60.33 -36.50
CA HIS G 287 -68.89 -61.20 -35.49
C HIS G 287 -69.96 -62.14 -36.04
N ALA G 288 -71.10 -61.57 -36.46
CA ALA G 288 -72.22 -62.36 -36.94
C ALA G 288 -71.83 -63.23 -38.12
N TRP G 289 -70.92 -62.75 -38.96
CA TRP G 289 -70.42 -63.56 -40.08
C TRP G 289 -69.64 -64.77 -39.57
N LEU G 290 -68.77 -64.54 -38.59
CA LEU G 290 -68.06 -65.63 -37.94
C LEU G 290 -69.03 -66.69 -37.44
N HIS G 291 -70.12 -66.26 -36.80
CA HIS G 291 -71.15 -67.22 -36.39
C HIS G 291 -71.74 -67.95 -37.60
N LYS G 292 -72.09 -67.20 -38.65
CA LYS G 292 -72.70 -67.81 -39.83
C LYS G 292 -71.81 -68.91 -40.41
N GLN G 293 -70.50 -68.71 -40.40
CA GLN G 293 -69.58 -69.70 -40.93
C GLN G 293 -69.22 -70.79 -39.92
N ALA G 294 -69.46 -70.55 -38.63
CA ALA G 294 -69.05 -71.52 -37.60
C ALA G 294 -70.17 -72.48 -37.23
N MET G 295 -71.37 -71.97 -36.93
CA MET G 295 -72.44 -72.84 -36.45
C MET G 295 -73.18 -73.56 -37.57
N ASN G 296 -73.11 -73.07 -38.80
CA ASN G 296 -73.49 -73.89 -39.94
C ASN G 296 -72.31 -74.80 -40.24
N ALA G 297 -72.36 -76.01 -39.67
CA ALA G 297 -71.43 -77.10 -39.93
C ALA G 297 -70.13 -77.07 -39.12
N LYS G 298 -69.05 -77.48 -39.78
CA LYS G 298 -67.92 -78.21 -39.21
C LYS G 298 -67.50 -77.88 -37.78
N ASN G 299 -67.02 -76.66 -37.54
CA ASN G 299 -66.50 -76.33 -36.22
C ASN G 299 -67.60 -76.41 -35.16
N VAL G 300 -67.19 -76.25 -33.90
CA VAL G 300 -68.09 -76.28 -32.76
C VAL G 300 -67.66 -75.21 -31.77
N ASN G 301 -68.51 -74.20 -31.58
CA ASN G 301 -68.34 -73.27 -30.46
C ASN G 301 -68.54 -74.05 -29.17
N LEU G 302 -67.46 -74.26 -28.42
CA LEU G 302 -67.46 -75.27 -27.37
C LEU G 302 -68.48 -74.97 -26.28
N THR G 303 -68.60 -73.71 -25.87
CA THR G 303 -69.37 -73.40 -24.68
C THR G 303 -70.14 -72.11 -24.90
N ILE G 304 -70.72 -71.63 -23.81
CA ILE G 304 -71.27 -70.29 -23.68
C ILE G 304 -70.86 -69.81 -22.30
N GLU G 305 -71.02 -68.51 -22.05
CA GLU G 305 -70.53 -67.92 -20.82
C GLU G 305 -71.63 -67.12 -20.13
N GLU G 306 -71.86 -67.42 -18.85
CA GLU G 306 -72.72 -66.60 -18.01
C GLU G 306 -71.96 -65.45 -17.35
N TYR G 307 -70.81 -65.10 -17.93
CA TYR G 307 -69.74 -64.28 -17.35
C TYR G 307 -70.14 -63.22 -16.33
N GLY G 308 -69.30 -63.06 -15.29
CA GLY G 308 -69.27 -61.93 -14.39
C GLY G 308 -70.60 -61.29 -14.01
N GLY G 309 -71.41 -60.99 -15.02
CA GLY G 309 -72.77 -60.54 -14.79
C GLY G 309 -72.94 -59.05 -14.60
N LYS G 310 -73.03 -58.26 -15.66
CA LYS G 310 -72.86 -58.61 -17.09
C LYS G 310 -73.61 -59.79 -17.73
N LYS G 311 -73.11 -60.26 -18.88
CA LYS G 311 -73.86 -61.22 -19.68
C LYS G 311 -73.00 -62.26 -20.39
N ILE G 312 -73.35 -62.55 -21.64
CA ILE G 312 -72.89 -63.72 -22.38
C ILE G 312 -71.82 -63.31 -23.39
N VAL G 313 -70.84 -64.18 -23.60
CA VAL G 313 -69.74 -63.89 -24.53
C VAL G 313 -69.37 -65.12 -25.36
N SER G 314 -69.04 -66.22 -24.68
CA SER G 314 -68.83 -67.53 -25.30
C SER G 314 -67.50 -67.70 -26.03
N PHE G 315 -66.76 -68.75 -25.66
CA PHE G 315 -65.63 -69.27 -26.45
C PHE G 315 -64.32 -68.45 -26.43
N LEU G 316 -63.29 -68.98 -25.80
CA LEU G 316 -63.34 -70.21 -25.00
C LEU G 316 -62.39 -70.16 -23.79
N GLY G 317 -62.96 -69.95 -22.61
CA GLY G 317 -64.30 -69.43 -22.46
C GLY G 317 -64.10 -67.94 -22.33
N ILE G 318 -62.87 -67.54 -22.64
CA ILE G 318 -62.36 -66.18 -22.67
C ILE G 318 -63.39 -65.24 -23.29
N PRO G 319 -63.72 -64.14 -22.62
CA PRO G 319 -64.77 -63.25 -23.15
C PRO G 319 -64.37 -62.59 -24.44
N ILE G 320 -65.32 -62.50 -25.36
CA ILE G 320 -65.16 -61.75 -26.61
C ILE G 320 -66.05 -60.52 -26.50
N ARG G 321 -65.52 -59.39 -26.93
CA ARG G 321 -66.21 -58.12 -26.84
C ARG G 321 -66.50 -57.59 -28.23
N ARG G 322 -67.12 -56.41 -28.28
CA ARG G 322 -67.47 -55.74 -29.52
C ARG G 322 -66.73 -54.42 -29.60
N VAL G 323 -66.22 -54.11 -30.79
CA VAL G 323 -65.38 -52.94 -31.03
C VAL G 323 -65.97 -52.16 -32.20
N ASP G 324 -65.44 -50.96 -32.41
CA ASP G 324 -65.78 -50.10 -33.54
C ASP G 324 -64.62 -50.01 -34.54
N ALA G 325 -63.85 -51.10 -34.66
CA ALA G 325 -62.69 -51.14 -35.57
C ALA G 325 -63.08 -51.06 -37.05
N ILE G 326 -64.34 -50.72 -37.31
CA ILE G 326 -64.93 -50.51 -38.64
C ILE G 326 -64.60 -51.58 -39.66
N LEU G 327 -64.93 -51.30 -40.92
CA LEU G 327 -64.93 -52.30 -41.97
C LEU G 327 -63.94 -52.03 -43.11
N ASN G 328 -63.18 -50.94 -43.05
CA ASN G 328 -62.34 -50.55 -44.17
C ASN G 328 -61.05 -49.91 -43.67
N THR G 329 -59.92 -50.54 -43.97
CA THR G 329 -58.61 -49.93 -43.71
C THR G 329 -57.85 -49.90 -45.02
N GLU G 330 -56.66 -50.50 -45.07
CA GLU G 330 -55.92 -50.66 -46.32
C GLU G 330 -55.34 -52.07 -46.33
N SER G 331 -54.27 -52.28 -47.10
CA SER G 331 -53.53 -53.53 -47.04
C SER G 331 -52.38 -53.39 -46.05
N ALA G 332 -51.16 -53.17 -46.56
CA ALA G 332 -49.99 -52.88 -45.74
C ALA G 332 -49.72 -53.95 -44.69
N VAL G 333 -50.49 -53.95 -43.61
CA VAL G 333 -50.29 -54.83 -42.46
C VAL G 333 -50.60 -56.29 -42.81
N THR G 334 -50.59 -56.62 -44.10
CA THR G 334 -51.10 -57.89 -44.62
C THR G 334 -50.40 -59.12 -44.05
N ALA G 335 -49.12 -59.27 -44.37
CA ALA G 335 -48.25 -60.43 -44.05
C ALA G 335 -48.24 -61.53 -45.13
N MET H 1 71.35 40.06 22.42
CA MET H 1 70.63 40.21 23.68
C MET H 1 69.71 39.01 23.93
N ALA H 2 69.44 38.74 25.21
CA ALA H 2 68.34 37.88 25.61
C ALA H 2 68.49 36.41 25.22
N LEU H 3 67.35 35.70 25.19
CA LEU H 3 67.22 34.30 24.86
C LEU H 3 65.75 34.07 24.55
N ILE H 4 65.48 33.14 23.61
CA ILE H 4 64.14 32.68 23.20
C ILE H 4 63.00 33.56 23.72
N GLY H 5 62.12 33.00 24.55
CA GLY H 5 61.34 33.80 25.46
C GLY H 5 62.11 33.82 26.77
N GLN H 6 63.42 33.61 26.65
CA GLN H 6 64.30 33.32 27.77
C GLN H 6 63.70 32.15 28.53
N THR H 7 63.87 32.15 29.84
CA THR H 7 62.96 31.43 30.72
C THR H 7 63.03 32.08 32.09
N LEU H 8 61.93 32.69 32.48
CA LEU H 8 61.68 33.54 33.64
C LEU H 8 60.53 34.43 33.19
N PRO H 9 59.61 34.78 34.07
CA PRO H 9 58.67 35.86 33.72
C PRO H 9 59.42 37.16 33.51
N SER H 10 59.84 37.44 32.27
CA SER H 10 60.40 38.75 31.95
C SER H 10 59.38 39.81 32.33
N LEU H 11 59.85 40.86 33.01
CA LEU H 11 58.93 41.80 33.68
C LEU H 11 57.80 42.30 32.80
N LEU H 12 57.95 42.25 31.47
CA LEU H 12 56.81 42.52 30.59
C LEU H 12 55.62 41.61 30.92
N ASP H 13 55.90 40.37 31.34
CA ASP H 13 54.83 39.44 31.69
C ASP H 13 54.13 39.84 32.98
N ILE H 14 54.89 40.04 34.06
CA ILE H 14 54.30 40.48 35.33
C ILE H 14 53.62 41.84 35.18
N TYR H 15 54.08 42.64 34.20
CA TYR H 15 53.40 43.88 33.87
C TYR H 15 52.11 43.64 33.09
N ASN H 16 51.99 42.52 32.41
CA ASN H 16 50.72 42.16 31.80
C ASN H 16 49.81 41.39 32.75
N ARG H 17 50.38 40.61 33.67
CA ARG H 17 49.62 39.98 34.75
C ARG H 17 49.35 40.99 35.85
N THR H 18 49.23 42.26 35.47
CA THR H 18 49.18 43.35 36.44
C THR H 18 47.84 43.33 37.19
N ASP H 19 47.57 44.39 37.93
CA ASP H 19 46.39 44.42 38.78
C ASP H 19 45.66 45.75 38.70
N LYS H 20 46.34 46.83 39.10
CA LYS H 20 45.70 48.09 39.47
C LYS H 20 44.83 47.85 40.71
N ASN H 21 45.08 48.63 41.76
CA ASN H 21 44.56 48.32 43.09
C ASN H 21 45.07 46.96 43.56
N GLY H 22 46.28 46.93 44.11
CA GLY H 22 46.85 45.71 44.65
C GLY H 22 47.36 44.73 43.61
N ARG H 23 46.75 43.55 43.58
CA ARG H 23 45.67 43.20 44.49
C ARG H 23 46.05 41.97 45.30
N ILE H 24 45.10 41.46 46.07
CA ILE H 24 45.26 40.15 46.70
C ILE H 24 45.43 39.06 45.66
N ALA H 25 45.02 39.32 44.42
CA ALA H 25 45.20 38.40 43.30
C ALA H 25 45.01 39.19 42.01
N ARG H 26 45.11 38.48 40.89
CA ARG H 26 44.76 39.07 39.61
C ARG H 26 43.26 39.30 39.56
N ILE H 27 42.85 40.47 39.05
CA ILE H 27 41.44 40.85 39.03
C ILE H 27 40.59 39.72 38.45
N VAL H 28 39.86 39.05 39.33
CA VAL H 28 39.31 37.71 39.10
C VAL H 28 38.76 37.38 37.72
N GLU H 29 39.57 36.74 36.88
CA GLU H 29 40.98 36.45 37.16
C GLU H 29 41.64 36.64 35.81
N GLN H 30 41.82 35.51 35.14
CA GLN H 30 42.04 35.44 33.70
C GLN H 30 41.15 34.31 33.19
N LEU H 31 40.89 34.31 31.90
CA LEU H 31 39.92 33.38 31.33
C LEU H 31 40.56 32.50 30.27
N ALA H 32 39.99 31.30 30.12
CA ALA H 32 39.85 30.66 28.82
C ALA H 32 41.01 29.82 28.29
N LYS H 33 41.56 30.25 27.16
CA LYS H 33 41.98 29.39 26.06
C LYS H 33 42.93 28.24 26.34
N THR H 34 42.38 27.02 26.39
CA THR H 34 43.09 25.76 26.24
C THR H 34 42.06 24.64 26.20
N ASN H 35 42.27 23.66 25.33
CA ASN H 35 41.31 22.60 25.11
C ASN H 35 41.08 21.77 26.38
N ASP H 36 40.11 20.85 26.29
CA ASP H 36 39.79 19.94 27.36
C ASP H 36 39.97 18.50 26.90
N ILE H 37 40.45 17.66 27.81
CA ILE H 37 40.63 16.24 27.56
C ILE H 37 40.09 15.47 28.75
N LEU H 38 39.73 14.21 28.50
CA LEU H 38 39.34 13.33 29.58
C LEU H 38 40.52 12.43 29.95
N THR H 39 40.25 11.38 30.72
CA THR H 39 41.29 10.55 31.32
C THR H 39 42.15 11.38 32.28
N ASP H 40 41.87 11.40 33.58
CA ASP H 40 40.73 10.75 34.27
C ASP H 40 40.65 9.23 34.14
N ALA H 41 41.50 8.54 34.89
CA ALA H 41 41.73 7.12 34.67
C ALA H 41 41.87 6.42 36.03
N ILE H 42 42.28 5.16 35.98
CA ILE H 42 42.65 4.39 37.17
C ILE H 42 44.13 4.06 37.06
N TYR H 43 44.79 4.01 38.21
CA TYR H 43 46.22 3.78 38.29
C TYR H 43 46.49 2.47 39.00
N VAL H 44 47.70 1.95 38.80
CA VAL H 44 48.12 0.76 39.54
C VAL H 44 49.63 0.79 39.76
N PRO H 45 50.11 0.30 40.89
CA PRO H 45 51.54 0.02 41.03
C PRO H 45 51.90 -1.27 40.33
N CYS H 46 53.19 -1.43 40.05
CA CYS H 46 53.62 -2.50 39.17
C CYS H 46 54.96 -3.04 39.65
N ASN H 47 55.04 -4.36 39.76
CA ASN H 47 56.31 -5.05 39.97
C ASN H 47 57.03 -5.16 38.63
N ASP H 48 58.35 -4.99 38.64
CA ASP H 48 59.14 -4.76 39.82
C ASP H 48 59.42 -3.28 39.99
N GLY H 49 60.65 -2.88 39.68
CA GLY H 49 60.98 -1.50 39.42
C GLY H 49 60.60 -1.04 38.04
N SER H 50 59.93 -1.91 37.28
CA SER H 50 59.46 -1.66 35.93
C SER H 50 58.59 -2.84 35.50
N LYS H 51 58.42 -3.01 34.20
CA LYS H 51 57.85 -4.23 33.63
C LYS H 51 56.39 -4.36 34.06
N HIS H 52 55.94 -5.57 34.44
CA HIS H 52 54.67 -5.96 35.03
C HIS H 52 54.42 -7.42 34.63
N LYS H 53 55.28 -7.93 33.75
CA LYS H 53 55.23 -9.28 33.24
C LYS H 53 53.86 -9.69 32.68
N THR H 54 53.08 -10.39 33.49
CA THR H 54 51.88 -11.08 33.02
C THR H 54 52.23 -12.08 31.93
N THR H 55 51.22 -12.67 31.28
CA THR H 55 51.47 -13.82 30.43
C THR H 55 50.71 -13.74 29.12
N ILE H 56 49.46 -14.21 29.13
CA ILE H 56 48.70 -14.74 27.98
C ILE H 56 49.37 -16.01 27.46
N ARG H 57 48.60 -16.82 26.74
CA ARG H 57 49.11 -18.06 26.17
C ARG H 57 48.89 -18.05 24.66
N ALA H 58 49.85 -18.63 23.95
CA ALA H 58 49.80 -18.68 22.48
C ALA H 58 49.16 -20.00 22.06
N GLY H 59 47.83 -20.05 22.22
CA GLY H 59 47.07 -21.23 21.86
C GLY H 59 47.30 -22.39 22.80
N ILE H 60 46.37 -23.35 22.80
CA ILE H 60 46.52 -24.57 23.58
C ILE H 60 46.22 -25.76 22.67
N PRO H 61 47.13 -26.11 21.75
CA PRO H 61 46.97 -27.26 20.87
C PRO H 61 47.74 -28.48 21.40
N GLU H 62 47.36 -29.69 21.03
CA GLU H 62 46.11 -30.01 20.32
C GLU H 62 45.78 -31.46 20.67
N PRO H 63 44.51 -31.74 20.92
CA PRO H 63 44.10 -33.12 21.18
C PRO H 63 43.93 -33.92 19.90
N VAL H 64 44.19 -35.22 20.00
CA VAL H 64 44.18 -36.12 18.85
C VAL H 64 43.24 -37.28 19.12
N TRP H 65 42.66 -37.82 18.04
CA TRP H 65 41.76 -38.96 18.12
C TRP H 65 42.55 -40.23 18.40
N ARG H 66 42.06 -41.03 19.32
CA ARG H 66 42.67 -42.30 19.63
C ARG H 66 41.86 -43.42 18.98
N ARG H 67 42.56 -44.48 18.61
CA ARG H 67 41.91 -45.68 18.09
C ARG H 67 41.31 -46.52 19.20
N TYR H 68 41.27 -45.97 20.43
CA TYR H 68 40.78 -46.65 21.63
C TYR H 68 41.34 -48.06 21.82
N ASN H 69 42.50 -48.34 21.23
CA ASN H 69 43.28 -49.52 21.57
C ASN H 69 44.75 -49.17 21.50
N GLN H 70 45.13 -48.42 20.45
CA GLN H 70 46.52 -48.03 20.28
C GLN H 70 46.91 -46.98 21.33
N GLY H 71 48.22 -46.82 21.52
CA GLY H 71 48.76 -45.89 22.47
C GLY H 71 48.45 -44.43 22.20
N VAL H 72 49.12 -43.51 22.92
CA VAL H 72 48.75 -42.11 22.88
C VAL H 72 49.94 -41.24 22.49
N GLN H 73 50.79 -40.92 23.48
CA GLN H 73 51.82 -39.87 23.52
C GLN H 73 51.24 -38.59 24.13
N PRO H 74 51.90 -37.99 25.11
CA PRO H 74 51.35 -36.79 25.76
C PRO H 74 51.60 -35.54 24.92
N THR H 75 51.01 -34.44 25.36
CA THR H 75 51.16 -33.15 24.74
C THR H 75 51.09 -32.09 25.82
N LYS H 76 51.77 -30.97 25.59
CA LYS H 76 51.97 -29.96 26.63
C LYS H 76 51.19 -28.69 26.31
N THR H 77 51.43 -27.67 27.14
CA THR H 77 50.91 -26.32 26.96
C THR H 77 52.09 -25.35 26.97
N GLN H 78 51.93 -24.22 26.29
CA GLN H 78 52.96 -23.20 26.25
C GLN H 78 52.35 -21.82 26.41
N THR H 79 53.16 -20.91 26.96
CA THR H 79 52.77 -19.52 27.18
C THR H 79 53.97 -18.64 26.84
N VAL H 80 53.89 -17.36 27.21
CA VAL H 80 54.94 -16.38 27.01
C VAL H 80 54.57 -15.10 27.75
N PRO H 81 55.53 -14.43 28.42
CA PRO H 81 55.25 -13.12 29.04
C PRO H 81 55.38 -11.96 28.05
N VAL H 82 55.28 -10.72 28.52
CA VAL H 82 55.23 -9.58 27.61
C VAL H 82 55.61 -8.27 28.31
N THR H 83 54.63 -7.55 28.86
CA THR H 83 54.79 -6.32 29.64
C THR H 83 55.48 -5.14 28.95
N ASP H 84 55.43 -3.98 29.60
CA ASP H 84 56.08 -2.76 29.12
C ASP H 84 56.53 -1.94 30.33
N THR H 85 56.98 -0.71 30.06
CA THR H 85 57.61 0.16 31.04
C THR H 85 56.74 1.41 31.29
N THR H 86 57.36 2.46 31.84
CA THR H 86 56.68 3.71 32.14
C THR H 86 57.50 4.84 31.54
N GLY H 87 57.31 6.04 32.06
CA GLY H 87 58.05 7.19 31.57
C GLY H 87 57.94 8.38 32.49
N MET H 88 58.90 9.29 32.34
CA MET H 88 59.00 10.48 33.18
C MET H 88 58.90 11.74 32.34
N LEU H 89 58.20 12.74 32.86
CA LEU H 89 58.28 14.10 32.35
C LEU H 89 58.32 15.05 33.52
N TYR H 90 59.18 16.07 33.41
CA TYR H 90 59.08 17.19 34.34
C TYR H 90 59.77 18.43 33.79
N ASP H 91 59.31 19.57 34.30
CA ASP H 91 59.86 20.87 33.99
C ASP H 91 59.88 21.66 35.28
N LEU H 92 60.67 22.73 35.29
CA LEU H 92 60.75 23.57 36.47
C LEU H 92 60.57 25.03 36.07
N GLY H 93 60.22 25.84 37.07
CA GLY H 93 60.11 27.27 36.91
C GLY H 93 61.16 28.00 37.73
N PHE H 94 61.12 29.32 37.62
CA PHE H 94 61.98 30.23 38.36
C PHE H 94 61.24 31.54 38.49
N VAL H 95 61.41 32.19 39.64
CA VAL H 95 60.89 33.54 39.86
C VAL H 95 61.96 34.32 40.59
N ASP H 96 62.44 35.39 39.97
CA ASP H 96 63.37 36.29 40.66
C ASP H 96 62.68 36.86 41.89
N LYS H 97 63.27 36.59 43.06
CA LYS H 97 62.65 36.99 44.33
C LYS H 97 62.34 38.48 44.36
N ALA H 98 63.18 39.32 43.76
CA ALA H 98 62.89 40.74 43.67
C ALA H 98 61.64 41.00 42.82
N LEU H 99 61.64 40.47 41.60
CA LEU H 99 60.43 40.53 40.76
C LEU H 99 59.26 39.83 41.40
N ALA H 100 59.52 38.86 42.28
CA ALA H 100 58.45 38.02 42.85
C ALA H 100 57.34 38.86 43.47
N ASP H 101 57.69 39.84 44.30
CA ASP H 101 56.70 40.67 44.97
C ASP H 101 57.00 42.17 44.77
N ARG H 102 56.34 42.76 43.78
CA ARG H 102 56.16 44.21 43.71
C ARG H 102 54.95 44.53 42.81
N SER H 103 53.77 44.69 43.41
CA SER H 103 53.58 44.56 44.86
C SER H 103 53.64 43.11 45.36
N ASN H 104 53.37 42.94 46.65
CA ASN H 104 53.49 41.66 47.33
C ASN H 104 52.44 40.65 46.91
N ASN H 105 52.00 39.82 47.86
CA ASN H 105 51.09 38.71 47.58
C ASN H 105 51.70 37.80 46.51
N ALA H 106 52.58 36.89 46.94
CA ALA H 106 53.19 35.93 46.03
C ALA H 106 52.33 34.70 45.82
N ALA H 107 51.65 34.23 46.87
CA ALA H 107 50.93 32.97 46.82
C ALA H 107 49.93 32.90 45.65
N ALA H 108 49.18 34.00 45.42
CA ALA H 108 48.27 34.06 44.29
C ALA H 108 49.00 33.85 42.97
N PHE H 109 50.14 34.51 42.81
CA PHE H 109 50.98 34.30 41.62
C PHE H 109 51.37 32.84 41.51
N ARG H 110 51.98 32.29 42.56
CA ARG H 110 52.46 30.90 42.54
C ARG H 110 51.36 29.94 42.10
N VAL H 111 50.17 30.04 42.71
CA VAL H 111 49.07 29.16 42.33
C VAL H 111 48.59 29.44 40.90
N SER H 112 48.73 30.68 40.42
CA SER H 112 48.39 30.98 39.03
C SER H 112 49.32 30.25 38.07
N GLU H 113 50.63 30.51 38.18
CA GLU H 113 51.62 29.76 37.42
C GLU H 113 51.38 28.27 37.49
N ASN H 114 51.03 27.78 38.69
CA ASN H 114 50.75 26.36 38.88
C ASN H 114 49.55 25.91 38.03
N MET H 115 48.46 26.68 38.04
CA MET H 115 47.27 26.27 37.28
C MET H 115 47.56 26.24 35.77
N GLY H 116 48.23 27.26 35.25
CA GLY H 116 48.58 27.24 33.84
C GLY H 116 49.46 26.06 33.48
N LYS H 117 50.58 25.90 34.20
CA LYS H 117 51.47 24.78 33.99
C LYS H 117 50.76 23.44 34.04
N LEU H 118 49.83 23.29 35.00
CA LEU H 118 49.04 22.07 35.10
C LEU H 118 48.23 21.82 33.84
N GLN H 119 47.60 22.87 33.30
CA GLN H 119 46.86 22.71 32.04
C GLN H 119 47.79 22.21 30.94
N GLY H 120 48.98 22.83 30.82
CA GLY H 120 49.96 22.33 29.86
C GLY H 120 50.31 20.87 30.07
N PHE H 121 50.46 20.46 31.34
CA PHE H 121 50.76 19.07 31.70
C PHE H 121 49.72 18.11 31.16
N ASN H 122 48.52 18.13 31.76
CA ASN H 122 47.48 17.19 31.36
C ASN H 122 47.24 17.25 29.85
N ASN H 123 47.34 18.44 29.26
CA ASN H 123 47.38 18.57 27.81
C ASN H 123 48.39 17.59 27.20
N LYS H 124 49.66 17.68 27.63
CA LYS H 124 50.71 16.86 27.02
C LYS H 124 50.50 15.37 27.24
N VAL H 125 50.26 14.95 28.49
CA VAL H 125 50.09 13.51 28.75
C VAL H 125 48.94 12.95 27.92
N ALA H 126 47.81 13.66 27.85
CA ALA H 126 46.75 13.26 26.93
C ALA H 126 47.23 13.23 25.49
N ARG H 127 48.11 14.16 25.12
CA ARG H 127 48.63 14.21 23.76
C ARG H 127 49.39 12.94 23.38
N TYR H 128 50.19 12.40 24.31
CA TYR H 128 50.98 11.21 24.02
C TYR H 128 50.26 9.91 24.32
N SER H 129 49.20 9.93 25.13
CA SER H 129 48.44 8.72 25.41
C SER H 129 47.87 8.07 24.16
N ILE H 130 47.89 8.78 23.02
CA ILE H 130 47.27 8.31 21.80
C ILE H 130 48.30 7.89 20.75
N TYR H 131 49.47 8.53 20.72
CA TYR H 131 50.48 8.30 19.69
C TYR H 131 51.85 8.15 20.34
N GLY H 132 52.86 8.02 19.51
CA GLY H 132 54.24 8.15 19.93
C GLY H 132 55.07 6.89 19.68
N ASN H 133 56.37 7.05 19.93
CA ASN H 133 57.38 6.00 19.97
C ASN H 133 58.15 5.82 18.68
N THR H 134 58.86 6.86 18.26
CA THR H 134 60.02 6.76 17.39
C THR H 134 60.98 7.84 17.90
N ASP H 135 61.32 7.74 19.18
CA ASP H 135 61.84 8.87 19.92
C ASP H 135 62.75 8.34 21.03
N ALA H 136 63.01 9.20 22.02
CA ALA H 136 63.79 8.84 23.21
C ALA H 136 62.94 8.24 24.32
N GLU H 137 61.97 7.41 23.93
CA GLU H 137 61.13 6.53 24.76
C GLU H 137 59.77 7.15 25.15
N PRO H 138 59.28 7.01 26.40
CA PRO H 138 57.87 6.71 26.69
C PRO H 138 56.77 7.45 25.89
N GLU H 139 55.66 6.76 25.62
CA GLU H 139 55.51 5.34 25.93
C GLU H 139 55.10 4.55 24.68
N ALA H 140 53.82 4.22 24.55
CA ALA H 140 53.31 3.53 23.38
C ALA H 140 51.79 3.44 23.45
N PHE H 141 51.19 3.25 22.28
CA PHE H 141 49.80 2.81 22.16
C PHE H 141 49.54 2.36 20.73
N MET H 142 50.14 3.07 19.77
CA MET H 142 49.84 2.91 18.36
C MET H 142 50.12 1.50 17.83
N GLY H 143 50.65 0.63 18.68
CA GLY H 143 51.02 -0.73 18.29
C GLY H 143 49.97 -1.55 17.57
N LEU H 144 48.90 -0.89 17.13
CA LEU H 144 47.85 -1.47 16.30
C LEU H 144 47.97 -1.04 14.85
N ALA H 145 49.20 -0.83 14.38
CA ALA H 145 49.43 -0.08 13.14
C ALA H 145 48.82 -0.70 11.89
N PRO H 146 49.14 -1.94 11.50
CA PRO H 146 48.74 -2.41 10.18
C PRO H 146 47.24 -2.71 10.10
N ARG H 147 46.74 -2.78 8.87
CA ARG H 147 45.31 -2.82 8.59
C ARG H 147 44.75 -4.21 8.40
N PHE H 148 45.57 -5.25 8.47
CA PHE H 148 45.08 -6.60 8.20
C PHE H 148 45.81 -7.55 9.14
N ASN H 149 45.75 -8.84 8.83
CA ASN H 149 46.35 -9.88 9.65
C ASN H 149 47.76 -10.18 9.16
N THR H 150 48.41 -11.13 9.85
CA THR H 150 49.73 -11.65 9.51
C THR H 150 50.88 -10.68 9.77
N LEU H 151 50.69 -9.39 9.49
CA LEU H 151 51.72 -8.42 9.85
C LEU H 151 51.62 -8.00 11.31
N SER H 152 50.49 -8.27 11.94
CA SER H 152 50.27 -8.07 13.37
C SER H 152 48.91 -8.67 13.69
N THR H 153 48.43 -8.40 14.90
CA THR H 153 47.11 -8.84 15.36
C THR H 153 46.22 -7.60 15.31
N SER H 154 45.57 -7.38 14.17
CA SER H 154 44.70 -6.23 13.99
C SER H 154 43.28 -6.59 14.40
N LYS H 155 42.42 -6.87 13.42
CA LYS H 155 41.08 -7.40 13.65
C LYS H 155 40.25 -6.57 14.61
N ALA H 156 40.03 -7.11 15.82
CA ALA H 156 39.06 -6.57 16.77
C ALA H 156 39.20 -5.06 16.99
N ALA H 157 40.34 -4.47 16.67
CA ALA H 157 40.51 -3.02 16.71
C ALA H 157 40.34 -2.37 15.36
N SER H 158 40.68 -3.05 14.27
CA SER H 158 40.72 -2.42 12.95
C SER H 158 39.33 -2.10 12.41
N ALA H 159 38.63 -3.10 11.86
CA ALA H 159 37.28 -3.01 11.31
C ALA H 159 36.84 -1.60 10.93
N GLU H 160 37.12 -1.19 9.71
CA GLU H 160 36.88 0.20 9.30
C GLU H 160 36.81 0.27 7.78
N ASN H 161 36.72 1.50 7.27
CA ASN H 161 36.72 1.79 5.84
C ASN H 161 38.05 2.42 5.42
N VAL H 162 38.21 2.63 4.12
CA VAL H 162 39.49 3.00 3.51
C VAL H 162 39.39 4.42 2.94
N PHE H 163 40.45 4.83 2.23
CA PHE H 163 40.63 6.07 1.45
C PHE H 163 41.68 6.99 2.10
N SER H 164 41.41 8.29 2.09
CA SER H 164 42.40 9.32 2.47
C SER H 164 43.61 9.18 1.53
N ALA H 165 44.83 9.25 2.04
CA ALA H 165 46.01 9.08 1.22
C ALA H 165 47.12 8.47 2.07
N GLY H 166 48.05 7.78 1.40
CA GLY H 166 49.14 7.14 2.10
C GLY H 166 50.25 8.06 2.57
N GLY H 167 50.21 9.33 2.20
CA GLY H 167 51.26 10.25 2.60
C GLY H 167 50.75 11.54 3.22
N SER H 168 49.43 11.69 3.30
CA SER H 168 48.82 12.88 3.84
C SER H 168 47.77 12.50 4.87
N GLY H 169 47.54 13.40 5.82
CA GLY H 169 46.55 13.19 6.86
C GLY H 169 45.15 13.62 6.50
N SER H 170 44.90 13.93 5.23
CA SER H 170 43.59 14.39 4.78
C SER H 170 42.62 13.23 4.52
N THR H 171 41.60 13.12 5.36
CA THR H 171 41.38 14.00 6.50
C THR H 171 41.37 13.16 7.76
N ASN H 172 41.49 11.85 7.53
CA ASN H 172 41.30 10.78 8.51
C ASN H 172 41.82 11.06 9.90
N THR H 173 40.93 11.40 10.83
CA THR H 173 41.28 11.35 12.25
C THR H 173 41.11 9.93 12.74
N SER H 174 40.31 9.71 13.78
CA SER H 174 40.06 8.37 14.31
C SER H 174 38.97 8.45 15.36
N ILE H 175 38.59 7.27 15.85
CA ILE H 175 37.68 7.08 16.99
C ILE H 175 38.11 5.81 17.69
N TRP H 176 38.33 5.89 19.00
CA TRP H 176 38.64 4.72 19.81
C TRP H 176 37.50 4.44 20.76
N PHE H 177 37.44 3.18 21.18
CA PHE H 177 36.77 2.88 22.44
C PHE H 177 37.32 1.62 23.07
N MET H 178 37.56 1.71 24.37
CA MET H 178 38.24 0.69 25.13
C MET H 178 37.63 0.63 26.53
N SER H 179 38.20 -0.22 27.37
CA SER H 179 37.70 -0.44 28.72
C SER H 179 38.80 -0.16 29.74
N TRP H 180 38.38 0.26 30.92
CA TRP H 180 39.26 0.46 32.05
C TRP H 180 39.22 -0.75 32.98
N GLY H 181 40.34 -0.98 33.66
CA GLY H 181 40.68 -2.27 34.22
C GLY H 181 41.88 -2.89 33.52
N GLU H 182 42.03 -2.61 32.23
CA GLU H 182 43.31 -2.75 31.54
C GLU H 182 44.06 -1.46 31.85
N ASN H 183 44.64 -1.45 33.04
CA ASN H 183 44.97 -0.22 33.75
C ASN H 183 46.12 0.53 33.08
N THR H 184 46.51 1.63 33.72
CA THR H 184 47.81 2.26 33.49
C THR H 184 48.64 2.13 34.75
N ALA H 185 49.93 1.89 34.58
CA ALA H 185 50.83 1.63 35.68
C ALA H 185 51.68 2.86 35.95
N HIS H 186 51.82 3.21 37.23
CA HIS H 186 52.74 4.24 37.63
C HIS H 186 53.91 3.58 38.37
N MET H 187 55.06 4.24 38.33
CA MET H 187 56.21 3.72 39.07
C MET H 187 55.87 3.64 40.55
N ILE H 188 56.47 2.64 41.22
CA ILE H 188 56.01 2.18 42.53
C ILE H 188 55.97 3.29 43.57
N TYR H 189 56.77 4.33 43.39
CA TYR H 189 56.91 5.32 44.46
C TYR H 189 55.86 6.44 44.41
N PRO H 190 55.78 7.26 43.34
CA PRO H 190 54.79 8.34 43.34
C PRO H 190 53.42 7.88 42.88
N GLU H 191 52.51 8.82 42.63
CA GLU H 191 51.14 8.49 42.25
C GLU H 191 50.69 9.30 41.04
N GLY H 192 50.21 10.52 41.30
CA GLY H 192 49.72 11.36 40.24
C GLY H 192 49.96 12.84 40.54
N MET H 193 50.44 13.57 39.54
CA MET H 193 50.73 14.99 39.65
C MET H 193 51.77 15.26 40.74
N VAL H 194 51.34 15.26 42.01
CA VAL H 194 52.20 15.55 43.17
C VAL H 194 53.19 16.69 42.90
N ALA H 195 52.76 17.93 43.12
CA ALA H 195 53.60 19.08 42.80
C ALA H 195 53.08 20.41 43.35
N GLY H 196 53.33 20.69 44.63
CA GLY H 196 53.91 19.74 45.56
C GLY H 196 55.41 19.78 45.81
N PHE H 197 55.98 20.98 45.92
CA PHE H 197 57.38 21.18 46.35
C PHE H 197 57.64 22.67 46.55
N GLN H 198 58.86 22.96 46.99
CA GLN H 198 59.27 24.29 47.42
C GLN H 198 60.57 24.68 46.72
N HIS H 199 61.68 24.67 47.45
CA HIS H 199 63.02 24.95 46.93
C HIS H 199 63.13 26.37 46.41
N GLU H 200 63.57 27.31 47.25
CA GLU H 200 63.81 28.69 46.81
C GLU H 200 65.16 29.12 47.39
N ASP H 201 66.16 29.27 46.52
CA ASP H 201 67.50 29.58 46.99
C ASP H 201 68.24 30.53 46.07
N LEU H 202 68.97 30.00 45.07
CA LEU H 202 69.79 30.85 44.21
C LEU H 202 69.91 30.25 42.82
N GLY H 203 70.54 31.00 41.93
CA GLY H 203 70.66 30.67 40.51
C GLY H 203 71.60 29.53 40.17
N ASP H 204 71.55 28.95 38.96
CA ASP H 204 70.71 29.31 37.79
C ASP H 204 70.74 30.73 37.22
N ASP H 205 71.45 30.91 36.10
CA ASP H 205 71.74 32.23 35.55
C ASP H 205 71.34 32.35 34.08
N LEU H 206 71.87 33.38 33.43
CA LEU H 206 71.57 33.71 32.05
C LEU H 206 72.66 33.19 31.12
N VAL H 207 72.98 33.94 30.07
CA VAL H 207 73.85 33.45 29.01
C VAL H 207 75.32 33.60 29.39
N SER H 208 76.04 32.49 29.40
CA SER H 208 77.49 32.47 29.56
C SER H 208 78.04 33.28 30.75
N ASP H 209 77.98 32.71 31.96
CA ASP H 209 77.35 31.40 32.18
C ASP H 209 76.01 31.28 32.97
N GLY H 210 75.32 32.37 33.33
CA GLY H 210 75.55 33.74 32.94
C GLY H 210 76.24 34.63 33.95
N ASN H 211 77.36 35.23 33.53
CA ASN H 211 77.97 36.36 34.21
C ASN H 211 78.55 36.09 35.60
N GLY H 212 78.22 34.96 36.22
CA GLY H 212 78.84 34.68 37.50
C GLY H 212 78.08 33.78 38.46
N GLY H 213 76.85 33.42 38.12
CA GLY H 213 76.11 32.49 38.95
C GLY H 213 75.35 33.12 40.09
N GLN H 214 74.14 32.59 40.36
CA GLN H 214 73.21 32.93 41.45
C GLN H 214 72.12 33.91 41.02
N PHE H 215 71.64 34.71 41.98
CA PHE H 215 70.67 35.82 41.87
C PHE H 215 69.42 35.61 42.72
N ARG H 216 69.39 34.49 43.46
CA ARG H 216 68.27 34.06 44.28
C ARG H 216 66.91 34.06 43.59
N ALA H 217 66.42 32.86 43.28
CA ALA H 217 65.12 32.67 42.64
C ALA H 217 64.20 31.88 43.56
N TYR H 218 63.06 31.46 43.02
CA TYR H 218 62.10 30.64 43.74
C TYR H 218 62.04 29.21 43.24
N ARG H 219 62.65 28.92 42.09
CA ARG H 219 62.66 27.57 41.51
C ARG H 219 61.27 27.00 41.39
N ASP H 220 61.02 25.90 42.12
CA ASP H 220 59.75 25.18 42.13
C ASP H 220 59.55 24.38 40.85
N GLU H 221 59.96 23.11 40.87
CA GLU H 221 59.81 22.21 39.74
C GLU H 221 58.35 21.83 39.56
N PHE H 222 58.10 20.75 38.80
CA PHE H 222 56.78 20.24 38.42
C PHE H 222 56.96 18.93 37.66
N LYS H 223 56.39 17.85 38.19
CA LYS H 223 56.71 16.51 37.70
C LYS H 223 55.52 15.60 37.92
N TRP H 224 55.35 14.65 36.99
CA TRP H 224 54.50 13.49 37.25
C TRP H 224 54.84 12.42 36.22
N ASP H 225 54.40 11.20 36.52
CA ASP H 225 54.85 10.03 35.77
C ASP H 225 53.71 9.03 35.62
N ILE H 226 53.73 8.32 34.49
CA ILE H 226 52.81 7.22 34.24
C ILE H 226 53.36 6.25 33.19
N GLY H 227 52.60 5.22 32.88
CA GLY H 227 52.94 4.24 31.88
C GLY H 227 51.76 3.32 31.64
N LEU H 228 51.28 3.28 30.39
CA LEU H 228 50.09 2.51 30.08
C LEU H 228 50.40 1.01 30.11
N SER H 229 49.32 0.23 30.09
CA SER H 229 49.42 -1.22 30.04
C SER H 229 48.42 -1.71 29.00
N VAL H 230 48.25 -3.03 28.91
CA VAL H 230 47.23 -3.59 28.01
C VAL H 230 46.47 -4.69 28.74
N ARG H 231 47.18 -5.56 29.45
CA ARG H 231 46.61 -6.71 30.15
C ARG H 231 45.80 -7.61 29.22
N ASP H 232 45.17 -7.00 28.22
CA ASP H 232 44.48 -7.69 27.13
C ASP H 232 44.57 -6.80 25.92
N TRP H 233 44.72 -7.41 24.75
CA TRP H 233 44.45 -6.75 23.49
C TRP H 233 43.21 -7.42 22.89
N ARG H 234 42.25 -6.57 22.48
CA ARG H 234 40.87 -6.86 22.05
C ARG H 234 39.92 -5.97 22.83
N SER H 235 40.43 -5.35 23.89
CA SER H 235 39.70 -4.30 24.58
C SER H 235 39.77 -2.98 23.82
N ILE H 236 40.22 -2.99 22.57
CA ILE H 236 40.47 -1.76 21.83
C ILE H 236 39.72 -1.80 20.50
N SER H 237 39.60 -0.62 19.89
CA SER H 237 38.81 -0.45 18.68
C SER H 237 39.30 0.80 17.97
N ARG H 238 39.50 0.69 16.65
CA ARG H 238 40.02 1.76 15.84
C ARG H 238 39.18 1.93 14.58
N ILE H 239 39.38 3.06 13.92
CA ILE H 239 38.80 3.34 12.62
C ILE H 239 39.76 4.25 11.86
N CYS H 240 39.81 4.07 10.54
CA CYS H 240 40.83 4.72 9.73
C CYS H 240 40.27 5.79 8.80
N ASN H 241 39.34 5.44 7.91
CA ASN H 241 39.05 6.19 6.68
C ASN H 241 39.44 7.69 6.56
N ILE H 242 38.85 8.61 7.34
CA ILE H 242 37.65 8.41 8.16
C ILE H 242 36.35 8.64 7.34
N ASP H 243 36.23 9.72 6.56
CA ASP H 243 37.11 10.88 6.58
C ASP H 243 36.31 12.05 7.13
N VAL H 244 36.85 13.25 7.08
CA VAL H 244 36.10 14.43 7.52
C VAL H 244 35.34 15.06 6.36
N THR H 245 36.01 15.26 5.22
CA THR H 245 35.39 15.99 4.10
C THR H 245 34.22 15.21 3.50
N THR H 246 34.45 13.96 3.11
CA THR H 246 33.33 13.19 2.55
C THR H 246 32.27 12.88 3.60
N LEU H 247 32.58 13.07 4.88
CA LEU H 247 31.59 13.13 5.94
C LEU H 247 31.08 14.54 6.22
N THR H 248 31.59 15.56 5.50
CA THR H 248 31.01 16.89 5.64
C THR H 248 29.60 16.98 5.07
N LYS H 249 29.05 15.88 4.56
CA LYS H 249 27.67 15.84 4.14
C LYS H 249 26.91 14.89 5.06
N ASP H 250 26.41 13.78 4.52
CA ASP H 250 25.75 12.70 5.26
C ASP H 250 24.82 13.17 6.37
N ALA H 251 24.39 14.43 6.34
CA ALA H 251 23.50 14.94 7.37
C ALA H 251 22.25 14.07 7.46
N SER H 252 21.56 13.91 6.34
CA SER H 252 20.41 13.03 6.24
C SER H 252 20.65 11.84 5.32
N THR H 253 21.82 11.76 4.70
CA THR H 253 22.13 10.74 3.71
C THR H 253 22.92 9.60 4.37
N GLY H 254 23.60 8.80 3.56
CA GLY H 254 24.38 7.68 4.07
C GLY H 254 25.18 6.98 3.01
N ALA H 255 26.51 6.97 3.15
CA ALA H 255 27.38 6.28 2.21
C ALA H 255 28.68 5.86 2.91
N ASP H 256 29.49 6.83 3.30
CA ASP H 256 30.67 6.58 4.13
C ASP H 256 30.32 6.69 5.60
N LEU H 257 29.29 5.94 5.98
CA LEU H 257 28.50 6.22 7.18
C LEU H 257 29.22 6.08 8.51
N ILE H 258 28.43 5.89 9.56
CA ILE H 258 28.93 5.78 10.92
C ILE H 258 28.71 4.39 11.52
N SER H 259 27.79 3.58 10.97
CA SER H 259 27.35 2.30 11.50
C SER H 259 28.48 1.43 12.08
N MET H 260 29.73 1.70 11.68
CA MET H 260 30.87 1.09 12.35
C MET H 260 30.83 1.31 13.86
N MET H 261 30.20 2.41 14.29
CA MET H 261 29.92 2.69 15.70
C MET H 261 29.39 1.46 16.43
N VAL H 262 28.52 0.68 15.78
CA VAL H 262 28.02 -0.56 16.38
C VAL H 262 28.92 -1.75 16.01
N ASP H 263 29.42 -1.76 14.77
CA ASP H 263 30.31 -2.78 14.25
C ASP H 263 31.35 -3.13 15.31
N ALA H 264 32.26 -2.19 15.56
CA ALA H 264 33.33 -2.39 16.53
C ALA H 264 32.78 -2.90 17.86
N TYR H 265 31.72 -2.26 18.36
CA TYR H 265 31.13 -2.67 19.64
C TYR H 265 30.77 -4.15 19.60
N TYR H 266 30.09 -4.56 18.54
CA TYR H 266 29.61 -5.94 18.42
C TYR H 266 30.68 -6.89 17.92
N ALA H 267 31.88 -6.38 17.64
CA ALA H 267 33.00 -7.20 17.18
C ALA H 267 33.98 -7.51 18.29
N ARG H 268 33.60 -7.27 19.55
CA ARG H 268 34.56 -7.33 20.65
C ARG H 268 33.82 -7.69 21.94
N ASP H 269 34.13 -8.87 22.48
CA ASP H 269 33.71 -9.41 23.78
C ASP H 269 33.88 -10.92 23.74
N VAL H 270 34.19 -11.54 24.88
CA VAL H 270 34.39 -12.99 24.88
C VAL H 270 33.46 -13.86 25.78
N ALA H 271 33.35 -13.63 27.09
CA ALA H 271 34.12 -12.68 27.90
C ALA H 271 34.70 -13.55 29.04
N MET H 272 35.82 -13.22 29.68
CA MET H 272 36.57 -11.95 29.70
C MET H 272 35.77 -10.82 30.36
N LEU H 273 34.76 -11.19 31.14
CA LEU H 273 33.80 -10.24 31.67
C LEU H 273 34.39 -9.26 32.68
N GLY H 274 35.65 -9.46 33.09
CA GLY H 274 36.24 -8.64 34.13
C GLY H 274 37.20 -7.56 33.64
N ASP H 275 36.87 -6.30 33.92
CA ASP H 275 35.60 -5.95 34.56
C ASP H 275 34.78 -5.01 33.68
N GLY H 276 35.03 -3.71 33.77
CA GLY H 276 34.42 -2.81 32.81
C GLY H 276 33.93 -1.48 33.33
N LYS H 277 34.48 -0.39 32.74
CA LYS H 277 33.94 0.96 32.79
C LYS H 277 34.19 1.54 31.40
N GLU H 278 33.51 0.95 30.42
CA GLU H 278 33.79 1.22 29.02
C GLU H 278 33.31 2.60 28.61
N VAL H 279 34.07 3.21 27.71
CA VAL H 279 33.80 4.55 27.21
C VAL H 279 34.18 4.56 25.73
N ILE H 280 34.06 5.74 25.12
CA ILE H 280 34.47 6.01 23.75
C ILE H 280 35.24 7.32 23.78
N TYR H 281 35.98 7.58 22.71
CA TYR H 281 36.81 8.80 22.62
C TYR H 281 36.67 9.40 21.23
N ALA H 282 36.09 10.60 21.17
CA ALA H 282 35.92 11.36 19.95
C ALA H 282 36.51 12.76 20.18
N ASN H 283 36.97 13.37 19.10
CA ASN H 283 37.62 14.68 19.17
C ASN H 283 36.75 15.72 18.48
N LYS H 284 35.97 16.45 19.27
CA LYS H 284 35.19 17.60 18.81
C LYS H 284 34.44 17.37 17.50
N THR H 285 35.13 17.57 16.37
CA THR H 285 34.45 17.62 15.07
C THR H 285 33.75 16.31 14.74
N ILE H 286 34.28 15.17 15.22
CA ILE H 286 33.58 13.90 15.03
C ILE H 286 32.35 13.84 15.93
N HIS H 287 32.53 14.14 17.21
CA HIS H 287 31.43 14.10 18.17
C HIS H 287 30.21 14.84 17.65
N ALA H 288 30.35 16.15 17.43
CA ALA H 288 29.27 16.95 16.86
C ALA H 288 28.71 16.29 15.61
N TRP H 289 29.58 15.87 14.70
CA TRP H 289 29.14 15.28 13.44
C TRP H 289 28.19 14.13 13.68
N LEU H 290 28.51 13.28 14.68
CA LEU H 290 27.64 12.16 15.00
C LEU H 290 26.19 12.63 15.13
N HIS H 291 25.97 13.61 16.00
CA HIS H 291 24.65 14.21 16.15
C HIS H 291 24.06 14.55 14.79
N LYS H 292 24.74 15.42 14.04
CA LYS H 292 24.19 15.94 12.79
C LYS H 292 23.93 14.84 11.77
N GLN H 293 24.52 13.66 11.94
CA GLN H 293 24.23 12.55 11.05
C GLN H 293 23.25 11.55 11.64
N ALA H 294 23.26 11.35 12.96
CA ALA H 294 22.50 10.26 13.55
C ALA H 294 21.00 10.50 13.44
N MET H 295 20.55 11.72 13.66
CA MET H 295 19.13 12.06 13.75
C MET H 295 18.42 12.12 12.40
N ASN H 296 19.07 11.72 11.30
CA ASN H 296 18.45 11.86 9.99
C ASN H 296 18.77 10.68 9.06
N ALA H 297 18.92 9.48 9.61
CA ALA H 297 19.15 8.31 8.76
C ALA H 297 17.82 7.84 8.17
N LYS H 298 17.43 6.60 8.49
CA LYS H 298 16.21 5.99 7.95
C LYS H 298 15.21 5.64 9.03
N ASN H 299 15.29 6.30 10.19
CA ASN H 299 14.51 5.90 11.34
C ASN H 299 13.64 7.04 11.82
N VAL H 300 12.62 6.69 12.56
CA VAL H 300 11.63 7.64 13.06
C VAL H 300 12.05 8.14 14.43
N ASN H 301 11.64 9.37 14.72
CA ASN H 301 11.94 10.08 15.95
C ASN H 301 10.65 10.25 16.74
N LEU H 302 10.59 11.32 17.54
CA LEU H 302 9.37 11.89 18.11
C LEU H 302 9.74 12.99 19.08
N THR H 303 10.11 12.61 20.29
CA THR H 303 10.41 13.55 21.38
C THR H 303 9.26 14.52 21.59
N ILE H 304 8.03 14.02 21.45
CA ILE H 304 6.81 14.85 21.58
C ILE H 304 6.93 16.01 20.60
N GLU H 305 6.90 17.25 21.10
CA GLU H 305 7.33 18.36 20.27
C GLU H 305 8.84 18.25 20.12
N GLU H 306 9.28 18.18 18.88
CA GLU H 306 10.35 17.28 18.50
C GLU H 306 11.79 17.78 18.59
N TYR H 307 12.29 18.21 17.44
CA TYR H 307 13.70 18.24 17.10
C TYR H 307 14.55 19.14 18.04
N GLY H 308 15.87 18.98 18.00
CA GLY H 308 16.57 18.05 17.13
C GLY H 308 17.61 17.21 17.82
N GLY H 309 17.55 15.90 17.60
CA GLY H 309 18.38 14.99 18.35
C GLY H 309 18.21 15.25 19.83
N LYS H 310 19.33 15.24 20.55
CA LYS H 310 19.38 15.67 21.95
C LYS H 310 20.80 15.50 22.48
N LYS H 311 20.92 15.26 23.78
CA LYS H 311 22.14 14.67 24.32
C LYS H 311 22.42 13.37 23.59
N ILE H 312 23.67 12.92 23.68
CA ILE H 312 24.11 11.78 22.89
C ILE H 312 25.15 11.02 23.70
N VAL H 313 25.12 11.22 25.02
CA VAL H 313 25.95 10.44 25.94
C VAL H 313 25.56 8.98 25.95
N SER H 314 24.42 8.63 25.36
CA SER H 314 23.94 7.26 25.35
C SER H 314 24.74 6.39 24.39
N PHE H 315 24.20 5.22 24.06
CA PHE H 315 24.82 4.32 23.10
C PHE H 315 26.13 3.69 23.62
N LEU H 316 26.06 2.45 24.10
CA LEU H 316 24.83 1.65 24.10
C LEU H 316 24.74 0.64 25.25
N GLY H 317 24.38 1.10 26.44
CA GLY H 317 24.16 2.51 26.71
C GLY H 317 25.37 3.02 27.48
N ILE H 318 26.53 2.48 27.11
CA ILE H 318 27.76 2.81 27.83
C ILE H 318 28.11 4.28 27.62
N PRO H 319 28.46 5.02 28.68
CA PRO H 319 28.59 6.48 28.57
C PRO H 319 29.73 6.91 27.64
N ILE H 320 29.37 7.30 26.42
CA ILE H 320 30.35 7.88 25.51
C ILE H 320 30.80 9.21 26.08
N ARG H 321 32.11 9.45 26.00
CA ARG H 321 32.70 10.68 26.51
C ARG H 321 33.56 11.32 25.43
N ARG H 322 33.74 12.63 25.57
CA ARG H 322 34.49 13.43 24.62
C ARG H 322 35.92 13.63 25.11
N VAL H 323 36.83 13.76 24.14
CA VAL H 323 38.27 13.84 24.40
C VAL H 323 38.87 14.78 23.37
N ASP H 324 40.15 15.10 23.57
CA ASP H 324 40.95 15.83 22.60
C ASP H 324 41.93 14.85 21.99
N ALA H 325 41.55 14.25 20.86
CA ALA H 325 42.52 13.55 20.05
C ALA H 325 43.22 14.57 19.17
N ILE H 326 43.56 14.18 17.94
CA ILE H 326 44.05 15.11 16.94
C ILE H 326 43.31 14.85 15.65
N LEU H 327 43.31 15.85 14.77
CA LEU H 327 42.74 15.74 13.44
C LEU H 327 43.89 15.50 12.48
N ASN H 328 43.84 14.36 11.76
CA ASN H 328 44.54 14.04 10.51
C ASN H 328 45.35 12.74 10.52
N THR H 329 46.00 12.42 11.64
CA THR H 329 46.92 11.29 11.71
C THR H 329 47.92 11.36 10.56
N GLU H 330 47.91 10.35 9.69
CA GLU H 330 48.59 10.39 8.40
C GLU H 330 47.97 9.32 7.50
N SER H 331 48.74 8.28 7.17
CA SER H 331 48.18 7.09 6.58
C SER H 331 47.57 6.17 7.62
N ALA H 332 47.84 6.43 8.91
CA ALA H 332 47.30 5.66 10.03
C ALA H 332 47.43 4.16 9.81
N VAL H 333 46.40 3.58 9.20
CA VAL H 333 46.31 2.15 8.99
C VAL H 333 46.50 1.74 7.54
N THR H 334 46.45 2.69 6.61
CA THR H 334 46.39 2.36 5.18
C THR H 334 47.70 1.74 4.70
N ALA H 335 47.58 0.57 4.08
CA ALA H 335 48.73 -0.12 3.49
C ALA H 335 48.51 -0.30 1.99
N MET I 1 64.62 5.97 29.13
CA MET I 1 65.90 5.88 29.81
C MET I 1 66.93 5.24 28.87
N LYS I 2 68.20 5.67 28.92
CA LYS I 2 68.74 6.61 29.89
C LYS I 2 69.96 7.27 29.28
N THR I 3 70.27 8.51 29.68
CA THR I 3 71.57 9.08 29.36
C THR I 3 72.63 8.44 30.25
N VAL I 4 73.86 8.40 29.74
CA VAL I 4 74.83 7.37 30.15
C VAL I 4 74.05 6.05 30.23
N ASN I 5 73.88 5.42 29.08
CA ASN I 5 74.72 5.66 27.90
C ASN I 5 74.40 6.78 26.88
N MET I 6 73.63 6.50 25.83
CA MET I 6 73.68 7.32 24.63
C MET I 6 72.39 8.12 24.39
N LYS I 7 72.51 9.06 23.46
CA LYS I 7 71.42 9.92 23.02
C LYS I 7 71.66 10.24 21.55
N THR I 8 70.71 10.95 20.93
CA THR I 8 70.81 11.39 19.55
C THR I 8 71.33 12.83 19.47
N GLY I 9 72.06 13.16 18.41
CA GLY I 9 72.39 12.24 17.35
C GLY I 9 73.70 11.52 17.59
N THR I 10 73.98 10.52 16.78
CA THR I 10 75.27 9.82 16.85
C THR I 10 76.30 10.26 15.80
N ASP I 11 76.00 10.21 14.49
CA ASP I 11 74.72 9.82 13.91
C ASP I 11 74.91 8.60 13.01
N SER I 12 76.09 8.00 13.11
CA SER I 12 76.47 6.86 12.27
C SER I 12 76.38 7.20 10.79
N PHE I 13 77.47 7.72 10.22
CA PHE I 13 77.51 8.06 8.80
C PHE I 13 77.65 6.77 7.98
N VAL I 14 77.81 6.94 6.67
CA VAL I 14 77.85 5.81 5.74
C VAL I 14 79.14 5.01 5.93
N GLY I 15 80.29 5.67 5.84
CA GLY I 15 81.56 4.96 5.88
C GLY I 15 82.30 5.10 7.18
N GLU I 16 81.58 5.01 8.30
CA GLU I 16 82.15 5.12 9.63
C GLU I 16 82.10 3.77 10.33
N ASP I 17 82.99 3.60 11.29
CA ASP I 17 83.01 2.41 12.14
C ASP I 17 82.09 2.53 13.34
N GLY I 18 81.54 3.71 13.61
CA GLY I 18 80.63 3.89 14.72
C GLY I 18 81.24 3.72 16.09
N LYS I 19 82.57 3.79 16.20
CA LYS I 19 83.19 3.96 17.51
C LYS I 19 82.60 5.11 18.32
N PRO I 20 82.30 6.30 17.74
CA PRO I 20 81.72 7.41 18.50
C PRO I 20 80.55 7.05 19.41
N GLU I 21 80.50 7.68 20.58
CA GLU I 21 81.53 8.58 21.09
C GLU I 21 81.36 8.51 22.58
N THR I 22 80.62 7.49 22.98
CA THR I 22 79.87 7.41 24.22
C THR I 22 80.66 7.60 25.51
N LYS I 23 81.50 8.64 25.60
CA LYS I 23 82.27 8.84 26.83
C LYS I 23 81.39 9.12 28.04
N ASP I 24 81.49 8.25 29.04
CA ASP I 24 82.39 7.11 28.96
C ASP I 24 81.69 5.80 29.33
N GLN I 25 82.17 4.70 28.74
CA GLN I 25 81.63 3.39 29.06
C GLN I 25 82.09 2.93 30.43
N TYR I 26 83.42 2.96 30.67
CA TYR I 26 84.20 2.89 31.92
C TYR I 26 85.12 1.68 31.98
N PRO I 27 86.35 1.84 32.51
CA PRO I 27 87.33 0.74 32.47
C PRO I 27 87.60 -0.04 33.76
N TRP I 28 86.57 -0.60 34.41
CA TRP I 28 86.76 -1.76 35.29
C TRP I 28 85.43 -2.41 35.71
N GLY I 29 85.31 -3.72 35.50
CA GLY I 29 84.19 -4.45 36.07
C GLY I 29 83.88 -5.70 35.29
N LEU I 30 83.02 -6.53 35.89
CA LEU I 30 82.44 -7.69 35.25
C LEU I 30 81.06 -7.94 35.86
N ARG I 31 80.14 -8.45 35.05
CA ARG I 31 78.78 -8.67 35.52
C ARG I 31 78.08 -9.68 34.62
N ILE I 32 77.12 -10.41 35.19
CA ILE I 32 76.37 -11.43 34.45
C ILE I 32 74.98 -11.64 35.06
N THR I 33 73.96 -10.97 34.49
CA THR I 33 72.56 -11.27 34.80
C THR I 33 71.59 -10.51 33.90
N LEU I 34 71.56 -9.19 34.03
CA LEU I 34 70.46 -8.38 33.48
C LEU I 34 70.73 -7.98 32.04
N ASP I 35 69.92 -7.06 31.52
CA ASP I 35 69.77 -6.75 30.10
C ASP I 35 70.47 -5.46 29.71
N ASN I 36 70.32 -5.10 28.43
CA ASN I 36 70.68 -3.80 27.88
C ASN I 36 69.66 -3.46 26.80
N GLU I 37 70.07 -2.74 25.75
CA GLU I 37 69.16 -2.39 24.67
C GLU I 37 69.96 -1.77 23.53
N SER I 38 69.38 -1.78 22.34
CA SER I 38 69.88 -1.06 21.17
C SER I 38 68.82 -1.13 20.09
N LEU I 39 68.57 0.00 19.42
CA LEU I 39 67.57 0.06 18.36
C LEU I 39 67.73 1.35 17.58
N GLN I 40 67.04 1.43 16.44
CA GLN I 40 66.78 2.68 15.72
C GLN I 40 65.89 2.38 14.51
N ARG I 41 65.45 3.44 13.87
CA ARG I 41 64.38 3.45 12.89
C ARG I 41 64.87 4.00 11.56
N LEU I 42 63.98 3.90 10.56
CA LEU I 42 64.19 4.32 9.17
C LEU I 42 65.58 4.04 8.61
N GLY I 43 65.75 2.84 8.05
CA GLY I 43 66.90 2.53 7.24
C GLY I 43 66.55 2.61 5.75
N LEU I 44 67.56 2.36 4.91
CA LEU I 44 67.32 2.47 3.48
C LEU I 44 68.14 1.50 2.64
N ASN I 45 69.44 1.42 2.87
CA ASN I 45 70.35 0.88 1.87
C ASN I 45 71.32 -0.14 2.45
N ALA I 46 71.36 -1.31 1.82
CA ALA I 46 72.28 -2.43 2.07
C ALA I 46 72.28 -2.88 3.53
N LYS I 47 73.40 -3.46 3.95
CA LYS I 47 73.49 -4.27 5.17
C LYS I 47 74.29 -3.55 6.24
N SER I 48 73.76 -3.54 7.46
CA SER I 48 74.43 -2.95 8.61
C SER I 48 74.70 -4.04 9.63
N LEU I 49 75.63 -3.76 10.55
CA LEU I 49 75.97 -4.71 11.59
C LEU I 49 76.85 -4.05 12.65
N PRO I 50 76.46 -4.14 13.92
CA PRO I 50 77.30 -3.56 14.97
C PRO I 50 78.38 -4.52 15.45
N ALA I 51 79.16 -4.10 16.42
CA ALA I 51 80.19 -4.91 17.04
C ALA I 51 80.48 -4.31 18.41
N VAL I 52 81.39 -4.95 19.13
CA VAL I 52 81.82 -4.46 20.44
C VAL I 52 83.33 -4.66 20.56
N GLY I 53 83.88 -4.13 21.63
CA GLY I 53 85.26 -4.33 22.00
C GLY I 53 85.40 -4.07 23.48
N ASP I 54 86.66 -3.97 23.92
CA ASP I 54 87.01 -3.60 25.29
C ASP I 54 88.50 -3.81 25.55
N SER I 55 89.00 -3.16 26.61
CA SER I 55 90.37 -3.30 27.08
C SER I 55 90.58 -2.36 28.26
N VAL I 56 91.57 -1.49 28.16
CA VAL I 56 91.74 -0.35 29.05
C VAL I 56 91.73 0.89 28.18
N SER I 57 90.54 1.47 28.01
CA SER I 57 90.35 2.79 27.41
C SER I 57 90.39 2.83 25.89
N VAL I 58 91.15 1.93 25.26
CA VAL I 58 91.35 2.07 23.81
C VAL I 58 91.46 0.74 23.08
N MET I 59 92.56 0.02 23.28
CA MET I 59 92.92 -1.06 22.38
C MET I 59 93.26 -2.38 23.11
N ALA I 60 92.94 -3.53 22.52
CA ALA I 60 92.31 -3.67 21.20
C ALA I 60 91.57 -5.00 21.10
N MET I 61 90.98 -5.47 22.20
CA MET I 61 90.63 -6.88 22.34
C MET I 61 89.12 -7.13 22.24
N ALA I 62 88.80 -8.37 21.89
CA ALA I 62 87.50 -9.01 22.11
C ALA I 62 86.37 -8.55 21.20
N ASN I 63 85.26 -9.30 21.21
CA ASN I 63 84.13 -9.11 20.32
C ASN I 63 82.94 -9.90 20.84
N VAL I 64 81.74 -9.52 20.37
CA VAL I 64 80.51 -10.30 20.52
C VAL I 64 79.72 -10.11 19.24
N CYS I 65 79.19 -8.89 19.03
CA CYS I 65 78.65 -8.41 17.77
C CYS I 65 77.33 -9.05 17.33
N SER I 66 76.81 -8.59 16.20
CA SER I 66 75.56 -9.06 15.61
C SER I 66 75.49 -8.55 14.17
N VAL I 67 74.41 -8.90 13.48
CA VAL I 67 74.21 -8.58 12.07
C VAL I 67 72.71 -8.41 11.81
N SER I 68 72.35 -7.46 10.95
CA SER I 68 70.97 -7.29 10.51
C SER I 68 70.94 -6.80 9.08
N THR I 69 69.77 -6.94 8.45
CA THR I 69 69.51 -6.48 7.10
C THR I 69 68.46 -5.37 7.12
N ARG I 70 68.09 -4.90 5.94
CA ARG I 70 67.26 -3.70 5.80
C ARG I 70 65.88 -3.93 6.41
N THR I 71 65.47 -3.00 7.27
CA THR I 71 64.13 -2.85 7.83
C THR I 71 64.23 -1.65 8.75
N THR I 72 63.10 -1.14 9.23
CA THR I 72 63.08 0.02 10.11
C THR I 72 62.53 -0.40 11.48
N ASP I 73 63.43 -0.43 12.48
CA ASP I 73 63.18 -0.73 13.89
C ASP I 73 63.49 -2.18 14.26
N HIS I 74 64.27 -2.37 15.32
CA HIS I 74 64.79 -3.70 15.63
C HIS I 74 65.16 -3.77 17.11
N GLY I 75 66.18 -4.56 17.45
CA GLY I 75 66.59 -4.77 18.81
C GLY I 75 66.97 -6.22 19.08
N GLU I 76 68.16 -6.42 19.66
CA GLU I 76 68.58 -7.78 20.00
C GLU I 76 68.60 -7.91 21.52
N ASP I 77 69.75 -8.26 22.11
CA ASP I 77 69.81 -8.30 23.56
C ASP I 77 71.20 -8.12 24.15
N ASN I 78 71.53 -8.96 25.13
CA ASN I 78 72.46 -8.63 26.20
C ASN I 78 73.86 -9.17 25.91
N TYR I 79 74.69 -9.18 26.96
CA TYR I 79 76.10 -9.51 26.93
C TYR I 79 76.41 -10.33 28.17
N VAL I 80 77.59 -10.96 28.19
CA VAL I 80 77.89 -11.92 29.24
C VAL I 80 79.14 -11.51 30.02
N GLU I 81 80.29 -12.09 29.69
CA GLU I 81 81.55 -11.79 30.36
C GLU I 81 82.41 -10.94 29.44
N LEU I 82 83.07 -9.95 30.02
CA LEU I 82 83.85 -8.99 29.25
C LEU I 82 84.99 -8.48 30.12
N GLN I 83 86.04 -8.01 29.45
CA GLN I 83 87.08 -7.28 30.16
C GLN I 83 86.45 -6.04 30.76
N ILE I 84 86.48 -4.93 30.03
CA ILE I 84 85.80 -3.69 30.39
C ILE I 84 86.14 -2.60 29.39
N THR I 85 85.34 -1.53 29.38
CA THR I 85 85.44 -0.31 28.57
C THR I 85 84.77 -0.44 27.22
N ASP I 86 84.07 -1.55 26.98
CA ASP I 86 83.17 -1.79 25.85
C ASP I 86 82.98 -0.61 24.90
N ILE I 87 83.92 -0.42 23.96
CA ILE I 87 83.78 0.65 22.98
C ILE I 87 82.52 0.50 22.15
N GLY I 88 81.89 -0.68 22.20
CA GLY I 88 80.67 -0.96 21.46
C GLY I 88 79.63 0.13 21.61
N LEU I 89 78.84 0.36 20.57
CA LEU I 89 78.89 -0.44 19.34
C LEU I 89 80.02 -0.06 18.38
N ALA I 90 80.21 -0.87 17.35
CA ALA I 90 81.17 -0.61 16.28
C ALA I 90 80.54 -1.02 14.95
N PRO I 91 79.56 -0.26 14.48
CA PRO I 91 78.78 -0.68 13.32
C PRO I 91 79.44 -0.36 11.99
N GLN I 92 78.96 -1.04 10.96
CA GLN I 92 79.40 -0.91 9.57
C GLN I 92 78.41 -1.78 8.76
N LYS I 93 78.38 -1.71 7.41
CA LYS I 93 79.39 -1.07 6.58
C LYS I 93 78.90 -0.21 5.40
N ARG I 94 78.62 -0.84 4.26
CA ARG I 94 78.69 -0.17 2.97
C ARG I 94 77.31 0.00 2.33
N ASP I 95 76.86 1.26 2.25
CA ASP I 95 75.89 1.78 1.29
C ASP I 95 75.62 3.24 1.62
N ASP I 96 74.83 3.93 0.80
CA ASP I 96 74.78 5.39 0.84
C ASP I 96 73.39 5.89 1.21
N ALA I 97 73.35 6.68 2.30
CA ALA I 97 72.21 7.43 2.80
C ALA I 97 72.50 7.85 4.24
N LYS I 98 71.93 8.96 4.69
CA LYS I 98 72.10 9.43 6.06
C LYS I 98 70.78 9.24 6.80
N GLU I 99 70.63 8.10 7.46
CA GLU I 99 69.44 7.80 8.23
C GLU I 99 69.57 8.43 9.61
N LEU I 100 68.83 7.90 10.57
CA LEU I 100 69.04 8.18 11.98
C LEU I 100 69.76 7.00 12.62
N LYS I 101 70.19 7.21 13.87
CA LYS I 101 71.36 6.53 14.39
C LYS I 101 71.07 5.27 15.20
N ASP I 102 71.04 5.39 16.53
CA ASP I 102 70.97 4.28 17.45
C ASP I 102 71.00 4.78 18.89
N ALA I 103 71.25 3.87 19.84
CA ALA I 103 71.42 4.13 21.26
C ALA I 103 71.60 2.78 21.93
N PHE I 104 72.08 2.79 23.18
CA PHE I 104 72.21 1.53 23.91
C PHE I 104 72.26 1.76 25.42
N TYR I 105 71.18 1.35 26.13
CA TYR I 105 71.13 1.04 27.57
C TYR I 105 69.72 0.76 28.08
N PRO I 106 69.48 0.69 29.40
CA PRO I 106 68.66 -0.40 29.94
C PRO I 106 67.18 -0.31 29.57
N ASP I 107 66.46 -1.35 29.97
CA ASP I 107 65.05 -1.58 29.62
C ASP I 107 64.08 -0.42 29.79
N GLY I 108 63.55 0.08 28.67
CA GLY I 108 64.08 -0.28 27.36
C GLY I 108 63.32 -1.23 26.44
N GLU I 109 62.41 -2.04 26.98
CA GLU I 109 61.74 -3.05 26.16
C GLU I 109 60.89 -2.41 25.07
N ASP I 110 60.87 -3.05 23.90
CA ASP I 110 59.95 -2.65 22.84
C ASP I 110 58.52 -3.01 23.21
N ASP I 111 58.17 -4.29 23.14
CA ASP I 111 56.81 -4.73 23.38
C ASP I 111 56.72 -5.91 24.35
N MET J 1 6.48 80.48 4.17
CA MET J 1 7.75 79.86 3.85
C MET J 1 8.91 80.52 4.62
N ALA J 2 9.50 79.77 5.57
CA ALA J 2 10.34 80.31 6.64
C ALA J 2 11.83 80.07 6.45
N LEU J 3 12.22 78.83 6.07
CA LEU J 3 13.61 78.36 5.94
C LEU J 3 14.16 77.82 7.26
N ILE J 4 13.50 76.81 7.84
CA ILE J 4 13.93 76.21 9.09
C ILE J 4 14.00 74.69 8.91
N GLY J 5 14.87 74.06 9.72
CA GLY J 5 14.98 72.60 9.73
C GLY J 5 13.92 71.88 10.53
N GLN J 6 13.07 72.64 11.24
CA GLN J 6 11.87 72.12 11.89
C GLN J 6 12.17 71.17 13.05
N THR J 7 12.61 71.73 14.16
CA THR J 7 12.67 71.03 15.43
C THR J 7 11.94 71.88 16.46
N LEU J 8 11.51 71.23 17.55
CA LEU J 8 10.57 71.70 18.58
C LEU J 8 9.15 71.33 18.18
N PRO J 9 8.22 71.23 19.14
CA PRO J 9 6.81 71.02 18.79
C PRO J 9 6.18 72.33 18.35
N SER J 10 5.55 72.32 17.19
CA SER J 10 4.81 73.47 16.69
C SER J 10 3.31 73.18 16.76
N LEU J 11 2.52 74.25 16.92
CA LEU J 11 1.08 74.22 17.14
C LEU J 11 0.36 73.05 16.47
N LEU J 12 0.72 72.71 15.22
CA LEU J 12 0.11 71.58 14.55
C LEU J 12 0.23 70.28 15.36
N ASP J 13 1.26 70.18 16.20
CA ASP J 13 1.42 69.03 17.10
C ASP J 13 0.19 68.85 17.98
N ILE J 14 -0.07 69.81 18.88
CA ILE J 14 -1.17 69.67 19.83
C ILE J 14 -2.51 69.55 19.12
N TYR J 15 -2.64 70.14 17.93
CA TYR J 15 -3.85 69.93 17.14
C TYR J 15 -3.95 68.51 16.62
N ASN J 16 -2.80 67.84 16.43
CA ASN J 16 -2.82 66.43 16.04
C ASN J 16 -3.01 65.50 17.23
N ARG J 17 -2.59 65.91 18.44
CA ARG J 17 -3.04 65.22 19.64
C ARG J 17 -4.55 65.24 19.76
N THR J 18 -5.17 66.31 19.26
CA THR J 18 -6.60 66.36 18.96
C THR J 18 -7.47 66.19 20.19
N ASP J 19 -7.93 64.96 20.41
CA ASP J 19 -9.02 64.67 21.34
C ASP J 19 -10.29 65.35 20.87
N LYS J 20 -11.08 65.83 21.84
CA LYS J 20 -12.40 66.42 21.73
C LYS J 20 -13.04 66.10 23.07
N ASN J 21 -13.97 66.94 23.55
CA ASN J 21 -14.59 66.71 24.85
C ASN J 21 -13.51 66.44 25.90
N GLY J 22 -12.62 67.42 26.06
CA GLY J 22 -11.36 67.19 26.74
C GLY J 22 -10.33 66.70 25.73
N ARG J 23 -9.48 65.75 26.12
CA ARG J 23 -9.43 65.23 27.48
C ARG J 23 -7.98 64.84 27.80
N ILE J 24 -7.81 64.07 28.86
CA ILE J 24 -6.50 63.64 29.34
C ILE J 24 -5.74 62.86 28.27
N ALA J 25 -6.18 61.63 28.00
CA ALA J 25 -5.50 60.76 27.05
C ALA J 25 -6.35 60.59 25.80
N ARG J 26 -5.79 59.86 24.84
CA ARG J 26 -6.49 59.49 23.62
C ARG J 26 -7.06 58.09 23.82
N ILE J 27 -7.75 57.57 22.80
CA ILE J 27 -8.29 56.22 22.90
C ILE J 27 -7.16 55.23 23.19
N VAL J 28 -6.87 55.04 24.48
CA VAL J 28 -5.66 54.41 25.03
C VAL J 28 -4.71 53.69 24.06
N GLU J 29 -3.85 54.45 23.37
CA GLU J 29 -3.84 55.90 23.38
C GLU J 29 -3.72 56.30 21.93
N GLN J 30 -2.47 56.35 21.47
CA GLN J 30 -2.13 56.23 20.06
C GLN J 30 -1.39 54.92 19.88
N LEU J 31 -1.78 54.14 18.89
CA LEU J 31 -1.32 52.78 18.76
C LEU J 31 -0.36 52.63 17.60
N ALA J 32 0.24 51.43 17.53
CA ALA J 32 0.77 50.86 16.29
C ALA J 32 2.26 51.03 16.02
N LYS J 33 2.56 51.38 14.78
CA LYS J 33 3.67 50.81 14.02
C LYS J 33 5.03 51.30 14.50
N THR J 34 5.72 50.44 15.26
CA THR J 34 7.17 50.45 15.40
C THR J 34 7.57 49.18 16.13
N ASN J 35 8.65 48.54 15.67
CA ASN J 35 9.05 47.23 16.17
C ASN J 35 9.41 47.26 17.66
N ASP J 36 9.90 46.12 18.16
CA ASP J 36 10.02 45.96 19.60
C ASP J 36 11.42 45.51 20.01
N ILE J 37 11.77 44.27 19.62
CA ILE J 37 13.01 43.63 20.06
C ILE J 37 12.87 43.51 21.58
N LEU J 38 14.00 43.41 22.29
CA LEU J 38 14.05 43.50 23.74
C LEU J 38 15.49 43.78 24.14
N THR J 39 16.12 42.84 24.84
CA THR J 39 17.55 42.87 25.13
C THR J 39 18.08 44.22 25.60
N ASP J 40 17.98 44.57 26.90
CA ASP J 40 17.38 43.80 28.01
C ASP J 40 17.98 42.44 28.36
N ALA J 41 18.98 42.47 29.24
CA ALA J 41 19.59 41.23 29.71
C ALA J 41 20.32 41.45 31.04
N ILE J 42 21.56 41.94 31.00
CA ILE J 42 22.39 42.08 32.18
C ILE J 42 23.05 43.46 32.20
N TYR J 43 23.58 43.82 33.37
CA TYR J 43 24.36 45.02 33.56
C TYR J 43 25.38 44.78 34.66
N VAL J 44 26.53 45.45 34.55
CA VAL J 44 27.59 45.30 35.54
C VAL J 44 28.51 46.52 35.52
N PRO J 45 29.02 46.97 36.66
CA PRO J 45 29.99 48.05 36.68
C PRO J 45 31.39 47.57 36.32
N CYS J 46 32.20 48.51 35.86
CA CYS J 46 33.53 48.23 35.34
C CYS J 46 34.54 49.10 36.06
N ASN J 47 35.59 48.45 36.57
CA ASN J 47 36.77 49.14 37.07
C ASN J 47 37.91 48.81 36.13
N ASP J 48 38.81 49.76 35.88
CA ASP J 48 38.80 51.08 36.50
C ASP J 48 37.86 52.05 35.80
N GLY J 49 38.23 53.33 35.80
CA GLY J 49 37.41 54.40 35.27
C GLY J 49 36.99 54.27 33.82
N SER J 50 37.30 53.13 33.20
CA SER J 50 36.93 52.80 31.82
C SER J 50 37.56 51.47 31.42
N LYS J 51 37.44 51.12 30.13
CA LYS J 51 38.26 50.07 29.53
C LYS J 51 37.98 48.67 30.06
N HIS J 52 38.07 48.50 31.39
CA HIS J 52 37.72 47.27 32.10
C HIS J 52 38.80 46.21 32.06
N LYS J 53 39.71 46.29 31.08
CA LYS J 53 40.93 45.47 31.05
C LYS J 53 40.58 43.99 30.80
N THR J 54 40.88 43.10 31.74
CA THR J 54 40.78 41.65 31.59
C THR J 54 41.91 41.11 30.69
N THR J 55 42.13 39.80 30.72
CA THR J 55 43.40 39.24 30.24
C THR J 55 43.22 38.07 29.28
N ILE J 56 42.96 36.88 29.84
CA ILE J 56 43.13 35.58 29.19
C ILE J 56 44.62 35.33 28.93
N ARG J 57 44.96 34.15 28.44
CA ARG J 57 46.36 33.78 28.24
C ARG J 57 46.58 33.24 26.84
N ALA J 58 47.84 33.27 26.41
CA ALA J 58 48.21 32.87 25.06
C ALA J 58 48.84 31.48 25.04
N GLY J 59 50.15 31.41 25.26
CA GLY J 59 50.83 30.13 25.24
C GLY J 59 50.62 29.34 26.52
N ILE J 60 50.68 28.02 26.38
CA ILE J 60 50.46 27.12 27.52
C ILE J 60 51.58 26.07 27.56
N PRO J 61 52.86 26.47 27.63
CA PRO J 61 53.97 25.51 27.54
C PRO J 61 54.62 25.23 28.91
N GLU J 62 55.37 24.13 29.12
CA GLU J 62 55.52 22.94 28.26
C GLU J 62 56.39 21.98 29.07
N PRO J 63 55.94 20.76 29.28
CA PRO J 63 56.83 19.72 29.84
C PRO J 63 57.66 19.07 28.74
N VAL J 64 58.67 18.32 29.18
CA VAL J 64 59.52 17.55 28.28
C VAL J 64 59.78 16.18 28.93
N TRP J 65 59.93 15.17 28.08
CA TRP J 65 60.42 13.87 28.54
C TRP J 65 61.84 14.03 29.07
N ARG J 66 62.15 13.23 30.08
CA ARG J 66 63.46 13.34 30.72
C ARG J 66 63.86 12.03 31.36
N ARG J 67 65.16 11.72 31.29
CA ARG J 67 65.77 10.56 31.94
C ARG J 67 66.63 11.02 33.12
N TYR J 68 67.04 10.05 33.92
CA TYR J 68 67.47 10.29 35.30
C TYR J 68 68.73 11.14 35.44
N ASN J 69 69.19 11.81 34.38
CA ASN J 69 70.39 12.65 34.50
C ASN J 69 70.25 13.92 33.68
N GLN J 70 69.99 13.78 32.37
CA GLN J 70 70.02 14.86 31.39
C GLN J 70 68.94 15.97 31.62
N GLY J 71 68.27 16.03 32.77
CA GLY J 71 67.28 17.06 33.03
C GLY J 71 67.81 18.46 32.81
N VAL J 72 67.11 19.25 32.00
CA VAL J 72 67.64 20.56 31.60
C VAL J 72 66.48 21.51 31.31
N GLN J 73 66.67 22.79 31.67
CA GLN J 73 65.93 23.94 31.17
C GLN J 73 64.62 24.24 31.89
N PRO J 74 64.43 25.47 32.36
CA PRO J 74 63.14 25.86 32.94
C PRO J 74 62.12 26.17 31.86
N THR J 75 60.89 26.44 32.30
CA THR J 75 59.81 26.80 31.38
C THR J 75 58.96 27.91 32.03
N LYS J 76 58.28 28.68 31.18
CA LYS J 76 57.54 29.86 31.60
C LYS J 76 56.10 29.78 31.11
N THR J 77 55.31 30.79 31.51
CA THR J 77 53.93 30.96 31.07
C THR J 77 53.68 32.44 30.88
N GLN J 78 52.89 32.78 29.86
CA GLN J 78 52.65 34.17 29.50
C GLN J 78 51.15 34.44 29.40
N THR J 79 50.82 35.69 29.10
CA THR J 79 49.44 36.17 29.05
C THR J 79 49.42 37.47 28.24
N VAL J 80 48.26 38.12 28.21
CA VAL J 80 48.05 39.34 27.42
C VAL J 80 46.72 39.98 27.81
N PRO J 81 46.67 41.28 28.02
CA PRO J 81 45.39 41.95 28.31
C PRO J 81 44.58 42.29 27.06
N VAL J 82 43.39 42.84 27.30
CA VAL J 82 42.45 43.28 26.28
C VAL J 82 41.67 44.44 26.89
N THR J 83 40.81 45.08 26.09
CA THR J 83 40.02 46.20 26.59
C THR J 83 38.97 46.60 25.56
N ASP J 84 37.98 47.36 26.04
CA ASP J 84 37.03 48.09 25.21
C ASP J 84 36.31 49.11 26.08
N THR J 85 35.67 50.08 25.43
CA THR J 85 35.15 51.27 26.07
C THR J 85 33.63 51.22 26.21
N THR J 86 33.05 52.38 26.52
CA THR J 86 31.62 52.57 26.71
C THR J 86 31.13 53.66 25.75
N GLY J 87 29.91 54.14 25.97
CA GLY J 87 29.34 55.14 25.10
C GLY J 87 28.10 55.83 25.62
N MET J 88 28.08 57.16 25.48
CA MET J 88 26.98 57.99 25.91
C MET J 88 26.01 58.25 24.77
N LEU J 89 24.79 58.62 25.14
CA LEU J 89 23.81 59.20 24.23
C LEU J 89 22.67 59.77 25.05
N TYR J 90 22.22 60.96 24.66
CA TYR J 90 21.04 61.51 25.31
C TYR J 90 20.36 62.50 24.37
N ASP J 91 19.11 62.81 24.68
CA ASP J 91 18.34 63.74 23.89
C ASP J 91 17.42 64.51 24.82
N LEU J 92 17.27 65.79 24.54
CA LEU J 92 16.43 66.68 25.32
C LEU J 92 15.26 67.16 24.46
N GLY J 93 14.13 67.39 25.11
CA GLY J 93 12.97 67.91 24.43
C GLY J 93 12.52 69.22 25.04
N PHE J 94 11.88 70.04 24.22
CA PHE J 94 11.29 71.30 24.67
C PHE J 94 9.82 71.31 24.28
N VAL J 95 9.05 72.12 24.99
CA VAL J 95 7.71 72.52 24.60
C VAL J 95 7.58 74.00 24.93
N ASP J 96 6.46 74.60 24.52
CA ASP J 96 6.15 75.97 24.87
C ASP J 96 5.14 75.96 26.00
N LYS J 97 5.49 76.59 27.13
CA LYS J 97 4.67 76.52 28.33
C LYS J 97 3.22 76.87 28.07
N ALA J 98 2.97 77.91 27.27
CA ALA J 98 1.60 78.25 26.89
C ALA J 98 1.00 77.17 25.98
N LEU J 99 1.76 76.69 25.01
CA LEU J 99 1.26 75.69 24.06
C LEU J 99 0.69 74.46 24.76
N ALA J 100 1.48 73.85 25.67
CA ALA J 100 1.03 72.67 26.38
C ALA J 100 -0.17 72.92 27.29
N ASP J 101 -0.54 74.18 27.54
CA ASP J 101 -1.64 74.52 28.43
C ASP J 101 -2.89 74.99 27.69
N ARG J 102 -2.97 74.73 26.38
CA ARG J 102 -4.14 75.14 25.60
C ARG J 102 -4.69 73.99 24.75
N SER J 103 -5.67 73.26 25.27
CA SER J 103 -6.21 73.45 26.62
C SER J 103 -5.26 72.89 27.67
N ASN J 104 -5.65 72.95 28.93
CA ASN J 104 -4.76 72.65 30.04
C ASN J 104 -4.35 71.18 30.10
N ASN J 105 -4.01 70.71 31.30
CA ASN J 105 -3.52 69.36 31.55
C ASN J 105 -2.40 68.95 30.58
N ALA J 106 -1.15 69.28 30.95
CA ALA J 106 0.00 68.93 30.14
C ALA J 106 0.73 67.69 30.62
N ALA J 107 0.46 67.24 31.85
CA ALA J 107 1.11 66.05 32.37
C ALA J 107 0.96 64.86 31.44
N ALA J 108 -0.29 64.52 31.09
CA ALA J 108 -0.54 63.40 30.17
C ALA J 108 0.21 63.56 28.87
N PHE J 109 0.21 64.78 28.31
CA PHE J 109 1.03 65.10 27.15
C PHE J 109 2.48 64.64 27.35
N ARG J 110 3.09 65.10 28.44
CA ARG J 110 4.48 64.73 28.73
C ARG J 110 4.66 63.23 28.88
N VAL J 111 3.67 62.54 29.47
CA VAL J 111 3.77 61.09 29.62
C VAL J 111 3.74 60.39 28.27
N SER J 112 2.84 60.81 27.38
CA SER J 112 2.82 60.26 26.02
C SER J 112 4.18 60.42 25.35
N GLU J 113 4.69 61.65 25.31
CA GLU J 113 5.99 61.90 24.70
C GLU J 113 7.08 61.04 25.33
N ASN J 114 7.11 60.98 26.66
CA ASN J 114 8.11 60.17 27.37
C ASN J 114 8.04 58.70 26.92
N MET J 115 6.84 58.12 26.92
CA MET J 115 6.67 56.72 26.58
C MET J 115 7.15 56.45 25.15
N GLY J 116 6.52 57.11 24.17
CA GLY J 116 6.90 56.86 22.78
C GLY J 116 8.38 57.10 22.51
N LYS J 117 8.90 58.23 22.98
CA LYS J 117 10.30 58.56 22.76
C LYS J 117 11.23 57.52 23.38
N LEU J 118 10.94 57.10 24.62
CA LEU J 118 11.68 55.98 25.21
C LEU J 118 11.71 54.79 24.26
N GLN J 119 10.55 54.41 23.73
CA GLN J 119 10.47 53.28 22.81
C GLN J 119 11.44 53.44 21.63
N GLY J 120 11.28 54.53 20.85
CA GLY J 120 12.14 54.71 19.69
C GLY J 120 13.62 54.76 20.06
N PHE J 121 13.95 55.51 21.11
CA PHE J 121 15.27 55.61 21.73
C PHE J 121 15.95 54.25 21.87
N ASN J 122 15.40 53.41 22.77
CA ASN J 122 15.98 52.09 22.99
C ASN J 122 16.02 51.26 21.71
N ASN J 123 15.03 51.42 20.83
CA ASN J 123 15.09 50.78 19.52
C ASN J 123 16.39 51.11 18.80
N LYS J 124 16.75 52.39 18.76
CA LYS J 124 18.02 52.79 18.15
C LYS J 124 19.20 52.14 18.87
N VAL J 125 19.22 52.18 20.21
CA VAL J 125 20.33 51.59 20.97
C VAL J 125 20.56 50.14 20.56
N ALA J 126 19.47 49.35 20.49
CA ALA J 126 19.62 47.96 20.07
C ALA J 126 20.08 47.88 18.63
N ARG J 127 19.62 48.79 17.77
CA ARG J 127 20.02 48.78 16.37
C ARG J 127 21.53 48.92 16.21
N TYR J 128 22.16 49.82 16.98
CA TYR J 128 23.61 49.97 16.91
C TYR J 128 24.38 49.00 17.80
N SER J 129 23.69 48.25 18.67
CA SER J 129 24.37 47.31 19.57
C SER J 129 25.20 46.26 18.84
N ILE J 130 24.89 45.96 17.58
CA ILE J 130 25.50 44.80 16.91
C ILE J 130 26.09 45.15 15.55
N TYR J 131 26.30 46.44 15.27
CA TYR J 131 26.81 46.84 13.96
C TYR J 131 27.75 48.04 13.99
N GLY J 132 28.17 48.49 15.17
CA GLY J 132 28.91 49.74 15.23
C GLY J 132 30.36 49.62 14.81
N ASN J 133 31.22 50.37 15.51
CA ASN J 133 32.67 50.33 15.31
C ASN J 133 33.09 50.81 13.93
N THR J 134 32.55 51.96 13.51
CA THR J 134 33.00 52.67 12.32
C THR J 134 32.44 54.08 12.28
N ASP J 135 32.67 54.85 13.36
CA ASP J 135 32.25 56.24 13.47
C ASP J 135 32.84 56.85 14.73
N ALA J 136 32.51 58.12 15.00
CA ALA J 136 33.02 58.80 16.18
C ALA J 136 32.64 58.05 17.47
N GLU J 137 33.35 56.97 17.73
CA GLU J 137 33.29 56.14 18.94
C GLU J 137 32.07 55.21 19.00
N PRO J 138 31.31 55.16 20.13
CA PRO J 138 30.83 53.84 20.56
C PRO J 138 29.84 53.14 19.62
N GLU J 139 29.88 51.80 19.61
CA GLU J 139 30.89 51.03 20.32
C GLU J 139 31.53 49.99 19.39
N ALA J 140 31.19 48.72 19.57
CA ALA J 140 31.77 47.68 18.73
C ALA J 140 31.01 46.38 18.86
N PHE J 141 30.76 45.73 17.72
CA PHE J 141 30.36 44.34 17.74
C PHE J 141 30.66 43.62 16.43
N MET J 142 31.18 44.30 15.41
CA MET J 142 31.61 43.64 14.18
C MET J 142 32.81 42.74 14.41
N GLY J 143 33.45 42.80 15.58
CA GLY J 143 34.69 42.09 15.85
C GLY J 143 34.72 40.60 15.55
N LEU J 144 33.69 40.08 14.87
CA LEU J 144 33.58 38.69 14.47
C LEU J 144 33.46 38.54 12.95
N ALA J 145 33.82 39.58 12.20
CA ALA J 145 33.56 39.58 10.76
C ALA J 145 34.48 38.66 9.96
N PRO J 146 35.81 38.73 10.07
CA PRO J 146 36.66 37.94 9.16
C PRO J 146 36.44 36.44 9.32
N ARG J 147 36.57 35.72 8.21
CA ARG J 147 36.16 34.32 8.13
C ARG J 147 37.33 33.34 8.04
N PHE J 148 38.56 33.79 8.24
CA PHE J 148 39.69 32.87 8.32
C PHE J 148 40.50 33.11 9.59
N ASN J 149 41.33 32.13 9.95
CA ASN J 149 41.87 32.05 11.30
C ASN J 149 43.01 33.04 11.53
N THR J 150 43.98 33.11 10.60
CA THR J 150 45.21 33.85 10.86
C THR J 150 44.98 35.34 11.15
N LEU J 151 43.77 35.85 10.95
CA LEU J 151 43.46 37.25 11.18
C LEU J 151 42.71 37.50 12.48
N SER J 152 42.15 36.46 13.10
CA SER J 152 41.30 36.69 14.27
C SER J 152 41.15 35.38 15.05
N THR J 153 40.08 35.30 15.83
CA THR J 153 39.69 34.12 16.59
C THR J 153 38.62 33.30 15.87
N SER J 154 38.59 33.39 14.53
CA SER J 154 37.43 33.00 13.73
C SER J 154 37.16 31.50 13.69
N LYS J 155 37.31 30.80 14.81
CA LYS J 155 37.00 29.37 14.79
C LYS J 155 35.68 29.04 15.48
N ALA J 156 35.68 28.97 16.80
CA ALA J 156 34.49 28.56 17.55
C ALA J 156 33.29 29.46 17.31
N ALA J 157 33.50 30.70 16.87
CA ALA J 157 32.40 31.65 16.66
C ALA J 157 31.93 31.73 15.22
N SER J 158 32.73 31.30 14.25
CA SER J 158 32.43 31.43 12.82
C SER J 158 32.20 30.08 12.14
N ALA J 159 31.42 29.21 12.77
CA ALA J 159 31.07 27.93 12.16
C ALA J 159 30.03 28.13 11.06
N GLU J 160 30.30 29.08 10.16
CA GLU J 160 29.26 29.67 9.33
C GLU J 160 28.96 28.82 8.10
N ASN J 161 27.89 29.21 7.41
CA ASN J 161 27.43 28.58 6.19
C ASN J 161 27.98 29.34 4.98
N VAL J 162 27.72 28.82 3.78
CA VAL J 162 28.33 29.33 2.56
C VAL J 162 27.34 30.15 1.73
N PHE J 163 27.63 30.27 0.43
CA PHE J 163 26.78 30.89 -0.59
C PHE J 163 26.89 32.41 -0.62
N SER J 164 25.75 33.10 -0.56
CA SER J 164 25.61 34.52 -0.86
C SER J 164 25.86 34.79 -2.33
N ALA J 165 26.33 36.00 -2.67
CA ALA J 165 26.56 36.38 -4.06
C ALA J 165 27.83 37.22 -4.14
N GLY J 166 28.08 37.76 -5.33
CA GLY J 166 29.36 38.40 -5.60
C GLY J 166 29.41 39.92 -5.47
N GLY J 167 28.63 40.63 -6.29
CA GLY J 167 28.82 42.06 -6.41
C GLY J 167 27.71 42.96 -5.91
N SER J 168 26.64 42.37 -5.37
CA SER J 168 25.52 43.16 -4.86
C SER J 168 25.18 42.69 -3.44
N GLY J 169 24.24 43.40 -2.83
CA GLY J 169 23.81 43.05 -1.50
C GLY J 169 23.04 41.74 -1.49
N SER J 170 23.77 40.63 -1.45
CA SER J 170 23.15 39.31 -1.47
C SER J 170 22.17 39.18 -0.30
N THR J 171 20.93 38.82 -0.63
CA THR J 171 19.75 38.98 0.22
C THR J 171 19.82 38.34 1.60
N ASN J 172 20.99 38.26 2.21
CA ASN J 172 21.22 37.32 3.31
C ASN J 172 21.64 38.03 4.59
N THR J 173 20.82 37.87 5.62
CA THR J 173 21.13 38.36 6.97
C THR J 173 22.06 37.37 7.68
N SER J 174 22.04 37.40 9.01
CA SER J 174 22.83 36.50 9.83
C SER J 174 21.98 36.02 11.00
N ILE J 175 22.57 35.13 11.80
CA ILE J 175 21.93 34.55 12.97
C ILE J 175 22.98 34.39 14.06
N TRP J 176 22.67 34.87 15.26
CA TRP J 176 23.57 34.82 16.40
C TRP J 176 22.98 33.94 17.48
N PHE J 177 23.86 33.43 18.34
CA PHE J 177 23.44 32.95 19.64
C PHE J 177 24.62 32.85 20.58
N MET J 178 24.51 33.51 21.74
CA MET J 178 25.59 33.66 22.69
C MET J 178 25.07 33.42 24.09
N SER J 179 25.96 33.60 25.07
CA SER J 179 25.64 33.43 26.47
C SER J 179 25.72 34.78 27.18
N TRP J 180 24.97 34.90 28.28
CA TRP J 180 24.98 36.10 29.09
C TRP J 180 25.62 35.87 30.46
N GLY J 181 26.21 36.94 30.98
CA GLY J 181 27.27 36.88 31.98
C GLY J 181 28.54 37.53 31.49
N GLU J 182 28.79 37.49 30.19
CA GLU J 182 29.75 38.38 29.53
C GLU J 182 29.00 39.70 29.37
N ASN J 183 29.17 40.57 30.36
CA ASN J 183 28.20 41.60 30.71
C ASN J 183 28.18 42.74 29.68
N THR J 184 27.53 43.84 30.06
CA THR J 184 27.70 45.12 29.40
C THR J 184 28.26 46.11 30.42
N ALA J 185 29.14 46.99 29.95
CA ALA J 185 29.85 47.91 30.83
C ALA J 185 29.14 49.26 30.85
N HIS J 186 29.12 49.88 32.03
CA HIS J 186 28.62 51.24 32.17
C HIS J 186 29.58 52.01 33.08
N MET J 187 29.88 53.25 32.70
CA MET J 187 30.72 54.11 33.52
C MET J 187 30.16 54.18 34.95
N ILE J 188 31.04 54.49 35.90
CA ILE J 188 30.69 54.41 37.31
C ILE J 188 29.69 55.49 37.69
N TYR J 189 28.42 55.22 37.44
CA TYR J 189 27.25 56.00 37.85
C TYR J 189 26.02 55.15 37.54
N PRO J 190 24.78 55.61 37.70
CA PRO J 190 23.64 54.67 37.63
C PRO J 190 23.53 53.93 36.31
N GLU J 191 22.62 52.97 36.30
CA GLU J 191 22.49 51.96 35.26
C GLU J 191 22.08 52.53 33.91
N GLY J 192 20.78 52.48 33.60
CA GLY J 192 20.33 52.82 32.27
C GLY J 192 19.07 53.66 32.28
N MET J 193 18.83 54.31 31.15
CA MET J 193 17.65 55.14 30.93
C MET J 193 17.56 56.29 31.93
N VAL J 194 17.32 55.97 33.20
CA VAL J 194 17.08 56.92 34.29
C VAL J 194 16.17 58.08 33.89
N ALA J 195 16.62 58.90 32.94
CA ALA J 195 16.17 60.26 32.82
C ALA J 195 14.69 60.35 32.46
N GLY J 196 14.19 61.58 32.47
CA GLY J 196 12.81 61.84 32.82
C GLY J 196 12.84 62.45 34.20
N PHE J 197 12.94 63.77 34.23
CA PHE J 197 13.00 64.54 35.47
C PHE J 197 12.36 65.91 35.16
N GLN J 198 12.76 66.93 35.91
CA GLN J 198 12.03 68.19 35.90
C GLN J 198 12.97 69.38 35.78
N HIS J 199 12.67 70.27 34.84
CA HIS J 199 13.31 71.57 34.71
C HIS J 199 12.32 72.50 34.02
N GLU J 200 12.17 73.71 34.56
CA GLU J 200 11.27 74.71 33.98
C GLU J 200 11.93 76.08 34.12
N ASP J 201 12.30 76.66 32.99
CA ASP J 201 12.83 78.01 32.94
C ASP J 201 12.70 78.51 31.50
N LEU J 202 13.41 79.59 31.20
CA LEU J 202 13.43 80.11 29.83
C LEU J 202 14.52 79.41 29.03
N GLY J 203 14.22 79.22 27.74
CA GLY J 203 15.26 79.02 26.75
C GLY J 203 15.32 80.38 26.09
N ASP J 204 15.73 80.54 24.83
CA ASP J 204 16.42 79.62 23.91
C ASP J 204 16.33 80.30 22.55
N ASP J 205 16.96 79.69 21.55
CA ASP J 205 16.79 80.06 20.14
C ASP J 205 17.68 79.18 19.28
N LEU J 206 17.63 79.39 17.96
CA LEU J 206 18.51 78.66 17.05
C LEU J 206 19.91 79.27 17.08
N VAL J 207 20.70 79.02 16.05
CA VAL J 207 22.09 79.45 16.02
C VAL J 207 22.16 80.88 15.50
N SER J 208 22.62 81.80 16.35
CA SER J 208 23.04 83.14 15.95
C SER J 208 22.04 83.91 15.08
N ASP J 209 21.26 84.79 15.69
CA ASP J 209 21.42 85.14 17.11
C ASP J 209 20.44 84.66 18.21
N GLY J 210 19.47 83.77 17.95
CA GLY J 210 19.13 83.20 16.66
C GLY J 210 17.69 83.55 16.30
N ASN J 211 17.46 84.86 16.13
CA ASN J 211 16.16 85.50 15.87
C ASN J 211 15.47 85.97 17.15
N GLY J 212 16.22 86.53 18.09
CA GLY J 212 15.60 87.19 19.23
C GLY J 212 16.08 86.73 20.59
N GLY J 213 15.34 85.82 21.22
CA GLY J 213 15.75 85.36 22.53
C GLY J 213 14.77 84.49 23.30
N GLN J 214 14.57 84.86 24.55
CA GLN J 214 14.07 83.98 25.60
C GLN J 214 12.56 83.88 25.63
N PHE J 215 12.08 82.77 26.18
CA PHE J 215 10.69 82.55 26.54
C PHE J 215 10.59 81.24 27.29
N ARG J 216 9.62 81.14 28.18
CA ARG J 216 9.45 79.99 29.06
C ARG J 216 9.25 78.71 28.25
N ALA J 217 9.29 77.59 28.96
CA ALA J 217 9.20 76.28 28.32
C ALA J 217 9.08 75.22 29.41
N TYR J 218 8.78 74.00 28.95
CA TYR J 218 8.90 72.78 29.74
C TYR J 218 9.81 71.84 28.98
N ARG J 219 10.79 71.27 29.66
CA ARG J 219 11.87 70.60 28.95
C ARG J 219 12.23 69.24 29.51
N ASP J 220 13.38 69.17 30.21
CA ASP J 220 13.96 67.92 30.71
C ASP J 220 14.38 67.02 29.56
N GLU J 221 15.10 65.94 29.87
CA GLU J 221 15.72 65.13 28.84
C GLU J 221 15.69 63.65 29.24
N PHE J 222 16.16 62.81 28.33
CA PHE J 222 16.39 61.39 28.60
C PHE J 222 17.84 61.07 28.22
N LYS J 223 18.57 60.47 29.15
CA LYS J 223 19.98 60.16 28.97
C LYS J 223 20.22 58.67 29.12
N TRP J 224 21.40 58.25 28.68
CA TRP J 224 21.77 56.84 28.80
C TRP J 224 23.23 56.68 28.41
N ASP J 225 23.89 55.74 29.07
CA ASP J 225 25.25 55.35 28.72
C ASP J 225 25.33 53.84 28.84
N ILE J 226 25.88 53.19 27.81
CA ILE J 226 26.05 51.74 27.82
C ILE J 226 27.26 51.38 26.97
N GLY J 227 27.72 50.14 27.15
CA GLY J 227 28.81 49.59 26.36
C GLY J 227 28.87 48.10 26.59
N LEU J 228 28.83 47.32 25.51
CA LEU J 228 28.91 45.87 25.63
C LEU J 228 30.32 45.45 26.05
N SER J 229 30.47 44.18 26.38
CA SER J 229 31.74 43.64 26.83
C SER J 229 32.10 42.40 26.03
N VAL J 230 33.29 41.85 26.33
CA VAL J 230 33.72 40.57 25.81
C VAL J 230 34.08 39.61 26.94
N ARG J 231 34.86 40.09 27.92
CA ARG J 231 35.33 39.27 29.04
C ARG J 231 36.09 38.03 28.55
N ASP J 232 35.50 37.30 27.62
CA ASP J 232 36.16 36.25 26.87
C ASP J 232 35.50 36.15 25.51
N TRP J 233 36.28 35.76 24.50
CA TRP J 233 35.69 35.33 23.24
C TRP J 233 35.45 33.83 23.34
N ARG J 234 34.18 33.43 23.25
CA ARG J 234 33.72 32.05 23.26
C ARG J 234 32.21 32.05 23.43
N SER J 235 31.56 30.95 23.04
CA SER J 235 30.12 30.78 23.19
C SER J 235 29.32 31.82 22.42
N ILE J 236 29.94 32.49 21.45
CA ILE J 236 29.23 33.35 20.52
C ILE J 236 29.28 32.68 19.15
N SER J 237 28.33 33.03 18.31
CA SER J 237 28.16 32.31 17.05
C SER J 237 27.65 33.27 15.97
N ARG J 238 28.19 33.11 14.77
CA ARG J 238 27.79 33.86 13.59
C ARG J 238 27.66 32.92 12.42
N ILE J 239 26.77 33.25 11.49
CA ILE J 239 26.54 32.46 10.28
C ILE J 239 26.40 33.44 9.13
N CYS J 240 27.42 33.54 8.28
CA CYS J 240 27.34 34.35 7.07
C CYS J 240 26.73 33.48 5.97
N ASN J 241 25.42 33.48 5.94
CA ASN J 241 24.63 32.66 5.03
C ASN J 241 24.03 33.67 4.04
N ILE J 242 23.01 33.38 3.20
CA ILE J 242 22.27 32.12 3.04
C ILE J 242 22.21 31.62 1.58
N ASP J 243 21.61 32.35 0.63
CA ASP J 243 20.85 33.58 0.81
C ASP J 243 19.36 33.25 0.77
N VAL J 244 18.49 34.25 0.94
CA VAL J 244 17.04 34.01 0.94
C VAL J 244 16.58 33.38 -0.38
N THR J 245 17.24 33.71 -1.49
CA THR J 245 16.91 33.09 -2.77
C THR J 245 17.05 31.57 -2.69
N THR J 246 18.19 31.08 -2.20
CA THR J 246 18.35 29.64 -2.00
C THR J 246 17.41 29.11 -0.94
N LEU J 247 16.86 29.99 -0.11
CA LEU J 247 15.82 29.57 0.84
C LEU J 247 14.52 29.25 0.12
N THR J 248 14.12 30.09 -0.83
CA THR J 248 12.93 29.75 -1.62
C THR J 248 13.09 28.39 -2.28
N LYS J 249 14.30 28.07 -2.75
CA LYS J 249 14.62 26.76 -3.29
C LYS J 249 14.82 25.71 -2.20
N ASP J 250 14.92 26.12 -0.93
CA ASP J 250 15.32 25.20 0.13
C ASP J 250 14.18 24.39 0.74
N ALA J 251 12.93 24.68 0.34
CA ALA J 251 11.71 24.07 0.89
C ALA J 251 11.96 22.75 1.61
N SER J 252 12.64 21.83 0.93
CA SER J 252 13.22 20.65 1.56
C SER J 252 14.59 20.34 1.01
N THR J 253 15.06 21.07 0.01
CA THR J 253 16.24 20.69 -0.76
C THR J 253 17.52 20.94 0.02
N GLY J 254 18.60 20.30 -0.44
CA GLY J 254 19.92 20.50 0.12
C GLY J 254 20.61 21.72 -0.44
N ALA J 255 19.93 22.86 -0.39
CA ALA J 255 20.49 24.12 -0.88
C ALA J 255 20.89 25.02 0.30
N ASP J 256 21.84 24.51 1.08
CA ASP J 256 22.31 25.14 2.31
C ASP J 256 21.19 25.22 3.34
N LEU J 257 20.92 24.10 4.01
CA LEU J 257 19.83 24.06 4.99
C LEU J 257 20.20 24.76 6.28
N ILE J 258 19.67 24.25 7.41
CA ILE J 258 19.84 24.86 8.71
C ILE J 258 20.60 23.96 9.68
N SER J 259 21.16 22.85 9.19
CA SER J 259 21.87 21.89 10.05
C SER J 259 22.95 22.54 10.91
N MET J 260 23.50 23.68 10.47
CA MET J 260 24.48 24.43 11.25
C MET J 260 23.98 24.73 12.67
N MET J 261 22.66 24.77 12.86
CA MET J 261 22.08 24.94 14.19
C MET J 261 22.71 23.99 15.21
N VAL J 262 22.93 22.73 14.82
CA VAL J 262 23.59 21.76 15.69
C VAL J 262 25.07 22.09 15.80
N ASP J 263 25.71 22.32 14.65
CA ASP J 263 27.13 22.63 14.56
C ASP J 263 27.55 23.64 15.63
N ALA J 264 27.09 24.89 15.49
CA ALA J 264 27.49 25.93 16.44
C ALA J 264 27.12 25.56 17.87
N TYR J 265 25.99 24.86 18.06
CA TYR J 265 25.60 24.43 19.40
C TYR J 265 26.68 23.56 20.04
N TYR J 266 27.29 22.67 19.26
CA TYR J 266 28.35 21.81 19.75
C TYR J 266 29.73 22.43 19.62
N ALA J 267 29.82 23.76 19.47
CA ALA J 267 31.08 24.44 19.24
C ALA J 267 31.54 25.25 20.44
N ARG J 268 31.32 24.75 21.66
CA ARG J 268 31.81 25.44 22.85
C ARG J 268 31.97 24.47 24.02
N ASP J 269 32.97 24.77 24.85
CA ASP J 269 33.27 24.24 26.19
C ASP J 269 34.77 24.10 26.38
N VAL J 270 35.27 24.38 27.58
CA VAL J 270 36.71 24.26 27.84
C VAL J 270 37.15 23.66 29.21
N ALA J 271 36.63 24.10 30.35
CA ALA J 271 35.74 25.24 30.54
C ALA J 271 36.29 25.97 31.78
N MET J 272 35.96 27.25 32.07
CA MET J 272 34.95 28.15 31.47
C MET J 272 33.50 27.79 31.84
N LEU J 273 32.64 27.57 30.84
CA LEU J 273 31.23 27.23 31.06
C LEU J 273 30.51 28.31 31.88
N GLY J 274 30.44 29.50 31.29
CA GLY J 274 29.66 30.63 31.81
C GLY J 274 29.47 30.76 33.31
N ASP J 275 28.26 30.46 33.77
CA ASP J 275 27.18 29.99 32.90
C ASP J 275 26.18 31.11 32.59
N GLY J 276 25.42 31.52 33.61
CA GLY J 276 24.42 32.56 33.45
C GLY J 276 23.21 32.08 32.69
N LYS J 277 23.33 31.98 31.37
CA LYS J 277 22.27 31.51 30.49
C LYS J 277 22.77 31.47 29.05
N GLU J 278 21.90 31.04 28.14
CA GLU J 278 22.19 31.08 26.71
C GLU J 278 20.93 31.47 25.96
N VAL J 279 21.12 32.17 24.86
CA VAL J 279 20.03 32.75 24.09
C VAL J 279 20.29 32.47 22.62
N ILE J 280 19.30 32.84 21.79
CA ILE J 280 19.41 32.83 20.33
C ILE J 280 18.70 34.07 19.82
N TYR J 281 19.22 34.66 18.75
CA TYR J 281 18.69 35.88 18.16
C TYR J 281 18.30 35.66 16.71
N ALA J 282 17.11 36.15 16.36
CA ALA J 282 16.58 36.02 15.01
C ALA J 282 16.17 37.41 14.51
N ASN J 283 16.04 37.51 13.20
CA ASN J 283 15.68 38.75 12.52
C ASN J 283 14.24 38.73 12.02
N LYS J 284 13.36 38.01 12.72
CA LYS J 284 12.04 37.63 12.18
C LYS J 284 12.29 36.78 10.94
N THR J 285 11.86 37.18 9.74
CA THR J 285 11.85 36.37 8.51
C THR J 285 12.57 35.03 8.59
N ILE J 286 13.86 35.06 8.94
CA ILE J 286 14.65 33.83 9.11
C ILE J 286 14.09 32.95 10.23
N HIS J 287 13.38 33.53 11.20
CA HIS J 287 12.68 32.77 12.22
C HIS J 287 11.63 31.85 11.60
N ALA J 288 10.49 32.44 11.23
CA ALA J 288 9.39 31.68 10.64
C ALA J 288 9.85 30.86 9.43
N TRP J 289 10.84 31.38 8.69
CA TRP J 289 11.41 30.62 7.58
C TRP J 289 12.10 29.35 8.08
N LEU J 290 12.95 29.48 9.09
CA LEU J 290 13.57 28.32 9.74
C LEU J 290 12.52 27.30 10.14
N HIS J 291 11.40 27.76 10.69
CA HIS J 291 10.28 26.86 10.98
C HIS J 291 9.81 26.14 9.71
N LYS J 292 9.44 26.92 8.70
CA LYS J 292 8.89 26.37 7.46
C LYS J 292 9.79 25.29 6.86
N GLN J 293 11.10 25.52 6.87
CA GLN J 293 12.03 24.51 6.39
C GLN J 293 12.21 23.38 7.39
N ALA J 294 11.98 23.65 8.68
CA ALA J 294 12.15 22.62 9.71
C ALA J 294 11.13 21.50 9.55
N MET J 295 9.87 21.84 9.26
CA MET J 295 8.88 20.77 9.22
C MET J 295 8.86 19.95 7.92
N ASN J 296 9.79 20.18 6.99
CA ASN J 296 9.80 19.46 5.71
C ASN J 296 11.06 18.59 5.54
N ALA J 297 11.75 18.26 6.62
CA ALA J 297 13.02 17.57 6.50
C ALA J 297 12.82 16.13 6.04
N LYS J 298 13.51 15.75 4.97
CA LYS J 298 13.32 14.47 4.29
C LYS J 298 13.83 13.27 5.08
N ASN J 299 13.57 13.24 6.38
CA ASN J 299 14.22 12.28 7.26
C ASN J 299 13.45 12.14 8.56
N VAL J 300 13.33 13.27 9.28
CA VAL J 300 12.67 13.35 10.57
C VAL J 300 11.60 14.44 10.50
N ASN J 301 10.39 14.10 10.92
CA ASN J 301 9.43 15.08 11.43
C ASN J 301 8.31 14.35 12.16
N LEU J 302 7.83 13.27 11.55
CA LEU J 302 6.58 12.58 11.90
C LEU J 302 5.63 13.55 12.60
N THR J 303 4.95 14.37 11.82
CA THR J 303 4.06 15.36 12.40
C THR J 303 2.89 14.73 13.10
N ILE J 304 2.96 13.42 13.32
CA ILE J 304 1.84 12.59 13.74
C ILE J 304 0.55 13.14 13.17
N GLU J 305 -0.29 13.73 14.01
CA GLU J 305 -1.52 14.37 13.56
C GLU J 305 -2.28 15.00 14.72
N GLU J 306 -2.61 16.28 14.60
CA GLU J 306 -2.32 17.05 13.40
C GLU J 306 -1.12 17.96 13.55
N TYR J 307 -0.76 18.62 12.45
CA TYR J 307 0.31 19.60 12.42
C TYR J 307 -0.13 20.90 13.13
N GLY J 308 0.84 21.71 13.56
CA GLY J 308 2.24 21.37 13.46
C GLY J 308 3.17 22.56 13.54
N GLY J 309 4.43 22.28 13.90
CA GLY J 309 5.42 23.31 14.10
C GLY J 309 4.92 24.43 15.00
N LYS J 310 4.31 24.07 16.11
CA LYS J 310 3.78 25.03 17.08
C LYS J 310 4.88 25.96 17.55
N LYS J 311 5.04 27.08 16.86
CA LYS J 311 6.13 28.01 17.12
C LYS J 311 7.45 27.24 17.02
N ILE J 312 8.46 27.68 17.75
CA ILE J 312 9.63 26.85 18.01
C ILE J 312 9.98 26.99 19.48
N VAL J 313 10.37 28.21 19.88
CA VAL J 313 10.65 28.61 21.26
C VAL J 313 11.41 27.54 22.05
N SER J 314 12.17 26.71 21.34
CA SER J 314 12.89 25.62 21.99
C SER J 314 14.29 25.48 21.39
N PHE J 315 14.76 24.24 21.32
CA PHE J 315 16.06 23.94 20.74
C PHE J 315 17.24 24.61 21.46
N LEU J 316 17.82 23.95 22.46
CA LEU J 316 17.37 22.68 23.03
C LEU J 316 17.96 22.50 24.44
N GLY J 317 17.19 22.87 25.46
CA GLY J 317 15.92 23.55 25.29
C GLY J 317 16.14 25.05 25.43
N ILE J 318 17.34 25.48 25.02
CA ILE J 318 17.79 26.87 25.05
C ILE J 318 16.73 27.74 24.40
N PRO J 319 16.21 28.75 25.08
CA PRO J 319 15.16 29.59 24.50
C PRO J 319 15.70 30.45 23.37
N ILE J 320 14.88 30.62 22.34
CA ILE J 320 15.20 31.51 21.23
C ILE J 320 14.17 32.62 21.20
N ARG J 321 14.60 33.80 20.80
CA ARG J 321 13.73 34.95 20.64
C ARG J 321 14.16 35.73 19.41
N ARG J 322 13.37 36.74 19.07
CA ARG J 322 13.62 37.54 17.88
C ARG J 322 14.10 38.92 18.26
N VAL J 323 14.97 39.46 17.41
CA VAL J 323 15.49 40.82 17.55
C VAL J 323 15.41 41.48 16.17
N ASP J 324 16.15 42.57 15.99
CA ASP J 324 16.25 43.26 14.71
C ASP J 324 17.69 43.16 14.23
N ALA J 325 17.93 42.20 13.35
CA ALA J 325 19.22 42.16 12.67
C ALA J 325 19.16 43.06 11.45
N ILE J 326 18.97 42.47 10.27
CA ILE J 326 18.80 43.20 9.02
C ILE J 326 18.35 42.21 7.97
N LEU J 327 18.34 42.63 6.70
CA LEU J 327 18.06 41.72 5.60
C LEU J 327 19.32 41.13 4.97
N ASN J 328 20.38 41.94 4.81
CA ASN J 328 21.53 41.45 4.07
C ASN J 328 22.78 42.26 4.37
N THR J 329 23.92 41.66 4.03
CA THR J 329 25.22 42.34 4.03
C THR J 329 25.98 41.94 2.78
N GLU J 330 26.91 41.01 2.92
CA GLU J 330 27.76 40.52 1.82
C GLU J 330 28.48 39.27 2.31
N SER J 331 29.32 38.69 1.44
CA SER J 331 30.07 37.50 1.75
C SER J 331 31.56 37.81 1.63
N ALA J 332 32.19 37.49 0.51
CA ALA J 332 33.59 37.77 0.27
C ALA J 332 33.98 37.39 -1.15
N VAL J 333 34.12 36.10 -1.40
CA VAL J 333 34.63 35.57 -2.66
C VAL J 333 33.48 34.94 -3.44
N THR J 334 33.57 35.01 -4.76
CA THR J 334 32.64 34.33 -5.65
C THR J 334 33.41 33.86 -6.88
N ALA J 335 32.69 33.23 -7.81
CA ALA J 335 33.27 32.78 -9.07
C ALA J 335 32.69 33.56 -10.25
N MET K 1 70.77 -30.26 18.00
CA MET K 1 71.50 -31.21 18.82
C MET K 1 70.50 -32.09 19.60
N ALA K 2 69.24 -32.02 19.19
CA ALA K 2 68.17 -32.82 19.78
C ALA K 2 66.84 -32.63 19.06
N LEU K 3 66.13 -33.72 18.77
CA LEU K 3 64.83 -33.59 18.14
C LEU K 3 63.81 -33.04 19.14
N ILE K 4 63.12 -33.94 19.84
CA ILE K 4 62.13 -33.59 20.85
C ILE K 4 60.99 -32.81 20.19
N GLY K 5 60.18 -33.50 19.38
CA GLY K 5 59.06 -32.89 18.70
C GLY K 5 57.95 -32.46 19.65
N GLN K 6 58.35 -32.01 20.84
CA GLN K 6 57.44 -31.45 21.84
C GLN K 6 56.51 -32.47 22.49
N THR K 7 57.00 -33.10 23.55
CA THR K 7 56.19 -33.81 24.53
C THR K 7 56.74 -33.45 25.89
N LEU K 8 55.83 -33.16 26.84
CA LEU K 8 56.17 -32.74 28.20
C LEU K 8 56.71 -31.31 28.21
N PRO K 9 56.17 -30.43 29.07
CA PRO K 9 56.73 -29.07 29.19
C PRO K 9 58.11 -29.07 29.82
N SER K 10 59.14 -28.79 29.03
CA SER K 10 60.53 -28.94 29.46
C SER K 10 61.11 -27.56 29.77
N LEU K 11 60.75 -27.04 30.94
CA LEU K 11 61.42 -25.88 31.54
C LEU K 11 61.27 -24.57 30.78
N LEU K 12 61.25 -24.61 29.44
CA LEU K 12 60.99 -23.38 28.69
C LEU K 12 59.56 -22.89 28.91
N ASP K 13 58.61 -23.79 29.08
CA ASP K 13 57.24 -23.39 29.38
C ASP K 13 57.09 -22.92 30.83
N ILE K 14 57.54 -23.75 31.78
CA ILE K 14 57.41 -23.41 33.20
C ILE K 14 58.24 -22.19 33.57
N TYR K 15 59.29 -21.88 32.81
CA TYR K 15 59.98 -20.60 33.00
C TYR K 15 59.20 -19.44 32.41
N ASN K 16 58.48 -19.67 31.30
CA ASN K 16 57.57 -18.65 30.79
C ASN K 16 56.38 -18.48 31.72
N ARG K 17 55.87 -19.57 32.28
CA ARG K 17 54.96 -19.48 33.43
C ARG K 17 55.68 -18.75 34.55
N THR K 18 55.63 -17.42 34.54
CA THR K 18 56.48 -16.65 35.43
C THR K 18 56.04 -16.79 36.87
N ASP K 19 57.03 -16.83 37.77
CA ASP K 19 56.79 -16.80 39.20
C ASP K 19 57.92 -16.00 39.85
N LYS K 20 57.68 -14.72 40.05
CA LYS K 20 58.52 -13.84 40.85
C LYS K 20 57.63 -13.17 41.88
N ASN K 21 58.14 -12.99 43.10
CA ASN K 21 57.31 -12.61 44.24
C ASN K 21 56.17 -13.61 44.41
N GLY K 22 56.55 -14.86 44.64
CA GLY K 22 55.64 -15.98 44.49
C GLY K 22 55.37 -16.16 43.01
N ARG K 23 54.15 -16.56 42.64
CA ARG K 23 53.09 -16.87 43.59
C ARG K 23 52.17 -17.92 42.98
N ILE K 24 51.01 -18.11 43.58
CA ILE K 24 50.05 -19.11 43.13
C ILE K 24 49.59 -18.80 41.70
N ALA K 25 48.71 -17.81 41.56
CA ALA K 25 48.05 -17.55 40.29
C ALA K 25 48.76 -16.42 39.56
N ARG K 26 49.06 -16.64 38.28
CA ARG K 26 49.36 -15.53 37.40
C ARG K 26 48.18 -14.58 37.45
N ILE K 27 48.46 -13.28 37.56
CA ILE K 27 47.46 -12.27 37.92
C ILE K 27 46.15 -12.52 37.20
N VAL K 28 45.19 -13.09 37.93
CA VAL K 28 43.98 -13.73 37.43
C VAL K 28 43.49 -13.35 36.02
N GLU K 29 43.95 -14.11 35.03
CA GLU K 29 44.88 -15.21 35.27
C GLU K 29 46.03 -15.16 34.26
N GLN K 30 45.94 -15.99 33.23
CA GLN K 30 46.78 -15.90 32.04
C GLN K 30 45.95 -15.55 30.82
N LEU K 31 44.93 -14.72 31.03
CA LEU K 31 43.72 -14.63 30.23
C LEU K 31 43.86 -14.74 28.71
N ALA K 32 43.00 -15.58 28.13
CA ALA K 32 42.27 -15.25 26.92
C ALA K 32 42.75 -15.83 25.59
N LYS K 33 43.09 -14.94 24.66
CA LYS K 33 42.94 -15.09 23.21
C LYS K 33 42.94 -16.51 22.65
N THR K 34 41.73 -17.04 22.43
CA THR K 34 41.46 -18.17 21.54
C THR K 34 39.96 -18.21 21.34
N ASN K 35 39.55 -18.81 20.22
CA ASN K 35 38.14 -18.86 19.85
C ASN K 35 37.30 -19.44 20.97
N ASP K 36 36.06 -18.97 21.08
CA ASP K 36 35.14 -19.37 22.13
C ASP K 36 33.80 -19.73 21.53
N ILE K 37 33.29 -20.91 21.89
CA ILE K 37 32.10 -21.50 21.27
C ILE K 37 31.24 -22.12 22.37
N LEU K 38 29.94 -22.20 22.11
CA LEU K 38 29.04 -22.94 22.98
C LEU K 38 28.72 -24.31 22.38
N THR K 39 27.48 -24.75 22.53
CA THR K 39 27.05 -26.07 22.07
C THR K 39 27.88 -27.19 22.68
N ASP K 40 27.57 -27.67 23.89
CA ASP K 40 26.48 -27.23 24.78
C ASP K 40 25.05 -27.32 24.24
N ALA K 41 24.52 -28.55 24.23
CA ALA K 41 23.15 -28.77 23.80
C ALA K 41 22.65 -30.06 24.44
N ILE K 42 21.82 -30.82 23.72
CA ILE K 42 21.27 -32.05 24.27
C ILE K 42 22.07 -33.24 23.78
N TYR K 43 22.16 -34.25 24.65
CA TYR K 43 22.86 -35.50 24.39
C TYR K 43 21.89 -36.66 24.53
N VAL K 44 22.32 -37.83 24.08
CA VAL K 44 21.47 -39.01 24.11
C VAL K 44 22.30 -40.28 24.11
N PRO K 45 21.80 -41.36 24.71
CA PRO K 45 22.33 -42.68 24.44
C PRO K 45 21.71 -43.27 23.18
N CYS K 46 22.40 -44.26 22.63
CA CYS K 46 22.02 -44.83 21.34
C CYS K 46 22.20 -46.33 21.37
N ASN K 47 21.20 -47.04 20.86
CA ASN K 47 21.32 -48.48 20.61
C ASN K 47 22.20 -48.69 19.39
N ASP K 48 23.05 -49.71 19.41
CA ASP K 48 23.22 -50.60 20.56
C ASP K 48 24.38 -50.08 21.38
N GLY K 49 25.60 -50.51 21.01
CA GLY K 49 26.82 -49.92 21.46
C GLY K 49 27.39 -48.91 20.50
N SER K 50 26.74 -48.75 19.35
CA SER K 50 27.16 -47.85 18.28
C SER K 50 25.93 -47.62 17.41
N LYS K 51 26.15 -47.06 16.22
CA LYS K 51 25.10 -46.98 15.21
C LYS K 51 23.95 -46.17 15.80
N HIS K 52 22.69 -46.50 15.45
CA HIS K 52 21.45 -46.02 16.08
C HIS K 52 20.25 -46.50 15.28
N LYS K 53 20.51 -47.07 14.10
CA LYS K 53 19.50 -47.61 13.20
C LYS K 53 18.62 -46.47 12.65
N THR K 54 17.30 -46.51 12.88
CA THR K 54 16.32 -45.66 12.20
C THR K 54 16.22 -45.97 10.71
N THR K 55 15.26 -45.36 10.02
CA THR K 55 14.82 -45.93 8.74
C THR K 55 14.59 -44.93 7.62
N ILE K 56 13.46 -44.22 7.68
CA ILE K 56 12.86 -43.49 6.54
C ILE K 56 12.62 -44.41 5.35
N ARG K 57 11.99 -43.90 4.30
CA ARG K 57 11.76 -44.67 3.09
C ARG K 57 11.87 -43.73 1.89
N ALA K 58 11.59 -44.27 0.70
CA ALA K 58 11.72 -43.47 -0.51
C ALA K 58 10.78 -43.89 -1.65
N GLY K 59 9.88 -44.84 -1.44
CA GLY K 59 9.05 -45.30 -2.54
C GLY K 59 7.61 -45.62 -2.17
N ILE K 60 6.89 -44.64 -1.63
CA ILE K 60 5.48 -44.80 -1.27
C ILE K 60 4.54 -44.97 -2.47
N PRO K 61 4.74 -44.30 -3.63
CA PRO K 61 3.74 -44.41 -4.71
C PRO K 61 3.73 -45.82 -5.33
N GLU K 62 2.77 -46.17 -6.20
CA GLU K 62 1.67 -45.32 -6.67
C GLU K 62 0.44 -46.12 -7.03
N PRO K 63 -0.73 -45.57 -6.72
CA PRO K 63 -1.99 -46.13 -7.19
C PRO K 63 -2.34 -45.59 -8.57
N VAL K 64 -3.40 -46.18 -9.15
CA VAL K 64 -3.92 -45.77 -10.45
C VAL K 64 -5.42 -45.63 -10.34
N TRP K 65 -6.00 -44.85 -11.26
CA TRP K 65 -7.44 -44.83 -11.43
C TRP K 65 -7.91 -46.21 -11.86
N ARG K 66 -9.14 -46.55 -11.47
CA ARG K 66 -9.72 -47.83 -11.79
C ARG K 66 -10.65 -47.69 -13.00
N ARG K 67 -10.86 -48.80 -13.70
CA ARG K 67 -11.58 -48.82 -14.97
C ARG K 67 -12.71 -49.84 -14.97
N TYR K 68 -13.26 -50.14 -13.80
CA TYR K 68 -14.37 -51.07 -13.57
C TYR K 68 -14.01 -52.54 -13.79
N ASN K 69 -12.74 -52.88 -14.07
CA ASN K 69 -12.39 -54.28 -14.32
C ASN K 69 -10.89 -54.53 -14.32
N GLN K 70 -10.12 -53.59 -14.83
CA GLN K 70 -8.74 -53.86 -15.24
C GLN K 70 -7.90 -54.40 -14.10
N GLY K 71 -6.84 -55.12 -14.47
CA GLY K 71 -5.94 -55.75 -13.54
C GLY K 71 -5.39 -54.78 -12.53
N VAL K 72 -5.34 -55.19 -11.26
CA VAL K 72 -5.09 -54.27 -10.16
C VAL K 72 -3.60 -54.20 -9.81
N GLN K 73 -2.89 -55.34 -9.81
CA GLN K 73 -1.45 -55.42 -9.59
C GLN K 73 -1.02 -54.82 -8.25
N PRO K 74 -0.70 -55.66 -7.27
CA PRO K 74 -0.41 -55.15 -5.92
C PRO K 74 0.84 -54.29 -5.85
N THR K 75 1.05 -53.74 -4.66
CA THR K 75 2.06 -52.72 -4.39
C THR K 75 3.00 -53.18 -3.29
N LYS K 76 4.03 -52.36 -3.04
CA LYS K 76 5.20 -52.80 -2.28
C LYS K 76 5.50 -51.93 -1.07
N THR K 77 5.68 -50.61 -1.25
CA THR K 77 6.19 -49.68 -0.23
C THR K 77 7.35 -50.23 0.61
N GLN K 78 8.57 -49.97 0.16
CA GLN K 78 9.76 -50.50 0.81
C GLN K 78 10.31 -49.51 1.85
N THR K 79 11.45 -49.87 2.43
CA THR K 79 12.11 -49.10 3.47
C THR K 79 13.61 -49.36 3.39
N VAL K 80 14.35 -48.84 4.35
CA VAL K 80 15.81 -48.99 4.42
C VAL K 80 16.35 -48.41 5.72
N PRO K 81 17.29 -49.08 6.40
CA PRO K 81 17.97 -48.46 7.56
C PRO K 81 18.92 -47.34 7.15
N VAL K 82 19.73 -46.83 8.09
CA VAL K 82 20.54 -45.65 7.79
C VAL K 82 21.83 -45.58 8.62
N THR K 83 21.69 -45.40 9.93
CA THR K 83 22.68 -44.90 10.90
C THR K 83 24.17 -44.85 10.56
N ASP K 84 24.88 -43.95 11.23
CA ASP K 84 26.33 -43.82 11.15
C ASP K 84 26.96 -44.07 12.51
N THR K 85 28.26 -43.85 12.60
CA THR K 85 29.09 -44.26 13.72
C THR K 85 29.39 -43.10 14.67
N THR K 86 30.31 -43.35 15.60
CA THR K 86 30.71 -42.39 16.60
C THR K 86 32.23 -42.24 16.54
N GLY K 87 32.81 -41.69 17.60
CA GLY K 87 34.26 -41.51 17.64
C GLY K 87 34.75 -41.01 18.98
N MET K 88 36.00 -41.31 19.31
CA MET K 88 36.58 -40.95 20.59
C MET K 88 37.89 -40.20 20.37
N LEU K 89 38.18 -39.29 21.30
CA LEU K 89 39.45 -38.59 21.31
C LEU K 89 39.78 -38.19 22.74
N TYR K 90 41.05 -38.30 23.10
CA TYR K 90 41.42 -38.04 24.49
C TYR K 90 42.91 -37.70 24.59
N ASP K 91 43.29 -37.15 25.74
CA ASP K 91 44.64 -36.68 25.98
C ASP K 91 45.07 -36.99 27.40
N LEU K 92 46.35 -37.31 27.54
CA LEU K 92 46.99 -37.44 28.85
C LEU K 92 48.14 -36.46 28.94
N GLY K 93 48.38 -35.98 30.16
CA GLY K 93 49.47 -35.08 30.43
C GLY K 93 50.27 -35.56 31.62
N PHE K 94 51.51 -35.09 31.70
CA PHE K 94 52.46 -35.47 32.73
C PHE K 94 53.06 -34.23 33.36
N VAL K 95 53.98 -34.47 34.29
CA VAL K 95 54.96 -33.48 34.72
C VAL K 95 56.15 -34.26 35.27
N ASP K 96 56.74 -33.75 36.35
CA ASP K 96 57.77 -34.46 37.09
C ASP K 96 57.55 -34.18 38.56
N LYS K 97 57.32 -35.23 39.35
CA LYS K 97 56.93 -35.12 40.75
C LYS K 97 57.84 -34.19 41.56
N ALA K 98 58.98 -33.81 41.00
CA ALA K 98 59.85 -32.79 41.56
C ALA K 98 59.80 -31.48 40.80
N LEU K 99 59.69 -31.53 39.46
CA LEU K 99 59.72 -30.32 38.65
C LEU K 99 58.53 -29.41 38.95
N ALA K 100 57.32 -29.98 39.06
CA ALA K 100 56.12 -29.19 39.32
C ALA K 100 56.18 -28.43 40.65
N ASP K 101 57.17 -28.71 41.51
CA ASP K 101 57.22 -28.20 42.88
C ASP K 101 58.62 -27.68 43.23
N ARG K 102 58.91 -26.44 42.84
CA ARG K 102 59.93 -25.60 43.47
C ARG K 102 59.79 -24.12 43.05
N SER K 103 59.09 -23.33 43.87
CA SER K 103 58.41 -23.80 45.08
C SER K 103 57.20 -24.68 44.74
N ASN K 104 56.62 -25.30 45.77
CA ASN K 104 55.59 -26.34 45.61
C ASN K 104 54.53 -25.97 44.58
N ASN K 105 53.43 -25.35 45.03
CA ASN K 105 52.47 -24.72 44.13
C ASN K 105 51.91 -25.67 43.07
N ALA K 106 52.27 -26.96 43.16
CA ALA K 106 52.00 -27.91 42.08
C ALA K 106 50.53 -27.91 41.67
N ALA K 107 49.64 -28.05 42.67
CA ALA K 107 48.20 -28.11 42.41
C ALA K 107 47.73 -26.95 41.53
N ALA K 108 48.25 -25.75 41.77
CA ALA K 108 47.89 -24.60 40.94
C ALA K 108 48.33 -24.80 39.49
N PHE K 109 49.57 -25.23 39.29
CA PHE K 109 50.11 -25.50 37.96
C PHE K 109 49.21 -26.47 37.20
N ARG K 110 49.01 -27.67 37.78
CA ARG K 110 48.15 -28.65 37.14
C ARG K 110 46.73 -28.13 36.94
N VAL K 111 46.27 -27.22 37.81
CA VAL K 111 44.96 -26.58 37.62
C VAL K 111 44.96 -25.76 36.34
N SER K 112 45.99 -24.95 36.13
CA SER K 112 46.11 -24.20 34.88
C SER K 112 46.04 -25.12 33.67
N GLU K 113 46.86 -26.18 33.67
CA GLU K 113 46.82 -27.14 32.57
C GLU K 113 45.42 -27.68 32.35
N ASN K 114 44.77 -28.11 33.43
CA ASN K 114 43.39 -28.58 33.41
C ASN K 114 42.49 -27.62 32.62
N MET K 115 42.32 -26.40 33.13
CA MET K 115 41.37 -25.47 32.54
C MET K 115 41.71 -25.14 31.09
N GLY K 116 42.95 -24.68 30.84
CA GLY K 116 43.32 -24.28 29.49
C GLY K 116 43.14 -25.40 28.47
N LYS K 117 43.71 -26.57 28.77
CA LYS K 117 43.55 -27.72 27.87
C LYS K 117 42.08 -28.07 27.65
N LEU K 118 41.26 -27.98 28.70
CA LEU K 118 39.82 -28.17 28.53
C LEU K 118 39.27 -27.23 27.45
N GLN K 119 39.64 -25.94 27.53
CA GLN K 119 39.17 -24.99 26.51
C GLN K 119 39.58 -25.43 25.11
N GLY K 120 40.88 -25.63 24.88
CA GLY K 120 41.33 -26.08 23.56
C GLY K 120 40.62 -27.35 23.11
N PHE K 121 40.32 -28.24 24.04
CA PHE K 121 39.61 -29.49 23.75
C PHE K 121 38.25 -29.21 23.13
N ASN K 122 37.38 -28.51 23.86
CA ASN K 122 36.07 -28.19 23.29
C ASN K 122 36.21 -27.42 21.97
N ASN K 123 37.26 -26.59 21.85
CA ASN K 123 37.54 -25.95 20.57
C ASN K 123 37.66 -26.99 19.46
N LYS K 124 38.41 -28.08 19.71
CA LYS K 124 38.55 -29.10 18.69
C LYS K 124 37.24 -29.84 18.42
N VAL K 125 36.53 -30.22 19.49
CA VAL K 125 35.27 -30.96 19.30
C VAL K 125 34.30 -30.15 18.44
N ALA K 126 34.22 -28.83 18.68
CA ALA K 126 33.46 -27.97 17.79
C ALA K 126 34.07 -27.94 16.40
N ARG K 127 35.41 -27.96 16.33
CA ARG K 127 36.11 -27.80 15.06
C ARG K 127 35.77 -28.90 14.07
N TYR K 128 35.60 -30.14 14.55
CA TYR K 128 35.21 -31.22 13.65
C TYR K 128 33.72 -31.58 13.70
N SER K 129 32.98 -31.14 14.73
CA SER K 129 31.52 -31.29 14.71
C SER K 129 30.88 -30.61 13.51
N ILE K 130 31.62 -29.75 12.80
CA ILE K 130 31.24 -29.23 11.50
C ILE K 130 32.46 -29.31 10.60
N TYR K 131 32.28 -29.84 9.39
CA TYR K 131 33.23 -29.92 8.27
C TYR K 131 33.60 -31.35 7.89
N GLY K 132 33.01 -32.32 8.57
CA GLY K 132 33.11 -33.70 8.13
C GLY K 132 34.53 -34.23 8.03
N ASN K 133 34.68 -35.27 7.21
CA ASN K 133 35.91 -36.04 7.20
C ASN K 133 36.02 -36.82 5.91
N THR K 134 37.24 -37.32 5.67
CA THR K 134 37.59 -38.39 4.75
C THR K 134 38.85 -39.01 5.39
N ASP K 135 38.67 -39.60 6.56
CA ASP K 135 39.79 -39.91 7.43
C ASP K 135 39.48 -41.16 8.24
N ALA K 136 40.23 -41.37 9.33
CA ALA K 136 40.03 -42.50 10.24
C ALA K 136 38.94 -42.16 11.27
N GLU K 137 37.72 -42.04 10.75
CA GLU K 137 36.44 -41.84 11.46
C GLU K 137 36.11 -40.37 11.74
N PRO K 138 35.61 -40.01 12.95
CA PRO K 138 34.51 -39.04 13.03
C PRO K 138 34.69 -37.72 12.25
N GLU K 139 33.60 -37.19 11.69
CA GLU K 139 32.27 -37.80 11.76
C GLU K 139 31.49 -37.59 10.47
N ALA K 140 30.62 -36.59 10.45
CA ALA K 140 29.76 -36.38 9.30
C ALA K 140 29.15 -34.98 9.33
N PHE K 141 29.26 -34.26 8.21
CA PHE K 141 28.54 -33.01 8.02
C PHE K 141 28.59 -32.51 6.59
N MET K 142 29.67 -32.84 5.87
CA MET K 142 29.76 -32.47 4.46
C MET K 142 28.68 -33.12 3.62
N GLY K 143 27.86 -33.99 4.19
CA GLY K 143 26.76 -34.63 3.48
C GLY K 143 25.73 -33.66 2.94
N LEU K 144 25.87 -32.37 3.23
CA LEU K 144 25.01 -31.32 2.70
C LEU K 144 25.67 -30.52 1.59
N ALA K 145 26.84 -30.96 1.12
CA ALA K 145 27.66 -30.11 0.24
C ALA K 145 27.04 -29.80 -1.11
N PRO K 146 26.71 -30.77 -1.97
CA PRO K 146 26.34 -30.43 -3.35
C PRO K 146 25.08 -29.60 -3.43
N ARG K 147 24.92 -28.89 -4.56
CA ARG K 147 23.87 -27.90 -4.73
C ARG K 147 22.68 -28.37 -5.57
N PHE K 148 22.77 -29.50 -6.24
CA PHE K 148 21.65 -29.96 -7.07
C PHE K 148 21.10 -31.27 -6.52
N ASN K 149 19.91 -31.62 -7.01
CA ASN K 149 19.07 -32.65 -6.42
C ASN K 149 19.18 -33.96 -7.21
N THR K 150 18.30 -34.91 -6.86
CA THR K 150 18.23 -36.22 -7.51
C THR K 150 19.50 -37.05 -7.32
N LEU K 151 20.67 -36.43 -7.48
CA LEU K 151 21.91 -37.09 -7.09
C LEU K 151 22.04 -37.17 -5.58
N SER K 152 21.47 -36.22 -4.86
CA SER K 152 21.49 -36.19 -3.40
C SER K 152 20.12 -35.70 -2.91
N THR K 153 20.07 -35.28 -1.65
CA THR K 153 18.85 -34.81 -1.04
C THR K 153 18.81 -33.31 -0.80
N SER K 154 19.99 -32.66 -0.69
CA SER K 154 20.21 -31.29 -0.25
C SER K 154 19.01 -30.36 -0.43
N LYS K 155 19.08 -29.51 -1.44
CA LYS K 155 18.01 -28.59 -1.83
C LYS K 155 17.32 -27.91 -0.65
N ALA K 156 16.15 -28.42 -0.25
CA ALA K 156 15.28 -27.72 0.69
C ALA K 156 15.95 -27.42 2.03
N ALA K 157 17.07 -28.07 2.34
CA ALA K 157 17.85 -27.74 3.53
C ALA K 157 18.90 -26.67 3.27
N SER K 158 19.19 -26.36 2.00
CA SER K 158 20.19 -25.38 1.60
C SER K 158 19.55 -24.41 0.61
N ALA K 159 18.86 -23.38 1.13
CA ALA K 159 18.32 -22.34 0.26
C ALA K 159 19.44 -21.70 -0.57
N GLU K 160 20.56 -21.38 0.08
CA GLU K 160 21.85 -21.16 -0.56
C GLU K 160 21.95 -19.90 -1.42
N ASN K 161 23.19 -19.48 -1.66
CA ASN K 161 23.54 -18.43 -2.60
C ASN K 161 24.90 -18.81 -3.17
N VAL K 162 25.35 -18.05 -4.16
CA VAL K 162 26.58 -18.39 -4.86
C VAL K 162 27.46 -17.16 -5.08
N PHE K 163 28.69 -17.43 -5.53
CA PHE K 163 29.77 -16.55 -5.94
C PHE K 163 31.08 -17.23 -5.55
N SER K 164 31.88 -16.57 -4.69
CA SER K 164 33.25 -16.97 -4.42
C SER K 164 33.97 -17.33 -5.72
N ALA K 165 34.78 -18.38 -5.70
CA ALA K 165 35.50 -18.83 -6.88
C ALA K 165 35.87 -20.28 -6.73
N GLY K 166 36.07 -20.95 -7.87
CA GLY K 166 36.46 -22.34 -7.87
C GLY K 166 37.95 -22.52 -8.08
N GLY K 167 38.63 -21.46 -8.50
CA GLY K 167 40.06 -21.52 -8.72
C GLY K 167 40.83 -20.66 -7.73
N SER K 168 40.13 -20.07 -6.77
CA SER K 168 40.75 -19.24 -5.75
C SER K 168 40.03 -19.46 -4.43
N GLY K 169 40.79 -19.39 -3.34
CA GLY K 169 40.26 -19.63 -2.00
C GLY K 169 39.41 -18.53 -1.43
N SER K 170 39.06 -17.53 -2.23
CA SER K 170 38.26 -16.40 -1.72
C SER K 170 36.78 -16.65 -1.91
N THR K 171 36.00 -16.48 -0.85
CA THR K 171 36.49 -16.09 0.48
C THR K 171 35.41 -16.50 1.45
N ASN K 172 34.27 -16.79 0.88
CA ASN K 172 32.98 -16.73 1.54
C ASN K 172 32.91 -17.64 2.76
N THR K 173 31.97 -17.30 3.65
CA THR K 173 31.61 -18.06 4.82
C THR K 173 30.19 -18.59 4.63
N SER K 174 29.54 -18.95 5.73
CA SER K 174 28.22 -19.56 5.66
C SER K 174 27.55 -19.46 7.02
N ILE K 175 26.26 -19.73 7.04
CA ILE K 175 25.47 -19.78 8.26
C ILE K 175 24.59 -21.02 8.26
N TRP K 176 24.20 -21.41 9.47
CA TRP K 176 23.50 -22.66 9.75
C TRP K 176 22.45 -22.41 10.81
N PHE K 177 21.43 -23.26 10.79
CA PHE K 177 20.56 -23.44 11.95
C PHE K 177 19.64 -24.65 11.86
N MET K 178 19.66 -25.45 12.92
CA MET K 178 18.91 -26.69 12.96
C MET K 178 18.19 -26.80 14.29
N SER K 179 17.59 -27.96 14.54
CA SER K 179 16.85 -28.22 15.77
C SER K 179 17.56 -29.29 16.59
N TRP K 180 17.30 -29.27 17.89
CA TRP K 180 17.73 -30.32 18.80
C TRP K 180 16.56 -31.20 19.21
N GLY K 181 16.91 -32.33 19.81
CA GLY K 181 16.11 -33.52 19.72
C GLY K 181 16.53 -34.41 18.57
N GLU K 182 17.26 -33.86 17.61
CA GLU K 182 18.11 -34.61 16.68
C GLU K 182 19.50 -34.46 17.28
N ASN K 183 19.86 -35.42 18.12
CA ASN K 183 20.83 -35.26 19.19
C ASN K 183 22.24 -35.56 18.69
N THR K 184 23.14 -35.85 19.62
CA THR K 184 24.45 -36.42 19.34
C THR K 184 24.58 -37.67 20.21
N ALA K 185 24.96 -38.78 19.59
CA ALA K 185 25.01 -40.07 20.27
C ALA K 185 26.34 -40.26 20.99
N HIS K 186 26.29 -41.09 22.03
CA HIS K 186 27.48 -41.47 22.79
C HIS K 186 27.28 -42.91 23.23
N MET K 187 28.32 -43.73 23.06
CA MET K 187 28.28 -45.12 23.48
C MET K 187 27.98 -45.22 24.97
N ILE K 188 27.46 -46.38 25.37
CA ILE K 188 26.87 -46.55 26.70
C ILE K 188 27.91 -46.40 27.79
N TYR K 189 28.14 -45.15 28.21
CA TYR K 189 28.90 -44.71 29.38
C TYR K 189 28.95 -43.18 29.33
N PRO K 190 29.53 -42.47 30.35
CA PRO K 190 29.06 -41.09 30.64
C PRO K 190 29.19 -40.07 29.53
N GLU K 191 28.69 -38.87 29.82
CA GLU K 191 28.53 -37.81 28.85
C GLU K 191 29.83 -37.02 28.69
N GLY K 192 29.75 -35.97 27.87
CA GLY K 192 30.88 -35.16 27.47
C GLY K 192 31.82 -34.68 28.56
N MET K 193 33.08 -34.47 28.18
CA MET K 193 34.11 -33.94 29.08
C MET K 193 34.14 -34.69 30.40
N VAL K 194 34.09 -36.03 30.32
CA VAL K 194 34.31 -36.85 31.50
C VAL K 194 35.64 -36.45 32.12
N ALA K 195 35.62 -36.21 33.42
CA ALA K 195 36.62 -35.36 34.06
C ALA K 195 38.03 -35.91 33.91
N GLY K 196 39.00 -34.99 33.87
CA GLY K 196 40.39 -35.35 34.00
C GLY K 196 40.67 -35.85 35.40
N PHE K 197 40.91 -37.15 35.54
CA PHE K 197 41.32 -37.72 36.81
C PHE K 197 42.84 -37.85 36.85
N GLN K 198 43.36 -38.26 37.99
CA GLN K 198 44.77 -38.11 38.30
C GLN K 198 45.41 -39.45 38.67
N HIS K 199 46.73 -39.47 38.58
CA HIS K 199 47.57 -40.59 39.00
C HIS K 199 48.96 -40.04 39.30
N GLU K 200 49.69 -40.75 40.15
CA GLU K 200 51.11 -40.47 40.36
C GLU K 200 51.83 -41.82 40.45
N ASP K 201 52.69 -42.09 39.47
CA ASP K 201 53.26 -43.42 39.34
C ASP K 201 54.67 -43.30 38.77
N LEU K 202 55.18 -44.42 38.26
CA LEU K 202 56.49 -44.47 37.64
C LEU K 202 56.39 -44.09 36.16
N GLY K 203 57.49 -43.55 35.63
CA GLY K 203 57.53 -43.04 34.28
C GLY K 203 58.22 -43.96 33.30
N ASP K 204 58.46 -43.42 32.11
CA ASP K 204 58.85 -44.19 30.94
C ASP K 204 59.74 -43.30 30.10
N ASP K 205 60.96 -43.75 29.83
CA ASP K 205 61.97 -42.91 29.20
C ASP K 205 61.61 -42.63 27.74
N LEU K 206 62.60 -42.14 26.98
CA LEU K 206 62.33 -41.55 25.68
C LEU K 206 62.63 -42.49 24.51
N VAL K 207 63.91 -42.75 24.26
CA VAL K 207 64.36 -43.31 22.98
C VAL K 207 64.25 -44.84 23.01
N SER K 208 63.26 -45.37 22.28
CA SER K 208 63.13 -46.79 21.94
C SER K 208 62.84 -47.84 23.04
N ASP K 209 61.76 -47.69 23.82
CA ASP K 209 61.02 -46.46 23.95
C ASP K 209 61.51 -45.82 25.25
N GLY K 210 62.83 -45.74 25.38
CA GLY K 210 63.42 -45.22 26.58
C GLY K 210 64.92 -44.96 26.61
N ASN K 211 65.69 -46.02 26.36
CA ASN K 211 67.05 -46.25 26.86
C ASN K 211 66.95 -46.99 28.19
N GLY K 212 65.80 -47.62 28.43
CA GLY K 212 65.46 -48.25 29.68
C GLY K 212 64.08 -47.86 30.15
N GLY K 213 63.95 -47.51 31.43
CA GLY K 213 62.66 -47.12 31.96
C GLY K 213 62.73 -46.66 33.41
N GLN K 214 62.90 -45.36 33.65
CA GLN K 214 63.06 -44.88 35.00
C GLN K 214 62.62 -43.43 35.12
N PHE K 215 61.99 -43.12 36.26
CA PHE K 215 61.74 -41.79 36.83
C PHE K 215 60.26 -41.64 37.16
N ARG K 216 59.93 -40.83 38.16
CA ARG K 216 58.54 -40.65 38.52
C ARG K 216 57.88 -39.58 37.64
N ALA K 217 56.55 -39.59 37.65
CA ALA K 217 55.81 -38.88 36.62
C ALA K 217 54.99 -37.71 37.15
N TYR K 218 53.87 -38.01 37.81
CA TYR K 218 52.80 -37.06 38.13
C TYR K 218 51.95 -36.83 36.88
N ARG K 219 50.84 -37.54 36.75
CA ARG K 219 50.05 -37.48 35.52
C ARG K 219 48.63 -37.06 35.79
N ASP K 220 47.96 -36.66 34.71
CA ASP K 220 46.54 -36.39 34.67
C ASP K 220 46.04 -36.92 33.33
N GLU K 221 44.84 -37.48 33.33
CA GLU K 221 44.29 -38.10 32.13
C GLU K 221 42.85 -37.67 31.92
N PHE K 222 42.53 -37.19 30.72
CA PHE K 222 41.16 -36.78 30.41
C PHE K 222 40.74 -37.31 29.04
N LYS K 223 39.47 -37.69 28.95
CA LYS K 223 38.93 -38.33 27.77
C LYS K 223 37.65 -37.67 27.32
N TRP K 224 37.32 -37.87 26.05
CA TRP K 224 36.01 -37.50 25.54
C TRP K 224 35.69 -38.41 24.35
N ASP K 225 34.40 -38.64 24.15
CA ASP K 225 33.93 -39.39 23.00
C ASP K 225 32.54 -38.89 22.65
N ILE K 226 32.29 -38.71 21.36
CA ILE K 226 31.01 -38.18 20.89
C ILE K 226 30.61 -38.85 19.58
N GLY K 227 29.62 -38.25 18.91
CA GLY K 227 29.09 -38.75 17.66
C GLY K 227 27.72 -38.14 17.45
N LEU K 228 27.61 -37.20 16.53
CA LEU K 228 26.34 -36.54 16.30
C LEU K 228 25.32 -37.51 15.70
N SER K 229 24.06 -37.12 15.77
CA SER K 229 23.00 -37.82 15.05
C SER K 229 22.54 -36.97 13.87
N VAL K 230 21.92 -37.63 12.91
CA VAL K 230 21.27 -36.96 11.79
C VAL K 230 19.75 -37.11 11.88
N ARG K 231 19.27 -38.34 12.12
CA ARG K 231 17.85 -38.62 12.28
C ARG K 231 17.09 -38.08 11.06
N ASP K 232 16.43 -36.94 11.25
CA ASP K 232 15.67 -36.29 10.20
C ASP K 232 16.51 -35.17 9.60
N TRP K 233 16.69 -35.20 8.28
CA TRP K 233 17.10 -34.00 7.57
C TRP K 233 15.84 -33.35 7.00
N ARG K 234 15.79 -32.02 7.14
CA ARG K 234 14.64 -31.11 7.00
C ARG K 234 14.56 -30.32 8.30
N SER K 235 15.26 -30.83 9.31
CA SER K 235 15.50 -30.12 10.56
C SER K 235 16.72 -29.22 10.47
N ILE K 236 17.33 -29.11 9.30
CA ILE K 236 18.56 -28.36 9.07
C ILE K 236 18.27 -27.24 8.08
N SER K 237 18.97 -26.11 8.25
CA SER K 237 18.79 -24.94 7.39
C SER K 237 20.16 -24.26 7.27
N ARG K 238 20.92 -24.69 6.27
CA ARG K 238 22.24 -24.14 6.01
C ARG K 238 22.19 -23.37 4.69
N ILE K 239 22.96 -22.28 4.60
CA ILE K 239 23.05 -21.54 3.35
C ILE K 239 24.52 -21.29 3.03
N CYS K 240 24.95 -21.72 1.85
CA CYS K 240 26.22 -21.31 1.30
C CYS K 240 26.04 -20.02 0.50
N ASN K 241 27.12 -19.27 0.37
CA ASN K 241 27.07 -17.84 0.20
C ASN K 241 28.52 -17.44 0.39
N ILE K 242 28.94 -16.18 0.22
CA ILE K 242 28.10 -15.01 -0.08
C ILE K 242 28.57 -14.18 -1.30
N ASP K 243 29.78 -13.60 -1.32
CA ASP K 243 30.84 -13.74 -0.31
C ASP K 243 30.82 -12.62 0.72
N VAL K 244 31.84 -12.58 1.59
CA VAL K 244 31.88 -11.56 2.65
C VAL K 244 31.98 -10.17 2.05
N THR K 245 32.67 -10.02 0.92
CA THR K 245 32.82 -8.70 0.31
C THR K 245 31.47 -8.15 -0.13
N THR K 246 30.73 -8.92 -0.92
CA THR K 246 29.44 -8.45 -1.41
C THR K 246 28.45 -8.21 -0.27
N LEU K 247 28.43 -9.11 0.73
CA LEU K 247 27.59 -8.86 1.89
C LEU K 247 28.05 -7.65 2.70
N THR K 248 29.31 -7.25 2.57
CA THR K 248 29.78 -6.02 3.22
C THR K 248 29.43 -4.77 2.42
N LYS K 249 29.33 -4.87 1.09
CA LYS K 249 28.79 -3.77 0.31
C LYS K 249 27.31 -3.55 0.57
N ASP K 250 26.66 -4.45 1.32
CA ASP K 250 25.22 -4.42 1.57
C ASP K 250 24.85 -3.66 2.85
N ALA K 251 25.67 -2.68 3.27
CA ALA K 251 25.37 -1.90 4.46
C ALA K 251 23.90 -1.51 4.51
N SER K 252 23.42 -0.88 3.43
CA SER K 252 21.99 -0.78 3.13
C SER K 252 21.71 -1.03 1.66
N THR K 253 22.71 -1.39 0.87
CA THR K 253 22.65 -1.23 -0.58
C THR K 253 21.53 -2.04 -1.23
N GLY K 254 21.09 -3.11 -0.59
CA GLY K 254 20.08 -3.94 -1.21
C GLY K 254 20.57 -4.60 -2.49
N ALA K 255 21.65 -5.38 -2.40
CA ALA K 255 22.16 -6.11 -3.55
C ALA K 255 22.04 -7.61 -3.30
N ASP K 256 22.94 -8.16 -2.49
CA ASP K 256 22.82 -9.53 -2.01
C ASP K 256 22.49 -9.44 -0.53
N LEU K 257 21.22 -9.20 -0.24
CA LEU K 257 20.78 -8.91 1.12
C LEU K 257 20.83 -10.16 1.99
N ILE K 258 20.22 -10.06 3.17
CA ILE K 258 20.12 -11.16 4.12
C ILE K 258 18.70 -11.71 4.21
N SER K 259 17.73 -11.08 3.55
CA SER K 259 16.32 -11.45 3.66
C SER K 259 16.07 -12.95 3.52
N MET K 260 16.96 -13.66 2.83
CA MET K 260 16.86 -15.11 2.75
C MET K 260 16.93 -15.77 4.13
N MET K 261 17.45 -15.08 5.14
CA MET K 261 17.38 -15.56 6.52
C MET K 261 15.95 -15.98 6.89
N VAL K 262 14.95 -15.36 6.26
CA VAL K 262 13.56 -15.71 6.51
C VAL K 262 13.11 -16.89 5.65
N ASP K 263 13.52 -16.91 4.38
CA ASP K 263 12.98 -17.91 3.45
C ASP K 263 13.30 -19.33 3.89
N ALA K 264 14.55 -19.56 4.29
CA ALA K 264 14.95 -20.87 4.80
C ALA K 264 14.04 -21.32 5.94
N TYR K 265 13.66 -20.37 6.81
CA TYR K 265 12.78 -20.70 7.92
C TYR K 265 11.45 -21.25 7.42
N TYR K 266 10.90 -20.70 6.32
CA TYR K 266 9.63 -21.22 5.84
C TYR K 266 9.74 -22.57 5.15
N ALA K 267 10.95 -23.12 5.02
CA ALA K 267 11.14 -24.44 4.42
C ALA K 267 11.11 -25.56 5.46
N ARG K 268 10.37 -25.39 6.55
CA ARG K 268 10.39 -26.38 7.63
C ARG K 268 9.05 -26.41 8.35
N ASP K 269 8.30 -27.49 8.12
CA ASP K 269 7.13 -27.92 8.88
C ASP K 269 6.41 -28.99 8.07
N VAL K 270 6.10 -30.14 8.67
CA VAL K 270 5.42 -31.20 7.92
C VAL K 270 4.12 -31.81 8.52
N ALA K 271 4.11 -32.32 9.76
CA ALA K 271 5.25 -32.63 10.62
C ALA K 271 5.10 -34.14 10.88
N MET K 272 6.14 -34.94 11.17
CA MET K 272 7.55 -34.60 11.50
C MET K 272 7.70 -34.01 12.90
N LEU K 273 6.60 -34.03 13.66
CA LEU K 273 6.59 -33.40 14.97
C LEU K 273 7.66 -33.99 15.87
N GLY K 274 8.46 -33.12 16.48
CA GLY K 274 9.48 -33.53 17.42
C GLY K 274 10.08 -32.32 18.12
N ASP K 275 9.61 -31.13 17.71
CA ASP K 275 10.17 -29.82 18.03
C ASP K 275 11.50 -29.82 18.77
N GLY K 276 11.54 -30.44 19.95
CA GLY K 276 12.68 -30.37 20.83
C GLY K 276 13.01 -28.92 21.14
N LYS K 277 13.86 -28.33 20.32
CA LYS K 277 14.21 -26.93 20.44
C LYS K 277 14.80 -26.46 19.12
N GLU K 278 14.84 -25.15 18.95
CA GLU K 278 15.40 -24.52 17.76
C GLU K 278 16.42 -23.48 18.15
N VAL K 279 17.52 -23.43 17.41
CA VAL K 279 18.60 -22.47 17.60
C VAL K 279 18.98 -21.92 16.22
N ILE K 280 19.90 -20.95 16.21
CA ILE K 280 20.48 -20.45 14.97
C ILE K 280 21.94 -20.08 15.18
N TYR K 281 22.79 -20.49 14.24
CA TYR K 281 24.24 -20.43 14.36
C TYR K 281 24.83 -19.51 13.30
N ALA K 282 25.54 -18.49 13.76
CA ALA K 282 26.33 -17.60 12.92
C ALA K 282 27.75 -17.56 13.47
N ASN K 283 28.66 -16.99 12.69
CA ASN K 283 30.03 -16.74 13.12
C ASN K 283 30.17 -15.26 13.39
N LYS K 284 30.83 -14.91 14.51
CA LYS K 284 30.85 -13.56 15.08
C LYS K 284 31.02 -12.44 14.05
N THR K 285 31.76 -12.70 12.98
CA THR K 285 31.93 -11.70 11.92
C THR K 285 30.62 -11.43 11.21
N ILE K 286 29.82 -12.47 10.98
CA ILE K 286 28.53 -12.29 10.30
C ILE K 286 27.52 -11.63 11.22
N HIS K 287 27.36 -12.17 12.43
CA HIS K 287 26.39 -11.71 13.43
C HIS K 287 26.20 -10.20 13.48
N ALA K 288 27.23 -9.50 13.97
CA ALA K 288 27.21 -8.05 14.07
C ALA K 288 26.86 -7.41 12.74
N TRP K 289 27.39 -7.98 11.64
CA TRP K 289 27.12 -7.44 10.32
C TRP K 289 25.63 -7.50 9.98
N LEU K 290 25.02 -8.67 10.20
CA LEU K 290 23.57 -8.81 10.06
C LEU K 290 22.85 -7.74 10.85
N HIS K 291 23.27 -7.50 12.10
CA HIS K 291 22.69 -6.39 12.86
C HIS K 291 22.82 -5.07 12.10
N LYS K 292 23.98 -4.84 11.48
CA LYS K 292 24.20 -3.57 10.77
C LYS K 292 23.26 -3.44 9.57
N GLN K 293 23.09 -4.51 8.80
CA GLN K 293 22.24 -4.49 7.61
C GLN K 293 20.76 -4.54 7.95
N ALA K 294 20.39 -4.98 9.15
CA ALA K 294 18.98 -5.18 9.48
C ALA K 294 18.26 -3.86 9.75
N MET K 295 18.83 -3.01 10.60
CA MET K 295 18.14 -1.81 11.09
C MET K 295 18.37 -0.60 10.18
N ASN K 296 18.00 -0.76 8.90
CA ASN K 296 18.12 0.30 7.91
C ASN K 296 17.54 -0.07 6.55
N ALA K 297 17.84 0.72 5.53
CA ALA K 297 17.36 0.57 4.15
C ALA K 297 15.88 0.94 4.01
N LYS K 298 15.43 1.18 2.78
CA LYS K 298 14.02 1.50 2.54
C LYS K 298 13.14 0.32 2.95
N ASN K 299 12.63 0.37 4.17
CA ASN K 299 11.89 -0.78 4.68
C ASN K 299 10.76 -0.32 5.57
N VAL K 300 10.56 -1.04 6.67
CA VAL K 300 9.53 -0.69 7.63
C VAL K 300 10.17 -0.06 8.87
N ASN K 301 10.98 -0.83 9.61
CA ASN K 301 11.72 -0.37 10.77
C ASN K 301 10.92 0.55 11.70
N LEU K 302 11.32 1.82 11.80
CA LEU K 302 10.75 2.79 12.71
C LEU K 302 11.03 2.38 14.15
N THR K 303 12.14 2.87 14.71
CA THR K 303 12.60 2.47 16.03
C THR K 303 12.11 3.37 17.15
N ILE K 304 11.50 4.51 16.81
CA ILE K 304 11.33 5.61 17.76
C ILE K 304 12.71 5.97 18.29
N GLU K 305 12.87 5.98 19.62
CA GLU K 305 14.10 6.48 20.22
C GLU K 305 14.46 5.75 21.51
N GLU K 306 15.70 5.27 21.60
CA GLU K 306 16.69 5.47 20.54
C GLU K 306 17.26 4.16 20.04
N TYR K 307 17.96 4.24 18.91
CA TYR K 307 18.64 3.08 18.34
C TYR K 307 19.72 2.52 19.27
N GLY K 308 20.03 1.23 19.13
CA GLY K 308 19.35 0.39 18.17
C GLY K 308 19.74 -1.05 18.34
N GLY K 309 19.10 -1.92 17.56
CA GLY K 309 19.34 -3.34 17.63
C GLY K 309 18.84 -3.98 18.90
N LYS K 310 19.16 -3.40 20.06
CA LYS K 310 18.99 -4.04 21.36
C LYS K 310 19.52 -5.47 21.35
N LYS K 311 20.70 -5.62 20.74
CA LYS K 311 21.30 -6.92 20.42
C LYS K 311 20.36 -7.64 19.45
N ILE K 312 20.35 -8.98 19.46
CA ILE K 312 19.28 -9.76 18.86
C ILE K 312 19.06 -10.99 19.74
N VAL K 313 17.98 -10.99 20.52
CA VAL K 313 17.52 -12.18 21.22
C VAL K 313 16.35 -12.84 20.51
N SER K 314 16.09 -12.44 19.27
CA SER K 314 14.83 -12.78 18.62
C SER K 314 15.06 -13.30 17.20
N PHE K 315 14.05 -13.10 16.36
CA PHE K 315 14.08 -13.56 14.98
C PHE K 315 14.22 -15.08 14.85
N LEU K 316 13.10 -15.79 14.75
CA LEU K 316 11.76 -15.20 14.83
C LEU K 316 10.73 -16.19 15.40
N GLY K 317 10.61 -16.22 16.73
CA GLY K 317 11.48 -15.45 17.59
C GLY K 317 12.57 -16.35 18.16
N ILE K 318 12.95 -17.35 17.37
CA ILE K 318 13.90 -18.37 17.79
C ILE K 318 15.20 -17.70 18.23
N PRO K 319 15.63 -17.94 19.47
CA PRO K 319 16.83 -17.25 19.97
C PRO K 319 18.06 -17.64 19.17
N ILE K 320 19.03 -16.74 19.16
CA ILE K 320 20.24 -16.90 18.37
C ILE K 320 21.42 -17.08 19.32
N ARG K 321 22.32 -17.99 18.95
CA ARG K 321 23.61 -18.16 19.61
C ARG K 321 24.68 -18.04 18.55
N ARG K 322 25.92 -17.89 19.00
CA ARG K 322 27.04 -17.77 18.09
C ARG K 322 27.94 -19.00 18.17
N VAL K 323 28.74 -19.15 17.13
CA VAL K 323 29.70 -20.24 16.98
C VAL K 323 30.93 -19.66 16.29
N ASP K 324 31.97 -20.47 16.20
CA ASP K 324 33.19 -20.11 15.47
C ASP K 324 33.47 -21.21 14.44
N ALA K 325 33.14 -20.91 13.19
CA ALA K 325 33.33 -21.83 12.07
C ALA K 325 34.12 -21.07 11.01
N ILE K 326 35.46 -21.08 11.15
CA ILE K 326 36.39 -20.43 10.23
C ILE K 326 35.83 -19.10 9.73
N LEU K 327 35.85 -18.90 8.41
CA LEU K 327 35.41 -17.71 7.71
C LEU K 327 35.88 -17.87 6.28
N ASN K 328 36.70 -18.90 6.06
CA ASN K 328 37.43 -19.09 4.81
C ASN K 328 37.24 -20.51 4.28
N THR K 329 36.39 -20.63 3.26
CA THR K 329 36.35 -21.81 2.41
C THR K 329 36.24 -21.33 0.97
N GLU K 330 36.57 -22.21 0.02
CA GLU K 330 36.42 -21.90 -1.40
C GLU K 330 35.14 -22.56 -1.90
N SER K 331 34.05 -21.78 -1.89
CA SER K 331 32.73 -22.15 -2.40
C SER K 331 32.48 -23.65 -2.46
N ALA K 332 32.37 -24.30 -1.30
CA ALA K 332 32.07 -25.73 -1.26
C ALA K 332 30.74 -26.08 -1.93
N VAL K 333 29.97 -25.07 -2.34
CA VAL K 333 28.70 -25.28 -3.02
C VAL K 333 28.90 -25.37 -4.52
N THR K 334 30.14 -25.41 -4.98
CA THR K 334 30.28 -25.52 -6.42
C THR K 334 31.25 -26.61 -6.87
N ALA K 335 32.34 -26.81 -6.14
CA ALA K 335 33.44 -27.67 -6.59
C ALA K 335 32.99 -29.09 -6.96
N MET L 1 -23.96 58.98 1.53
CA MET L 1 -24.83 60.05 2.01
C MET L 1 -24.30 61.42 1.58
N LYS L 2 -25.19 62.38 1.35
CA LYS L 2 -26.62 62.19 1.53
C LYS L 2 -27.41 62.92 0.44
N THR L 3 -28.74 62.72 0.43
CA THR L 3 -29.60 63.44 -0.48
C THR L 3 -29.52 64.94 -0.21
N VAL L 4 -30.12 65.71 -1.11
CA VAL L 4 -30.17 67.18 -1.01
C VAL L 4 -28.85 67.76 -0.48
N ASN L 5 -27.86 67.82 -1.35
CA ASN L 5 -28.09 67.72 -2.79
C ASN L 5 -27.49 66.55 -3.58
N MET L 6 -27.16 66.87 -4.84
CA MET L 6 -27.07 65.97 -6.01
C MET L 6 -26.79 64.49 -5.76
N LYS L 7 -27.49 63.66 -6.52
CA LYS L 7 -27.27 62.22 -6.55
C LYS L 7 -26.09 61.85 -7.43
N THR L 8 -26.04 62.42 -8.65
CA THR L 8 -25.23 61.95 -9.78
C THR L 8 -25.95 60.73 -10.41
N GLY L 9 -25.76 60.47 -11.70
CA GLY L 9 -24.82 61.18 -12.55
C GLY L 9 -25.37 62.30 -13.41
N THR L 10 -24.50 63.24 -13.75
CA THR L 10 -24.89 64.33 -14.65
C THR L 10 -24.64 64.04 -16.14
N ASP L 11 -23.41 63.80 -16.60
CA ASP L 11 -22.17 63.85 -15.82
C ASP L 11 -21.17 64.76 -16.54
N SER L 12 -21.20 64.67 -17.86
CA SER L 12 -20.38 65.51 -18.74
C SER L 12 -20.83 65.23 -20.18
N PHE L 13 -20.24 65.94 -21.13
CA PHE L 13 -20.62 65.77 -22.52
C PHE L 13 -19.42 66.08 -23.40
N VAL L 14 -19.67 66.40 -24.67
CA VAL L 14 -18.60 66.78 -25.59
C VAL L 14 -17.89 68.05 -25.12
N GLY L 15 -18.55 68.85 -24.30
CA GLY L 15 -18.04 70.11 -23.79
C GLY L 15 -19.21 70.82 -23.14
N GLU L 16 -19.42 70.55 -21.86
CA GLU L 16 -20.71 70.83 -21.24
C GLU L 16 -20.61 71.96 -20.22
N ASP L 17 -21.71 72.71 -20.09
CA ASP L 17 -21.82 73.72 -19.05
C ASP L 17 -21.88 73.10 -17.66
N GLY L 18 -22.30 71.84 -17.55
CA GLY L 18 -22.27 71.09 -16.30
C GLY L 18 -22.98 71.72 -15.12
N LYS L 19 -22.95 73.05 -15.05
CA LYS L 19 -23.64 73.92 -14.10
C LYS L 19 -24.99 73.37 -13.61
N PRO L 20 -25.88 72.87 -14.49
CA PRO L 20 -27.12 72.26 -14.03
C PRO L 20 -26.93 71.22 -12.93
N GLU L 21 -27.90 71.11 -12.02
CA GLU L 21 -29.09 71.95 -12.05
C GLU L 21 -29.24 72.70 -10.75
N THR L 22 -28.73 73.93 -10.70
CA THR L 22 -28.82 74.74 -9.49
C THR L 22 -30.25 75.28 -9.35
N LYS L 23 -30.42 76.19 -8.38
CA LYS L 23 -31.72 76.71 -7.99
C LYS L 23 -32.75 75.62 -7.72
N ASP L 24 -32.88 75.25 -6.45
CA ASP L 24 -32.15 75.94 -5.39
C ASP L 24 -31.45 74.99 -4.42
N GLN L 25 -30.24 75.36 -4.02
CA GLN L 25 -29.70 74.90 -2.74
C GLN L 25 -29.94 75.92 -1.65
N TYR L 26 -30.24 77.16 -2.07
CA TYR L 26 -31.00 78.25 -1.46
C TYR L 26 -30.30 79.60 -1.52
N PRO L 27 -31.06 80.70 -1.62
CA PRO L 27 -30.43 82.02 -1.59
C PRO L 27 -30.65 82.80 -0.30
N TRP L 28 -30.36 82.18 0.86
CA TRP L 28 -30.08 82.93 2.08
C TRP L 28 -29.31 82.06 3.06
N GLY L 29 -28.18 82.58 3.54
CA GLY L 29 -27.39 81.91 4.55
C GLY L 29 -25.96 82.39 4.54
N LEU L 30 -25.22 81.95 5.56
CA LEU L 30 -23.79 82.22 5.70
C LEU L 30 -23.11 80.94 6.16
N ARG L 31 -21.80 80.84 5.89
CA ARG L 31 -21.07 79.61 6.19
C ARG L 31 -19.63 79.91 6.57
N ILE L 32 -19.15 79.25 7.63
CA ILE L 32 -17.73 79.17 7.98
C ILE L 32 -17.47 78.06 8.99
N THR L 33 -17.37 76.81 8.53
CA THR L 33 -16.90 75.71 9.38
C THR L 33 -16.48 74.45 8.63
N LEU L 34 -17.43 73.71 8.07
CA LEU L 34 -17.16 72.33 7.69
C LEU L 34 -17.43 72.01 6.22
N ASP L 35 -17.64 70.71 5.95
CA ASP L 35 -17.04 69.98 4.84
C ASP L 35 -17.78 70.16 3.51
N ASN L 36 -17.38 69.30 2.56
CA ASN L 36 -17.72 69.30 1.14
C ASN L 36 -16.91 68.17 0.49
N GLU L 37 -17.18 67.90 -0.79
CA GLU L 37 -16.42 66.90 -1.55
C GLU L 37 -16.86 66.93 -3.01
N SER L 38 -16.09 66.22 -3.85
CA SER L 38 -16.38 65.93 -5.24
C SER L 38 -15.39 64.89 -5.74
N LEU L 39 -15.85 63.97 -6.60
CA LEU L 39 -14.97 62.92 -7.14
C LEU L 39 -15.67 62.17 -8.26
N GLN L 40 -14.93 61.23 -8.88
CA GLN L 40 -15.39 60.10 -9.69
C GLN L 40 -14.23 59.42 -10.41
N ARG L 41 -14.51 58.31 -11.10
CA ARG L 41 -13.48 57.40 -11.58
C ARG L 41 -13.51 57.15 -13.08
N LEU L 42 -14.42 57.74 -13.84
CA LEU L 42 -14.56 57.46 -15.27
C LEU L 42 -14.23 58.71 -16.08
N GLY L 43 -13.05 58.70 -16.71
CA GLY L 43 -12.67 59.76 -17.62
C GLY L 43 -12.39 59.23 -19.02
N LEU L 44 -11.83 60.07 -19.90
CA LEU L 44 -11.47 59.62 -21.24
C LEU L 44 -10.42 60.52 -21.87
N ASN L 45 -10.66 61.83 -21.90
CA ASN L 45 -9.72 62.80 -22.40
C ASN L 45 -9.62 63.93 -21.39
N ALA L 46 -8.39 64.32 -21.07
CA ALA L 46 -8.10 65.13 -19.89
C ALA L 46 -8.62 66.55 -19.98
N LYS L 47 -8.12 67.42 -19.08
CA LYS L 47 -8.43 68.85 -19.03
C LYS L 47 -9.83 69.09 -18.47
N SER L 48 -9.94 69.25 -17.16
CA SER L 48 -11.21 69.50 -16.51
C SER L 48 -11.00 70.31 -15.24
N LEU L 49 -12.07 70.97 -14.79
CA LEU L 49 -12.03 71.79 -13.58
C LEU L 49 -13.45 72.17 -13.15
N PRO L 50 -13.71 72.26 -11.85
CA PRO L 50 -15.01 72.77 -11.38
C PRO L 50 -14.90 74.21 -10.90
N ALA L 51 -16.00 74.74 -10.37
CA ALA L 51 -16.05 76.09 -9.82
C ALA L 51 -17.36 76.23 -9.05
N VAL L 52 -17.58 77.43 -8.52
CA VAL L 52 -18.77 77.77 -7.75
C VAL L 52 -19.22 79.17 -8.13
N GLY L 53 -20.29 79.63 -7.50
CA GLY L 53 -20.83 80.95 -7.71
C GLY L 53 -21.77 81.30 -6.58
N ASP L 54 -22.51 82.40 -6.77
CA ASP L 54 -23.46 82.85 -5.75
C ASP L 54 -24.37 83.97 -6.24
N SER L 55 -24.71 84.89 -5.32
CA SER L 55 -25.70 85.94 -5.52
C SER L 55 -27.11 85.40 -5.65
N VAL L 56 -27.90 85.96 -6.55
CA VAL L 56 -29.33 85.67 -6.65
C VAL L 56 -29.60 85.11 -8.05
N SER L 57 -29.78 83.79 -8.13
CA SER L 57 -30.39 83.12 -9.27
C SER L 57 -29.51 82.99 -10.52
N VAL L 58 -28.63 83.97 -10.77
CA VAL L 58 -27.97 84.00 -12.07
C VAL L 58 -26.52 84.48 -12.01
N MET L 59 -26.32 85.75 -11.67
CA MET L 59 -25.07 86.42 -11.98
C MET L 59 -24.45 87.10 -10.76
N ALA L 60 -23.12 87.24 -10.70
CA ALA L 60 -22.18 86.73 -11.72
C ALA L 60 -20.84 86.46 -11.06
N MET L 61 -20.81 86.49 -9.74
CA MET L 61 -19.59 86.81 -9.00
C MET L 61 -19.01 85.61 -8.26
N ALA L 62 -17.82 85.86 -7.68
CA ALA L 62 -17.15 85.00 -6.72
C ALA L 62 -16.65 83.67 -7.30
N ASN L 63 -15.76 83.02 -6.57
CA ASN L 63 -15.12 81.79 -7.02
C ASN L 63 -14.44 81.11 -5.85
N VAL L 64 -14.06 79.85 -6.06
CA VAL L 64 -13.12 79.12 -5.23
C VAL L 64 -12.29 78.27 -6.18
N CYS L 65 -12.97 77.34 -6.85
CA CYS L 65 -12.45 76.63 -8.03
C CYS L 65 -11.27 75.70 -7.76
N SER L 66 -10.90 74.95 -8.78
CA SER L 66 -9.79 74.00 -8.71
C SER L 66 -9.37 73.67 -10.14
N VAL L 67 -8.32 72.86 -10.27
CA VAL L 67 -7.82 72.42 -11.57
C VAL L 67 -7.32 70.98 -11.43
N SER L 68 -7.61 70.16 -12.43
CA SER L 68 -7.21 68.76 -12.39
C SER L 68 -7.05 68.23 -13.80
N THR L 69 -6.29 67.15 -13.91
CA THR L 69 -6.09 66.44 -15.17
C THR L 69 -6.67 65.03 -15.05
N ARG L 70 -6.42 64.21 -16.07
CA ARG L 70 -7.04 62.89 -16.13
C ARG L 70 -6.43 61.95 -15.10
N THR L 71 -7.30 61.26 -14.37
CA THR L 71 -7.00 60.19 -13.42
C THR L 71 -8.34 59.72 -12.91
N THR L 72 -8.36 58.50 -12.37
CA THR L 72 -9.56 57.92 -11.78
C THR L 72 -9.47 58.05 -10.26
N ASP L 73 -10.38 58.84 -9.69
CA ASP L 73 -10.52 59.14 -8.25
C ASP L 73 -9.74 60.38 -7.84
N HIS L 74 -10.41 61.28 -7.12
CA HIS L 74 -9.84 62.57 -6.74
C HIS L 74 -10.64 63.10 -5.55
N GLY L 75 -10.59 64.42 -5.37
CA GLY L 75 -11.31 65.07 -4.28
C GLY L 75 -10.46 66.10 -3.58
N GLU L 76 -11.06 67.23 -3.21
CA GLU L 76 -10.33 68.28 -2.49
C GLU L 76 -11.03 68.52 -1.16
N ASP L 77 -11.56 69.73 -0.92
CA ASP L 77 -12.14 70.00 0.39
C ASP L 77 -13.12 71.16 0.43
N ASN L 78 -12.91 72.06 1.39
CA ASN L 78 -13.97 72.90 1.94
C ASN L 78 -14.23 74.14 1.10
N TYR L 79 -14.98 75.07 1.70
CA TYR L 79 -15.28 76.39 1.16
C TYR L 79 -15.08 77.39 2.29
N VAL L 80 -15.22 78.68 1.97
CA VAL L 80 -15.07 79.71 2.99
C VAL L 80 -16.31 80.60 3.05
N GLU L 81 -16.43 81.52 2.11
CA GLU L 81 -17.52 82.50 2.12
C GLU L 81 -18.28 82.45 0.80
N LEU L 82 -19.58 82.68 0.89
CA LEU L 82 -20.42 82.82 -0.28
C LEU L 82 -21.46 83.89 0.01
N GLN L 83 -21.96 84.52 -1.05
CA GLN L 83 -23.13 85.36 -0.89
C GLN L 83 -24.23 84.46 -0.34
N ILE L 84 -24.94 83.76 -1.23
CA ILE L 84 -25.70 82.55 -0.91
C ILE L 84 -26.50 82.08 -2.12
N THR L 85 -26.07 80.95 -2.70
CA THR L 85 -26.77 80.27 -3.79
C THR L 85 -25.95 79.07 -4.20
N ASP L 86 -24.62 79.25 -4.25
CA ASP L 86 -23.67 78.28 -4.79
C ASP L 86 -24.20 77.57 -6.03
N ILE L 87 -24.10 78.23 -7.18
CA ILE L 87 -24.43 77.60 -8.45
C ILE L 87 -23.62 76.33 -8.66
N GLY L 88 -22.44 76.24 -8.03
CA GLY L 88 -21.56 75.10 -8.14
C GLY L 88 -22.20 73.73 -8.11
N LEU L 89 -21.60 72.79 -8.81
CA LEU L 89 -20.37 73.04 -9.55
C LEU L 89 -20.62 73.60 -10.96
N ALA L 90 -19.55 74.08 -11.58
CA ALA L 90 -19.58 74.57 -12.96
C ALA L 90 -18.41 73.92 -13.68
N PRO L 91 -18.53 72.65 -14.05
CA PRO L 91 -17.38 71.90 -14.57
C PRO L 91 -17.07 72.27 -16.02
N GLN L 92 -15.96 71.73 -16.50
CA GLN L 92 -15.36 72.06 -17.79
C GLN L 92 -14.30 70.96 -18.01
N LYS L 93 -13.50 70.92 -19.09
CA LYS L 93 -13.40 71.91 -20.16
C LYS L 93 -13.11 71.36 -21.57
N ARG L 94 -11.84 71.04 -21.78
CA ARG L 94 -11.24 71.01 -23.11
C ARG L 94 -11.40 69.62 -23.74
N ASP L 95 -10.59 69.33 -24.76
CA ASP L 95 -10.63 68.07 -25.51
C ASP L 95 -11.96 67.86 -26.21
N ASP L 96 -12.04 66.83 -27.06
CA ASP L 96 -13.30 66.40 -27.66
C ASP L 96 -14.03 65.40 -26.78
N ALA L 97 -13.95 65.58 -25.46
CA ALA L 97 -14.37 64.60 -24.46
C ALA L 97 -15.79 64.07 -24.68
N LYS L 98 -16.10 62.94 -24.06
CA LYS L 98 -17.44 62.35 -24.11
C LYS L 98 -17.49 61.13 -23.21
N GLU L 99 -18.64 60.91 -22.57
CA GLU L 99 -18.80 59.86 -21.57
C GLU L 99 -17.84 60.06 -20.40
N LEU L 100 -18.38 60.57 -19.30
CA LEU L 100 -17.61 60.85 -18.09
C LEU L 100 -18.54 60.64 -16.92
N LYS L 101 -18.02 60.82 -15.71
CA LYS L 101 -18.81 60.64 -14.50
C LYS L 101 -18.43 61.72 -13.49
N ASP L 102 -19.24 61.83 -12.44
CA ASP L 102 -19.03 62.82 -11.40
C ASP L 102 -19.77 62.38 -10.14
N ALA L 103 -19.20 62.77 -9.00
CA ALA L 103 -19.83 62.59 -7.69
C ALA L 103 -19.74 63.91 -6.93
N PHE L 104 -20.73 64.13 -6.07
CA PHE L 104 -21.10 65.51 -5.76
C PHE L 104 -20.80 65.96 -4.34
N TYR L 105 -21.55 66.97 -3.89
CA TYR L 105 -21.23 67.76 -2.70
C TYR L 105 -21.52 67.06 -1.35
N PRO L 106 -21.97 67.79 -0.31
CA PRO L 106 -21.38 67.61 1.03
C PRO L 106 -21.19 66.19 1.57
N ASP L 107 -20.18 66.07 2.44
CA ASP L 107 -19.79 64.86 3.17
C ASP L 107 -18.81 64.01 2.35
N GLY L 108 -18.34 62.92 2.92
CA GLY L 108 -17.31 62.11 2.29
C GLY L 108 -15.97 62.35 2.94
N GLU L 109 -15.31 61.28 3.39
CA GLU L 109 -14.02 61.38 4.05
C GLU L 109 -13.01 60.46 3.37
N ASP L 110 -11.88 60.22 4.03
CA ASP L 110 -10.84 59.34 3.50
C ASP L 110 -10.36 58.41 4.60
N ASP L 111 -9.48 57.49 4.23
CA ASP L 111 -8.88 56.55 5.19
C ASP L 111 -8.21 57.27 6.36
N MET M 1 34.16 60.06 22.63
CA MET M 1 34.95 61.10 23.25
C MET M 1 36.08 61.57 22.33
N LYS M 2 36.18 62.88 22.10
CA LYS M 2 35.25 63.89 22.62
C LYS M 2 35.29 65.11 21.69
N THR M 3 34.43 66.09 21.94
CA THR M 3 34.54 67.39 21.29
C THR M 3 35.27 68.36 22.20
N VAL M 4 35.82 69.41 21.60
CA VAL M 4 36.86 70.25 22.21
C VAL M 4 37.79 69.37 23.06
N ASN M 5 38.71 68.71 22.38
CA ASN M 5 39.04 69.06 21.00
C ASN M 5 38.50 68.19 19.84
N MET M 6 39.15 68.29 18.67
CA MET M 6 38.54 68.16 17.35
C MET M 6 38.04 66.75 17.05
N LYS M 7 37.26 66.69 15.97
CA LYS M 7 36.75 65.47 15.35
C LYS M 7 36.50 65.79 13.89
N THR M 8 36.51 64.74 13.05
CA THR M 8 36.35 64.85 11.59
C THR M 8 35.23 65.79 11.13
N GLY M 9 35.36 66.40 9.95
CA GLY M 9 36.50 66.18 9.06
C GLY M 9 37.47 67.34 8.95
N THR M 10 38.42 67.21 8.03
CA THR M 10 39.43 68.26 7.84
C THR M 10 39.34 69.06 6.50
N ASP M 11 39.35 68.41 5.33
CA ASP M 11 39.46 66.96 5.16
C ASP M 11 40.58 66.58 4.19
N SER M 12 41.50 67.52 3.95
CA SER M 12 42.71 67.29 3.16
C SER M 12 42.41 66.85 1.74
N PHE M 13 42.50 67.76 0.78
CA PHE M 13 42.23 67.44 -0.62
C PHE M 13 43.53 67.01 -1.31
N VAL M 14 43.54 67.00 -2.64
CA VAL M 14 44.67 66.48 -3.40
C VAL M 14 45.89 67.37 -3.20
N GLY M 15 47.02 66.76 -2.87
CA GLY M 15 48.27 67.50 -2.70
C GLY M 15 48.19 68.61 -1.69
N GLU M 16 47.38 68.44 -0.65
CA GLU M 16 47.11 69.48 0.31
C GLU M 16 48.00 69.34 1.54
N ASP M 17 48.20 70.45 2.24
CA ASP M 17 48.83 70.39 3.56
C ASP M 17 47.84 69.88 4.60
N GLY M 18 46.79 70.64 4.88
CA GLY M 18 45.86 70.25 5.92
C GLY M 18 46.33 70.61 7.32
N LYS M 19 47.29 71.52 7.44
CA LYS M 19 47.69 72.05 8.74
C LYS M 19 46.54 72.46 9.63
N PRO M 20 45.42 73.05 9.13
CA PRO M 20 44.23 73.25 9.96
C PRO M 20 43.77 72.00 10.71
N GLU M 21 43.37 72.19 11.96
CA GLU M 21 43.39 73.51 12.58
C GLU M 21 44.10 73.48 13.93
N THR M 22 45.10 74.34 14.10
CA THR M 22 45.79 74.42 15.37
C THR M 22 45.12 75.47 16.24
N LYS M 23 45.55 75.51 17.51
CA LYS M 23 45.29 76.62 18.43
C LYS M 23 43.80 76.96 18.57
N ASP M 24 43.26 76.73 19.76
CA ASP M 24 44.10 76.51 20.94
C ASP M 24 44.02 75.12 21.56
N GLN M 25 45.19 74.59 21.87
CA GLN M 25 45.35 73.59 22.91
C GLN M 25 46.00 74.18 24.15
N TYR M 26 46.40 75.46 24.08
CA TYR M 26 46.86 76.37 25.14
C TYR M 26 48.37 76.33 25.35
N PRO M 27 48.97 77.38 25.91
CA PRO M 27 50.44 77.39 26.04
C PRO M 27 51.03 77.42 27.44
N TRP M 28 50.72 76.43 28.28
CA TRP M 28 51.66 76.02 29.34
C TRP M 28 51.29 74.65 29.89
N GLY M 29 52.24 73.72 29.85
CA GLY M 29 52.05 72.44 30.49
C GLY M 29 53.00 71.39 29.95
N LEU M 30 53.01 70.25 30.63
CA LEU M 30 53.71 69.04 30.19
C LEU M 30 52.81 67.84 30.44
N ARG M 31 53.19 66.68 29.91
CA ARG M 31 52.38 65.49 30.06
C ARG M 31 53.14 64.21 29.69
N ILE M 32 53.04 63.19 30.55
CA ILE M 32 53.59 61.87 30.28
C ILE M 32 52.83 60.81 31.08
N THR M 33 51.81 60.19 30.46
CA THR M 33 51.10 59.06 31.05
C THR M 33 50.00 58.51 30.14
N LEU M 34 49.06 59.36 29.74
CA LEU M 34 47.75 58.95 29.24
C LEU M 34 47.77 58.72 27.72
N ASP M 35 46.58 58.62 27.13
CA ASP M 35 46.36 58.08 25.79
C ASP M 35 46.11 59.18 24.77
N ASN M 36 45.85 58.74 23.54
CA ASN M 36 45.61 59.59 22.38
C ASN M 36 45.06 58.68 21.28
N GLU M 37 44.77 59.25 20.12
CA GLU M 37 44.14 58.50 19.05
C GLU M 37 44.12 59.34 17.77
N SER M 38 43.90 58.66 16.65
CA SER M 38 43.75 59.25 15.32
C SER M 38 43.52 58.15 14.29
N LEU M 39 42.40 58.22 13.58
CA LEU M 39 42.10 57.22 12.56
C LEU M 39 41.31 57.86 11.44
N GLN M 40 40.85 57.03 10.50
CA GLN M 40 39.83 57.39 9.51
C GLN M 40 39.45 56.15 8.73
N ARG M 41 38.43 56.31 7.87
CA ARG M 41 37.88 55.16 7.16
C ARG M 41 38.04 55.24 5.63
N LEU M 42 37.13 55.92 4.94
CA LEU M 42 37.14 55.96 3.49
C LEU M 42 38.35 56.73 2.98
N GLY M 43 39.33 55.98 2.47
CA GLY M 43 40.47 56.57 1.79
C GLY M 43 40.31 56.46 0.27
N LEU M 44 41.34 56.92 -0.43
CA LEU M 44 41.34 56.79 -1.88
C LEU M 44 42.69 56.36 -2.41
N ASN M 45 43.78 57.02 -1.99
CA ASN M 45 45.07 56.76 -2.62
C ASN M 45 46.23 57.05 -1.67
N ALA M 46 46.88 55.98 -1.22
CA ALA M 46 48.30 55.91 -0.89
C ALA M 46 48.95 57.05 -0.11
N LYS M 47 49.50 56.72 1.05
CA LYS M 47 50.60 57.46 1.67
C LYS M 47 50.22 58.82 2.22
N SER M 48 49.89 58.88 3.51
CA SER M 48 49.77 60.11 4.26
C SER M 48 50.68 60.05 5.48
N LEU M 49 50.83 61.20 6.15
CA LEU M 49 51.69 61.24 7.33
C LEU M 49 51.27 62.38 8.23
N PRO M 50 51.34 62.21 9.55
CA PRO M 50 51.04 63.32 10.46
C PRO M 50 52.31 63.92 11.07
N ALA M 51 52.14 64.91 11.94
CA ALA M 51 53.23 65.60 12.64
C ALA M 51 52.61 66.54 13.65
N VAL M 52 53.48 67.28 14.36
CA VAL M 52 53.07 68.25 15.35
C VAL M 52 53.98 69.47 15.31
N GLY M 53 53.81 70.37 16.26
CA GLY M 53 54.67 71.52 16.42
C GLY M 53 54.54 72.02 17.84
N ASP M 54 54.80 73.33 18.03
CA ASP M 54 54.54 74.02 19.29
C ASP M 54 54.95 75.49 19.29
N SER M 55 55.15 76.03 20.50
CA SER M 55 55.45 77.42 20.80
C SER M 55 54.22 78.31 20.79
N VAL M 56 54.22 79.36 19.98
CA VAL M 56 53.20 80.41 20.05
C VAL M 56 52.53 80.53 18.68
N SER M 57 51.48 79.75 18.46
CA SER M 57 50.51 79.99 17.40
C SER M 57 51.01 79.75 15.96
N VAL M 58 52.33 79.74 15.75
CA VAL M 58 52.84 79.69 14.39
C VAL M 58 54.16 78.94 14.29
N MET M 59 55.18 79.43 14.99
CA MET M 59 56.55 79.05 14.69
C MET M 59 57.22 78.33 15.86
N ALA M 60 58.02 77.29 15.58
CA ALA M 60 58.28 76.75 14.24
C ALA M 60 58.80 75.33 14.39
N MET M 61 58.92 74.88 15.62
CA MET M 61 59.78 73.75 15.97
C MET M 61 58.99 72.52 16.38
N ALA M 62 59.74 71.44 16.59
CA ALA M 62 59.31 70.19 17.23
C ALA M 62 58.54 69.23 16.33
N ASN M 63 58.51 67.96 16.71
CA ASN M 63 57.87 66.91 15.94
C ASN M 63 57.55 65.74 16.86
N VAL M 64 56.72 64.83 16.33
CA VAL M 64 56.48 63.50 16.91
C VAL M 64 56.35 62.57 15.72
N CYS M 65 55.33 62.79 14.89
CA CYS M 65 55.26 62.28 13.53
C CYS M 65 55.04 60.77 13.43
N SER M 66 54.81 60.31 12.20
CA SER M 66 54.60 58.91 11.86
C SER M 66 54.51 58.84 10.34
N VAL M 67 54.36 57.61 9.82
CA VAL M 67 54.22 57.36 8.40
C VAL M 67 53.31 56.14 8.22
N SER M 68 52.38 56.24 7.27
CA SER M 68 51.41 55.18 7.02
C SER M 68 51.34 54.87 5.54
N THR M 69 50.72 53.74 5.23
CA THR M 69 50.40 53.34 3.86
C THR M 69 48.88 53.25 3.73
N ARG M 70 48.42 52.75 2.60
CA ARG M 70 47.00 52.79 2.28
C ARG M 70 46.26 51.62 2.94
N THR M 71 45.16 51.93 3.60
CA THR M 71 44.23 50.98 4.23
C THR M 71 43.08 51.83 4.77
N THR M 72 42.05 51.16 5.24
CA THR M 72 40.92 51.79 5.90
C THR M 72 40.96 51.42 7.37
N ASP M 73 41.08 52.43 8.24
CA ASP M 73 41.16 52.32 9.70
C ASP M 73 42.59 52.02 10.16
N HIS M 74 43.07 52.77 11.16
CA HIS M 74 44.46 52.68 11.60
C HIS M 74 44.57 53.26 13.02
N GLY M 75 45.75 53.74 13.36
CA GLY M 75 45.99 54.32 14.67
C GLY M 75 47.24 53.81 15.35
N GLU M 76 48.01 54.70 16.00
CA GLU M 76 49.18 54.30 16.76
C GLU M 76 48.99 54.71 18.20
N ASP M 77 49.83 55.61 18.74
CA ASP M 77 49.65 56.02 20.12
C ASP M 77 50.21 57.40 20.46
N ASN M 78 50.86 57.51 21.61
CA ASN M 78 51.00 58.78 22.31
C ASN M 78 52.37 59.40 22.04
N TYR M 79 52.75 60.37 22.89
CA TYR M 79 53.91 61.25 22.74
C TYR M 79 54.60 61.32 24.10
N VAL M 80 55.66 62.13 24.17
CA VAL M 80 56.38 62.27 25.44
C VAL M 80 56.53 63.72 25.85
N GLU M 81 57.30 64.51 25.10
CA GLU M 81 57.61 65.87 25.47
C GLU M 81 57.07 66.82 24.42
N LEU M 82 56.60 67.98 24.88
CA LEU M 82 56.10 69.03 24.01
C LEU M 82 56.33 70.35 24.73
N GLN M 83 56.49 71.42 23.95
CA GLN M 83 56.45 72.75 24.56
C GLN M 83 55.05 72.87 25.16
N ILE M 84 54.09 73.36 24.36
CA ILE M 84 52.65 73.16 24.51
C ILE M 84 51.89 74.09 23.56
N THR M 85 51.59 73.59 22.37
CA THR M 85 50.73 74.27 21.41
C THR M 85 50.37 73.25 20.35
N ASP M 86 51.33 72.39 20.01
CA ASP M 86 51.19 71.27 19.08
C ASP M 86 50.20 71.57 17.97
N ILE M 87 50.67 72.20 16.88
CA ILE M 87 49.80 72.61 15.78
C ILE M 87 48.83 71.48 15.45
N GLY M 88 49.34 70.39 14.89
CA GLY M 88 48.60 69.15 14.75
C GLY M 88 47.26 69.18 14.03
N LEU M 89 47.11 68.32 13.04
CA LEU M 89 48.20 67.50 12.56
C LEU M 89 48.84 68.24 11.40
N ALA M 90 49.88 67.66 10.81
CA ALA M 90 50.52 68.21 9.61
C ALA M 90 50.41 67.18 8.50
N PRO M 91 49.20 66.91 8.02
CA PRO M 91 49.04 65.86 7.01
C PRO M 91 49.66 66.29 5.69
N GLN M 92 49.69 65.36 4.74
CA GLN M 92 50.45 65.46 3.50
C GLN M 92 50.52 64.03 2.96
N LYS M 93 50.84 63.81 1.68
CA LYS M 93 51.20 64.82 0.69
C LYS M 93 50.92 64.31 -0.72
N ARG M 94 51.86 63.48 -1.16
CA ARG M 94 52.04 63.11 -2.56
C ARG M 94 51.91 61.60 -2.68
N ASP M 95 52.76 60.97 -3.49
CA ASP M 95 52.74 59.54 -3.77
C ASP M 95 51.44 59.11 -4.45
N ASP M 96 50.35 59.81 -4.19
CA ASP M 96 49.04 59.55 -4.78
C ASP M 96 48.02 60.56 -4.26
N ALA M 97 47.70 60.46 -2.96
CA ALA M 97 46.88 61.37 -2.18
C ALA M 97 45.81 62.17 -2.92
N LYS M 98 44.53 61.85 -2.67
CA LYS M 98 43.42 62.65 -3.16
C LYS M 98 42.33 62.80 -2.10
N GLU M 99 41.56 61.74 -1.88
CA GLU M 99 40.33 61.80 -1.09
C GLU M 99 40.43 61.05 0.23
N LEU M 100 41.53 61.19 0.95
CA LEU M 100 41.68 60.58 2.26
C LEU M 100 41.22 61.58 3.32
N LYS M 101 40.12 61.27 3.97
CA LYS M 101 39.62 62.11 5.06
C LYS M 101 40.40 61.79 6.33
N ASP M 102 40.29 62.68 7.31
CA ASP M 102 41.19 62.69 8.47
C ASP M 102 40.37 62.66 9.76
N ALA M 103 41.08 62.52 10.88
CA ALA M 103 40.67 62.91 12.26
C ALA M 103 41.28 62.15 13.43
N PHE M 104 40.72 62.44 14.60
CA PHE M 104 41.59 62.78 15.71
C PHE M 104 41.36 62.38 17.17
N TYR M 105 42.37 62.80 17.91
CA TYR M 105 42.55 62.73 19.36
C TYR M 105 41.47 63.39 20.22
N PRO M 106 41.51 63.13 21.54
CA PRO M 106 42.27 62.10 22.25
C PRO M 106 41.34 61.07 22.87
N ASP M 107 41.91 60.15 23.66
CA ASP M 107 41.18 59.06 24.29
C ASP M 107 40.64 58.10 23.24
N GLY M 108 40.13 56.95 23.68
CA GLY M 108 39.64 55.94 22.75
C GLY M 108 40.57 54.75 22.70
N GLU M 109 40.03 53.54 22.79
CA GLU M 109 40.83 52.33 22.80
C GLU M 109 40.18 51.24 21.96
N ASP M 110 39.28 50.47 22.59
CA ASP M 110 38.60 49.35 21.97
C ASP M 110 39.57 48.28 21.49
N ASP M 111 39.02 47.19 20.95
CA ASP M 111 39.82 46.11 20.36
C ASP M 111 38.91 45.16 19.59
N MET N 1 39.41 -47.40 13.63
CA MET N 1 39.68 -48.09 14.89
C MET N 1 39.56 -49.60 14.75
N LYS N 2 40.61 -50.33 15.13
CA LYS N 2 41.83 -49.74 15.68
C LYS N 2 43.04 -50.49 15.15
N THR N 3 44.15 -50.39 15.88
CA THR N 3 45.26 -51.30 15.65
C THR N 3 44.97 -52.64 16.30
N VAL N 4 45.61 -53.69 15.78
CA VAL N 4 45.17 -55.07 16.00
C VAL N 4 43.64 -55.16 15.75
N ASN N 5 43.26 -55.22 14.48
CA ASN N 5 44.18 -55.38 13.35
C ASN N 5 44.69 -54.08 12.72
N MET N 6 45.13 -54.17 11.47
CA MET N 6 46.02 -53.18 10.89
C MET N 6 45.37 -51.79 10.75
N LYS N 7 46.23 -50.81 10.47
CA LYS N 7 45.88 -49.41 10.34
C LYS N 7 46.81 -48.81 9.29
N THR N 8 46.32 -47.77 8.61
CA THR N 8 47.13 -47.04 7.63
C THR N 8 48.46 -46.55 8.24
N GLY N 9 49.55 -46.64 7.49
CA GLY N 9 49.52 -47.08 6.11
C GLY N 9 49.75 -48.56 5.86
N THR N 10 49.51 -48.97 4.62
CA THR N 10 49.73 -50.37 4.21
C THR N 10 51.03 -50.65 3.42
N ASP N 11 51.32 -49.93 2.32
CA ASP N 11 50.48 -48.89 1.74
C ASP N 11 50.30 -49.14 0.24
N SER N 12 51.06 -50.11 -0.26
CA SER N 12 50.97 -50.66 -1.61
C SER N 12 50.73 -49.60 -2.68
N PHE N 13 51.79 -49.14 -3.33
CA PHE N 13 51.69 -48.09 -4.34
C PHE N 13 51.82 -48.65 -5.74
N VAL N 14 52.99 -49.16 -6.11
CA VAL N 14 53.29 -49.58 -7.47
C VAL N 14 52.61 -50.90 -7.78
N GLY N 15 53.07 -51.58 -8.83
CA GLY N 15 52.54 -52.88 -9.20
C GLY N 15 52.92 -53.96 -8.20
N GLU N 16 53.08 -53.58 -6.94
CA GLU N 16 53.48 -54.48 -5.88
C GLU N 16 52.24 -55.09 -5.23
N ASP N 17 52.42 -56.28 -4.66
CA ASP N 17 51.29 -57.07 -4.17
C ASP N 17 50.68 -56.50 -2.90
N GLY N 18 51.44 -55.75 -2.10
CA GLY N 18 50.89 -55.15 -0.90
C GLY N 18 50.47 -56.14 0.17
N LYS N 19 50.73 -57.42 -0.06
CA LYS N 19 50.33 -58.45 0.90
C LYS N 19 50.87 -58.29 2.31
N PRO N 20 52.07 -57.69 2.57
CA PRO N 20 52.49 -57.43 3.95
C PRO N 20 51.39 -56.81 4.82
N GLU N 21 51.43 -57.05 6.13
CA GLU N 21 52.54 -57.67 6.84
C GLU N 21 52.14 -58.80 7.82
N THR N 22 50.85 -59.09 7.98
CA THR N 22 50.26 -59.80 9.12
C THR N 22 51.01 -61.01 9.69
N LYS N 23 50.35 -62.17 9.69
CA LYS N 23 50.80 -63.35 10.44
C LYS N 23 51.23 -62.98 11.86
N ASP N 24 50.29 -63.08 12.79
CA ASP N 24 49.00 -63.68 12.50
C ASP N 24 47.81 -62.88 12.99
N GLN N 25 46.62 -63.37 12.65
CA GLN N 25 45.38 -62.99 13.32
C GLN N 25 44.88 -64.15 14.19
N TYR N 26 45.82 -64.91 14.76
CA TYR N 26 45.61 -66.06 15.66
C TYR N 26 45.21 -67.30 14.85
N PRO N 27 45.83 -68.46 15.10
CA PRO N 27 45.61 -69.61 14.20
C PRO N 27 44.66 -70.71 14.66
N TRP N 28 43.45 -70.36 15.09
CA TRP N 28 42.32 -71.29 15.05
C TRP N 28 41.00 -70.53 15.10
N GLY N 29 40.09 -70.83 14.17
CA GLY N 29 38.72 -70.39 14.35
C GLY N 29 38.01 -69.95 13.09
N LEU N 30 36.69 -69.79 13.19
CA LEU N 30 35.85 -69.21 12.15
C LEU N 30 34.85 -68.29 12.82
N ARG N 31 33.96 -67.69 12.03
CA ARG N 31 32.98 -66.76 12.58
C ARG N 31 31.94 -66.42 11.53
N ILE N 32 30.76 -66.03 12.00
CA ILE N 32 29.66 -65.64 11.11
C ILE N 32 28.73 -64.66 11.82
N THR N 33 29.04 -63.36 11.78
CA THR N 33 28.16 -62.34 12.35
C THR N 33 28.55 -60.92 11.94
N LEU N 34 29.73 -60.46 12.38
CA LEU N 34 30.04 -59.03 12.41
C LEU N 34 30.49 -58.51 11.03
N ASP N 35 31.09 -57.32 11.02
CA ASP N 35 31.36 -56.52 9.84
C ASP N 35 32.86 -56.45 9.53
N ASN N 36 33.20 -55.59 8.58
CA ASN N 36 34.55 -55.40 8.04
C ASN N 36 34.50 -54.16 7.15
N GLU N 37 35.67 -53.74 6.67
CA GLU N 37 35.76 -52.59 5.76
C GLU N 37 37.17 -52.48 5.22
N SER N 38 37.35 -51.55 4.27
CA SER N 38 38.65 -51.15 3.72
C SER N 38 38.46 -50.01 2.73
N LEU N 39 39.31 -48.98 2.81
CA LEU N 39 39.16 -47.81 1.95
C LEU N 39 40.44 -46.99 1.99
N GLN N 40 40.47 -45.91 1.19
CA GLN N 40 41.41 -44.81 1.36
C GLN N 40 40.89 -43.60 0.58
N ARG N 41 41.69 -42.53 0.57
CA ARG N 41 41.26 -41.22 0.09
C ARG N 41 42.06 -40.79 -1.14
N LEU N 42 43.35 -40.51 -1.00
CA LEU N 42 44.12 -39.84 -2.04
C LEU N 42 44.35 -40.79 -3.22
N GLY N 43 43.59 -40.59 -4.29
CA GLY N 43 43.74 -41.36 -5.50
C GLY N 43 44.61 -40.67 -6.55
N LEU N 44 44.94 -41.43 -7.60
CA LEU N 44 45.80 -40.90 -8.65
C LEU N 44 45.82 -41.78 -9.90
N ASN N 45 46.17 -43.05 -9.75
CA ASN N 45 46.47 -43.91 -10.89
C ASN N 45 45.53 -45.09 -11.06
N ALA N 46 44.59 -45.29 -10.14
CA ALA N 46 43.44 -46.18 -10.35
C ALA N 46 43.76 -47.67 -10.35
N LYS N 47 42.72 -48.48 -10.53
CA LYS N 47 42.80 -49.92 -10.72
C LYS N 47 43.38 -50.68 -9.53
N SER N 48 42.51 -51.33 -8.76
CA SER N 48 42.92 -52.10 -7.60
C SER N 48 41.94 -53.24 -7.34
N LEU N 49 42.42 -54.21 -6.57
CA LEU N 49 41.61 -55.36 -6.18
C LEU N 49 42.24 -56.06 -4.99
N PRO N 50 41.47 -56.35 -3.93
CA PRO N 50 42.03 -57.06 -2.78
C PRO N 50 41.80 -58.57 -2.82
N ALA N 51 42.20 -59.26 -1.76
CA ALA N 51 42.07 -60.71 -1.64
C ALA N 51 42.36 -61.08 -0.19
N VAL N 52 42.45 -62.38 0.09
CA VAL N 52 42.79 -62.87 1.43
C VAL N 52 43.67 -64.11 1.32
N GLY N 53 43.77 -64.84 2.43
CA GLY N 53 44.55 -66.06 2.47
C GLY N 53 44.43 -66.71 3.83
N ASP N 54 45.26 -67.73 4.06
CA ASP N 54 45.34 -68.40 5.36
C ASP N 54 46.39 -69.52 5.38
N SER N 55 46.22 -70.44 6.34
CA SER N 55 47.12 -71.56 6.63
C SER N 55 48.29 -71.15 7.52
N VAL N 56 49.51 -71.53 7.15
CA VAL N 56 50.67 -71.33 8.00
C VAL N 56 51.58 -70.31 7.33
N SER N 57 51.49 -69.06 7.79
CA SER N 57 52.51 -68.03 7.58
C SER N 57 52.63 -67.53 6.14
N VAL N 58 52.39 -68.38 5.15
CA VAL N 58 52.64 -68.00 3.77
C VAL N 58 51.59 -68.54 2.81
N MET N 59 51.62 -69.84 2.57
CA MET N 59 51.00 -70.46 1.41
C MET N 59 49.72 -71.21 1.77
N ALA N 60 48.75 -71.31 0.85
CA ALA N 60 48.78 -70.69 -0.49
C ALA N 60 47.35 -70.53 -0.98
N MET N 61 46.39 -70.75 -0.08
CA MET N 61 45.02 -71.05 -0.44
C MET N 61 44.07 -69.91 -0.08
N ALA N 62 42.78 -70.17 -0.32
CA ALA N 62 41.65 -69.32 0.08
C ALA N 62 41.54 -68.04 -0.73
N ASN N 63 40.40 -67.37 -0.61
CA ASN N 63 40.08 -66.17 -1.39
C ASN N 63 38.75 -65.61 -0.93
N VAL N 64 38.57 -64.31 -1.15
CA VAL N 64 37.27 -63.64 -1.10
C VAL N 64 37.26 -62.67 -2.27
N CYS N 65 38.25 -61.79 -2.32
CA CYS N 65 38.55 -60.95 -3.47
C CYS N 65 37.48 -59.89 -3.76
N SER N 66 37.81 -58.99 -4.68
CA SER N 66 36.92 -57.93 -5.16
C SER N 66 37.62 -57.27 -6.34
N VAL N 67 36.98 -56.24 -6.88
CA VAL N 67 37.53 -55.45 -7.97
C VAL N 67 36.96 -54.04 -7.86
N SER N 68 37.81 -53.03 -8.04
CA SER N 68 37.39 -51.64 -7.97
C SER N 68 38.03 -50.85 -9.10
N THR N 69 37.50 -49.66 -9.32
CA THR N 69 37.98 -48.74 -10.33
C THR N 69 38.23 -47.37 -9.71
N ARG N 70 38.48 -46.36 -10.54
CA ARG N 70 38.97 -45.08 -10.05
C ARG N 70 37.84 -44.20 -9.51
N THR N 71 38.04 -43.68 -8.31
CA THR N 71 37.27 -42.61 -7.69
C THR N 71 37.96 -42.36 -6.34
N THR N 72 37.56 -41.28 -5.68
CA THR N 72 38.09 -40.93 -4.37
C THR N 72 37.05 -41.26 -3.31
N ASP N 73 37.40 -42.18 -2.41
CA ASP N 73 36.57 -42.73 -1.33
C ASP N 73 35.79 -43.96 -1.79
N HIS N 74 35.84 -45.04 -1.00
CA HIS N 74 35.28 -46.32 -1.41
C HIS N 74 35.06 -47.20 -0.19
N GLY N 75 35.01 -48.50 -0.41
CA GLY N 75 34.77 -49.49 0.63
C GLY N 75 33.95 -50.64 0.07
N GLU N 76 34.15 -51.83 0.65
CA GLU N 76 33.36 -52.99 0.27
C GLU N 76 32.70 -53.62 1.49
N ASP N 77 33.02 -54.89 1.79
CA ASP N 77 32.36 -55.53 2.93
C ASP N 77 33.13 -56.68 3.58
N ASN N 78 32.43 -57.77 3.85
CA ASN N 78 32.78 -58.72 4.89
C ASN N 78 33.54 -59.93 4.32
N TYR N 79 33.59 -60.99 5.12
CA TYR N 79 34.22 -62.27 4.83
C TYR N 79 33.26 -63.35 5.32
N VAL N 80 33.52 -64.60 4.90
CA VAL N 80 32.62 -65.69 5.27
C VAL N 80 33.33 -66.67 6.22
N GLU N 81 34.32 -67.38 5.70
CA GLU N 81 35.01 -68.39 6.48
C GLU N 81 36.47 -68.42 6.07
N LEU N 82 37.33 -68.71 7.04
CA LEU N 82 38.76 -68.77 6.83
C LEU N 82 39.32 -69.88 7.69
N GLN N 83 40.52 -70.35 7.34
CA GLN N 83 41.24 -71.20 8.28
C GLN N 83 41.49 -70.34 9.50
N ILE N 84 42.54 -69.50 9.44
CA ILE N 84 42.64 -68.19 10.11
C ILE N 84 44.09 -67.68 10.11
N THR N 85 44.31 -66.57 9.40
CA THR N 85 45.61 -65.92 9.28
C THR N 85 45.43 -64.71 8.37
N ASP N 86 44.67 -64.90 7.29
CA ASP N 86 44.42 -63.90 6.26
C ASP N 86 45.66 -63.07 5.91
N ILE N 87 46.57 -63.64 5.12
CA ILE N 87 47.70 -62.88 4.63
C ILE N 87 47.21 -61.70 3.79
N GLY N 88 46.07 -61.84 3.13
CA GLY N 88 45.41 -60.74 2.45
C GLY N 88 45.07 -59.65 3.45
N LEU N 89 44.88 -58.41 3.01
CA LEU N 89 44.72 -58.04 1.61
C LEU N 89 45.96 -58.19 0.72
N ALA N 90 45.72 -58.27 -0.59
CA ALA N 90 46.78 -58.38 -1.58
C ALA N 90 46.42 -57.49 -2.77
N PRO N 91 46.54 -56.16 -2.60
CA PRO N 91 46.10 -55.25 -3.67
C PRO N 91 47.01 -55.31 -4.88
N GLN N 92 46.68 -54.50 -5.89
CA GLN N 92 47.20 -54.66 -7.23
C GLN N 92 46.65 -53.47 -8.03
N LYS N 93 47.02 -53.26 -9.30
CA LYS N 93 47.99 -54.03 -10.08
C LYS N 93 48.80 -53.14 -11.01
N ARG N 94 48.34 -53.05 -12.26
CA ARG N 94 49.06 -52.40 -13.34
C ARG N 94 48.67 -50.93 -13.46
N ASP N 95 48.35 -50.48 -14.66
CA ASP N 95 48.11 -49.06 -14.98
C ASP N 95 49.37 -48.25 -14.65
N ASP N 96 49.19 -46.95 -14.38
CA ASP N 96 50.29 -46.04 -14.05
C ASP N 96 50.56 -45.97 -12.56
N ALA N 97 50.27 -47.04 -11.82
CA ALA N 97 50.23 -47.00 -10.37
C ALA N 97 51.54 -46.59 -9.71
N LYS N 98 51.60 -45.33 -9.26
CA LYS N 98 52.71 -44.85 -8.41
C LYS N 98 52.10 -43.81 -7.46
N GLU N 99 51.62 -44.32 -6.31
CA GLU N 99 51.04 -43.61 -5.16
C GLU N 99 49.82 -44.36 -4.65
N LEU N 100 49.15 -43.77 -3.65
CA LEU N 100 47.93 -44.24 -3.00
C LEU N 100 48.20 -45.04 -1.73
N LYS N 101 47.39 -44.80 -0.71
CA LYS N 101 47.46 -45.49 0.57
C LYS N 101 46.24 -46.40 0.72
N ASP N 102 46.11 -47.02 1.90
CA ASP N 102 44.98 -47.87 2.25
C ASP N 102 44.73 -47.74 3.74
N ALA N 103 43.43 -47.75 4.13
CA ALA N 103 43.04 -47.37 5.49
C ALA N 103 42.15 -48.36 6.22
N PHE N 104 41.86 -49.51 5.62
CA PHE N 104 41.69 -50.79 6.33
C PHE N 104 40.70 -50.94 7.49
N TYR N 105 39.94 -52.04 7.45
CA TYR N 105 39.13 -52.69 8.51
C TYR N 105 39.28 -52.37 10.03
N PRO N 106 38.57 -53.10 10.92
CA PRO N 106 37.44 -54.03 10.89
C PRO N 106 36.27 -53.53 11.71
N ASP N 107 35.80 -52.34 11.38
CA ASP N 107 34.75 -51.67 12.14
C ASP N 107 34.34 -50.43 11.35
N GLY N 108 33.17 -49.91 11.69
CA GLY N 108 32.75 -48.64 11.13
C GLY N 108 31.91 -48.82 9.88
N GLU N 109 30.97 -47.90 9.70
CA GLU N 109 30.05 -47.91 8.58
C GLU N 109 29.85 -46.47 8.10
N ASP N 110 28.94 -46.30 7.14
CA ASP N 110 28.68 -45.00 6.54
C ASP N 110 27.18 -44.75 6.48
N ASP N 111 26.84 -43.52 6.08
CA ASP N 111 25.47 -42.99 5.93
C ASP N 111 24.32 -43.95 6.24
#